data_3KBH
#
_entry.id   3KBH
#
_cell.length_a   77.764
_cell.length_b   77.764
_cell.length_c   631.095
_cell.angle_alpha   90.00
_cell.angle_beta   90.00
_cell.angle_gamma   90.00
#
_symmetry.space_group_name_H-M   'P 43'
#
loop_
_entity.id
_entity.type
_entity.pdbx_description
1 polymer 'Angiotensin-converting enzyme 2'
2 polymer 'Spike glycoprotein'
3 non-polymer 2-acetamido-2-deoxy-beta-D-glucopyranose
#
loop_
_entity_poly.entity_id
_entity_poly.type
_entity_poly.pdbx_seq_one_letter_code
_entity_poly.pdbx_strand_id
1 'polypeptide(L)'
;STIEEQAKTFLDKFNHEAEDLFYQSSLASWNYNTNITEENVQNMNNAGDKWSAFLKEQSTLAQMYPLQEIQNLTVKLQLQ
ALQQNGSSVLSEDKSKRLNTILNTMSTIYSTGKVCNPDNPQECLLLEPGLNEIMANSLDYNERLWAWESWRSEVGKQLRP
LYEEYVVLKNEMARANHYEDYGDYWRGDYEVNGVDGYDYSRGQLIEDVEHTFEEIKPLYEHLHAYVRAKLMNAYPSYISP
IGCLPAHLLGDMWGRFWTNLYSLTVPFGQKPNIDVTDAMVDQAWDAQRIFKEAEKFFVSVGLPNMTQGFWENSMLTDPGN
VQKAVCHPTAWDLGKGDFRILMCTKVTMDDFLTAHHEMGHIQYDMAYAAQPFLLRNGANEGFHEAVGEIMSLSAATPKHL
KSIGLLSPDFQEDNETEINFLLKQALTIVGTLPFTYMLEKWRWMVFKGEIPKDQWMKKWWEMKREIVGVVEPVPHDETYC
DPASLFHVSNDYSFIRYYTRTLYQFQFQEALCQAAKHEGPLHKCDISNSTEAGQKLFNMLRLGKSEPWTLALENVVGAKN
MNVRPLLNYFEPLFTWLKDQNKNSFVGWSTDWSPYAD
;
A,B,C,D
2 'polypeptide(L)'
;QHTDINFTATASFGGSCYVCKPHQVNISLNGNTSVCVRTSHFSIRYIYNRVKSGSPGDSSWHIYLKSGTCPFSFSKLNNF
QKFKTICFSTVEVPGSCNFPLEATWHYTSYTIVGALYVTWSEGNSITGVPYPVSGI
;
E,F,G,H
#
# COMPACT_ATOMS: atom_id res chain seq x y z
N SER A 1 9.69 -43.36 86.14
CA SER A 1 9.71 -41.87 86.24
C SER A 1 9.23 -41.23 84.92
N THR A 2 8.48 -40.11 85.02
CA THR A 2 7.97 -39.42 83.83
C THR A 2 9.12 -39.31 82.86
N ILE A 3 8.97 -39.88 81.66
CA ILE A 3 10.03 -39.82 80.65
C ILE A 3 10.40 -38.40 80.35
N GLU A 4 9.48 -37.47 80.59
CA GLU A 4 9.78 -36.04 80.57
C GLU A 4 10.86 -35.72 81.60
N GLU A 5 10.59 -36.16 82.84
CA GLU A 5 11.48 -35.98 84.01
C GLU A 5 12.83 -36.73 83.83
N GLN A 6 12.77 -37.88 83.16
CA GLN A 6 13.94 -38.70 82.82
C GLN A 6 14.73 -38.09 81.69
N ALA A 7 14.06 -37.37 80.81
CA ALA A 7 14.73 -36.65 79.74
C ALA A 7 15.24 -35.32 80.30
N LYS A 8 14.56 -34.80 81.32
CA LYS A 8 14.97 -33.55 81.96
C LYS A 8 16.38 -33.69 82.45
N THR A 9 16.67 -34.74 83.21
CA THR A 9 18.02 -34.92 83.72
C THR A 9 18.98 -35.47 82.66
N PHE A 10 18.43 -36.07 81.62
CA PHE A 10 19.30 -36.49 80.52
C PHE A 10 19.84 -35.27 79.84
N LEU A 11 18.98 -34.27 79.66
CA LEU A 11 19.37 -33.03 79.01
C LEU A 11 20.28 -32.18 79.87
N ASP A 12 20.09 -32.27 81.18
CA ASP A 12 20.96 -31.53 82.11
C ASP A 12 22.37 -32.01 81.87
N LYS A 13 22.58 -33.33 81.97
CA LYS A 13 23.91 -33.91 81.84
C LYS A 13 24.45 -33.75 80.42
N PHE A 14 23.58 -33.60 79.45
CA PHE A 14 24.04 -33.39 78.10
C PHE A 14 24.58 -32.00 77.93
N ASN A 15 23.83 -31.03 78.45
CA ASN A 15 24.22 -29.63 78.34
C ASN A 15 25.57 -29.36 79.02
N HIS A 16 25.77 -29.93 80.19
CA HIS A 16 27.08 -29.86 80.84
C HIS A 16 28.20 -30.35 79.92
N GLU A 17 28.17 -31.62 79.49
CA GLU A 17 29.22 -32.17 78.62
C GLU A 17 29.33 -31.41 77.32
N ALA A 18 28.20 -30.99 76.74
CA ALA A 18 28.26 -30.26 75.49
C ALA A 18 28.93 -28.87 75.66
N GLU A 19 28.62 -28.16 76.73
CA GLU A 19 29.23 -26.88 76.85
C GLU A 19 30.72 -27.02 77.02
N ASP A 20 31.19 -28.11 77.62
CA ASP A 20 32.63 -28.35 77.78
C ASP A 20 33.30 -28.55 76.45
N LEU A 21 32.74 -29.45 75.67
CA LEU A 21 33.35 -29.85 74.42
C LEU A 21 33.21 -28.78 73.35
N PHE A 22 32.13 -28.00 73.40
CA PHE A 22 31.89 -26.94 72.42
C PHE A 22 32.75 -25.70 72.72
N TYR A 23 33.16 -25.56 73.98
CA TYR A 23 34.16 -24.60 74.29
C TYR A 23 35.46 -25.08 73.67
N GLN A 24 35.74 -26.38 73.74
CA GLN A 24 36.96 -26.92 73.13
C GLN A 24 37.03 -26.74 71.63
N SER A 25 35.95 -26.97 70.91
CA SER A 25 36.02 -26.84 69.46
C SER A 25 36.14 -25.34 69.11
N SER A 26 35.49 -24.48 69.89
CA SER A 26 35.48 -23.04 69.61
C SER A 26 36.80 -22.38 70.00
N LEU A 27 37.37 -22.78 71.13
CA LEU A 27 38.67 -22.28 71.54
C LEU A 27 39.75 -22.67 70.54
N ALA A 28 39.66 -23.87 69.97
CA ALA A 28 40.65 -24.31 69.00
C ALA A 28 40.49 -23.61 67.65
N SER A 29 39.26 -23.26 67.27
CA SER A 29 39.13 -22.49 66.05
C SER A 29 39.62 -21.07 66.21
N TRP A 30 39.32 -20.46 67.35
CA TRP A 30 39.82 -19.12 67.62
C TRP A 30 41.33 -19.12 67.46
N ASN A 31 41.94 -20.09 68.12
CA ASN A 31 43.38 -20.28 68.10
C ASN A 31 43.95 -20.52 66.69
N TYR A 32 43.08 -20.92 65.76
CA TYR A 32 43.53 -21.15 64.40
C TYR A 32 43.88 -19.80 63.75
N ASN A 33 42.94 -18.87 63.84
CA ASN A 33 43.19 -17.48 63.47
C ASN A 33 44.09 -16.72 64.52
N THR A 34 43.64 -16.62 65.78
CA THR A 34 44.37 -15.89 66.88
C THR A 34 45.93 -15.96 67.11
N ASN A 35 46.50 -17.17 67.29
CA ASN A 35 47.96 -17.33 67.60
C ASN A 35 48.63 -18.50 66.82
N THR A 37 51.42 -18.31 66.55
CA THR A 37 52.76 -18.61 67.07
C THR A 37 53.41 -19.73 66.25
N GLU A 38 52.87 -20.94 66.47
CA GLU A 38 53.46 -22.20 66.04
C GLU A 38 52.37 -23.29 66.16
N GLU A 39 52.21 -23.81 67.38
CA GLU A 39 51.46 -25.06 67.66
C GLU A 39 49.92 -24.93 67.79
N ASN A 40 49.26 -24.30 66.80
CA ASN A 40 47.78 -23.96 66.77
C ASN A 40 47.08 -24.19 65.41
N VAL A 41 47.89 -24.54 64.40
CA VAL A 41 47.47 -24.57 62.97
C VAL A 41 46.38 -25.71 62.65
N GLN A 42 46.46 -26.78 63.43
CA GLN A 42 45.85 -28.07 63.04
C GLN A 42 45.12 -28.81 64.16
N ASN A 43 45.04 -28.19 65.34
CA ASN A 43 44.33 -28.80 66.45
C ASN A 43 42.86 -28.53 66.32
N MET A 44 42.54 -27.49 65.57
CA MET A 44 41.12 -27.09 65.38
C MET A 44 40.36 -28.25 64.72
N ASN A 45 40.96 -28.81 63.67
CA ASN A 45 40.37 -29.89 62.89
C ASN A 45 40.13 -31.17 63.75
N ASN A 46 41.05 -31.52 64.66
CA ASN A 46 40.84 -32.69 65.52
C ASN A 46 39.65 -32.49 66.45
N ALA A 47 39.74 -31.45 67.28
CA ALA A 47 38.80 -31.11 68.36
C ALA A 47 37.39 -30.81 67.86
N GLY A 48 37.29 -30.49 66.57
CA GLY A 48 36.01 -30.43 65.87
C GLY A 48 35.42 -31.81 65.57
N ASP A 49 36.26 -32.75 65.15
CA ASP A 49 35.79 -34.11 64.87
C ASP A 49 35.37 -34.81 66.13
N LYS A 50 36.02 -34.49 67.24
CA LYS A 50 35.60 -35.00 68.54
C LYS A 50 34.26 -34.37 68.95
N TRP A 51 34.07 -33.11 68.61
CA TRP A 51 32.77 -32.53 68.81
C TRP A 51 31.75 -33.27 67.97
N SER A 52 32.10 -33.50 66.71
CA SER A 52 31.27 -34.28 65.79
C SER A 52 30.96 -35.67 66.32
N ALA A 53 31.98 -36.36 66.84
CA ALA A 53 31.80 -37.66 67.46
C ALA A 53 30.80 -37.61 68.61
N PHE A 54 30.88 -36.57 69.43
CA PHE A 54 30.06 -36.50 70.61
C PHE A 54 28.61 -36.33 70.19
N LEU A 55 28.39 -35.40 69.26
CA LEU A 55 27.05 -34.99 68.90
C LEU A 55 26.31 -36.13 68.27
N LYS A 56 27.05 -36.97 67.55
CA LYS A 56 26.50 -38.15 66.89
C LYS A 56 25.99 -39.20 67.92
N GLU A 57 26.80 -39.51 68.94
CA GLU A 57 26.42 -40.41 70.02
C GLU A 57 25.13 -39.96 70.67
N GLN A 58 25.02 -38.66 70.97
CA GLN A 58 23.90 -38.13 71.74
C GLN A 58 22.57 -38.13 70.97
N SER A 59 22.64 -38.06 69.65
CA SER A 59 21.45 -38.30 68.83
C SER A 59 21.02 -39.77 68.93
N THR A 60 21.94 -40.70 68.66
CA THR A 60 21.66 -42.15 68.78
C THR A 60 21.13 -42.52 70.16
N LEU A 61 21.15 -41.58 71.09
CA LEU A 61 20.72 -41.82 72.46
C LEU A 61 19.53 -40.93 72.83
N ALA A 62 19.23 -39.91 72.03
CA ALA A 62 18.01 -39.15 72.26
C ALA A 62 16.84 -39.80 71.54
N GLN A 63 17.13 -40.69 70.59
CA GLN A 63 16.11 -41.55 69.92
C GLN A 63 15.33 -42.40 70.92
N MET A 64 15.87 -42.55 72.12
CA MET A 64 15.23 -43.34 73.14
C MET A 64 14.22 -42.53 73.95
N TYR A 65 14.07 -41.24 73.66
CA TYR A 65 13.14 -40.37 74.39
C TYR A 65 11.91 -39.96 73.56
N PRO A 66 10.86 -40.81 73.53
CA PRO A 66 9.72 -40.52 72.67
C PRO A 66 9.15 -39.13 72.94
N LEU A 67 9.18 -38.29 71.91
CA LEU A 67 8.70 -36.92 71.95
C LEU A 67 7.24 -36.78 72.37
N GLN A 68 6.38 -37.69 71.88
CA GLN A 68 4.93 -37.66 72.17
C GLN A 68 4.56 -37.51 73.65
N GLU A 69 5.38 -38.10 74.52
CA GLU A 69 5.19 -38.05 75.98
C GLU A 69 5.89 -36.86 76.66
N ILE A 70 6.36 -35.89 75.87
CA ILE A 70 7.05 -34.71 76.41
C ILE A 70 6.12 -33.50 76.59
N GLN A 71 5.72 -33.25 77.83
CA GLN A 71 4.86 -32.11 78.14
C GLN A 71 5.57 -30.76 78.08
N ASN A 72 6.71 -30.62 78.78
CA ASN A 72 7.50 -29.37 78.83
C ASN A 72 8.01 -28.97 77.43
N LEU A 73 7.42 -27.88 76.94
CA LEU A 73 7.63 -27.37 75.58
C LEU A 73 9.10 -27.13 75.29
N THR A 74 9.85 -26.76 76.34
CA THR A 74 11.30 -26.46 76.23
C THR A 74 12.13 -27.70 76.01
N VAL A 75 11.87 -28.75 76.79
CA VAL A 75 12.60 -30.02 76.67
C VAL A 75 12.22 -30.76 75.38
N LYS A 76 10.96 -30.62 74.96
CA LYS A 76 10.54 -31.16 73.68
C LYS A 76 11.47 -30.64 72.60
N LEU A 77 11.63 -29.32 72.55
CA LEU A 77 12.39 -28.67 71.49
C LEU A 77 13.84 -29.13 71.37
N GLN A 78 14.52 -29.17 72.53
CA GLN A 78 15.90 -29.61 72.65
C GLN A 78 15.99 -31.03 72.12
N LEU A 79 15.15 -31.90 72.71
CA LEU A 79 15.06 -33.30 72.34
C LEU A 79 14.87 -33.41 70.82
N GLN A 80 13.85 -32.75 70.30
CA GLN A 80 13.63 -32.68 68.87
C GLN A 80 14.93 -32.31 68.14
N ALA A 81 15.52 -31.20 68.54
CA ALA A 81 16.72 -30.70 67.89
C ALA A 81 17.83 -31.77 67.88
N LEU A 82 18.10 -32.32 69.05
CA LEU A 82 19.22 -33.23 69.22
C LEU A 82 18.99 -34.49 68.41
N GLN A 83 17.79 -35.03 68.49
CA GLN A 83 17.49 -36.32 67.89
C GLN A 83 17.20 -36.17 66.42
N GLN A 84 18.19 -35.72 65.66
CA GLN A 84 18.07 -35.77 64.20
C GLN A 84 19.17 -36.66 63.62
N ASN A 85 18.76 -37.81 63.08
CA ASN A 85 19.63 -38.74 62.35
C ASN A 85 20.64 -37.99 61.43
N GLY A 86 20.19 -36.92 60.76
CA GLY A 86 21.10 -35.95 60.10
C GLY A 86 21.85 -36.51 58.91
N SER A 87 23.17 -36.31 58.85
CA SER A 87 24.00 -36.94 57.80
C SER A 87 24.39 -38.41 58.04
N SER A 88 24.56 -38.80 59.30
CA SER A 88 24.90 -40.18 59.67
C SER A 88 24.01 -41.17 58.93
N VAL A 89 22.78 -40.76 58.63
CA VAL A 89 21.81 -41.63 57.94
C VAL A 89 22.18 -41.85 56.47
N LEU A 90 23.32 -42.47 56.25
CA LEU A 90 23.88 -42.63 54.93
C LEU A 90 24.85 -43.79 54.96
N SER A 91 24.81 -44.59 53.90
CA SER A 91 25.81 -45.64 53.66
C SER A 91 27.19 -45.07 53.96
N GLU A 92 27.88 -45.73 54.90
CA GLU A 92 29.19 -45.28 55.41
C GLU A 92 30.04 -44.54 54.35
N ASP A 93 30.24 -45.21 53.22
CA ASP A 93 31.00 -44.67 52.08
C ASP A 93 30.41 -43.38 51.52
N LYS A 94 29.08 -43.35 51.42
CA LYS A 94 28.36 -42.18 50.94
C LYS A 94 28.46 -41.02 51.94
N SER A 95 28.58 -41.37 53.21
CA SER A 95 28.76 -40.34 54.21
C SER A 95 30.15 -39.72 54.07
N LYS A 96 31.15 -40.56 53.83
CA LYS A 96 32.53 -40.12 53.62
C LYS A 96 32.63 -39.34 52.30
N ARG A 97 32.06 -39.91 51.24
CA ARG A 97 32.15 -39.32 49.93
C ARG A 97 31.54 -37.91 49.88
N LEU A 98 30.42 -37.70 50.59
CA LEU A 98 29.86 -36.35 50.74
C LEU A 98 30.81 -35.41 51.51
N ASN A 99 31.42 -35.92 52.57
CA ASN A 99 32.47 -35.18 53.23
C ASN A 99 33.53 -34.84 52.24
N THR A 100 34.18 -35.86 51.68
CA THR A 100 35.20 -35.68 50.67
C THR A 100 34.83 -34.57 49.69
N ILE A 101 33.58 -34.56 49.25
CA ILE A 101 33.10 -33.54 48.32
C ILE A 101 33.08 -32.16 48.96
N LEU A 102 32.40 -32.00 50.09
CA LEU A 102 32.33 -30.67 50.72
C LEU A 102 33.69 -30.00 50.96
N ASN A 103 34.66 -30.75 51.47
CA ASN A 103 36.02 -30.27 51.64
C ASN A 103 36.62 -29.81 50.34
N THR A 104 36.51 -30.66 49.31
CA THR A 104 37.07 -30.31 48.03
C THR A 104 36.46 -28.99 47.55
N MET A 105 35.16 -28.82 47.73
CA MET A 105 34.49 -27.63 47.20
C MET A 105 34.88 -26.41 47.99
N SER A 106 34.88 -26.56 49.31
CA SER A 106 35.29 -25.47 50.16
C SER A 106 36.71 -25.01 49.81
N THR A 107 37.62 -25.97 49.61
CA THR A 107 39.04 -25.68 49.32
C THR A 107 39.26 -25.04 47.93
N ILE A 108 38.63 -25.56 46.88
CA ILE A 108 38.82 -25.03 45.52
C ILE A 108 38.45 -23.56 45.48
N TYR A 109 37.37 -23.23 46.16
CA TYR A 109 36.93 -21.86 46.28
C TYR A 109 37.85 -21.06 47.17
N SER A 110 38.19 -21.64 48.32
CA SER A 110 39.18 -21.06 49.25
C SER A 110 40.55 -20.83 48.58
N THR A 111 40.98 -21.80 47.80
CA THR A 111 42.26 -21.73 47.15
C THR A 111 42.17 -21.83 45.65
N GLY A 112 41.41 -20.90 45.06
CA GLY A 112 41.28 -20.83 43.62
C GLY A 112 41.83 -19.53 43.14
N LYS A 113 42.62 -19.59 42.08
CA LYS A 113 43.35 -18.41 41.60
C LYS A 113 43.40 -18.36 40.08
N VAL A 114 43.26 -17.17 39.52
CA VAL A 114 43.29 -17.01 38.07
C VAL A 114 44.64 -16.43 37.72
N CYS A 115 45.27 -16.95 36.66
CA CYS A 115 46.65 -16.53 36.31
C CYS A 115 46.71 -15.91 34.91
N ASN A 116 47.91 -15.52 34.46
CA ASN A 116 48.10 -14.78 33.17
C ASN A 116 48.75 -15.56 32.02
N ASP A 118 50.56 -15.73 29.65
CA ASP A 118 51.99 -16.09 29.63
C ASP A 118 52.73 -15.73 30.92
N ASN A 119 51.96 -15.38 31.95
CA ASN A 119 52.45 -15.21 33.32
C ASN A 119 51.78 -16.29 34.21
N PRO A 120 52.23 -17.57 34.11
CA PRO A 120 51.53 -18.66 34.84
C PRO A 120 51.86 -18.66 36.33
N GLN A 121 52.98 -18.02 36.67
CA GLN A 121 53.39 -17.76 38.05
C GLN A 121 52.49 -16.67 38.66
N GLU A 122 52.32 -15.53 37.96
CA GLU A 122 51.45 -14.44 38.49
C GLU A 122 50.00 -14.87 38.51
N CYS A 123 49.41 -14.78 39.70
CA CYS A 123 48.01 -15.03 39.84
C CYS A 123 47.50 -14.04 40.82
N LEU A 124 46.23 -13.71 40.73
CA LEU A 124 45.56 -13.00 41.78
C LEU A 124 44.59 -14.02 42.33
N LEU A 125 44.17 -13.86 43.57
CA LEU A 125 43.13 -14.72 44.16
C LEU A 125 41.78 -14.02 44.21
N LEU A 126 40.82 -14.62 44.87
CA LEU A 126 39.63 -13.85 45.09
C LEU A 126 39.97 -12.76 46.10
N GLU A 127 40.63 -13.08 47.22
CA GLU A 127 41.02 -12.01 48.13
C GLU A 127 42.35 -11.35 47.78
N PRO A 128 42.56 -10.10 48.23
CA PRO A 128 42.56 -8.92 47.35
C PRO A 128 42.30 -9.20 45.89
N GLY A 129 43.36 -9.55 45.18
CA GLY A 129 43.30 -9.85 43.76
C GLY A 129 42.10 -9.28 43.04
N LEU A 130 41.11 -10.14 42.80
CA LEU A 130 39.97 -9.84 41.94
C LEU A 130 38.96 -8.90 42.59
N ASN A 131 38.48 -9.23 43.78
CA ASN A 131 37.53 -8.37 44.48
C ASN A 131 37.89 -6.88 44.45
N GLU A 132 39.18 -6.58 44.59
CA GLU A 132 39.68 -5.22 44.56
C GLU A 132 39.59 -4.64 43.12
N ILE A 133 39.59 -5.51 42.11
CA ILE A 133 39.37 -5.08 40.72
C ILE A 133 37.90 -4.81 40.47
N MET A 134 37.06 -5.79 40.76
CA MET A 134 35.62 -5.64 40.58
C MET A 134 35.04 -4.48 41.36
N ALA A 135 35.82 -4.01 42.32
CA ALA A 135 35.44 -2.90 43.18
C ALA A 135 35.84 -1.52 42.61
N ASN A 136 36.97 -1.46 41.93
CA ASN A 136 37.47 -0.17 41.47
C ASN A 136 37.44 0.00 39.95
N SER A 137 37.93 -1.03 39.24
CA SER A 137 38.24 -0.98 37.81
C SER A 137 37.09 -0.58 36.95
N LEU A 138 37.40 0.25 35.96
CA LEU A 138 36.43 0.82 35.04
C LEU A 138 36.73 0.42 33.58
N ASP A 139 37.47 -0.66 33.41
CA ASP A 139 37.75 -1.19 32.07
C ASP A 139 36.91 -2.43 31.81
N TYR A 140 35.83 -2.24 31.06
CA TYR A 140 34.92 -3.32 30.69
C TYR A 140 35.69 -4.62 30.45
N ASN A 141 36.66 -4.59 29.55
CA ASN A 141 37.38 -5.78 29.15
C ASN A 141 38.14 -6.44 30.32
N GLU A 142 38.68 -5.60 31.20
CA GLU A 142 39.43 -6.07 32.35
C GLU A 142 38.47 -6.75 33.33
N ARG A 143 37.37 -6.07 33.60
CA ARG A 143 36.35 -6.56 34.52
C ARG A 143 35.73 -7.83 33.99
N LEU A 144 35.52 -7.87 32.68
CA LEU A 144 35.04 -9.07 32.04
C LEU A 144 36.06 -10.18 32.23
N TRP A 145 37.35 -9.88 32.00
CA TRP A 145 38.40 -10.88 32.22
C TRP A 145 38.46 -11.43 33.65
N ALA A 146 38.27 -10.55 34.64
CA ALA A 146 38.22 -10.98 36.03
C ALA A 146 37.00 -11.88 36.22
N TRP A 147 35.85 -11.36 35.81
CA TRP A 147 34.60 -12.09 35.90
C TRP A 147 34.70 -13.46 35.26
N GLU A 148 35.14 -13.53 34.01
CA GLU A 148 35.11 -14.79 33.28
C GLU A 148 36.15 -15.78 33.72
N SER A 149 37.34 -15.27 34.06
CA SER A 149 38.46 -16.13 34.47
C SER A 149 38.17 -16.86 35.77
N TRP A 150 37.46 -16.19 36.68
CA TRP A 150 37.08 -16.77 37.97
C TRP A 150 35.99 -17.80 37.78
N ARG A 151 35.00 -17.48 36.96
CA ARG A 151 33.86 -18.35 36.75
C ARG A 151 34.22 -19.53 35.89
N SER A 152 35.39 -19.44 35.25
CA SER A 152 35.95 -20.54 34.50
C SER A 152 36.92 -21.44 35.31
N GLU A 153 37.91 -20.83 35.97
CA GLU A 153 38.97 -21.61 36.63
C GLU A 153 38.51 -22.28 37.90
N VAL A 154 37.69 -21.60 38.68
CA VAL A 154 37.23 -22.17 39.93
C VAL A 154 35.77 -22.56 39.79
N GLY A 155 35.24 -22.46 38.58
CA GLY A 155 33.81 -22.71 38.32
C GLY A 155 33.61 -24.10 37.72
N LYS A 156 34.35 -24.37 36.63
CA LYS A 156 34.27 -25.63 35.92
C LYS A 156 34.80 -26.75 36.79
N GLN A 157 35.69 -26.42 37.71
CA GLN A 157 36.20 -27.40 38.67
C GLN A 157 35.07 -27.91 39.54
N LEU A 158 34.21 -26.97 39.94
CA LEU A 158 33.14 -27.21 40.90
C LEU A 158 31.97 -27.99 40.28
N ARG A 159 31.81 -27.94 38.96
CA ARG A 159 30.67 -28.59 38.33
C ARG A 159 30.49 -30.07 38.70
N PRO A 160 31.38 -30.99 38.25
CA PRO A 160 31.08 -32.42 38.47
C PRO A 160 30.86 -32.75 39.95
N LEU A 161 31.59 -32.05 40.83
CA LEU A 161 31.47 -32.21 42.28
C LEU A 161 30.14 -31.73 42.77
N TYR A 162 29.64 -30.66 42.19
CA TYR A 162 28.35 -30.10 42.60
C TYR A 162 27.19 -30.96 42.16
N GLU A 163 27.36 -31.65 41.05
CA GLU A 163 26.32 -32.57 40.60
C GLU A 163 26.20 -33.71 41.59
N GLU A 164 27.34 -34.31 41.91
CA GLU A 164 27.39 -35.39 42.87
C GLU A 164 26.89 -34.95 44.26
N TYR A 165 27.17 -33.70 44.60
CA TYR A 165 26.79 -33.11 45.88
C TYR A 165 25.28 -33.03 46.03
N VAL A 166 24.55 -32.68 44.95
CA VAL A 166 23.08 -32.69 45.04
C VAL A 166 22.51 -34.09 45.20
N VAL A 167 23.12 -35.09 44.55
CA VAL A 167 22.67 -36.48 44.70
C VAL A 167 22.65 -36.85 46.19
N LEU A 168 23.82 -36.98 46.82
CA LEU A 168 23.89 -37.50 48.19
C LEU A 168 23.17 -36.56 49.11
N LYS A 169 23.32 -35.27 48.85
CA LYS A 169 22.67 -34.23 49.64
C LYS A 169 21.14 -34.36 49.65
N ASN A 170 20.58 -34.80 48.53
CA ASN A 170 19.17 -35.12 48.48
C ASN A 170 18.90 -36.42 49.19
N GLU A 171 19.64 -37.46 48.83
CA GLU A 171 19.48 -38.78 49.43
C GLU A 171 19.43 -38.69 50.96
N MET A 172 20.21 -37.77 51.54
CA MET A 172 20.18 -37.50 52.96
C MET A 172 18.87 -36.87 53.42
N ALA A 173 18.28 -35.99 52.60
CA ALA A 173 16.99 -35.36 52.92
C ALA A 173 15.84 -36.33 52.69
N ARG A 174 15.89 -36.99 51.54
CA ARG A 174 14.89 -37.98 51.13
C ARG A 174 14.79 -39.06 52.18
N ALA A 175 15.91 -39.44 52.76
CA ALA A 175 15.94 -40.38 53.87
C ALA A 175 15.42 -39.77 55.18
N ASN A 176 15.63 -38.47 55.39
CA ASN A 176 15.17 -37.81 56.62
C ASN A 176 13.72 -37.31 56.50
N HIS A 177 13.04 -37.88 55.50
CA HIS A 177 11.63 -37.63 55.18
C HIS A 177 11.34 -36.14 54.93
N TYR A 178 12.25 -35.55 54.16
CA TYR A 178 12.09 -34.23 53.57
C TYR A 178 11.96 -34.48 52.09
N GLU A 179 11.31 -33.56 51.39
CA GLU A 179 11.07 -33.75 49.97
C GLU A 179 12.37 -33.79 49.15
N ASP A 180 13.21 -32.81 49.42
CA ASP A 180 14.51 -32.70 48.80
C ASP A 180 15.38 -31.92 49.74
N TYR A 181 16.67 -31.81 49.39
CA TYR A 181 17.61 -31.04 50.19
C TYR A 181 17.15 -29.58 50.32
N GLY A 182 16.52 -29.08 49.27
CA GLY A 182 15.87 -27.79 49.31
C GLY A 182 14.81 -27.77 50.37
N ASP A 183 13.90 -28.75 50.37
CA ASP A 183 12.87 -28.85 51.40
C ASP A 183 13.53 -28.88 52.80
N TYR A 184 14.70 -29.50 52.87
CA TYR A 184 15.45 -29.61 54.12
C TYR A 184 15.84 -28.26 54.73
N TRP A 185 16.35 -27.36 53.90
CA TRP A 185 16.83 -26.09 54.37
C TRP A 185 15.71 -25.22 54.83
N ARG A 186 14.57 -25.35 54.14
CA ARG A 186 13.41 -24.55 54.46
C ARG A 186 12.94 -24.96 55.85
N GLY A 187 13.15 -26.22 56.18
CA GLY A 187 12.83 -26.74 57.50
C GLY A 187 13.22 -25.79 58.62
N ASP A 188 14.26 -24.99 58.42
CA ASP A 188 14.71 -24.05 59.45
C ASP A 188 13.58 -23.08 59.93
N TYR A 189 12.70 -22.71 59.01
CA TYR A 189 11.64 -21.76 59.33
C TYR A 189 10.35 -22.47 59.69
N GLU A 190 10.44 -23.77 59.91
CA GLU A 190 9.28 -24.58 60.27
C GLU A 190 8.96 -24.48 61.75
N VAL A 191 7.69 -24.72 62.10
CA VAL A 191 7.25 -24.90 63.49
C VAL A 191 5.96 -25.69 63.49
N ASN A 192 5.93 -26.78 64.27
CA ASN A 192 4.75 -27.63 64.44
C ASN A 192 4.24 -27.61 65.86
N GLY A 193 2.93 -27.88 66.01
CA GLY A 193 2.29 -28.11 67.30
C GLY A 193 2.33 -26.99 68.33
N VAL A 194 2.43 -25.74 67.88
CA VAL A 194 2.27 -24.58 68.75
C VAL A 194 1.09 -23.76 68.28
N ASP A 195 0.12 -23.58 69.19
CA ASP A 195 -1.19 -22.93 68.95
C ASP A 195 -1.16 -21.68 68.04
N GLY A 196 -1.74 -21.83 66.84
CA GLY A 196 -1.84 -20.74 65.86
C GLY A 196 -0.56 -19.95 65.70
N TYR A 197 0.57 -20.65 65.73
CA TYR A 197 1.91 -20.08 65.63
C TYR A 197 2.76 -20.87 64.68
N ASP A 198 2.13 -21.78 63.95
CA ASP A 198 2.85 -22.71 63.11
C ASP A 198 3.29 -22.03 61.83
N TYR A 199 4.17 -22.72 61.11
CA TYR A 199 4.65 -22.26 59.82
C TYR A 199 4.97 -23.51 59.03
N SER A 200 4.39 -23.62 57.83
CA SER A 200 4.65 -24.78 56.96
C SER A 200 6.00 -24.65 56.23
N ARG A 201 6.69 -25.78 56.03
CA ARG A 201 8.00 -25.81 55.29
C ARG A 201 7.94 -25.20 53.87
N GLY A 202 6.75 -25.18 53.27
CA GLY A 202 6.57 -24.67 51.92
C GLY A 202 5.86 -23.33 51.91
N GLN A 203 5.38 -22.94 53.08
CA GLN A 203 4.76 -21.66 53.25
C GLN A 203 5.81 -20.56 53.17
N LEU A 204 7.07 -20.95 53.36
CA LEU A 204 8.19 -20.05 53.15
C LEU A 204 8.31 -19.58 51.67
N ILE A 205 8.41 -20.52 50.72
CA ILE A 205 8.43 -20.18 49.31
C ILE A 205 7.33 -19.19 48.98
N GLU A 206 6.09 -19.51 49.36
CA GLU A 206 4.99 -18.59 49.06
C GLU A 206 5.23 -17.24 49.71
N ASP A 207 5.47 -17.22 51.01
CA ASP A 207 5.72 -15.94 51.67
C ASP A 207 6.99 -15.23 51.22
N VAL A 208 7.80 -15.89 50.40
CA VAL A 208 8.93 -15.23 49.73
C VAL A 208 8.43 -14.73 48.39
N GLU A 209 7.84 -15.62 47.60
CA GLU A 209 7.35 -15.27 46.28
C GLU A 209 6.33 -14.13 46.35
N HIS A 210 5.43 -14.23 47.33
CA HIS A 210 4.33 -13.27 47.53
C HIS A 210 4.79 -12.03 48.28
N THR A 211 5.95 -12.12 48.92
CA THR A 211 6.59 -10.94 49.44
C THR A 211 7.55 -10.36 48.39
N PHE A 212 7.75 -11.09 47.31
CA PHE A 212 8.59 -10.59 46.23
C PHE A 212 7.83 -9.76 45.22
N GLU A 213 6.64 -10.22 44.79
CA GLU A 213 5.81 -9.46 43.81
C GLU A 213 5.63 -8.05 44.34
N GLU A 214 5.63 -7.93 45.67
CA GLU A 214 5.46 -6.65 46.35
C GLU A 214 6.72 -5.79 46.29
N ILE A 215 7.86 -6.44 46.29
CA ILE A 215 9.09 -5.70 46.27
C ILE A 215 9.62 -5.46 44.83
N LYS A 216 8.93 -6.04 43.83
CA LYS A 216 9.32 -5.95 42.40
C LYS A 216 9.33 -4.54 41.75
N PRO A 217 8.24 -3.75 41.92
CA PRO A 217 8.20 -2.36 41.43
C PRO A 217 9.36 -1.48 41.90
N LEU A 218 9.65 -1.47 43.21
CA LEU A 218 10.79 -0.68 43.73
C LEU A 218 12.10 -1.08 43.07
N TYR A 219 12.27 -2.37 42.82
CA TYR A 219 13.52 -2.83 42.29
C TYR A 219 13.76 -2.35 40.89
N GLU A 220 12.71 -2.41 40.07
CA GLU A 220 12.84 -2.10 38.63
C GLU A 220 13.22 -0.65 38.39
N HIS A 221 12.66 0.24 39.20
CA HIS A 221 12.97 1.65 39.14
C HIS A 221 14.38 1.96 39.63
N LEU A 222 14.87 1.13 40.53
CA LEU A 222 16.25 1.26 40.91
C LEU A 222 17.13 0.73 39.80
N HIS A 223 16.69 -0.38 39.20
CA HIS A 223 17.42 -1.04 38.12
C HIS A 223 17.52 -0.22 36.86
N ALA A 224 16.39 0.37 36.46
CA ALA A 224 16.33 1.20 35.24
C ALA A 224 17.02 2.53 35.42
N TYR A 225 17.13 2.97 36.68
CA TYR A 225 17.91 4.12 37.05
C TYR A 225 19.39 3.85 36.90
N VAL A 226 19.90 2.76 37.49
CA VAL A 226 21.35 2.48 37.42
C VAL A 226 21.84 2.29 35.98
N ARG A 227 21.13 1.48 35.19
CA ARG A 227 21.52 1.24 33.78
C ARG A 227 21.80 2.55 33.04
N ALA A 228 20.96 3.56 33.32
CA ALA A 228 21.10 4.86 32.70
C ALA A 228 22.42 5.51 33.13
N LYS A 229 22.76 5.42 34.40
CA LYS A 229 23.97 6.07 34.89
C LYS A 229 25.17 5.25 34.53
N LEU A 230 24.94 3.95 34.34
CA LEU A 230 26.00 3.04 33.94
C LEU A 230 26.43 3.27 32.52
N MET A 231 25.46 3.37 31.60
CA MET A 231 25.72 3.69 30.19
C MET A 231 26.69 4.86 30.13
N ASN A 232 26.49 5.86 30.99
CA ASN A 232 27.32 7.06 31.04
C ASN A 232 28.74 6.78 31.49
N ALA A 233 28.93 5.71 32.26
CA ALA A 233 30.27 5.30 32.67
C ALA A 233 30.91 4.31 31.70
N TYR A 234 30.11 3.38 31.18
CA TYR A 234 30.53 2.50 30.12
C TYR A 234 29.69 2.79 28.86
N PRO A 235 30.11 3.77 28.04
CA PRO A 235 29.32 4.05 26.84
C PRO A 235 29.56 2.92 25.86
N SER A 236 28.61 2.70 24.96
CA SER A 236 28.69 1.60 23.97
C SER A 236 28.10 0.30 24.48
N TYR A 237 28.36 0.01 25.74
CA TYR A 237 28.21 -1.33 26.28
C TYR A 237 26.83 -1.68 26.83
N ILE A 238 26.10 -0.70 27.30
CA ILE A 238 24.85 -0.97 27.98
C ILE A 238 23.62 -0.53 27.17
N SER A 239 22.81 -1.51 26.78
CA SER A 239 21.55 -1.26 26.08
C SER A 239 20.43 -0.97 27.10
N PRO A 240 19.57 0.03 26.79
CA PRO A 240 18.51 0.42 27.71
C PRO A 240 17.16 -0.29 27.49
N ILE A 241 17.15 -1.37 26.68
CA ILE A 241 16.05 -2.38 26.67
C ILE A 241 16.37 -3.62 27.54
N GLY A 242 17.65 -3.87 27.76
CA GLY A 242 18.11 -5.17 28.22
C GLY A 242 18.88 -5.14 29.51
N CYS A 243 19.17 -6.34 30.01
CA CYS A 243 19.69 -6.55 31.36
C CYS A 243 21.09 -5.98 31.56
N LEU A 244 21.58 -5.90 32.79
CA LEU A 244 22.91 -5.34 33.02
C LEU A 244 23.91 -6.45 32.91
N PRO A 245 25.11 -6.16 32.36
CA PRO A 245 26.17 -7.18 32.21
C PRO A 245 26.88 -7.46 33.54
N ALA A 246 26.59 -8.62 34.14
CA ALA A 246 27.07 -8.99 35.49
C ALA A 246 28.38 -8.34 36.02
N HIS A 247 29.45 -8.42 35.25
CA HIS A 247 30.73 -7.92 35.68
C HIS A 247 30.80 -6.41 35.80
N LEU A 248 29.66 -5.75 35.75
CA LEU A 248 29.65 -4.30 35.89
C LEU A 248 28.97 -3.92 37.20
N LEU A 249 28.63 -4.91 38.01
CA LEU A 249 27.76 -4.64 39.12
C LEU A 249 28.51 -4.42 40.41
N GLY A 250 29.80 -4.11 40.30
CA GLY A 250 30.62 -3.75 41.48
C GLY A 250 31.26 -4.85 42.33
N ASP A 251 30.99 -6.12 42.03
CA ASP A 251 31.65 -7.25 42.69
C ASP A 251 31.51 -8.49 41.84
N MET A 252 32.32 -9.50 42.14
CA MET A 252 32.42 -10.70 41.30
C MET A 252 31.08 -11.32 40.85
N TRP A 253 30.00 -11.09 41.58
CA TRP A 253 28.77 -11.76 41.27
C TRP A 253 27.70 -10.75 41.04
N GLY A 254 27.89 -9.58 41.65
CA GLY A 254 26.88 -8.55 41.68
C GLY A 254 25.90 -8.88 42.77
N ARG A 255 26.42 -9.30 43.93
CA ARG A 255 25.60 -9.60 45.11
C ARG A 255 25.07 -8.33 45.77
N PHE A 256 25.93 -7.31 45.86
CA PHE A 256 25.52 -5.98 46.25
C PHE A 256 25.98 -4.98 45.22
N TRP A 257 25.25 -3.88 45.09
CA TRP A 257 25.72 -2.82 44.22
C TRP A 257 26.38 -1.71 45.01
N THR A 258 26.32 -1.82 46.34
CA THR A 258 26.89 -0.83 47.24
C THR A 258 28.07 -0.20 46.57
N ASN A 259 28.92 -1.10 46.10
CA ASN A 259 30.25 -0.78 45.72
C ASN A 259 30.32 0.24 44.61
N LEU A 260 29.94 -0.16 43.41
CA LEU A 260 30.02 0.77 42.31
C LEU A 260 28.77 1.66 42.34
N TYR A 261 28.99 2.80 43.00
CA TYR A 261 28.02 3.80 43.47
C TYR A 261 28.47 5.21 43.09
N SER A 262 29.76 5.47 43.27
CA SER A 262 30.38 6.74 42.84
C SER A 262 29.94 7.11 41.42
N LEU A 263 29.52 6.09 40.66
CA LEU A 263 29.02 6.21 39.28
C LEU A 263 27.52 6.51 39.27
N THR A 264 26.80 5.85 40.17
CA THR A 264 25.34 5.96 40.22
C THR A 264 24.89 6.96 41.27
N VAL A 265 25.83 7.67 41.87
CA VAL A 265 25.53 8.76 42.82
C VAL A 265 24.58 9.77 42.17
N PRO A 266 23.57 10.23 42.94
CA PRO A 266 22.62 11.22 42.43
C PRO A 266 23.11 12.67 42.53
N PHE A 267 23.31 13.16 43.74
CA PHE A 267 23.79 14.53 43.88
C PHE A 267 25.22 14.49 44.39
N GLY A 268 26.15 14.26 43.45
CA GLY A 268 27.59 14.29 43.71
C GLY A 268 28.11 15.66 44.14
N GLN A 269 27.34 16.71 43.84
CA GLN A 269 27.68 18.06 44.30
C GLN A 269 27.84 18.16 45.82
N LYS A 270 27.09 17.36 46.58
CA LYS A 270 26.99 17.51 48.05
C LYS A 270 28.24 17.11 48.82
N PRO A 271 28.48 17.77 49.97
CA PRO A 271 29.50 17.30 50.90
C PRO A 271 29.27 15.82 51.19
N ASN A 272 30.32 15.03 51.09
CA ASN A 272 30.22 13.59 51.23
C ASN A 272 30.00 13.12 52.67
N ILE A 273 29.01 12.28 52.87
CA ILE A 273 28.69 11.73 54.20
C ILE A 273 29.54 10.49 54.57
N ASP A 274 30.81 10.49 54.15
CA ASP A 274 31.74 9.47 54.59
C ASP A 274 32.60 10.13 55.66
N VAL A 275 32.47 9.68 56.91
CA VAL A 275 33.21 10.32 58.02
C VAL A 275 34.59 9.70 58.19
N THR A 276 34.81 8.67 57.36
CA THR A 276 36.07 7.95 57.18
C THR A 276 37.37 8.77 57.47
N ASP A 277 37.41 10.01 57.02
CA ASP A 277 38.62 10.81 57.22
C ASP A 277 38.45 11.75 58.41
N ALA A 278 37.19 11.97 58.80
CA ALA A 278 36.90 12.78 59.96
C ALA A 278 37.52 12.11 61.17
N MET A 279 37.42 10.78 61.19
CA MET A 279 37.98 9.92 62.23
C MET A 279 39.49 10.03 62.33
N VAL A 280 40.15 9.89 61.19
CA VAL A 280 41.60 9.90 61.12
C VAL A 280 42.10 11.16 61.77
N ASP A 281 41.38 12.26 61.50
CA ASP A 281 41.71 13.60 61.99
C ASP A 281 41.57 13.73 63.54
N GLN A 282 40.87 12.78 64.15
CA GLN A 282 40.73 12.73 65.61
C GLN A 282 41.51 11.55 66.22
N ALA A 283 42.44 11.00 65.44
CA ALA A 283 43.37 9.96 65.90
C ALA A 283 42.69 8.76 66.52
N TRP A 284 41.58 8.34 65.92
CA TRP A 284 40.79 7.22 66.40
C TRP A 284 41.44 5.87 66.07
N ASP A 285 41.70 5.07 67.09
CA ASP A 285 42.27 3.74 66.88
C ASP A 285 41.16 2.72 66.89
N ALA A 286 41.49 1.49 66.46
CA ALA A 286 40.53 0.37 66.43
C ALA A 286 39.79 0.18 67.75
N GLN A 287 40.41 0.61 68.84
CA GLN A 287 39.84 0.47 70.14
C GLN A 287 38.79 1.54 70.40
N ARG A 288 39.00 2.73 69.87
CA ARG A 288 38.07 3.81 70.11
C ARG A 288 36.77 3.56 69.36
N ILE A 289 36.83 2.71 68.33
CA ILE A 289 35.62 2.38 67.60
C ILE A 289 34.73 1.48 68.48
N PHE A 290 35.21 0.29 68.80
CA PHE A 290 34.45 -0.69 69.58
C PHE A 290 33.96 -0.16 70.92
N LYS A 291 34.75 0.74 71.50
CA LYS A 291 34.45 1.32 72.80
C LYS A 291 33.26 2.25 72.64
N GLU A 292 33.27 3.03 71.57
CA GLU A 292 32.15 3.92 71.20
C GLU A 292 30.90 3.13 70.74
N ALA A 293 31.08 1.82 70.47
CA ALA A 293 30.00 0.95 70.02
C ALA A 293 29.42 0.24 71.23
N GLU A 294 30.30 -0.26 72.09
CA GLU A 294 29.89 -0.71 73.40
C GLU A 294 28.99 0.36 73.98
N LYS A 295 29.52 1.60 73.97
CA LYS A 295 28.86 2.78 74.54
C LYS A 295 27.50 3.01 73.92
N PHE A 296 27.38 2.74 72.63
CA PHE A 296 26.09 2.74 71.92
C PHE A 296 25.08 1.87 72.67
N PHE A 297 25.38 0.58 72.76
CA PHE A 297 24.51 -0.37 73.44
C PHE A 297 24.13 0.01 74.89
N VAL A 298 25.12 0.38 75.69
CA VAL A 298 24.89 0.70 77.10
C VAL A 298 23.66 1.60 77.20
N SER A 299 23.55 2.54 76.26
CA SER A 299 22.54 3.59 76.30
C SER A 299 21.16 3.06 76.03
N VAL A 300 21.10 1.88 75.46
CA VAL A 300 19.81 1.31 75.07
C VAL A 300 19.32 0.29 76.08
N GLY A 301 20.01 0.19 77.20
CA GLY A 301 19.57 -0.66 78.32
C GLY A 301 20.23 -2.01 78.35
N LEU A 302 21.33 -2.13 77.61
CA LEU A 302 22.09 -3.41 77.49
C LEU A 302 23.46 -3.34 78.21
N PRO A 303 24.13 -4.50 78.40
CA PRO A 303 25.37 -4.57 79.18
C PRO A 303 26.59 -4.03 78.46
N ASN A 304 27.56 -3.52 79.21
CA ASN A 304 28.89 -3.23 78.64
C ASN A 304 29.62 -4.56 78.47
N MET A 305 30.52 -4.68 77.49
CA MET A 305 31.17 -5.96 77.16
C MET A 305 31.80 -6.57 78.41
N THR A 306 31.81 -7.90 78.47
CA THR A 306 32.56 -8.67 79.48
C THR A 306 34.05 -8.33 79.34
N GLN A 307 34.67 -7.91 80.44
CA GLN A 307 36.11 -7.73 80.46
C GLN A 307 36.64 -9.14 80.16
N GLY A 308 37.58 -9.29 79.24
CA GLY A 308 37.90 -10.66 78.80
C GLY A 308 37.46 -10.89 77.39
N PHE A 309 36.28 -10.38 77.04
CA PHE A 309 36.02 -10.02 75.65
C PHE A 309 37.10 -9.02 75.21
N TRP A 310 37.37 -8.03 76.06
CA TRP A 310 38.41 -7.08 75.77
C TRP A 310 39.72 -7.81 75.75
N GLU A 311 39.96 -8.63 76.75
CA GLU A 311 41.33 -9.10 76.96
C GLU A 311 41.88 -10.16 76.02
N ASN A 312 41.01 -10.91 75.36
CA ASN A 312 41.48 -11.78 74.29
C ASN A 312 40.60 -11.77 73.04
N SER A 313 40.03 -10.62 72.74
CA SER A 313 39.40 -10.41 71.49
C SER A 313 40.39 -9.73 70.54
N MET A 314 40.53 -10.21 69.31
CA MET A 314 41.45 -9.62 68.32
C MET A 314 40.75 -8.68 67.37
N LEU A 315 40.98 -7.41 67.54
CA LEU A 315 40.25 -6.45 66.73
C LEU A 315 41.11 -5.52 65.89
N THR A 316 42.41 -5.80 65.80
CA THR A 316 43.30 -4.86 65.11
C THR A 316 44.04 -5.42 63.88
N ASP A 317 44.30 -6.73 63.87
CA ASP A 317 45.19 -7.38 62.85
C ASP A 317 46.67 -7.32 63.25
N PRO A 318 47.28 -8.51 63.48
CA PRO A 318 48.71 -8.59 63.85
C PRO A 318 49.64 -8.36 62.65
N GLY A 319 49.31 -8.91 61.47
CA GLY A 319 50.10 -8.77 60.21
C GLY A 319 51.62 -8.95 60.34
N ASN A 320 52.05 -9.74 61.34
CA ASN A 320 53.44 -9.89 61.68
C ASN A 320 53.77 -11.29 62.18
N GLN A 322 52.41 -13.92 62.49
CA GLN A 322 50.96 -14.07 62.56
C GLN A 322 50.17 -13.56 61.34
N LYS A 323 49.27 -14.40 60.86
CA LYS A 323 48.33 -14.04 59.80
C LYS A 323 47.01 -14.79 60.09
N ALA A 324 45.87 -14.09 60.06
CA ALA A 324 44.55 -14.69 60.34
C ALA A 324 43.45 -14.24 59.40
N VAL A 325 42.29 -14.86 59.52
CA VAL A 325 41.25 -14.57 58.55
C VAL A 325 40.44 -13.30 58.92
N CYS A 326 40.53 -12.26 58.09
CA CYS A 326 40.00 -10.96 58.53
C CYS A 326 38.50 -10.71 58.35
N HIS A 327 37.79 -11.62 57.64
CA HIS A 327 36.32 -11.58 57.52
C HIS A 327 35.81 -11.39 58.96
N PRO A 328 35.17 -10.23 59.21
CA PRO A 328 34.63 -9.80 60.49
C PRO A 328 33.61 -10.77 61.09
N THR A 329 33.95 -11.29 62.26
CA THR A 329 33.16 -12.31 62.91
C THR A 329 32.98 -12.07 64.42
N ALA A 330 31.82 -12.50 64.94
CA ALA A 330 31.53 -12.49 66.37
C ALA A 330 31.40 -13.92 66.91
N TRP A 331 32.16 -14.22 67.97
CA TRP A 331 32.36 -15.58 68.49
C TRP A 331 31.69 -15.79 69.86
N ASP A 332 30.65 -16.63 69.91
CA ASP A 332 30.09 -17.11 71.18
C ASP A 332 30.64 -18.54 71.39
N LEU A 333 31.87 -18.64 71.90
CA LEU A 333 32.38 -19.93 72.39
C LEU A 333 31.58 -20.20 73.66
N GLY A 334 31.68 -21.39 74.23
CA GLY A 334 30.98 -21.61 75.51
C GLY A 334 31.35 -20.66 76.68
N LYS A 335 30.94 -21.07 77.88
CA LYS A 335 31.59 -20.64 79.10
C LYS A 335 31.73 -19.13 79.23
N GLY A 336 30.62 -18.41 79.24
CA GLY A 336 30.60 -16.94 79.33
C GLY A 336 31.61 -16.20 78.45
N ASP A 337 32.00 -16.80 77.33
CA ASP A 337 33.18 -16.31 76.58
C ASP A 337 32.82 -15.79 75.22
N PHE A 338 32.98 -14.49 75.06
CA PHE A 338 32.59 -13.78 73.86
C PHE A 338 33.79 -12.97 73.39
N ARG A 339 33.97 -12.90 72.08
CA ARG A 339 35.00 -12.07 71.51
C ARG A 339 34.70 -11.83 70.03
N ILE A 340 35.30 -10.78 69.47
CA ILE A 340 35.22 -10.46 68.04
C ILE A 340 36.61 -10.56 67.39
N LEU A 341 36.66 -11.16 66.20
CA LEU A 341 37.87 -11.20 65.40
C LEU A 341 37.63 -10.29 64.22
N MET A 342 38.31 -9.13 64.18
CA MET A 342 38.11 -8.15 63.08
C MET A 342 39.33 -7.26 62.78
N CYS A 343 39.80 -7.25 61.53
CA CYS A 343 41.08 -6.57 61.21
C CYS A 343 40.95 -5.06 61.02
N THR A 344 40.55 -4.37 62.08
CA THR A 344 39.94 -3.02 61.97
C THR A 344 40.80 -1.91 61.35
N LYS A 345 40.19 -1.14 60.46
CA LYS A 345 40.80 0.05 59.91
C LYS A 345 39.96 1.24 60.33
N VAL A 346 40.59 2.40 60.44
CA VAL A 346 39.91 3.62 60.80
C VAL A 346 39.04 4.10 59.65
N THR A 347 37.77 3.70 59.67
CA THR A 347 36.84 3.91 58.56
C THR A 347 35.44 4.14 59.10
N MET A 348 34.59 4.80 58.31
CA MET A 348 33.15 4.79 58.60
C MET A 348 32.55 3.40 58.34
N ASP A 349 33.07 2.70 57.32
CA ASP A 349 32.62 1.35 57.03
C ASP A 349 32.97 0.39 58.17
N ASP A 350 34.25 0.37 58.56
CA ASP A 350 34.71 -0.52 59.63
C ASP A 350 34.13 -0.11 60.98
N PHE A 351 33.67 1.15 61.05
CA PHE A 351 32.92 1.66 62.20
C PHE A 351 31.54 0.99 62.31
N LEU A 352 30.81 0.96 61.20
CA LEU A 352 29.47 0.39 61.17
C LEU A 352 29.52 -1.12 61.35
N THR A 353 30.53 -1.75 60.76
CA THR A 353 30.77 -3.18 60.91
C THR A 353 30.93 -3.54 62.39
N ALA A 354 31.63 -2.68 63.15
CA ALA A 354 31.76 -2.88 64.60
C ALA A 354 30.38 -3.00 65.21
N HIS A 355 29.53 -2.03 64.96
CA HIS A 355 28.18 -2.12 65.47
C HIS A 355 27.49 -3.38 65.03
N HIS A 356 27.67 -3.76 63.77
CA HIS A 356 27.01 -4.95 63.24
C HIS A 356 27.50 -6.25 63.87
N GLU A 357 28.79 -6.34 64.22
CA GLU A 357 29.39 -7.52 64.85
C GLU A 357 29.08 -7.60 66.33
N MET A 358 29.07 -6.45 67.00
CA MET A 358 28.81 -6.40 68.44
C MET A 358 27.34 -6.68 68.69
N GLY A 359 26.52 -6.30 67.73
CA GLY A 359 25.12 -6.67 67.77
C GLY A 359 24.97 -8.18 67.87
N HIS A 360 25.77 -8.90 67.09
CA HIS A 360 25.81 -10.34 67.19
C HIS A 360 26.17 -10.78 68.63
N ILE A 361 27.22 -10.17 69.21
CA ILE A 361 27.66 -10.47 70.59
C ILE A 361 26.57 -10.20 71.59
N GLN A 362 25.84 -9.09 71.40
CA GLN A 362 24.76 -8.75 72.31
C GLN A 362 23.62 -9.74 72.31
N TYR A 363 23.23 -10.21 71.10
CA TYR A 363 22.29 -11.31 70.91
C TYR A 363 22.84 -12.55 71.64
N ASP A 364 24.14 -12.84 71.47
CA ASP A 364 24.77 -14.02 72.10
C ASP A 364 24.73 -13.93 73.63
N MET A 365 24.96 -12.75 74.16
CA MET A 365 25.00 -12.58 75.59
C MET A 365 23.64 -12.64 76.18
N ALA A 366 22.66 -12.21 75.39
CA ALA A 366 21.26 -12.15 75.80
C ALA A 366 20.70 -13.51 76.04
N TYR A 367 20.89 -14.44 75.11
CA TYR A 367 20.32 -15.76 75.29
C TYR A 367 21.21 -16.84 75.97
N ALA A 368 22.41 -16.47 76.39
CA ALA A 368 23.39 -17.46 76.89
C ALA A 368 22.92 -18.16 78.16
N ALA A 369 21.74 -17.79 78.64
CA ALA A 369 21.12 -18.49 79.76
C ALA A 369 20.22 -19.63 79.28
N GLN A 370 19.76 -19.56 78.04
CA GLN A 370 18.89 -20.59 77.50
C GLN A 370 19.68 -21.86 77.47
N PRO A 371 19.01 -22.99 77.61
CA PRO A 371 19.74 -24.23 77.54
C PRO A 371 20.57 -24.24 76.28
N PHE A 372 21.82 -24.70 76.38
CA PHE A 372 22.79 -24.76 75.27
C PHE A 372 22.22 -24.97 73.88
N LEU A 373 21.40 -26.00 73.71
CA LEU A 373 20.82 -26.38 72.40
C LEU A 373 19.95 -25.32 71.72
N LEU A 374 19.46 -24.37 72.51
CA LEU A 374 18.57 -23.32 72.02
C LEU A 374 19.26 -21.93 71.88
N ARG A 375 20.54 -21.86 72.26
CA ARG A 375 21.32 -20.63 72.14
C ARG A 375 21.59 -20.33 70.69
N ASN A 376 20.65 -19.62 70.06
CA ASN A 376 20.72 -19.30 68.64
C ASN A 376 19.68 -18.28 68.19
N GLY A 377 19.91 -17.68 67.02
CA GLY A 377 18.87 -16.90 66.35
C GLY A 377 17.57 -17.70 66.18
N ALA A 378 16.43 -17.04 66.46
CA ALA A 378 15.10 -17.66 66.37
C ALA A 378 15.00 -18.48 65.11
N ASN A 379 15.36 -17.89 63.96
CA ASN A 379 15.73 -18.68 62.78
C ASN A 379 16.96 -18.12 62.08
N GLU A 380 17.37 -18.80 61.00
CA GLU A 380 18.50 -18.28 60.24
C GLU A 380 18.14 -16.86 59.88
N GLY A 381 19.11 -15.97 59.95
CA GLY A 381 18.82 -14.61 59.54
C GLY A 381 18.02 -13.76 60.49
N PHE A 382 17.66 -14.29 61.65
CA PHE A 382 17.31 -13.39 62.74
C PHE A 382 18.58 -12.68 63.18
N HIS A 383 19.62 -13.49 63.41
CA HIS A 383 20.92 -13.01 63.91
C HIS A 383 21.52 -11.98 63.01
N GLU A 384 21.50 -12.28 61.71
CA GLU A 384 22.03 -11.38 60.71
C GLU A 384 21.30 -10.06 60.72
N ALA A 385 19.98 -10.11 60.96
CA ALA A 385 19.13 -8.92 61.05
C ALA A 385 19.43 -8.05 62.27
N VAL A 386 19.52 -8.70 63.43
CA VAL A 386 19.83 -8.02 64.68
C VAL A 386 21.15 -7.25 64.67
N GLY A 387 22.00 -7.51 63.69
CA GLY A 387 23.26 -6.79 63.60
C GLY A 387 23.10 -5.64 62.66
N GLU A 388 22.40 -5.92 61.58
CA GLU A 388 22.18 -4.94 60.55
C GLU A 388 21.25 -3.79 60.94
N ILE A 389 20.33 -4.05 61.88
CA ILE A 389 19.44 -3.04 62.50
C ILE A 389 20.25 -1.99 63.33
N MET A 390 21.45 -2.37 63.74
CA MET A 390 22.31 -1.48 64.50
C MET A 390 23.01 -0.53 63.58
N SER A 391 23.57 -1.04 62.48
CA SER A 391 24.17 -0.16 61.46
C SER A 391 23.24 1.03 61.14
N LEU A 392 21.97 0.74 60.84
CA LEU A 392 21.00 1.75 60.48
C LEU A 392 20.96 2.89 61.50
N SER A 393 20.65 2.58 62.76
CA SER A 393 20.67 3.60 63.81
C SER A 393 22.05 4.27 63.91
N ALA A 394 23.12 3.59 63.56
CA ALA A 394 24.44 4.17 63.81
C ALA A 394 25.04 4.87 62.61
N ALA A 395 24.36 4.77 61.47
CA ALA A 395 24.84 5.34 60.22
C ALA A 395 23.95 6.52 59.79
N THR A 396 23.15 6.99 60.73
CA THR A 396 22.31 8.16 60.50
C THR A 396 23.02 9.46 60.92
N PRO A 397 22.80 10.54 60.17
CA PRO A 397 23.21 11.90 60.55
C PRO A 397 22.93 12.24 62.01
N LYS A 398 21.71 11.99 62.47
CA LYS A 398 21.38 12.18 63.89
C LYS A 398 22.44 11.51 64.78
N HIS A 399 22.87 10.29 64.42
CA HIS A 399 23.89 9.61 65.22
C HIS A 399 25.25 10.23 65.03
N LEU A 400 25.75 10.18 63.80
CA LEU A 400 27.02 10.83 63.49
C LEU A 400 27.13 12.23 64.10
N LYS A 401 26.07 13.04 63.94
CA LYS A 401 26.02 14.38 64.50
C LYS A 401 26.34 14.40 66.01
N SER A 402 25.57 13.64 66.78
CA SER A 402 25.66 13.70 68.24
C SER A 402 26.96 13.10 68.76
N ILE A 403 27.36 11.98 68.15
CA ILE A 403 28.60 11.24 68.44
C ILE A 403 29.85 12.12 68.19
N GLY A 404 29.63 13.28 67.57
CA GLY A 404 30.69 14.26 67.30
C GLY A 404 31.66 13.90 66.19
N LEU A 405 31.22 13.10 65.24
CA LEU A 405 32.07 12.69 64.13
C LEU A 405 31.71 13.47 62.86
N LEU A 406 30.77 14.40 63.02
CA LEU A 406 30.21 15.18 61.93
C LEU A 406 29.54 16.42 62.57
N SER A 407 30.01 17.64 62.26
CA SER A 407 29.54 18.81 63.02
C SER A 407 28.08 19.16 62.69
N PRO A 408 27.28 19.55 63.74
CA PRO A 408 25.86 19.87 63.61
C PRO A 408 25.59 20.96 62.56
N ASP A 409 26.68 21.59 62.15
CA ASP A 409 26.74 22.53 61.04
C ASP A 409 26.15 21.90 59.77
N PHE A 410 26.07 20.57 59.73
CA PHE A 410 25.72 19.84 58.52
C PHE A 410 24.28 20.08 58.05
N GLN A 411 24.19 20.70 56.87
CA GLN A 411 22.94 20.93 56.16
C GLN A 411 22.31 19.60 55.72
N GLU A 412 21.10 19.33 56.21
CA GLU A 412 20.43 18.02 56.04
C GLU A 412 19.21 18.07 55.07
N ASP A 413 19.33 18.77 53.96
CA ASP A 413 18.24 18.94 53.00
C ASP A 413 17.81 17.63 52.30
N ASN A 414 16.74 17.72 51.50
CA ASN A 414 16.23 16.56 50.75
C ASN A 414 17.23 15.99 49.74
N GLU A 415 18.35 16.68 49.58
CA GLU A 415 19.37 16.30 48.60
C GLU A 415 20.25 15.18 49.16
N THR A 416 20.87 15.43 50.31
CA THR A 416 21.65 14.42 51.05
C THR A 416 20.80 13.21 51.37
N GLU A 417 19.49 13.45 51.47
CA GLU A 417 18.44 12.44 51.65
C GLU A 417 18.65 11.25 50.71
N ILE A 418 18.52 11.52 49.41
CA ILE A 418 18.63 10.50 48.38
C ILE A 418 20.08 10.03 48.24
N ASN A 419 20.99 10.99 48.18
CA ASN A 419 22.42 10.75 48.33
C ASN A 419 22.75 9.54 49.21
N PHE A 420 22.22 9.53 50.43
CA PHE A 420 22.40 8.43 51.39
C PHE A 420 21.43 7.28 51.14
N LEU A 421 20.13 7.61 51.06
CA LEU A 421 19.08 6.61 50.84
C LEU A 421 19.30 5.76 49.59
N LEU A 422 19.99 6.33 48.62
CA LEU A 422 20.38 5.57 47.44
C LEU A 422 21.46 4.52 47.81
N LYS A 423 22.58 4.98 48.38
CA LYS A 423 23.66 4.08 48.74
C LYS A 423 23.06 2.89 49.47
N GLN A 424 22.12 3.16 50.39
CA GLN A 424 21.51 2.11 51.19
C GLN A 424 20.81 1.09 50.34
N ALA A 425 20.10 1.59 49.31
CA ALA A 425 19.31 0.75 48.38
C ALA A 425 20.14 -0.06 47.37
N LEU A 426 21.27 0.53 46.97
CA LEU A 426 22.33 -0.16 46.26
C LEU A 426 22.72 -1.40 47.03
N THR A 427 22.94 -1.24 48.32
CA THR A 427 23.39 -2.32 49.19
C THR A 427 22.27 -3.30 49.48
N ILE A 428 21.11 -2.73 49.82
CA ILE A 428 19.99 -3.50 50.34
C ILE A 428 19.01 -3.92 49.25
N VAL A 429 18.35 -2.96 48.61
CA VAL A 429 17.39 -3.33 47.57
C VAL A 429 18.19 -4.06 46.52
N GLY A 430 19.45 -3.68 46.39
CA GLY A 430 20.38 -4.33 45.48
C GLY A 430 20.37 -5.85 45.59
N THR A 431 20.62 -6.36 46.77
CA THR A 431 20.81 -7.80 46.93
C THR A 431 19.52 -8.64 46.92
N LEU A 432 18.39 -8.03 47.26
CA LEU A 432 17.15 -8.81 47.42
C LEU A 432 16.86 -9.75 46.25
N PRO A 433 16.81 -9.23 45.02
CA PRO A 433 16.45 -10.10 43.90
C PRO A 433 17.59 -11.05 43.57
N PHE A 434 18.81 -10.57 43.73
CA PHE A 434 19.96 -11.42 43.51
C PHE A 434 19.70 -12.69 44.31
N THR A 435 19.44 -12.48 45.59
CA THR A 435 19.32 -13.53 46.56
C THR A 435 18.16 -14.45 46.21
N TYR A 436 16.98 -13.88 45.92
CA TYR A 436 15.80 -14.70 45.68
C TYR A 436 16.05 -15.71 44.59
N MET A 437 16.73 -15.27 43.53
CA MET A 437 16.97 -16.11 42.36
C MET A 437 17.91 -17.23 42.69
N LEU A 438 19.03 -16.88 43.34
CA LEU A 438 20.10 -17.81 43.72
C LEU A 438 19.53 -19.04 44.38
N GLU A 439 18.60 -18.85 45.34
CA GLU A 439 17.86 -19.95 45.98
C GLU A 439 16.69 -20.48 45.17
N LYS A 440 16.00 -19.60 44.44
CA LYS A 440 14.95 -20.08 43.55
C LYS A 440 15.55 -21.14 42.62
N TRP A 441 16.87 -21.02 42.36
CA TRP A 441 17.64 -21.93 41.47
C TRP A 441 18.00 -23.25 42.14
N ARG A 442 18.52 -23.17 43.36
CA ARG A 442 18.91 -24.37 44.10
C ARG A 442 17.68 -25.16 44.48
N TRP A 443 16.64 -24.43 44.84
CA TRP A 443 15.38 -25.04 45.15
C TRP A 443 14.95 -25.90 43.98
N MET A 444 14.92 -25.29 42.79
CA MET A 444 14.55 -26.02 41.59
C MET A 444 15.51 -27.15 41.29
N VAL A 445 16.80 -26.95 41.62
CA VAL A 445 17.81 -28.01 41.42
C VAL A 445 17.55 -29.15 42.38
N PHE A 446 17.57 -28.82 43.68
CA PHE A 446 17.36 -29.83 44.72
C PHE A 446 16.04 -30.57 44.58
N LYS A 447 15.05 -29.98 43.90
CA LYS A 447 13.81 -30.69 43.66
C LYS A 447 13.98 -31.69 42.54
N GLY A 448 14.95 -31.45 41.65
CA GLY A 448 15.13 -32.26 40.44
C GLY A 448 14.26 -31.78 39.29
N GLU A 449 14.10 -30.46 39.21
CA GLU A 449 13.37 -29.82 38.12
C GLU A 449 14.31 -29.47 36.95
N ILE A 450 15.47 -28.90 37.24
CA ILE A 450 16.42 -28.58 36.19
C ILE A 450 17.35 -29.75 36.07
N PRO A 451 17.47 -30.32 34.84
CA PRO A 451 18.40 -31.43 34.60
C PRO A 451 19.84 -30.93 34.48
N LYS A 452 20.81 -31.86 34.49
CA LYS A 452 22.22 -31.50 34.40
C LYS A 452 22.56 -30.76 33.09
N ASP A 453 21.82 -31.00 32.02
CA ASP A 453 22.16 -30.43 30.70
C ASP A 453 21.56 -29.07 30.41
N GLN A 454 20.97 -28.43 31.42
CA GLN A 454 20.36 -27.09 31.30
C GLN A 454 20.67 -26.18 32.48
N TRP A 455 21.33 -26.74 33.49
CA TRP A 455 21.68 -26.03 34.71
C TRP A 455 22.10 -24.58 34.51
N MET A 456 23.02 -24.35 33.59
CA MET A 456 23.52 -23.01 33.36
C MET A 456 22.52 -22.20 32.53
N LYS A 457 21.98 -22.81 31.47
CA LYS A 457 20.94 -22.19 30.66
C LYS A 457 19.77 -21.71 31.52
N LYS A 458 19.25 -22.58 32.39
CA LYS A 458 18.16 -22.20 33.30
C LYS A 458 18.56 -21.19 34.38
N TRP A 459 19.86 -21.09 34.66
CA TRP A 459 20.36 -20.17 35.67
C TRP A 459 20.31 -18.78 35.11
N TRP A 460 20.86 -18.61 33.92
CA TRP A 460 20.95 -17.29 33.35
C TRP A 460 19.59 -16.80 32.84
N GLU A 461 18.80 -17.72 32.27
CA GLU A 461 17.40 -17.44 31.96
C GLU A 461 16.78 -16.73 33.15
N MET A 462 16.97 -17.32 34.34
CA MET A 462 16.46 -16.75 35.58
C MET A 462 17.16 -15.45 36.00
N LYS A 463 18.48 -15.35 35.76
CA LYS A 463 19.21 -14.10 36.05
C LYS A 463 18.60 -12.93 35.27
N ARG A 464 18.44 -13.14 33.97
CA ARG A 464 17.84 -12.15 33.08
C ARG A 464 16.39 -11.88 33.47
N GLU A 465 15.66 -12.96 33.71
CA GLU A 465 14.23 -12.89 33.97
C GLU A 465 13.89 -12.13 35.23
N ILE A 466 14.40 -12.61 36.36
CA ILE A 466 14.05 -12.13 37.68
C ILE A 466 14.94 -10.94 38.09
N VAL A 467 16.26 -11.06 37.86
CA VAL A 467 17.25 -10.08 38.35
C VAL A 467 17.64 -8.99 37.33
N GLY A 468 17.41 -9.25 36.05
CA GLY A 468 17.63 -8.26 34.98
C GLY A 468 19.09 -8.09 34.67
N VAL A 469 19.78 -9.21 34.64
CA VAL A 469 21.22 -9.25 34.51
C VAL A 469 21.57 -10.31 33.47
N VAL A 470 22.49 -9.96 32.57
CA VAL A 470 22.96 -10.87 31.56
C VAL A 470 24.40 -11.25 31.76
N GLU A 471 24.67 -12.50 31.42
CA GLU A 471 26.03 -13.01 31.29
C GLU A 471 26.76 -12.25 30.19
N PRO A 472 28.03 -11.85 30.40
CA PRO A 472 28.76 -11.15 29.37
C PRO A 472 29.33 -12.06 28.31
N VAL A 473 29.28 -13.37 28.53
CA VAL A 473 29.77 -14.36 27.56
C VAL A 473 28.83 -15.55 27.64
N PRO A 474 28.69 -16.29 26.55
CA PRO A 474 27.86 -17.49 26.67
C PRO A 474 28.54 -18.57 27.52
N HIS A 475 27.79 -19.16 28.43
CA HIS A 475 28.30 -20.27 29.24
C HIS A 475 27.60 -21.58 28.90
N ASP A 476 28.36 -22.57 28.42
CA ASP A 476 27.81 -23.93 28.26
C ASP A 476 27.80 -24.68 29.59
N GLU A 477 27.42 -25.94 29.58
CA GLU A 477 27.20 -26.66 30.83
C GLU A 477 28.47 -27.27 31.49
N THR A 478 29.64 -26.91 30.98
CA THR A 478 30.91 -27.28 31.62
C THR A 478 31.12 -26.35 32.80
N TYR A 479 30.54 -25.16 32.69
CA TYR A 479 30.50 -24.15 33.75
C TYR A 479 29.57 -24.47 34.91
N CYS A 480 29.79 -23.82 36.04
CA CYS A 480 28.85 -23.95 37.14
C CYS A 480 28.88 -22.68 37.96
N ASP A 481 28.24 -21.64 37.45
CA ASP A 481 28.46 -20.31 38.01
C ASP A 481 27.95 -20.05 39.44
N PRO A 482 26.75 -20.54 39.80
CA PRO A 482 26.34 -20.35 41.19
C PRO A 482 27.39 -20.85 42.14
N ALA A 483 28.14 -21.84 41.71
CA ALA A 483 29.15 -22.44 42.57
C ALA A 483 30.33 -21.55 42.84
N SER A 484 30.45 -20.45 42.11
CA SER A 484 31.58 -19.57 42.30
C SER A 484 31.36 -18.64 43.48
N LEU A 485 30.16 -18.67 44.04
CA LEU A 485 29.82 -17.85 45.20
C LEU A 485 30.18 -18.65 46.46
N PHE A 486 30.59 -17.94 47.53
CA PHE A 486 30.95 -18.62 48.77
C PHE A 486 29.85 -19.58 49.22
N HIS A 487 28.75 -18.98 49.67
CA HIS A 487 27.63 -19.69 50.27
C HIS A 487 27.05 -20.84 49.44
N VAL A 488 27.50 -21.00 48.21
CA VAL A 488 27.00 -22.08 47.41
C VAL A 488 27.90 -23.28 47.51
N SER A 489 29.21 -23.02 47.51
CA SER A 489 30.23 -24.07 47.45
C SER A 489 30.56 -24.52 48.86
N ASN A 490 30.31 -23.62 49.80
CA ASN A 490 30.53 -23.89 51.21
C ASN A 490 29.20 -24.25 51.89
N ASP A 491 28.19 -24.50 51.07
CA ASP A 491 27.02 -25.23 51.51
C ASP A 491 26.23 -24.50 52.58
N TYR A 492 25.78 -23.28 52.29
CA TYR A 492 24.90 -22.51 53.20
C TYR A 492 23.58 -22.19 52.55
N SER A 493 22.51 -22.21 53.34
CA SER A 493 21.25 -21.64 52.84
C SER A 493 21.45 -20.14 52.70
N PHE A 494 20.93 -19.63 51.60
CA PHE A 494 21.20 -18.29 51.18
C PHE A 494 19.97 -17.44 51.34
N ILE A 495 18.81 -18.05 51.21
CA ILE A 495 17.55 -17.35 51.37
C ILE A 495 17.50 -16.48 52.65
N ARG A 496 18.40 -16.78 53.58
CA ARG A 496 18.42 -16.16 54.89
C ARG A 496 18.79 -14.72 54.74
N TYR A 497 19.55 -14.43 53.72
CA TYR A 497 19.98 -13.08 53.55
C TYR A 497 18.80 -12.22 53.13
N TYR A 498 17.84 -12.88 52.46
CA TYR A 498 16.57 -12.26 52.11
C TYR A 498 15.70 -11.99 53.36
N THR A 499 15.29 -13.07 54.01
CA THR A 499 14.46 -12.95 55.19
C THR A 499 15.07 -11.97 56.20
N ARG A 500 16.36 -12.17 56.47
CA ARG A 500 17.16 -11.22 57.21
C ARG A 500 16.70 -9.80 56.95
N THR A 501 16.79 -9.37 55.69
CA THR A 501 16.50 -7.98 55.33
C THR A 501 15.07 -7.58 55.65
N LEU A 502 14.14 -8.51 55.43
CA LEU A 502 12.72 -8.22 55.67
C LEU A 502 12.44 -7.93 57.11
N TYR A 503 12.93 -8.83 57.98
CA TYR A 503 12.81 -8.68 59.42
C TYR A 503 13.50 -7.41 59.82
N GLN A 504 14.78 -7.36 59.48
CA GLN A 504 15.65 -6.24 59.72
C GLN A 504 14.92 -4.89 59.78
N PHE A 505 13.99 -4.67 58.86
CA PHE A 505 13.18 -3.44 58.88
C PHE A 505 11.95 -3.47 59.77
N GLN A 506 11.21 -4.57 59.74
CA GLN A 506 10.12 -4.72 60.67
C GLN A 506 10.58 -4.35 62.08
N PHE A 507 11.78 -4.78 62.46
CA PHE A 507 12.36 -4.42 63.76
C PHE A 507 12.52 -2.93 63.87
N GLN A 508 13.36 -2.38 63.00
CA GLN A 508 13.69 -0.97 63.03
C GLN A 508 12.41 -0.12 63.09
N GLU A 509 11.37 -0.52 62.35
CA GLU A 509 10.01 0.09 62.44
C GLU A 509 9.47 0.14 63.87
N ALA A 510 9.27 -1.04 64.45
CA ALA A 510 8.70 -1.20 65.78
C ALA A 510 9.61 -0.69 66.87
N LEU A 511 10.92 -0.72 66.57
CA LEU A 511 11.94 -0.33 67.53
C LEU A 511 12.06 1.19 67.59
N CYS A 512 11.86 1.83 66.43
CA CYS A 512 11.79 3.28 66.35
C CYS A 512 10.47 3.76 66.91
N GLN A 513 9.42 2.96 66.73
CA GLN A 513 8.11 3.24 67.32
C GLN A 513 8.29 3.38 68.80
N ALA A 514 9.02 2.44 69.39
CA ALA A 514 9.31 2.47 70.81
C ALA A 514 10.15 3.70 71.19
N ALA A 515 11.11 4.06 70.35
CA ALA A 515 11.95 5.24 70.60
C ALA A 515 11.19 6.55 70.42
N LYS A 516 9.91 6.43 70.04
CA LYS A 516 9.00 7.55 69.80
C LYS A 516 9.42 8.46 68.63
N HIS A 517 10.00 7.85 67.59
CA HIS A 517 10.55 8.58 66.45
C HIS A 517 9.48 9.30 65.64
N GLU A 518 9.88 10.26 64.83
CA GLU A 518 8.91 11.13 64.17
C GLU A 518 8.86 11.13 62.66
N GLY A 519 10.00 11.34 61.99
CA GLY A 519 10.01 11.54 60.53
C GLY A 519 10.09 10.25 59.72
N PRO A 520 10.71 10.32 58.55
CA PRO A 520 11.15 9.14 57.80
C PRO A 520 11.86 8.12 58.69
N LEU A 521 11.62 6.85 58.38
CA LEU A 521 12.13 5.74 59.17
C LEU A 521 13.64 5.63 59.13
N HIS A 522 14.26 6.21 58.10
CA HIS A 522 15.70 6.11 57.94
C HIS A 522 16.52 7.14 58.73
N LYS A 523 15.85 8.08 59.40
CA LYS A 523 16.56 9.08 60.19
C LYS A 523 16.70 8.62 61.64
N CYS A 524 16.10 7.47 61.95
CA CYS A 524 15.93 7.02 63.32
C CYS A 524 17.23 6.50 63.91
N ASP A 525 17.41 6.68 65.21
CA ASP A 525 18.68 6.39 65.89
C ASP A 525 18.44 5.94 67.34
N ILE A 526 17.95 4.72 67.50
CA ILE A 526 17.42 4.28 68.79
C ILE A 526 18.27 4.54 70.05
N SER A 527 19.52 5.01 69.90
CA SER A 527 20.44 5.24 71.04
C SER A 527 19.84 6.20 72.04
N ASN A 528 20.26 6.11 73.31
CA ASN A 528 19.65 6.90 74.41
C ASN A 528 18.33 6.26 74.87
N SER A 529 17.67 5.49 73.98
CA SER A 529 16.27 4.96 74.17
C SER A 529 16.15 3.55 74.71
N THR A 530 16.30 3.41 76.03
CA THR A 530 16.15 2.13 76.76
C THR A 530 14.80 1.45 76.52
N GLU A 531 13.78 2.29 76.24
CA GLU A 531 12.42 1.87 75.89
C GLU A 531 12.41 0.85 74.75
N ALA A 532 13.24 1.12 73.75
CA ALA A 532 13.41 0.20 72.61
C ALA A 532 14.24 -0.99 73.00
N GLY A 533 15.44 -0.73 73.53
CA GLY A 533 16.38 -1.79 73.85
C GLY A 533 15.75 -2.92 74.62
N GLN A 534 14.78 -2.60 75.48
CA GLN A 534 14.08 -3.64 76.22
C GLN A 534 13.12 -4.43 75.32
N LYS A 535 12.36 -3.74 74.47
CA LYS A 535 11.52 -4.44 73.50
C LYS A 535 12.42 -5.44 72.79
N LEU A 536 13.58 -4.98 72.31
CA LEU A 536 14.56 -5.81 71.60
C LEU A 536 15.05 -6.98 72.44
N PHE A 537 15.55 -6.67 73.63
CA PHE A 537 16.10 -7.68 74.51
C PHE A 537 15.07 -8.76 74.78
N ASN A 538 13.84 -8.35 75.07
CA ASN A 538 12.76 -9.29 75.31
C ASN A 538 12.65 -10.40 74.27
N MET A 539 13.12 -10.12 73.06
CA MET A 539 13.17 -11.17 72.09
C MET A 539 14.57 -11.78 72.03
N LEU A 540 15.61 -10.96 72.11
CA LEU A 540 17.00 -11.46 72.06
C LEU A 540 17.23 -12.63 73.02
N ARG A 541 16.96 -12.41 74.30
CA ARG A 541 17.21 -13.38 75.36
C ARG A 541 16.50 -14.72 75.14
N LEU A 542 15.47 -14.70 74.30
CA LEU A 542 14.63 -15.85 74.06
C LEU A 542 15.40 -16.92 73.34
N GLY A 543 16.39 -16.53 72.53
CA GLY A 543 17.09 -17.44 71.65
C GLY A 543 16.10 -18.10 70.73
N LYS A 544 16.42 -19.32 70.33
CA LYS A 544 15.53 -20.18 69.53
C LYS A 544 14.55 -21.01 70.48
N SER A 545 14.01 -20.34 71.50
CA SER A 545 13.29 -21.00 72.60
C SER A 545 11.76 -21.06 72.37
N GLU A 546 11.18 -19.94 71.96
CA GLU A 546 9.85 -19.99 71.40
C GLU A 546 10.11 -19.99 69.89
N PRO A 547 9.13 -20.48 69.08
CA PRO A 547 9.11 -20.34 67.61
C PRO A 547 9.30 -18.91 67.12
N TRP A 548 10.01 -18.77 66.02
CA TRP A 548 10.38 -17.46 65.51
C TRP A 548 9.21 -16.53 65.20
N THR A 549 8.07 -17.16 64.93
CA THR A 549 6.82 -16.50 64.55
C THR A 549 6.30 -15.68 65.73
N LEU A 550 6.35 -16.30 66.91
CA LEU A 550 6.11 -15.62 68.19
C LEU A 550 7.21 -14.60 68.53
N ALA A 551 8.47 -15.00 68.38
CA ALA A 551 9.61 -14.14 68.64
C ALA A 551 9.51 -12.78 67.92
N LEU A 552 9.09 -12.82 66.66
CA LEU A 552 8.76 -11.63 65.88
C LEU A 552 7.66 -10.81 66.55
N GLU A 553 6.52 -11.46 66.82
CA GLU A 553 5.36 -10.80 67.41
C GLU A 553 5.70 -9.99 68.67
N ASN A 554 6.77 -10.42 69.36
CA ASN A 554 7.28 -9.70 70.53
C ASN A 554 7.81 -8.35 70.18
N VAL A 555 8.44 -8.27 69.02
CA VAL A 555 9.07 -7.04 68.64
C VAL A 555 8.19 -6.25 67.74
N VAL A 556 7.35 -6.93 66.96
CA VAL A 556 6.66 -6.23 65.87
C VAL A 556 5.15 -6.20 66.02
N GLY A 557 4.54 -7.38 66.02
CA GLY A 557 3.10 -7.54 66.08
C GLY A 557 2.55 -8.56 65.11
N ALA A 558 3.41 -9.07 64.23
CA ALA A 558 2.97 -10.11 63.29
C ALA A 558 3.67 -11.41 63.57
N LYS A 559 2.91 -12.49 63.36
CA LYS A 559 3.40 -13.88 63.47
C LYS A 559 4.32 -14.23 62.27
N ASN A 560 4.24 -13.43 61.20
CA ASN A 560 4.97 -13.70 59.97
C ASN A 560 5.71 -12.45 59.47
N MET A 561 6.71 -12.66 58.62
CA MET A 561 7.47 -11.56 58.05
C MET A 561 6.58 -10.60 57.32
N ASN A 562 7.05 -9.38 57.13
CA ASN A 562 6.35 -8.48 56.27
C ASN A 562 7.29 -7.61 55.47
N VAL A 563 6.78 -7.21 54.29
CA VAL A 563 7.54 -6.50 53.27
C VAL A 563 7.46 -4.97 53.46
N ARG A 564 6.30 -4.46 53.89
CA ARG A 564 6.05 -3.03 53.87
C ARG A 564 7.03 -2.21 54.72
N PRO A 565 7.32 -2.65 55.94
CA PRO A 565 8.26 -1.86 56.70
C PRO A 565 9.44 -1.41 55.85
N LEU A 566 10.03 -2.35 55.11
CA LEU A 566 11.13 -2.08 54.16
C LEU A 566 10.76 -1.04 53.11
N LEU A 567 9.63 -1.28 52.43
CA LEU A 567 9.18 -0.40 51.36
C LEU A 567 8.98 1.03 51.88
N ASN A 568 8.35 1.17 53.05
CA ASN A 568 8.08 2.48 53.64
C ASN A 568 9.37 3.20 54.06
N TYR A 569 10.42 2.42 54.29
CA TYR A 569 11.73 2.98 54.61
C TYR A 569 12.26 3.65 53.36
N PHE A 570 12.04 3.01 52.21
CA PHE A 570 12.51 3.53 50.93
C PHE A 570 11.48 4.39 50.16
N GLU A 571 10.35 4.68 50.77
CA GLU A 571 9.36 5.49 50.10
C GLU A 571 9.95 6.75 49.45
N PRO A 572 10.76 7.58 50.16
CA PRO A 572 11.26 8.81 49.54
C PRO A 572 12.17 8.57 48.30
N LEU A 573 12.90 7.47 48.30
CA LEU A 573 13.67 7.14 47.13
C LEU A 573 12.75 6.64 46.01
N PHE A 574 11.78 5.80 46.34
CA PHE A 574 10.91 5.19 45.34
C PHE A 574 10.18 6.24 44.53
N THR A 575 9.60 7.25 45.19
CA THR A 575 8.84 8.28 44.46
C THR A 575 9.76 9.27 43.72
N TRP A 576 11.04 9.24 44.03
CA TRP A 576 12.04 10.03 43.33
C TRP A 576 12.59 9.33 42.07
N LEU A 577 12.67 8.01 42.12
CA LEU A 577 13.17 7.19 41.01
C LEU A 577 12.18 7.14 39.86
N LYS A 578 10.89 7.18 40.17
CA LYS A 578 9.84 7.25 39.15
C LYS A 578 9.94 8.57 38.40
N ASP A 579 10.32 9.62 39.15
CA ASP A 579 10.54 10.95 38.63
C ASP A 579 11.53 10.93 37.50
N GLN A 580 12.62 10.19 37.67
CA GLN A 580 13.68 10.06 36.65
C GLN A 580 13.31 9.09 35.55
N ASN A 581 12.58 8.03 35.89
CA ASN A 581 12.17 7.00 34.95
C ASN A 581 10.83 7.32 34.27
N LYS A 582 10.50 8.59 34.33
CA LYS A 582 9.40 9.16 33.59
C LYS A 582 9.69 8.94 32.11
N ASN A 583 10.97 9.03 31.76
CA ASN A 583 11.34 8.89 30.37
C ASN A 583 12.23 7.70 30.05
N SER A 584 13.07 7.28 30.99
CA SER A 584 13.87 6.08 30.81
C SER A 584 13.02 4.84 30.57
N PHE A 585 13.64 3.78 30.04
CA PHE A 585 12.95 2.52 29.89
C PHE A 585 13.05 1.74 31.19
N VAL A 586 11.90 1.50 31.83
CA VAL A 586 11.85 0.86 33.14
C VAL A 586 11.49 -0.62 33.06
N GLY A 587 12.46 -1.48 33.34
CA GLY A 587 12.27 -2.91 33.15
C GLY A 587 13.33 -3.35 32.17
N TRP A 588 13.19 -4.56 31.62
CA TRP A 588 14.20 -5.14 30.71
C TRP A 588 13.70 -6.32 29.89
N SER A 589 14.47 -6.65 28.85
CA SER A 589 14.16 -7.83 28.08
C SER A 589 15.22 -8.90 28.12
N THR A 590 14.78 -10.06 28.56
CA THR A 590 15.54 -11.31 28.55
C THR A 590 16.35 -11.55 27.26
N ASP A 591 15.91 -10.93 26.17
CA ASP A 591 16.35 -11.33 24.86
C ASP A 591 17.64 -10.68 24.42
N TRP A 592 18.00 -9.55 25.04
CA TRP A 592 19.23 -8.87 24.67
C TRP A 592 20.45 -9.54 25.31
N SER A 593 21.57 -9.56 24.58
CA SER A 593 22.88 -10.03 25.12
C SER A 593 24.02 -9.19 24.53
N PRO A 594 25.07 -8.95 25.31
CA PRO A 594 26.15 -8.13 24.83
C PRO A 594 26.96 -8.84 23.75
N TYR A 595 26.61 -10.08 23.41
CA TYR A 595 27.34 -10.83 22.38
C TYR A 595 26.49 -11.28 21.17
N ALA A 596 25.93 -10.31 20.43
CA ALA A 596 25.10 -10.58 19.25
C ALA A 596 24.13 -11.75 19.46
N HIS B 2 45.41 -12.72 119.80
CA HIS B 2 43.99 -12.62 119.29
C HIS B 2 43.64 -13.55 118.11
N THR B 3 42.41 -13.51 117.64
CA THR B 3 41.96 -14.46 116.61
C THR B 3 41.52 -13.83 115.29
N ASP B 4 42.23 -14.09 114.19
CA ASP B 4 41.75 -13.63 112.88
C ASP B 4 40.86 -14.68 112.20
N ILE B 5 40.08 -14.24 111.21
CA ILE B 5 39.02 -15.06 110.57
C ILE B 5 38.78 -14.81 109.05
N ASN B 6 39.47 -15.58 108.22
CA ASN B 6 39.13 -15.69 106.81
C ASN B 6 37.77 -16.41 106.76
N PHE B 7 36.73 -15.71 106.29
CA PHE B 7 35.46 -16.33 105.87
C PHE B 7 35.42 -16.53 104.36
N THR B 8 35.70 -17.73 103.91
CA THR B 8 35.99 -17.95 102.51
C THR B 8 34.84 -18.57 101.73
N ALA B 9 34.67 -18.11 100.50
CA ALA B 9 33.67 -18.65 99.57
C ALA B 9 34.43 -18.95 98.33
N THR B 10 34.74 -20.22 98.14
CA THR B 10 35.57 -20.66 97.04
C THR B 10 34.60 -21.27 96.09
N ALA B 11 34.61 -20.81 94.85
CA ALA B 11 33.65 -21.21 93.83
C ALA B 11 34.27 -21.77 92.52
N SER B 12 33.60 -22.78 91.97
CA SER B 12 33.85 -23.30 90.60
C SER B 12 32.73 -22.95 89.60
N PHE B 13 32.98 -23.10 88.31
CA PHE B 13 31.98 -22.69 87.31
C PHE B 13 31.67 -23.65 86.13
N GLY B 14 30.36 -23.80 85.86
CA GLY B 14 29.89 -24.36 84.62
C GLY B 14 29.25 -25.70 84.74
N GLY B 15 27.99 -25.75 85.16
CA GLY B 15 27.23 -27.03 85.22
C GLY B 15 26.51 -27.30 83.92
N SER B 16 25.22 -27.61 83.99
CA SER B 16 24.43 -27.79 82.76
C SER B 16 24.31 -26.46 82.04
N CYS B 17 24.45 -25.38 82.80
CA CYS B 17 24.54 -24.07 82.24
C CYS B 17 25.52 -23.28 83.05
N TYR B 18 26.53 -22.72 82.38
CA TYR B 18 27.51 -21.79 82.96
C TYR B 18 26.82 -20.46 83.00
N VAL B 19 26.96 -19.65 84.02
CA VAL B 19 26.29 -18.32 83.95
C VAL B 19 24.98 -18.31 84.70
N CYS B 20 24.28 -19.44 84.66
CA CYS B 20 23.05 -19.59 85.43
C CYS B 20 23.29 -19.48 86.96
N LYS B 21 24.23 -20.28 87.46
CA LYS B 21 24.65 -20.33 88.87
C LYS B 21 26.09 -20.85 88.85
N PRO B 22 26.91 -20.50 89.85
CA PRO B 22 28.17 -21.19 89.81
C PRO B 22 27.93 -22.68 89.99
N HIS B 23 28.85 -23.49 89.47
CA HIS B 23 28.82 -24.98 89.58
C HIS B 23 28.71 -25.39 91.04
N GLN B 24 29.76 -25.13 91.80
CA GLN B 24 29.86 -25.47 93.23
C GLN B 24 30.42 -24.26 93.99
N VAL B 25 30.12 -24.23 95.28
CA VAL B 25 30.68 -23.23 96.15
C VAL B 25 30.82 -23.68 97.64
N ASN B 26 32.04 -24.03 98.07
CA ASN B 26 32.35 -24.25 99.47
C ASN B 26 32.34 -22.88 100.21
N ILE B 27 31.57 -22.81 101.29
CA ILE B 27 31.59 -21.69 102.22
C ILE B 27 32.25 -22.17 103.51
N SER B 28 33.09 -21.34 104.11
CA SER B 28 33.99 -21.81 105.14
C SER B 28 34.43 -20.68 106.11
N LEU B 29 34.38 -20.97 107.41
CA LEU B 29 34.96 -20.12 108.44
C LEU B 29 36.26 -20.73 108.93
N ASN B 30 37.37 -20.24 108.40
CA ASN B 30 38.69 -20.81 108.61
C ASN B 30 38.73 -22.28 108.40
N GLY B 31 38.33 -22.72 107.21
CA GLY B 31 38.36 -24.13 106.89
C GLY B 31 37.18 -24.95 107.39
N ASN B 32 36.73 -24.74 108.62
CA ASN B 32 35.65 -25.55 109.19
C ASN B 32 34.34 -24.75 109.13
N THR B 33 33.24 -25.19 109.73
CA THR B 33 31.93 -24.59 109.38
C THR B 33 31.35 -23.52 110.29
N SER B 34 31.97 -23.30 111.43
CA SER B 34 31.57 -22.23 112.31
C SER B 34 32.74 -21.90 113.21
N VAL B 35 32.79 -20.69 113.72
CA VAL B 35 33.88 -20.33 114.62
C VAL B 35 33.40 -19.42 115.75
N CYS B 36 33.59 -19.85 117.00
CA CYS B 36 33.24 -19.02 118.16
C CYS B 36 34.47 -18.33 118.75
N VAL B 37 34.38 -17.00 118.87
CA VAL B 37 35.53 -16.22 119.28
C VAL B 37 35.74 -16.32 120.76
N ARG B 38 36.99 -16.56 121.18
CA ARG B 38 37.28 -16.73 122.60
C ARG B 38 38.24 -15.70 123.15
N THR B 39 38.69 -14.78 122.33
CA THR B 39 39.67 -13.80 122.80
C THR B 39 39.27 -12.39 122.42
N SER B 40 38.69 -11.61 123.37
CA SER B 40 38.09 -10.32 122.97
C SER B 40 39.08 -9.43 122.23
N HIS B 41 38.53 -8.74 121.23
CA HIS B 41 39.07 -8.50 119.87
C HIS B 41 39.58 -9.64 118.96
N PHE B 42 39.19 -9.49 117.70
CA PHE B 42 39.45 -10.39 116.61
C PHE B 42 39.62 -9.59 115.29
N SER B 43 39.47 -10.23 114.14
CA SER B 43 39.45 -9.58 112.81
C SER B 43 38.78 -10.53 111.85
N ILE B 44 37.82 -10.06 111.08
CA ILE B 44 37.09 -10.95 110.17
C ILE B 44 37.14 -10.41 108.77
N ARG B 45 37.37 -11.28 107.79
CA ARG B 45 37.42 -10.84 106.40
C ARG B 45 36.69 -11.82 105.47
N TYR B 46 36.10 -11.30 104.39
CA TYR B 46 35.47 -12.17 103.42
C TYR B 46 36.39 -12.36 102.24
N ILE B 47 36.93 -13.55 102.09
CA ILE B 47 37.70 -13.90 100.89
C ILE B 47 36.85 -14.65 99.86
N TYR B 48 36.93 -14.22 98.60
CA TYR B 48 36.27 -14.88 97.47
C TYR B 48 37.29 -15.51 96.52
N ASN B 49 37.13 -16.82 96.32
CA ASN B 49 38.09 -17.60 95.55
C ASN B 49 37.55 -18.32 94.35
N ARG B 50 37.88 -17.83 93.17
CA ARG B 50 37.40 -18.43 91.93
C ARG B 50 38.37 -19.51 91.52
N VAL B 51 37.90 -20.72 91.26
CA VAL B 51 38.82 -21.74 90.73
C VAL B 51 38.94 -21.66 89.23
N LYS B 52 40.18 -21.63 88.74
CA LYS B 52 40.45 -21.51 87.31
C LYS B 52 39.50 -22.43 86.54
N SER B 53 38.81 -21.92 85.53
CA SER B 53 37.89 -22.74 84.76
C SER B 53 38.37 -22.86 83.32
N GLY B 54 38.99 -21.79 82.83
CA GLY B 54 39.62 -21.80 81.54
C GLY B 54 39.13 -20.71 80.63
N SER B 55 37.98 -20.13 80.96
CA SER B 55 37.46 -19.06 80.11
C SER B 55 37.43 -17.74 80.83
N PRO B 56 37.59 -16.65 80.07
CA PRO B 56 37.51 -15.32 80.68
C PRO B 56 36.08 -15.06 81.14
N GLY B 57 35.26 -16.11 81.11
CA GLY B 57 33.95 -16.08 81.71
C GLY B 57 34.05 -15.88 83.21
N ASP B 58 34.97 -16.60 83.85
CA ASP B 58 35.26 -16.31 85.25
C ASP B 58 35.66 -14.87 85.19
N SER B 59 35.56 -14.17 86.30
CA SER B 59 36.04 -12.76 86.37
C SER B 59 34.92 -11.82 85.98
N SER B 60 33.93 -12.43 85.33
CA SER B 60 32.65 -11.80 85.11
C SER B 60 31.72 -12.49 86.07
N TRP B 61 32.23 -13.48 86.81
CA TRP B 61 31.47 -14.14 87.86
C TRP B 61 31.79 -13.47 89.16
N HIS B 62 30.79 -12.87 89.80
CA HIS B 62 31.04 -12.20 91.07
C HIS B 62 30.21 -12.78 92.20
N ILE B 63 30.89 -13.18 93.28
CA ILE B 63 30.21 -13.56 94.52
C ILE B 63 30.63 -12.60 95.61
N TYR B 64 29.62 -11.94 96.16
CA TYR B 64 29.83 -10.90 97.16
C TYR B 64 28.81 -11.16 98.19
N LEU B 65 28.87 -10.48 99.33
CA LEU B 65 27.79 -10.65 100.26
C LEU B 65 26.97 -9.37 100.46
N LYS B 66 25.65 -9.50 100.34
CA LYS B 66 24.74 -8.38 100.48
C LYS B 66 24.75 -8.03 101.93
N SER B 67 24.02 -7.01 102.33
CA SER B 67 23.76 -6.80 103.75
C SER B 67 22.53 -7.64 104.05
N GLY B 68 22.06 -7.63 105.29
CA GLY B 68 20.84 -8.36 105.56
C GLY B 68 20.43 -8.25 107.00
N THR B 69 20.18 -9.39 107.61
CA THR B 69 19.38 -9.47 108.82
C THR B 69 19.65 -8.50 109.95
N CYS B 70 20.88 -8.03 110.11
CA CYS B 70 21.26 -7.39 111.37
C CYS B 70 22.04 -6.11 111.25
N PRO B 71 22.19 -5.36 112.38
CA PRO B 71 22.68 -3.96 112.36
C PRO B 71 24.02 -3.71 111.63
N PHE B 72 25.12 -4.25 112.14
CA PHE B 72 26.46 -3.98 111.59
C PHE B 72 26.58 -4.56 110.20
N SER B 73 27.56 -4.11 109.40
CA SER B 73 27.77 -4.82 108.11
C SER B 73 29.19 -5.36 107.68
N PHE B 74 30.21 -5.31 108.53
CA PHE B 74 31.64 -5.41 108.11
C PHE B 74 32.34 -4.04 108.13
N ILE B 86 30.00 -13.56 120.95
CA ILE B 86 29.78 -13.62 119.49
C ILE B 86 30.40 -14.81 118.73
N CYS B 87 29.59 -15.45 117.87
CA CYS B 87 30.02 -16.56 116.98
C CYS B 87 29.68 -16.32 115.50
N PHE B 88 30.30 -17.10 114.59
CA PHE B 88 30.00 -17.09 113.12
C PHE B 88 29.58 -18.46 112.66
N SER B 89 28.88 -18.54 111.53
CA SER B 89 28.48 -19.83 111.06
C SER B 89 27.98 -19.87 109.66
N THR B 90 28.57 -20.72 108.86
CA THR B 90 27.88 -21.36 107.75
C THR B 90 26.70 -22.03 108.45
N VAL B 91 25.62 -22.38 107.75
CA VAL B 91 24.44 -23.03 108.42
C VAL B 91 23.59 -22.23 109.47
N GLU B 92 22.30 -22.56 109.51
CA GLU B 92 21.35 -21.84 110.35
C GLU B 92 21.52 -22.07 111.86
N VAL B 93 21.48 -20.96 112.62
CA VAL B 93 21.46 -20.93 114.11
C VAL B 93 20.38 -19.95 114.61
N PRO B 94 19.52 -20.37 115.54
CA PRO B 94 18.53 -19.48 116.16
C PRO B 94 19.04 -18.11 116.61
N GLY B 95 18.44 -17.04 116.06
CA GLY B 95 18.80 -15.67 116.37
C GLY B 95 20.05 -15.28 115.61
N SER B 96 20.08 -15.50 114.31
CA SER B 96 21.26 -15.17 113.54
C SER B 96 21.26 -13.75 112.88
N CYS B 97 21.77 -13.65 111.67
CA CYS B 97 22.24 -12.38 111.20
C CYS B 97 22.58 -12.46 109.69
N ASN B 98 22.08 -13.51 109.04
CA ASN B 98 22.23 -13.68 107.57
C ASN B 98 22.87 -12.49 106.82
N PHE B 99 24.19 -12.44 106.74
CA PHE B 99 24.73 -11.67 105.62
C PHE B 99 24.62 -12.72 104.50
N PRO B 100 23.65 -12.60 103.61
CA PRO B 100 23.54 -13.69 102.65
C PRO B 100 24.47 -13.50 101.49
N LEU B 101 24.96 -14.59 100.97
CA LEU B 101 25.96 -14.55 99.92
C LEU B 101 25.28 -14.65 98.58
N GLU B 102 25.49 -13.66 97.70
CA GLU B 102 24.83 -13.60 96.38
C GLU B 102 25.83 -13.76 95.26
N ALA B 103 25.54 -14.65 94.33
CA ALA B 103 26.48 -14.96 93.24
C ALA B 103 25.86 -14.55 91.93
N THR B 104 26.61 -13.87 91.09
CA THR B 104 26.01 -13.33 89.87
C THR B 104 26.99 -13.43 88.68
N TRP B 105 26.47 -13.79 87.51
CA TRP B 105 27.28 -13.66 86.28
C TRP B 105 26.99 -12.35 85.52
N HIS B 106 27.88 -11.39 85.69
CA HIS B 106 27.87 -10.18 84.92
C HIS B 106 26.64 -9.34 85.14
N TYR B 107 26.06 -9.50 86.32
CA TYR B 107 24.93 -8.73 86.78
C TYR B 107 23.70 -8.97 85.94
N THR B 108 23.66 -10.14 85.32
CA THR B 108 22.51 -10.56 84.53
C THR B 108 21.54 -11.28 85.47
N SER B 109 21.93 -12.50 85.87
CA SER B 109 21.17 -13.33 86.81
C SER B 109 21.82 -13.31 88.22
N TYR B 110 20.97 -13.24 89.26
CA TYR B 110 21.42 -13.34 90.67
C TYR B 110 20.93 -14.64 91.28
N THR B 111 21.73 -15.21 92.17
CA THR B 111 21.37 -16.46 92.80
C THR B 111 22.08 -16.48 94.14
N ILE B 112 21.35 -16.62 95.24
CA ILE B 112 22.02 -16.56 96.55
C ILE B 112 22.65 -17.91 96.92
N VAL B 113 23.97 -17.98 97.04
CA VAL B 113 24.63 -19.27 97.22
C VAL B 113 24.88 -19.66 98.67
N GLY B 114 24.42 -18.86 99.62
CA GLY B 114 24.58 -19.18 101.04
C GLY B 114 24.50 -17.96 101.92
N ALA B 115 24.94 -18.10 103.17
CA ALA B 115 25.06 -16.93 104.05
C ALA B 115 26.14 -17.08 105.10
N LEU B 116 26.48 -15.98 105.75
CA LEU B 116 27.27 -16.02 106.95
C LEU B 116 26.29 -15.70 108.10
N TYR B 117 26.08 -16.65 109.02
CA TYR B 117 25.14 -16.45 110.14
C TYR B 117 25.97 -16.00 111.34
N VAL B 118 25.53 -14.94 111.99
CA VAL B 118 26.25 -14.40 113.16
C VAL B 118 25.35 -14.44 114.38
N THR B 119 25.97 -14.61 115.53
CA THR B 119 25.24 -14.65 116.79
C THR B 119 25.96 -13.90 117.95
N TRP B 120 25.32 -12.81 118.37
CA TRP B 120 25.83 -11.88 119.38
C TRP B 120 25.32 -12.23 120.78
N SER B 121 25.64 -11.37 121.75
CA SER B 121 25.32 -11.60 123.13
C SER B 121 25.50 -10.29 123.85
N GLU B 122 26.35 -9.43 123.30
CA GLU B 122 26.63 -8.08 123.81
C GLU B 122 27.65 -8.09 124.96
N SER C 1 5.63 -27.19 43.34
CA SER C 1 5.57 -28.03 42.11
C SER C 1 5.69 -27.21 40.81
N THR C 2 6.38 -27.75 39.81
CA THR C 2 6.63 -27.00 38.57
C THR C 2 5.28 -26.44 38.20
N ILE C 3 5.18 -25.12 38.05
CA ILE C 3 3.89 -24.51 37.66
C ILE C 3 3.38 -25.07 36.37
N GLU C 4 4.28 -25.55 35.51
CA GLU C 4 3.92 -26.34 34.33
C GLU C 4 3.13 -27.59 34.79
N GLU C 5 3.74 -28.37 35.68
CA GLU C 5 3.17 -29.59 36.28
C GLU C 5 1.87 -29.31 37.04
N GLN C 6 1.78 -28.13 37.68
CA GLN C 6 0.59 -27.64 38.38
C GLN C 6 -0.51 -27.22 37.41
N ALA C 7 -0.08 -26.75 36.25
CA ALA C 7 -1.01 -26.36 35.24
C ALA C 7 -1.37 -27.59 34.47
N LYS C 8 -0.48 -28.58 34.44
CA LYS C 8 -0.80 -29.81 33.74
C LYS C 8 -2.05 -30.44 34.33
N THR C 9 -2.08 -30.63 35.65
CA THR C 9 -3.26 -31.19 36.27
C THR C 9 -4.41 -30.20 36.43
N PHE C 10 -4.14 -28.90 36.36
CA PHE C 10 -5.25 -27.93 36.28
C PHE C 10 -6.02 -28.12 34.97
N LEU C 11 -5.28 -28.26 33.87
CA LEU C 11 -5.84 -28.44 32.57
C LEU C 11 -6.51 -29.79 32.46
N ASP C 12 -5.99 -30.80 33.16
CA ASP C 12 -6.59 -32.12 33.09
C ASP C 12 -8.02 -32.04 33.57
N LYS C 13 -8.19 -31.48 34.78
CA LYS C 13 -9.49 -31.34 35.40
C LYS C 13 -10.37 -30.34 34.63
N PHE C 14 -9.76 -29.36 33.96
CA PHE C 14 -10.54 -28.46 33.08
C PHE C 14 -11.14 -29.18 31.88
N ASN C 15 -10.29 -29.88 31.15
CA ASN C 15 -10.74 -30.66 30.02
C ASN C 15 -11.92 -31.59 30.36
N HIS C 16 -11.81 -32.25 31.51
CA HIS C 16 -12.88 -33.10 31.95
C HIS C 16 -14.16 -32.32 32.02
N GLU C 17 -14.18 -31.26 32.82
CA GLU C 17 -15.40 -30.48 33.09
C GLU C 17 -15.88 -29.81 31.84
N ALA C 18 -14.94 -29.35 31.02
CA ALA C 18 -15.32 -28.69 29.81
C ALA C 18 -15.94 -29.67 28.81
N GLU C 19 -15.41 -30.88 28.68
CA GLU C 19 -16.02 -31.78 27.74
C GLU C 19 -17.45 -32.12 28.14
N ASP C 20 -17.74 -32.11 29.45
CA ASP C 20 -19.07 -32.44 29.98
C ASP C 20 -20.05 -31.34 29.65
N LEU C 21 -19.65 -30.11 29.86
CA LEU C 21 -20.53 -28.99 29.68
C LEU C 21 -20.68 -28.66 28.20
N PHE C 22 -19.63 -28.85 27.43
CA PHE C 22 -19.72 -28.54 26.03
C PHE C 22 -20.54 -29.60 25.30
N TYR C 23 -20.60 -30.83 25.85
CA TYR C 23 -21.54 -31.81 25.32
C TYR C 23 -22.96 -31.35 25.64
N GLN C 24 -23.15 -30.68 26.78
CA GLN C 24 -24.46 -30.17 27.16
C GLN C 24 -24.95 -29.00 26.31
N SER C 25 -24.09 -28.05 25.99
CA SER C 25 -24.48 -26.96 25.13
C SER C 25 -24.76 -27.50 23.71
N SER C 26 -23.90 -28.39 23.22
CA SER C 26 -24.06 -28.95 21.87
C SER C 26 -25.28 -29.87 21.72
N LEU C 27 -25.55 -30.70 22.71
CA LEU C 27 -26.70 -31.56 22.66
C LEU C 27 -27.98 -30.73 22.68
N ALA C 28 -27.95 -29.59 23.37
CA ALA C 28 -29.15 -28.77 23.45
C ALA C 28 -29.37 -27.99 22.17
N SER C 29 -28.30 -27.63 21.47
CA SER C 29 -28.48 -26.99 20.19
C SER C 29 -28.98 -27.96 19.13
N TRP C 30 -28.41 -29.16 19.10
CA TRP C 30 -28.87 -30.18 18.17
C TRP C 30 -30.35 -30.32 18.36
N ASN C 31 -30.77 -30.46 19.62
CA ASN C 31 -32.15 -30.67 19.99
C ASN C 31 -33.05 -29.51 19.58
N TYR C 32 -32.47 -28.32 19.41
CA TYR C 32 -33.22 -27.18 18.94
C TYR C 32 -33.78 -27.44 17.52
N ASN C 33 -32.88 -27.84 16.63
CA ASN C 33 -33.25 -28.26 15.28
C ASN C 33 -33.89 -29.68 15.28
N THR C 34 -33.19 -30.70 15.79
CA THR C 34 -33.62 -32.14 15.77
C THR C 34 -35.02 -32.61 16.22
N ASN C 35 -35.48 -32.24 17.43
CA ASN C 35 -36.82 -32.69 17.95
C ASN C 35 -37.72 -31.54 18.60
N THR C 37 -40.36 -32.03 18.84
CA THR C 37 -41.56 -32.54 19.50
C THR C 37 -42.35 -31.40 20.15
N GLU C 38 -41.72 -30.86 21.21
CA GLU C 38 -42.34 -29.93 22.15
C GLU C 38 -41.19 -29.25 22.96
N GLU C 39 -40.76 -29.95 24.02
CA GLU C 39 -39.92 -29.41 25.11
C GLU C 39 -38.39 -29.26 24.82
N ASN C 40 -38.06 -28.70 23.64
CA ASN C 40 -36.67 -28.56 23.12
C ASN C 40 -36.30 -27.15 22.57
N VAL C 41 -37.31 -26.28 22.49
CA VAL C 41 -37.25 -25.00 21.72
C VAL C 41 -36.24 -23.96 22.38
N GLN C 42 -36.07 -24.07 23.70
CA GLN C 42 -35.59 -22.95 24.53
C GLN C 42 -34.60 -23.33 25.64
N ASN C 43 -34.29 -24.61 25.73
CA ASN C 43 -33.24 -25.06 26.64
C ASN C 43 -31.86 -24.75 26.08
N MET C 44 -31.76 -24.70 24.75
CA MET C 44 -30.49 -24.43 24.10
C MET C 44 -29.90 -23.14 24.67
N ASN C 45 -30.70 -22.09 24.68
CA ASN C 45 -30.25 -20.79 25.10
C ASN C 45 -29.75 -20.74 26.56
N ASN C 46 -30.36 -21.51 27.46
CA ASN C 46 -29.88 -21.60 28.87
C ASN C 46 -28.51 -22.26 29.03
N ALA C 47 -28.45 -23.51 28.60
CA ALA C 47 -27.26 -24.35 28.73
C ALA C 47 -26.05 -23.80 27.95
N GLY C 48 -26.32 -22.85 27.06
CA GLY C 48 -25.30 -22.09 26.36
C GLY C 48 -24.75 -20.99 27.25
N ASP C 49 -25.62 -20.34 28.01
CA ASP C 49 -25.15 -19.32 28.95
C ASP C 49 -24.39 -19.92 30.12
N LYS C 50 -24.75 -21.15 30.49
CA LYS C 50 -24.02 -21.90 31.52
C LYS C 50 -22.64 -22.25 31.01
N TRP C 51 -22.57 -22.63 29.74
CA TRP C 51 -21.27 -22.86 29.15
C TRP C 51 -20.46 -21.56 29.22
N SER C 52 -21.13 -20.47 28.89
CA SER C 52 -20.54 -19.13 28.92
C SER C 52 -20.06 -18.78 30.33
N ALA C 53 -20.88 -19.05 31.34
CA ALA C 53 -20.47 -18.81 32.74
C ALA C 53 -19.20 -19.57 33.08
N PHE C 54 -19.14 -20.83 32.63
CA PHE C 54 -18.07 -21.75 33.00
C PHE C 54 -16.79 -21.24 32.39
N LEU C 55 -16.86 -20.91 31.11
CA LEU C 55 -15.66 -20.55 30.39
C LEU C 55 -15.08 -19.28 30.98
N LYS C 56 -15.97 -18.42 31.49
CA LYS C 56 -15.58 -17.16 32.08
C LYS C 56 -14.79 -17.38 33.35
N GLU C 57 -15.29 -18.25 34.22
CA GLU C 57 -14.59 -18.60 35.45
C GLU C 57 -13.19 -19.10 35.21
N GLN C 58 -13.04 -19.97 34.22
CA GLN C 58 -11.78 -20.68 34.00
C GLN C 58 -10.70 -19.75 33.45
N SER C 59 -11.11 -18.78 32.63
CA SER C 59 -10.19 -17.71 32.26
C SER C 59 -9.70 -16.93 33.53
N THR C 60 -10.64 -16.45 34.37
CA THR C 60 -10.28 -15.74 35.64
C THR C 60 -9.39 -16.57 36.54
N LEU C 61 -9.24 -17.84 36.21
CA LEU C 61 -8.44 -18.74 37.01
C LEU C 61 -7.23 -19.32 36.25
N ALA C 62 -7.15 -19.16 34.93
CA ALA C 62 -5.91 -19.49 34.27
C ALA C 62 -4.93 -18.30 34.28
N GLN C 63 -5.43 -17.09 34.57
CA GLN C 63 -4.59 -15.90 34.77
C GLN C 63 -3.55 -16.15 35.84
N MET C 64 -3.79 -17.18 36.64
CA MET C 64 -2.90 -17.49 37.74
C MET C 64 -1.77 -18.41 37.31
N TYR C 65 -1.73 -18.76 36.03
CA TYR C 65 -0.65 -19.62 35.52
C TYR C 65 0.32 -18.92 34.55
N PRO C 66 1.34 -18.21 35.09
CA PRO C 66 2.25 -17.42 34.25
C PRO C 66 2.85 -18.23 33.12
N LEU C 67 2.50 -17.84 31.90
CA LEU C 67 2.92 -18.53 30.68
C LEU C 67 4.44 -18.68 30.57
N GLN C 68 5.18 -17.61 30.96
CA GLN C 68 6.64 -17.58 30.86
C GLN C 68 7.34 -18.84 31.41
N GLU C 69 6.79 -19.39 32.48
CA GLU C 69 7.34 -20.58 33.10
C GLU C 69 6.77 -21.90 32.53
N ILE C 70 6.12 -21.83 31.37
CA ILE C 70 5.55 -23.03 30.72
C ILE C 70 6.44 -23.65 29.63
N GLN C 71 7.09 -24.76 29.97
CA GLN C 71 8.00 -25.41 29.03
C GLN C 71 7.24 -26.18 27.95
N ASN C 72 6.31 -27.05 28.37
CA ASN C 72 5.49 -27.89 27.45
C ASN C 72 4.63 -27.07 26.47
N LEU C 73 5.05 -27.12 25.21
CA LEU C 73 4.50 -26.30 24.13
C LEU C 73 3.00 -26.50 24.03
N THR C 74 2.54 -27.70 24.39
CA THR C 74 1.12 -28.05 24.29
C THR C 74 0.32 -27.33 25.37
N VAL C 75 0.78 -27.43 26.61
CA VAL C 75 0.06 -26.81 27.73
C VAL C 75 0.09 -25.29 27.60
N LYS C 76 1.24 -24.75 27.17
CA LYS C 76 1.37 -23.31 26.88
C LYS C 76 0.16 -22.86 26.06
N LEU C 77 -0.08 -23.56 24.94
CA LEU C 77 -1.09 -23.16 23.98
C LEU C 77 -2.49 -23.12 24.56
N GLN C 78 -2.79 -24.15 25.34
CA GLN C 78 -4.10 -24.30 25.93
C GLN C 78 -4.25 -23.15 26.89
N LEU C 79 -3.26 -23.03 27.77
CA LEU C 79 -3.22 -21.98 28.77
C LEU C 79 -3.42 -20.59 28.12
N GLN C 80 -2.58 -20.29 27.14
CA GLN C 80 -2.73 -19.10 26.32
C GLN C 80 -4.17 -18.96 25.85
N ALA C 81 -4.69 -19.99 25.17
CA ALA C 81 -6.04 -19.94 24.62
C ALA C 81 -7.09 -19.65 25.67
N LEU C 82 -7.06 -20.39 26.78
CA LEU C 82 -8.05 -20.25 27.84
C LEU C 82 -8.01 -18.86 28.51
N GLN C 83 -6.80 -18.43 28.86
CA GLN C 83 -6.61 -17.16 29.56
C GLN C 83 -6.72 -15.95 28.65
N GLN C 84 -7.87 -15.74 28.03
CA GLN C 84 -8.09 -14.50 27.30
C GLN C 84 -9.27 -13.79 27.93
N ASN C 85 -8.99 -12.68 28.64
CA ASN C 85 -10.00 -11.75 29.18
C ASN C 85 -11.25 -11.61 28.22
N GLY C 86 -11.02 -11.56 26.90
CA GLY C 86 -12.07 -11.68 25.86
C GLY C 86 -13.06 -10.53 25.82
N SER C 87 -14.35 -10.84 25.90
CA SER C 87 -15.40 -9.78 26.04
C SER C 87 -15.65 -9.27 27.48
N SER C 88 -15.45 -10.13 28.48
CA SER C 88 -15.67 -9.78 29.87
C SER C 88 -14.97 -8.48 30.23
N VAL C 89 -13.87 -8.19 29.51
CA VAL C 89 -13.07 -6.99 29.75
C VAL C 89 -13.81 -5.75 29.22
N LEU C 90 -14.93 -5.44 29.86
CA LEU C 90 -15.83 -4.40 29.42
C LEU C 90 -16.72 -3.98 30.56
N SER C 91 -16.91 -2.66 30.70
CA SER C 91 -17.90 -2.09 31.61
C SER C 91 -19.16 -2.96 31.53
N GLU C 92 -19.56 -3.53 32.67
CA GLU C 92 -20.73 -4.43 32.78
C GLU C 92 -21.84 -4.09 31.76
N ASP C 93 -22.33 -2.85 31.81
CA ASP C 93 -23.35 -2.34 30.89
C ASP C 93 -22.95 -2.41 29.43
N LYS C 94 -21.69 -2.06 29.14
CA LYS C 94 -21.14 -2.12 27.79
C LYS C 94 -21.07 -3.58 27.30
N SER C 95 -20.84 -4.50 28.24
CA SER C 95 -20.77 -5.92 27.89
C SER C 95 -22.16 -6.42 27.53
N LYS C 96 -23.17 -5.97 28.27
CA LYS C 96 -24.57 -6.28 27.98
C LYS C 96 -25.01 -5.62 26.67
N ARG C 97 -24.67 -4.34 26.53
CA ARG C 97 -25.14 -3.53 25.41
C ARG C 97 -24.63 -4.09 24.09
N LEU C 98 -23.39 -4.58 24.09
CA LEU C 98 -22.84 -5.29 22.92
C LEU C 98 -23.59 -6.59 22.64
N ASN C 99 -23.91 -7.33 23.70
CA ASN C 99 -24.76 -8.49 23.58
C ASN C 99 -26.08 -8.08 22.99
N THR C 100 -26.83 -7.23 23.70
CA THR C 100 -28.07 -6.67 23.19
C THR C 100 -27.99 -6.35 21.68
N ILE C 101 -26.91 -5.69 21.25
CA ILE C 101 -26.71 -5.37 19.83
C ILE C 101 -26.59 -6.63 18.97
N LEU C 102 -25.67 -7.53 19.33
CA LEU C 102 -25.43 -8.74 18.52
C LEU C 102 -26.68 -9.57 18.28
N ASN C 103 -27.49 -9.75 19.32
CA ASN C 103 -28.79 -10.41 19.18
C ASN C 103 -29.74 -9.68 18.23
N THR C 104 -29.87 -8.37 18.44
CA THR C 104 -30.74 -7.57 17.59
C THR C 104 -30.31 -7.70 16.11
N MET C 105 -29.01 -7.64 15.83
CA MET C 105 -28.56 -7.66 14.45
C MET C 105 -28.80 -9.04 13.88
N SER C 106 -28.49 -10.06 14.68
CA SER C 106 -28.66 -11.44 14.26
C SER C 106 -30.11 -11.72 13.93
N THR C 107 -31.02 -11.21 14.77
CA THR C 107 -32.47 -11.43 14.58
C THR C 107 -33.09 -10.66 13.38
N ILE C 108 -32.80 -9.37 13.25
CA ILE C 108 -33.26 -8.56 12.12
C ILE C 108 -32.94 -9.21 10.78
N TYR C 109 -31.73 -9.75 10.64
CA TYR C 109 -31.30 -10.48 9.45
C TYR C 109 -32.02 -11.82 9.33
N SER C 110 -32.05 -12.55 10.45
CA SER C 110 -32.74 -13.82 10.58
C SER C 110 -34.23 -13.64 10.30
N THR C 111 -34.82 -12.57 10.83
CA THR C 111 -36.23 -12.34 10.64
C THR C 111 -36.55 -10.98 9.97
N GLY C 112 -35.99 -10.78 8.77
CA GLY C 112 -36.29 -9.58 7.99
C GLY C 112 -36.99 -9.98 6.71
N LYS C 113 -38.01 -9.25 6.37
CA LYS C 113 -38.81 -9.62 5.22
C LYS C 113 -39.25 -8.38 4.46
N VAL C 114 -39.24 -8.48 3.14
CA VAL C 114 -39.67 -7.38 2.27
C VAL C 114 -41.08 -7.65 1.79
N CYS C 115 -41.93 -6.65 1.81
CA CYS C 115 -43.35 -6.83 1.48
C CYS C 115 -43.79 -5.99 0.27
N ASN C 116 -45.06 -6.11 -0.13
CA ASN C 116 -45.57 -5.46 -1.35
C ASN C 116 -46.49 -4.22 -1.17
N ASP C 118 -48.75 -2.52 -1.94
CA ASP C 118 -50.11 -2.55 -1.39
C ASP C 118 -50.52 -3.96 -0.93
N ASN C 119 -49.52 -4.84 -0.85
CA ASN C 119 -49.68 -6.14 -0.24
C ASN C 119 -48.78 -6.18 1.00
N PRO C 120 -49.19 -5.53 2.10
CA PRO C 120 -48.33 -5.48 3.28
C PRO C 120 -48.35 -6.79 4.07
N GLN C 121 -49.38 -7.60 3.86
CA GLN C 121 -49.44 -8.96 4.41
C GLN C 121 -48.43 -9.85 3.66
N GLU C 122 -48.47 -9.85 2.32
CA GLU C 122 -47.52 -10.69 1.52
C GLU C 122 -46.08 -10.22 1.63
N CYS C 123 -45.24 -11.11 2.12
CA CYS C 123 -43.84 -10.83 2.18
C CYS C 123 -43.11 -12.08 1.78
N LEU C 124 -41.93 -11.90 1.22
CA LEU C 124 -41.02 -13.00 1.02
C LEU C 124 -39.93 -12.75 2.05
N LEU C 125 -39.20 -13.80 2.43
CA LEU C 125 -38.03 -13.65 3.31
C LEU C 125 -36.76 -13.82 2.52
N LEU C 126 -35.62 -13.82 3.21
CA LEU C 126 -34.41 -14.18 2.51
C LEU C 126 -34.50 -15.66 2.14
N GLU C 127 -34.89 -16.52 3.07
CA GLU C 127 -35.10 -17.91 2.65
C GLU C 127 -36.49 -18.19 2.07
N PRO C 128 -36.62 -19.28 1.27
CA PRO C 128 -36.87 -19.20 -0.19
C PRO C 128 -37.01 -17.78 -0.73
N GLY C 129 -38.19 -17.19 -0.58
CA GLY C 129 -38.48 -15.83 -1.03
C GLY C 129 -37.51 -15.32 -2.08
N LEU C 130 -36.61 -14.46 -1.63
CA LEU C 130 -35.70 -13.71 -2.50
C LEU C 130 -34.56 -14.53 -3.13
N ASN C 131 -33.82 -15.30 -2.34
CA ASN C 131 -32.73 -16.10 -2.88
C ASN C 131 -33.14 -16.95 -4.09
N GLU C 132 -34.36 -17.46 -4.04
CA GLU C 132 -34.95 -18.23 -5.14
C GLU C 132 -35.19 -17.35 -6.39
N ILE C 133 -35.42 -16.05 -6.17
CA ILE C 133 -35.58 -15.05 -7.25
C ILE C 133 -34.21 -14.68 -7.84
N MET C 134 -33.27 -14.31 -6.96
CA MET C 134 -31.93 -13.93 -7.39
C MET C 134 -31.21 -15.09 -8.06
N ALA C 135 -31.74 -16.29 -7.84
CA ALA C 135 -31.23 -17.50 -8.48
C ALA C 135 -31.77 -17.80 -9.90
N ASN C 136 -33.05 -17.47 -10.13
CA ASN C 136 -33.73 -17.85 -11.38
C ASN C 136 -34.13 -16.67 -12.27
N SER C 137 -34.76 -15.68 -11.64
CA SER C 137 -35.39 -14.55 -12.33
C SER C 137 -34.44 -13.85 -13.28
N LEU C 138 -35.03 -13.45 -14.42
CA LEU C 138 -34.30 -12.80 -15.50
C LEU C 138 -34.93 -11.45 -15.83
N ASP C 139 -35.68 -10.88 -14.88
CA ASP C 139 -36.27 -9.57 -15.08
C ASP C 139 -35.47 -8.55 -14.29
N TYR C 140 -34.61 -7.81 -14.99
CA TYR C 140 -33.79 -6.77 -14.39
C TYR C 140 -34.53 -6.02 -13.29
N ASN C 141 -35.70 -5.47 -13.60
CA ASN C 141 -36.49 -4.66 -12.64
C ASN C 141 -36.96 -5.43 -11.42
N GLU C 142 -37.27 -6.71 -11.62
CA GLU C 142 -37.70 -7.59 -10.55
C GLU C 142 -36.51 -7.88 -9.63
N ARG C 143 -35.37 -8.25 -10.23
CA ARG C 143 -34.16 -8.54 -9.47
C ARG C 143 -33.64 -7.32 -8.76
N LEU C 144 -33.70 -6.17 -9.43
CA LEU C 144 -33.38 -4.92 -8.79
C LEU C 144 -34.31 -4.69 -7.59
N TRP C 145 -35.62 -4.85 -7.77
CA TRP C 145 -36.57 -4.74 -6.65
C TRP C 145 -36.22 -5.67 -5.45
N ALA C 146 -35.88 -6.93 -5.75
CA ALA C 146 -35.45 -7.85 -4.70
C ALA C 146 -34.18 -7.33 -4.01
N TRP C 147 -33.15 -7.06 -4.81
CA TRP C 147 -31.89 -6.50 -4.34
C TRP C 147 -32.08 -5.27 -3.45
N GLU C 148 -32.77 -4.27 -3.98
CA GLU C 148 -32.92 -3.00 -3.30
C GLU C 148 -33.82 -3.10 -2.07
N SER C 149 -34.92 -3.85 -2.16
CA SER C 149 -35.87 -3.96 -1.05
C SER C 149 -35.23 -4.57 0.18
N TRP C 150 -34.35 -5.54 -0.05
CA TRP C 150 -33.64 -6.23 1.03
C TRP C 150 -32.63 -5.29 1.65
N ARG C 151 -31.87 -4.61 0.80
CA ARG C 151 -30.79 -3.77 1.27
C ARG C 151 -31.30 -2.51 1.91
N SER C 152 -32.60 -2.27 1.73
CA SER C 152 -33.32 -1.15 2.35
C SER C 152 -34.06 -1.49 3.63
N GLU C 153 -34.87 -2.55 3.63
CA GLU C 153 -35.66 -2.94 4.82
C GLU C 153 -34.85 -3.57 5.96
N VAL C 154 -33.92 -4.44 5.62
CA VAL C 154 -33.14 -5.07 6.64
C VAL C 154 -31.75 -4.44 6.69
N GLY C 155 -31.54 -3.42 5.87
CA GLY C 155 -30.23 -2.78 5.77
C GLY C 155 -30.15 -1.54 6.64
N LYS C 156 -31.10 -0.64 6.43
CA LYS C 156 -31.12 0.63 7.12
C LYS C 156 -31.43 0.40 8.60
N GLN C 157 -32.03 -0.75 8.90
CA GLN C 157 -32.26 -1.14 10.29
C GLN C 157 -30.93 -1.37 10.98
N LEU C 158 -30.03 -2.04 10.27
CA LEU C 158 -28.77 -2.50 10.80
C LEU C 158 -27.77 -1.37 11.01
N ARG C 159 -27.94 -0.25 10.29
CA ARG C 159 -26.95 0.84 10.31
C ARG C 159 -26.63 1.40 11.71
N PRO C 160 -27.63 1.97 12.41
CA PRO C 160 -27.22 2.59 13.68
C PRO C 160 -26.62 1.60 14.64
N LEU C 161 -27.11 0.35 14.59
CA LEU C 161 -26.61 -0.73 15.45
C LEU C 161 -25.20 -1.07 15.09
N TYR C 162 -24.93 -1.10 13.80
CA TYR C 162 -23.62 -1.49 13.34
C TYR C 162 -22.56 -0.45 13.71
N GLU C 163 -22.97 0.82 13.81
CA GLU C 163 -22.04 1.89 14.14
C GLU C 163 -21.62 1.74 15.58
N GLU C 164 -22.61 1.45 16.42
CA GLU C 164 -22.37 1.24 17.83
C GLU C 164 -21.55 -0.02 18.03
N TYR C 165 -21.84 -1.03 17.21
CA TYR C 165 -21.18 -2.33 17.26
C TYR C 165 -19.69 -2.22 17.02
N VAL C 166 -19.25 -1.40 16.08
CA VAL C 166 -17.80 -1.16 15.91
C VAL C 166 -17.17 -0.43 17.10
N VAL C 167 -17.93 0.44 17.79
CA VAL C 167 -17.40 1.15 18.95
C VAL C 167 -16.98 0.12 19.98
N LEU C 168 -17.94 -0.53 20.61
CA LEU C 168 -17.63 -1.42 21.73
C LEU C 168 -16.71 -2.54 21.28
N LYS C 169 -16.98 -3.04 20.09
CA LYS C 169 -16.20 -4.12 19.49
C LYS C 169 -14.74 -3.74 19.36
N ASN C 170 -14.47 -2.46 19.06
CA ASN C 170 -13.11 -1.94 19.10
C ASN C 170 -12.61 -1.81 20.52
N GLU C 171 -13.42 -1.17 21.36
CA GLU C 171 -13.04 -0.93 22.76
C GLU C 171 -12.62 -2.22 23.45
N MET C 172 -13.26 -3.32 23.05
CA MET C 172 -12.88 -4.66 23.49
C MET C 172 -11.51 -5.09 22.97
N ALA C 173 -11.21 -4.80 21.70
CA ALA C 173 -9.90 -5.12 21.15
C ALA C 173 -8.80 -4.22 21.68
N ARG C 174 -9.10 -2.91 21.74
CA ARG C 174 -8.18 -1.86 22.21
C ARG C 174 -7.77 -2.13 23.65
N ALA C 175 -8.71 -2.66 24.43
CA ALA C 175 -8.45 -3.12 25.78
C ALA C 175 -7.65 -4.41 25.83
N ASN C 176 -7.85 -5.30 24.85
CA ASN C 176 -7.10 -6.55 24.79
C ASN C 176 -5.73 -6.42 24.12
N HIS C 177 -5.30 -5.16 23.99
CA HIS C 177 -4.02 -4.74 23.39
C HIS C 177 -3.86 -5.26 21.95
N TYR C 178 -4.97 -5.17 21.23
CA TYR C 178 -5.00 -5.29 19.78
C TYR C 178 -5.22 -3.88 19.23
N GLU C 179 -4.80 -3.66 17.99
CA GLU C 179 -4.90 -2.33 17.38
C GLU C 179 -6.37 -1.90 17.23
N ASP C 180 -7.16 -2.79 16.65
CA ASP C 180 -8.57 -2.57 16.45
C ASP C 180 -9.25 -3.91 16.34
N TYR C 181 -10.57 -3.90 16.31
CA TYR C 181 -11.28 -5.16 16.23
C TYR C 181 -10.87 -5.96 14.99
N GLY C 182 -10.48 -5.23 13.94
CA GLY C 182 -9.92 -5.83 12.75
C GLY C 182 -8.62 -6.53 13.07
N ASP C 183 -7.70 -5.84 13.75
CA ASP C 183 -6.44 -6.45 14.18
C ASP C 183 -6.71 -7.68 15.00
N TYR C 184 -7.83 -7.64 15.71
CA TYR C 184 -8.27 -8.74 16.56
C TYR C 184 -8.54 -10.03 15.75
N TRP C 185 -9.28 -9.89 14.66
CA TRP C 185 -9.69 -11.06 13.93
C TRP C 185 -8.52 -11.69 13.22
N ARG C 186 -7.58 -10.84 12.82
CA ARG C 186 -6.37 -11.31 12.12
C ARG C 186 -5.56 -12.16 13.10
N GLY C 187 -5.69 -11.85 14.38
CA GLY C 187 -5.03 -12.62 15.42
C GLY C 187 -5.11 -14.11 15.20
N ASP C 188 -6.22 -14.58 14.66
CA ASP C 188 -6.42 -16.01 14.42
C ASP C 188 -5.26 -16.66 13.64
N TYR C 189 -4.65 -15.91 12.73
CA TYR C 189 -3.58 -16.44 11.89
C TYR C 189 -2.21 -16.20 12.51
N GLU C 190 -2.20 -15.68 13.73
CA GLU C 190 -0.95 -15.34 14.39
C GLU C 190 -0.28 -16.59 14.93
N VAL C 191 1.03 -16.49 15.13
CA VAL C 191 1.80 -17.45 15.93
C VAL C 191 3.08 -16.77 16.44
N ASN C 192 3.35 -16.88 17.74
CA ASN C 192 4.57 -16.34 18.34
C ASN C 192 5.45 -17.44 18.91
N GLY C 193 6.74 -17.11 19.07
CA GLY C 193 7.71 -17.95 19.79
C GLY C 193 7.87 -19.42 19.37
N VAL C 194 7.60 -19.70 18.09
CA VAL C 194 7.93 -21.00 17.49
C VAL C 194 8.98 -20.79 16.40
N ASP C 195 10.15 -21.42 16.58
CA ASP C 195 11.31 -21.33 15.67
C ASP C 195 10.98 -21.21 14.17
N GLY C 196 11.26 -20.05 13.59
CA GLY C 196 11.08 -19.83 12.15
C GLY C 196 9.78 -20.35 11.58
N TYR C 197 8.73 -20.21 12.37
CA TYR C 197 7.37 -20.66 12.00
C TYR C 197 6.34 -19.60 12.31
N ASP C 198 6.84 -18.41 12.62
CA ASP C 198 6.01 -17.35 13.13
C ASP C 198 5.26 -16.70 12.00
N TYR C 199 4.21 -15.97 12.38
CA TYR C 199 3.36 -15.21 11.49
C TYR C 199 2.87 -13.97 12.22
N SER C 200 3.11 -12.81 11.62
CA SER C 200 2.73 -11.53 12.19
C SER C 200 1.25 -11.26 11.94
N ARG C 201 0.59 -10.60 12.91
CA ARG C 201 -0.85 -10.26 12.80
C ARG C 201 -1.19 -9.46 11.56
N GLY C 202 -0.22 -8.68 11.07
CA GLY C 202 -0.42 -7.82 9.91
C GLY C 202 0.26 -8.32 8.66
N GLN C 203 1.03 -9.39 8.81
CA GLN C 203 1.64 -10.09 7.67
C GLN C 203 0.56 -10.85 6.88
N LEU C 204 -0.62 -11.01 7.48
CA LEU C 204 -1.78 -11.54 6.79
C LEU C 204 -2.25 -10.57 5.71
N ILE C 205 -2.54 -9.33 6.08
CA ILE C 205 -2.91 -8.29 5.11
C ILE C 205 -1.98 -8.32 3.91
N GLU C 206 -0.68 -8.19 4.14
CA GLU C 206 0.26 -8.22 3.04
C GLU C 206 0.15 -9.53 2.25
N ASP C 207 0.24 -10.68 2.90
CA ASP C 207 0.11 -11.93 2.14
C ASP C 207 -1.26 -12.17 1.52
N VAL C 208 -2.25 -11.32 1.83
CA VAL C 208 -3.52 -11.34 1.11
C VAL C 208 -3.40 -10.39 -0.06
N GLU C 209 -3.02 -9.15 0.22
CA GLU C 209 -2.84 -8.13 -0.80
C GLU C 209 -1.85 -8.58 -1.87
N HIS C 210 -0.74 -9.15 -1.45
CA HIS C 210 0.31 -9.61 -2.37
C HIS C 210 -0.01 -10.96 -3.00
N THR C 211 -0.99 -11.65 -2.44
CA THR C 211 -1.50 -12.84 -3.07
C THR C 211 -2.66 -12.48 -3.99
N PHE C 212 -3.16 -11.26 -3.82
CA PHE C 212 -4.26 -10.76 -4.65
C PHE C 212 -3.81 -10.18 -5.98
N GLU C 213 -2.76 -9.35 -5.98
CA GLU C 213 -2.20 -8.79 -7.24
C GLU C 213 -1.94 -9.92 -8.24
N GLU C 214 -1.51 -11.06 -7.71
CA GLU C 214 -1.25 -12.27 -8.49
C GLU C 214 -2.53 -12.89 -9.04
N ILE C 215 -3.61 -12.83 -8.27
CA ILE C 215 -4.86 -13.42 -8.70
C ILE C 215 -5.71 -12.44 -9.53
N LYS C 216 -5.26 -11.20 -9.66
CA LYS C 216 -6.03 -10.16 -10.36
C LYS C 216 -6.24 -10.35 -11.88
N PRO C 217 -5.18 -10.70 -12.64
CA PRO C 217 -5.31 -10.98 -14.08
C PRO C 217 -6.37 -12.03 -14.44
N LEU C 218 -6.34 -13.18 -13.77
CA LEU C 218 -7.32 -14.24 -14.02
C LEU C 218 -8.73 -13.75 -13.79
N TYR C 219 -8.91 -12.94 -12.76
CA TYR C 219 -10.24 -12.46 -12.41
C TYR C 219 -10.84 -11.56 -13.47
N GLU C 220 -10.02 -10.65 -13.99
CA GLU C 220 -10.51 -9.67 -14.95
C GLU C 220 -11.00 -10.31 -16.23
N HIS C 221 -10.26 -11.31 -16.72
CA HIS C 221 -10.67 -12.03 -17.92
C HIS C 221 -11.93 -12.84 -17.72
N LEU C 222 -12.14 -13.32 -16.50
CA LEU C 222 -13.37 -14.01 -16.17
C LEU C 222 -14.49 -12.98 -16.16
N HIS C 223 -14.19 -11.82 -15.57
CA HIS C 223 -15.14 -10.75 -15.40
C HIS C 223 -15.57 -10.15 -16.71
N ALA C 224 -14.59 -9.83 -17.55
CA ALA C 224 -14.83 -9.27 -18.88
C ALA C 224 -15.50 -10.27 -19.84
N TYR C 225 -15.32 -11.55 -19.55
CA TYR C 225 -16.01 -12.60 -20.25
C TYR C 225 -17.49 -12.63 -19.88
N VAL C 226 -17.79 -12.64 -18.58
CA VAL C 226 -19.18 -12.71 -18.15
C VAL C 226 -19.98 -11.52 -18.64
N ARG C 227 -19.45 -10.30 -18.48
CA ARG C 227 -20.17 -9.09 -18.88
C ARG C 227 -20.68 -9.16 -20.32
N ALA C 228 -19.85 -9.76 -21.18
CA ALA C 228 -20.19 -9.97 -22.57
C ALA C 228 -21.35 -10.94 -22.77
N LYS C 229 -21.38 -12.02 -21.99
CA LYS C 229 -22.48 -13.00 -22.05
C LYS C 229 -23.72 -12.51 -21.32
N LEU C 230 -23.52 -11.62 -20.35
CA LEU C 230 -24.59 -11.00 -19.59
C LEU C 230 -25.37 -10.02 -20.44
N MET C 231 -24.64 -9.14 -21.14
CA MET C 231 -25.24 -8.21 -22.10
C MET C 231 -26.24 -8.93 -23.01
N ASN C 232 -25.86 -10.13 -23.44
CA ASN C 232 -26.70 -10.98 -24.27
C ASN C 232 -27.96 -11.49 -23.59
N ALA C 233 -27.93 -11.61 -22.27
CA ALA C 233 -29.12 -11.98 -21.50
C ALA C 233 -29.92 -10.77 -21.06
N TYR C 234 -29.23 -9.70 -20.66
CA TYR C 234 -29.87 -8.43 -20.35
C TYR C 234 -29.41 -7.36 -21.33
N PRO C 235 -30.00 -7.31 -22.52
CA PRO C 235 -29.57 -6.29 -23.47
C PRO C 235 -30.02 -4.93 -22.98
N SER C 236 -29.35 -3.87 -23.41
CA SER C 236 -29.60 -2.48 -22.94
C SER C 236 -28.84 -2.12 -21.66
N TYR C 237 -28.75 -3.08 -20.74
CA TYR C 237 -28.47 -2.80 -19.34
C TYR C 237 -27.00 -2.79 -18.95
N ILE C 238 -26.20 -3.55 -19.69
CA ILE C 238 -24.80 -3.72 -19.33
C ILE C 238 -23.86 -3.04 -20.30
N SER C 239 -23.10 -2.09 -19.79
CA SER C 239 -22.09 -1.38 -20.54
C SER C 239 -20.75 -2.11 -20.46
N PRO C 240 -20.03 -2.20 -21.60
CA PRO C 240 -18.77 -2.93 -21.66
C PRO C 240 -17.51 -2.09 -21.40
N ILE C 241 -17.68 -0.88 -20.84
CA ILE C 241 -16.58 -0.17 -20.19
C ILE C 241 -16.61 -0.28 -18.65
N GLY C 242 -17.79 -0.59 -18.12
CA GLY C 242 -18.09 -0.40 -16.70
C GLY C 242 -18.51 -1.65 -15.99
N CYS C 243 -18.62 -1.52 -14.67
CA CYS C 243 -18.78 -2.65 -13.77
C CYS C 243 -20.12 -3.37 -13.96
N LEU C 244 -20.26 -4.54 -13.34
CA LEU C 244 -21.52 -5.27 -13.41
C LEU C 244 -22.53 -4.79 -12.34
N PRO C 245 -23.81 -4.74 -12.69
CA PRO C 245 -24.83 -4.30 -11.74
C PRO C 245 -25.19 -5.38 -10.72
N ALA C 246 -24.78 -5.19 -9.47
CA ALA C 246 -24.86 -6.20 -8.40
C ALA C 246 -25.99 -7.25 -8.48
N HIS C 247 -27.22 -6.79 -8.69
CA HIS C 247 -28.38 -7.68 -8.70
C HIS C 247 -28.50 -8.60 -9.93
N LEU C 248 -27.41 -8.70 -10.69
CA LEU C 248 -27.38 -9.57 -11.86
C LEU C 248 -26.36 -10.73 -11.65
N LEU C 249 -25.81 -10.81 -10.45
CA LEU C 249 -24.69 -11.71 -10.25
C LEU C 249 -25.12 -13.07 -9.69
N GLY C 250 -26.39 -13.41 -9.82
CA GLY C 250 -26.87 -14.71 -9.35
C GLY C 250 -27.22 -14.93 -7.87
N ASP C 251 -26.99 -13.95 -7.00
CA ASP C 251 -27.46 -14.05 -5.61
C ASP C 251 -27.53 -12.68 -4.95
N MET C 252 -28.12 -12.60 -3.78
CA MET C 252 -28.44 -11.29 -3.19
C MET C 252 -27.26 -10.30 -3.16
N TRP C 253 -26.04 -10.83 -3.11
CA TRP C 253 -24.89 -9.97 -2.85
C TRP C 253 -23.95 -10.08 -3.99
N GLY C 254 -24.01 -11.22 -4.66
CA GLY C 254 -23.06 -11.59 -5.70
C GLY C 254 -21.84 -12.14 -5.03
N ARG C 255 -22.04 -13.02 -4.04
CA ARG C 255 -20.94 -13.65 -3.33
C ARG C 255 -20.34 -14.75 -4.17
N PHE C 256 -21.20 -15.53 -4.83
CA PHE C 256 -20.76 -16.46 -5.87
C PHE C 256 -21.49 -16.16 -7.18
N TRP C 257 -20.89 -16.57 -8.29
CA TRP C 257 -21.57 -16.48 -9.56
C TRP C 257 -22.00 -17.84 -10.05
N THR C 258 -21.65 -18.88 -9.28
CA THR C 258 -22.01 -20.26 -9.56
C THR C 258 -23.36 -20.27 -10.22
N ASN C 259 -24.27 -19.62 -9.52
CA ASN C 259 -25.67 -19.68 -9.79
C ASN C 259 -26.08 -19.27 -11.22
N LEU C 260 -26.03 -17.98 -11.52
CA LEU C 260 -26.38 -17.58 -12.87
C LEU C 260 -25.19 -17.84 -13.80
N TYR C 261 -25.29 -19.03 -14.43
CA TYR C 261 -24.25 -19.75 -15.20
C TYR C 261 -24.82 -20.22 -16.53
N SER C 262 -26.05 -20.74 -16.48
CA SER C 262 -26.80 -21.13 -17.68
C SER C 262 -26.73 -20.07 -18.75
N LEU C 263 -26.43 -18.84 -18.33
CA LEU C 263 -26.28 -17.70 -19.21
C LEU C 263 -24.85 -17.55 -19.69
N THR C 264 -23.90 -17.82 -18.79
CA THR C 264 -22.50 -17.63 -19.09
C THR C 264 -21.81 -18.95 -19.48
N VAL C 265 -22.60 -20.02 -19.62
CA VAL C 265 -22.10 -21.31 -20.15
C VAL C 265 -21.39 -21.10 -21.48
N PRO C 266 -20.23 -21.74 -21.67
CA PRO C 266 -19.49 -21.63 -22.91
C PRO C 266 -19.98 -22.58 -24.03
N PHE C 267 -19.89 -23.89 -23.82
CA PHE C 267 -20.37 -24.84 -24.81
C PHE C 267 -21.62 -25.53 -24.30
N GLY C 268 -22.73 -24.81 -24.41
CA GLY C 268 -24.06 -25.30 -24.07
C GLY C 268 -24.53 -26.44 -24.96
N GLN C 269 -23.89 -26.63 -26.13
CA GLN C 269 -24.15 -27.78 -27.01
C GLN C 269 -23.94 -29.15 -26.34
N LYS C 270 -22.99 -29.21 -25.41
CA LYS C 270 -22.54 -30.47 -24.82
C LYS C 270 -23.57 -31.13 -23.90
N PRO C 271 -23.56 -32.48 -23.85
CA PRO C 271 -24.28 -33.23 -22.82
C PRO C 271 -23.94 -32.69 -21.45
N ASN C 272 -24.96 -32.37 -20.66
CA ASN C 272 -24.78 -31.72 -19.37
C ASN C 272 -24.22 -32.64 -18.29
N ILE C 273 -23.14 -32.18 -17.65
CA ILE C 273 -22.48 -32.91 -16.54
C ILE C 273 -23.17 -32.71 -15.16
N ASP C 274 -24.49 -32.60 -15.18
CA ASP C 274 -25.29 -32.64 -13.98
C ASP C 274 -25.88 -34.04 -13.90
N VAL C 275 -25.42 -34.83 -12.93
CA VAL C 275 -25.89 -36.22 -12.77
C VAL C 275 -27.15 -36.30 -11.92
N THR C 276 -27.52 -35.12 -11.40
CA THR C 276 -28.78 -34.85 -10.68
C THR C 276 -29.98 -35.77 -11.03
N ASP C 277 -30.18 -36.04 -12.31
CA ASP C 277 -31.31 -36.85 -12.70
C ASP C 277 -30.89 -38.29 -12.94
N ALA C 278 -29.59 -38.50 -13.16
CA ALA C 278 -29.05 -39.83 -13.31
C ALA C 278 -29.31 -40.60 -12.03
N MET C 279 -29.22 -39.87 -10.90
CA MET C 279 -29.46 -40.40 -9.55
C MET C 279 -30.88 -40.86 -9.31
N VAL C 280 -31.81 -39.98 -9.67
CA VAL C 280 -33.24 -40.23 -9.54
C VAL C 280 -33.62 -41.53 -10.26
N ASP C 281 -33.02 -41.72 -11.43
CA ASP C 281 -33.24 -42.90 -12.27
C ASP C 281 -32.72 -44.19 -11.63
N GLN C 282 -31.88 -44.07 -10.62
CA GLN C 282 -31.38 -45.23 -9.89
C GLN C 282 -31.95 -45.26 -8.46
N ALA C 283 -33.04 -44.53 -8.24
CA ALA C 283 -33.78 -44.54 -6.97
C ALA C 283 -32.93 -44.25 -5.73
N TRP C 284 -31.98 -43.33 -5.88
CA TRP C 284 -31.06 -43.03 -4.80
C TRP C 284 -31.72 -42.19 -3.69
N ASP C 285 -31.70 -42.69 -2.45
CA ASP C 285 -32.22 -41.95 -1.30
C ASP C 285 -31.09 -41.19 -0.61
N ALA C 286 -31.46 -40.23 0.25
CA ALA C 286 -30.51 -39.45 1.04
C ALA C 286 -29.47 -40.32 1.70
N GLN C 287 -29.85 -41.55 2.03
CA GLN C 287 -28.97 -42.47 2.71
C GLN C 287 -27.92 -43.03 1.76
N ARG C 288 -28.29 -43.22 0.51
CA ARG C 288 -27.36 -43.78 -0.46
C ARG C 288 -26.30 -42.78 -0.85
N ILE C 289 -26.56 -41.51 -0.57
CA ILE C 289 -25.54 -40.50 -0.82
C ILE C 289 -24.44 -40.60 0.23
N PHE C 290 -24.80 -40.31 1.48
CA PHE C 290 -23.84 -40.34 2.56
C PHE C 290 -23.08 -41.65 2.67
N LYS C 291 -23.74 -42.76 2.34
CA LYS C 291 -23.11 -44.05 2.47
C LYS C 291 -22.01 -44.13 1.43
N GLU C 292 -22.29 -43.57 0.25
CA GLU C 292 -21.35 -43.57 -0.89
C GLU C 292 -20.26 -42.54 -0.65
N ALA C 293 -20.45 -41.72 0.36
CA ALA C 293 -19.49 -40.70 0.73
C ALA C 293 -18.60 -41.19 1.88
N GLU C 294 -19.20 -41.85 2.85
CA GLU C 294 -18.45 -42.62 3.82
C GLU C 294 -17.50 -43.50 3.04
N LYS C 295 -18.06 -44.23 2.06
CA LYS C 295 -17.32 -45.17 1.22
C LYS C 295 -16.15 -44.49 0.51
N PHE C 296 -16.36 -43.27 0.03
CA PHE C 296 -15.27 -42.47 -0.53
C PHE C 296 -14.07 -42.45 0.43
N PHE C 297 -14.30 -41.93 1.64
CA PHE C 297 -13.27 -41.81 2.68
C PHE C 297 -12.58 -43.12 3.00
N VAL C 298 -13.36 -44.18 3.22
CA VAL C 298 -12.81 -45.46 3.61
C VAL C 298 -11.64 -45.80 2.69
N SER C 299 -11.80 -45.51 1.40
CA SER C 299 -10.82 -45.86 0.38
C SER C 299 -9.51 -45.09 0.47
N VAL C 300 -9.54 -43.96 1.15
CA VAL C 300 -8.36 -43.12 1.27
C VAL C 300 -7.64 -43.32 2.61
N GLY C 301 -8.03 -44.36 3.35
CA GLY C 301 -7.30 -44.76 4.56
C GLY C 301 -7.88 -44.22 5.85
N LEU C 302 -9.10 -43.68 5.76
CA LEU C 302 -9.84 -43.08 6.92
C LEU C 302 -11.01 -43.96 7.38
N PRO C 303 -11.59 -43.66 8.56
CA PRO C 303 -12.57 -44.53 9.19
C PRO C 303 -13.96 -44.41 8.60
N ASN C 304 -14.74 -45.49 8.73
CA ASN C 304 -16.17 -45.47 8.38
C ASN C 304 -16.85 -44.74 9.51
N MET C 305 -17.97 -44.04 9.25
CA MET C 305 -18.66 -43.26 10.29
C MET C 305 -18.96 -44.12 11.51
N THR C 306 -18.81 -43.51 12.69
CA THR C 306 -19.32 -44.07 13.96
C THR C 306 -20.82 -44.49 13.77
N GLN C 307 -21.16 -45.71 14.16
CA GLN C 307 -22.57 -46.08 14.23
C GLN C 307 -23.13 -45.25 15.37
N GLY C 308 -24.23 -44.56 15.15
CA GLY C 308 -24.61 -43.56 16.16
C GLY C 308 -24.52 -42.17 15.59
N PHE C 309 -23.46 -41.90 14.82
CA PHE C 309 -23.54 -40.86 13.82
C PHE C 309 -24.72 -41.23 12.92
N TRP C 310 -24.81 -42.50 12.53
CA TRP C 310 -25.91 -42.95 11.70
C TRP C 310 -27.19 -42.84 12.49
N GLU C 311 -27.17 -43.27 13.74
CA GLU C 311 -28.42 -43.49 14.46
C GLU C 311 -29.17 -42.27 15.00
N ASN C 312 -28.46 -41.15 15.21
CA ASN C 312 -29.15 -39.88 15.50
C ASN C 312 -28.64 -38.67 14.74
N SER C 313 -28.17 -38.89 13.53
CA SER C 313 -27.81 -37.78 12.66
C SER C 313 -29.00 -37.54 11.77
N MET C 314 -29.39 -36.28 11.54
CA MET C 314 -30.56 -35.97 10.70
C MET C 314 -30.20 -35.50 9.30
N LEU C 315 -30.42 -36.35 8.32
CA LEU C 315 -29.95 -36.04 6.98
C LEU C 315 -31.04 -36.03 5.90
N THR C 316 -32.30 -36.09 6.31
CA THR C 316 -33.37 -36.17 5.31
C THR C 316 -34.33 -34.98 5.30
N ASP C 317 -34.56 -34.33 6.45
CA ASP C 317 -35.66 -33.34 6.64
C ASP C 317 -37.00 -34.00 7.01
N PRO C 318 -37.50 -33.71 8.22
CA PRO C 318 -38.79 -34.24 8.70
C PRO C 318 -39.99 -33.56 8.06
N GLY C 319 -39.93 -32.23 7.92
CA GLY C 319 -41.00 -31.40 7.33
C GLY C 319 -42.42 -31.71 7.78
N ASN C 320 -42.54 -32.23 9.01
CA ASN C 320 -43.83 -32.71 9.52
C ASN C 320 -43.99 -32.49 11.04
N GLN C 322 -42.49 -31.09 13.26
CA GLN C 322 -41.07 -30.76 13.19
C GLN C 322 -40.71 -29.85 12.01
N LYS C 323 -39.92 -28.83 12.33
CA LYS C 323 -39.27 -27.95 11.33
C LYS C 323 -37.89 -27.49 11.86
N ALA C 324 -36.84 -27.61 11.03
CA ALA C 324 -35.47 -27.31 11.49
C ALA C 324 -34.64 -26.52 10.47
N VAL C 325 -33.46 -26.08 10.90
CA VAL C 325 -32.65 -25.25 10.03
C VAL C 325 -31.81 -26.08 9.01
N CYS C 326 -32.16 -25.98 7.72
CA CYS C 326 -31.58 -26.89 6.73
C CYS C 326 -30.17 -26.59 6.20
N HIS C 327 -29.61 -25.43 6.59
CA HIS C 327 -28.23 -25.04 6.24
C HIS C 327 -27.31 -26.14 6.68
N PRO C 328 -26.69 -26.88 5.71
CA PRO C 328 -25.88 -28.08 5.90
C PRO C 328 -24.74 -27.85 6.85
N THR C 329 -24.75 -28.63 7.92
CA THR C 329 -23.79 -28.48 9.00
C THR C 329 -23.18 -29.83 9.46
N ALA C 330 -21.93 -29.81 9.91
CA ALA C 330 -21.37 -30.97 10.58
C ALA C 330 -21.07 -30.69 12.07
N TRP C 331 -21.55 -31.56 12.95
CA TRP C 331 -21.56 -31.29 14.40
C TRP C 331 -20.60 -32.18 15.18
N ASP C 332 -19.60 -31.55 15.80
CA ASP C 332 -18.68 -32.22 16.74
C ASP C 332 -19.05 -31.78 18.14
N LEU C 333 -20.13 -32.38 18.67
CA LEU C 333 -20.48 -32.30 20.09
C LEU C 333 -19.45 -33.11 20.82
N GLY C 334 -19.41 -33.02 22.15
CA GLY C 334 -18.38 -33.80 22.85
C GLY C 334 -18.43 -35.31 22.67
N LYS C 335 -17.79 -36.00 23.59
CA LYS C 335 -18.11 -37.37 23.88
C LYS C 335 -18.22 -38.30 22.65
N GLY C 336 -17.16 -38.37 21.86
CA GLY C 336 -17.13 -39.23 20.68
C GLY C 336 -18.41 -39.14 19.85
N ASP C 337 -19.08 -37.98 19.92
CA ASP C 337 -20.38 -37.79 19.24
C ASP C 337 -20.39 -36.84 18.02
N PHE C 338 -20.55 -37.46 16.85
CA PHE C 338 -20.52 -36.74 15.61
C PHE C 338 -21.81 -37.05 14.86
N ARG C 339 -22.31 -36.04 14.15
CA ARG C 339 -23.50 -36.18 13.33
C ARG C 339 -23.58 -35.01 12.34
N ILE C 340 -24.37 -35.18 11.29
CA ILE C 340 -24.62 -34.14 10.29
C ILE C 340 -26.10 -33.83 10.26
N LEU C 341 -26.40 -32.53 10.17
CA LEU C 341 -27.75 -32.00 9.96
C LEU C 341 -27.87 -31.42 8.53
N MET C 342 -28.62 -32.10 7.67
CA MET C 342 -28.74 -31.69 6.28
C MET C 342 -30.02 -32.18 5.60
N CYS C 343 -30.78 -31.26 5.00
CA CYS C 343 -32.10 -31.60 4.47
C CYS C 343 -32.02 -32.14 3.07
N THR C 344 -31.35 -33.28 2.94
CA THR C 344 -30.89 -33.80 1.64
C THR C 344 -31.97 -34.01 0.55
N LYS C 345 -31.65 -33.57 -0.67
CA LYS C 345 -32.42 -33.91 -1.88
C LYS C 345 -31.54 -34.73 -2.80
N VAL C 346 -32.19 -35.53 -3.64
CA VAL C 346 -31.47 -36.36 -4.59
C VAL C 346 -30.91 -35.45 -5.67
N THR C 347 -29.66 -35.01 -5.50
CA THR C 347 -29.02 -34.02 -6.37
C THR C 347 -27.54 -34.33 -6.58
N MET C 348 -26.96 -33.80 -7.67
CA MET C 348 -25.51 -33.76 -7.80
C MET C 348 -24.93 -32.72 -6.84
N ASP C 349 -25.68 -31.64 -6.59
CA ASP C 349 -25.27 -30.58 -5.65
C ASP C 349 -25.22 -31.06 -4.21
N ASP C 350 -26.35 -31.59 -3.74
CA ASP C 350 -26.44 -32.15 -2.40
C ASP C 350 -25.55 -33.37 -2.19
N PHE C 351 -25.17 -34.00 -3.30
CA PHE C 351 -24.22 -35.10 -3.30
C PHE C 351 -22.85 -34.56 -2.93
N LEU C 352 -22.45 -33.47 -3.58
CA LEU C 352 -21.14 -32.90 -3.33
C LEU C 352 -21.08 -32.26 -1.98
N THR C 353 -22.18 -31.66 -1.55
CA THR C 353 -22.29 -31.10 -0.21
C THR C 353 -22.05 -32.18 0.85
N ALA C 354 -22.66 -33.36 0.65
CA ALA C 354 -22.41 -34.53 1.51
C ALA C 354 -20.91 -34.73 1.72
N HIS C 355 -20.17 -34.87 0.63
CA HIS C 355 -18.72 -34.95 0.73
C HIS C 355 -18.07 -33.80 1.47
N HIS C 356 -18.57 -32.58 1.22
CA HIS C 356 -18.05 -31.39 1.89
C HIS C 356 -18.32 -31.36 3.39
N GLU C 357 -19.52 -31.74 3.82
CA GLU C 357 -19.87 -31.83 5.25
C GLU C 357 -19.19 -32.99 6.01
N MET C 358 -19.08 -34.16 5.35
CA MET C 358 -18.46 -35.35 5.93
C MET C 358 -16.96 -35.17 6.03
N GLY C 359 -16.40 -34.39 5.10
CA GLY C 359 -15.03 -33.90 5.25
C GLY C 359 -14.78 -33.23 6.60
N HIS C 360 -15.72 -32.36 6.97
CA HIS C 360 -15.73 -31.74 8.27
C HIS C 360 -15.71 -32.78 9.43
N ILE C 361 -16.63 -33.72 9.38
CA ILE C 361 -16.71 -34.78 10.36
C ILE C 361 -15.37 -35.54 10.44
N GLN C 362 -14.74 -35.74 9.29
CA GLN C 362 -13.52 -36.49 9.32
C GLN C 362 -12.41 -35.71 10.01
N TYR C 363 -12.34 -34.41 9.74
CA TYR C 363 -11.40 -33.53 10.41
C TYR C 363 -11.67 -33.65 11.91
N ASP C 364 -12.94 -33.57 12.30
CA ASP C 364 -13.36 -33.59 13.72
C ASP C 364 -12.94 -34.88 14.42
N MET C 365 -13.08 -36.00 13.72
CA MET C 365 -12.78 -37.29 14.29
C MET C 365 -11.28 -37.46 14.42
N ALA C 366 -10.58 -36.91 13.44
CA ALA C 366 -9.13 -37.01 13.36
C ALA C 366 -8.47 -36.40 14.58
N TYR C 367 -8.86 -35.19 14.94
CA TYR C 367 -8.22 -34.51 16.07
C TYR C 367 -8.87 -34.65 17.48
N ALA C 368 -9.98 -35.38 17.58
CA ALA C 368 -10.75 -35.53 18.86
C ALA C 368 -9.97 -36.11 20.04
N ALA C 369 -8.72 -36.50 19.77
CA ALA C 369 -7.78 -36.99 20.79
C ALA C 369 -6.96 -35.85 21.36
N GLN C 370 -6.83 -34.76 20.59
CA GLN C 370 -6.12 -33.58 21.06
C GLN C 370 -6.86 -33.04 22.24
N PRO C 371 -6.14 -32.46 23.20
CA PRO C 371 -6.83 -31.93 24.35
C PRO C 371 -7.97 -31.03 23.87
N PHE C 372 -9.12 -31.13 24.52
CA PHE C 372 -10.32 -30.34 24.17
C PHE C 372 -10.09 -28.95 23.56
N LEU C 373 -9.27 -28.13 24.23
CA LEU C 373 -9.07 -26.73 23.78
C LEU C 373 -8.46 -26.55 22.39
N LEU C 374 -7.81 -27.58 21.87
CA LEU C 374 -7.09 -27.52 20.63
C LEU C 374 -7.76 -28.31 19.52
N ARG C 375 -8.95 -28.85 19.82
CA ARG C 375 -9.81 -29.55 18.83
C ARG C 375 -10.47 -28.59 17.85
N ASN C 376 -9.80 -28.33 16.73
CA ASN C 376 -10.18 -27.27 15.79
C ASN C 376 -9.25 -27.21 14.58
N GLY C 377 -9.76 -26.66 13.47
CA GLY C 377 -8.94 -26.27 12.32
C GLY C 377 -7.72 -25.46 12.76
N ALA C 378 -6.57 -25.75 12.14
CA ALA C 378 -5.27 -25.13 12.44
C ALA C 378 -5.39 -23.63 12.48
N ASN C 379 -6.11 -23.08 11.51
CA ASN C 379 -6.74 -21.74 11.60
C ASN C 379 -8.13 -21.66 10.95
N GLU C 380 -8.79 -20.51 11.09
CA GLU C 380 -10.09 -20.36 10.48
C GLU C 380 -9.89 -20.69 9.02
N GLY C 381 -10.85 -21.38 8.45
CA GLY C 381 -10.72 -21.73 7.04
C GLY C 381 -9.71 -22.82 6.68
N PHE C 382 -9.04 -23.42 7.67
CA PHE C 382 -8.48 -24.72 7.40
C PHE C 382 -9.65 -25.66 7.18
N HIS C 383 -10.54 -25.70 8.16
CA HIS C 383 -11.71 -26.59 8.17
C HIS C 383 -12.53 -26.48 6.90
N GLU C 384 -12.73 -25.25 6.48
CA GLU C 384 -13.58 -25.00 5.35
C GLU C 384 -12.94 -25.54 4.12
N ALA C 385 -11.61 -25.50 4.09
CA ALA C 385 -10.83 -26.01 2.94
C ALA C 385 -10.84 -27.55 2.83
N VAL C 386 -10.59 -28.20 3.95
CA VAL C 386 -10.59 -29.63 4.07
C VAL C 386 -11.95 -30.22 3.70
N GLY C 387 -12.98 -29.40 3.56
CA GLY C 387 -14.28 -29.93 3.16
C GLY C 387 -14.39 -29.77 1.68
N GLU C 388 -13.95 -28.60 1.23
CA GLU C 388 -14.02 -28.22 -0.19
C GLU C 388 -13.08 -29.02 -1.13
N ILE C 389 -11.95 -29.46 -0.61
CA ILE C 389 -10.97 -30.32 -1.29
C ILE C 389 -11.60 -31.67 -1.66
N MET C 390 -12.68 -32.02 -0.97
CA MET C 390 -13.34 -33.29 -1.16
C MET C 390 -14.26 -33.16 -2.32
N SER C 391 -14.98 -32.05 -2.38
CA SER C 391 -15.87 -31.81 -3.53
C SER C 391 -15.11 -32.02 -4.84
N LEU C 392 -13.96 -31.36 -4.99
CA LEU C 392 -13.10 -31.47 -6.18
C LEU C 392 -12.81 -32.93 -6.65
N SER C 393 -12.24 -33.73 -5.78
CA SER C 393 -12.06 -35.11 -6.08
C SER C 393 -13.40 -35.79 -6.38
N ALA C 394 -14.49 -35.33 -5.82
CA ALA C 394 -15.72 -36.11 -5.96
C ALA C 394 -16.64 -35.58 -7.03
N ALA C 395 -16.23 -34.48 -7.65
CA ALA C 395 -17.01 -33.82 -8.73
C ALA C 395 -16.31 -33.90 -10.07
N THR C 396 -15.36 -34.81 -10.17
CA THR C 396 -14.65 -35.02 -11.41
C THR C 396 -15.32 -36.16 -12.16
N PRO C 397 -15.30 -36.09 -13.51
CA PRO C 397 -15.64 -37.20 -14.40
C PRO C 397 -15.01 -38.52 -13.97
N LYS C 398 -13.70 -38.54 -13.72
CA LYS C 398 -13.03 -39.77 -13.28
C LYS C 398 -13.80 -40.40 -12.13
N HIS C 399 -14.29 -39.56 -11.22
CA HIS C 399 -15.07 -40.03 -10.05
C HIS C 399 -16.45 -40.50 -10.47
N LEU C 400 -17.25 -39.56 -10.97
CA LEU C 400 -18.57 -39.85 -11.47
C LEU C 400 -18.55 -41.10 -12.35
N LYS C 401 -17.56 -41.18 -13.24
CA LYS C 401 -17.45 -42.33 -14.15
C LYS C 401 -17.39 -43.65 -13.38
N SER C 402 -16.44 -43.74 -12.44
CA SER C 402 -16.15 -44.98 -11.71
C SER C 402 -17.27 -45.37 -10.73
N ILE C 403 -17.75 -44.37 -10.00
CA ILE C 403 -18.87 -44.47 -9.06
C ILE C 403 -20.17 -44.96 -9.73
N GLY C 404 -20.16 -45.01 -11.07
CA GLY C 404 -21.28 -45.52 -11.84
C GLY C 404 -22.47 -44.59 -11.90
N LEU C 405 -22.24 -43.29 -11.80
CA LEU C 405 -23.31 -42.30 -11.88
C LEU C 405 -23.29 -41.59 -13.24
N LEU C 406 -22.34 -42.01 -14.07
CA LEU C 406 -22.10 -41.44 -15.40
C LEU C 406 -21.35 -42.52 -16.25
N SER C 407 -21.94 -42.95 -17.37
CA SER C 407 -21.35 -44.09 -18.09
C SER C 407 -20.02 -43.73 -18.77
N PRO C 408 -19.03 -44.67 -18.75
CA PRO C 408 -17.68 -44.45 -19.30
C PRO C 408 -17.74 -44.09 -20.78
N ASP C 409 -18.93 -44.29 -21.35
CA ASP C 409 -19.29 -43.82 -22.68
C ASP C 409 -19.02 -42.32 -22.85
N PHE C 410 -18.88 -41.61 -21.74
CA PHE C 410 -18.79 -40.15 -21.77
C PHE C 410 -17.53 -39.60 -22.42
N GLN C 411 -17.75 -38.95 -23.57
CA GLN C 411 -16.73 -38.21 -24.32
C GLN C 411 -16.18 -37.02 -23.50
N GLU C 412 -14.88 -37.05 -23.22
CA GLU C 412 -14.24 -36.10 -22.31
C GLU C 412 -13.31 -35.08 -22.99
N ASP C 413 -13.71 -34.56 -24.16
CA ASP C 413 -12.89 -33.62 -24.95
C ASP C 413 -12.60 -32.28 -24.24
N ASN C 414 -11.76 -31.45 -24.87
CA ASN C 414 -11.43 -30.12 -24.34
C ASN C 414 -12.62 -29.17 -24.22
N GLU C 415 -13.77 -29.59 -24.77
CA GLU C 415 -15.00 -28.79 -24.73
C GLU C 415 -15.64 -28.86 -23.35
N THR C 416 -15.98 -30.07 -22.90
CA THR C 416 -16.51 -30.29 -21.56
C THR C 416 -15.56 -29.77 -20.51
N GLU C 417 -14.27 -29.75 -20.87
CA GLU C 417 -13.20 -29.17 -20.06
C GLU C 417 -13.59 -27.79 -19.49
N ILE C 418 -13.80 -26.84 -20.39
CA ILE C 418 -14.13 -25.47 -20.04
C ILE C 418 -15.55 -25.40 -19.45
N ASN C 419 -16.49 -26.04 -20.13
CA ASN C 419 -17.82 -26.33 -19.63
C ASN C 419 -17.89 -26.51 -18.11
N PHE C 420 -17.06 -27.41 -17.60
CA PHE C 420 -16.92 -27.68 -16.16
C PHE C 420 -16.00 -26.67 -15.47
N LEU C 421 -14.77 -26.51 -15.98
CA LEU C 421 -13.80 -25.58 -15.39
C LEU C 421 -14.31 -24.13 -15.25
N LEU C 422 -15.23 -23.74 -16.11
CA LEU C 422 -15.90 -22.46 -15.98
C LEU C 422 -16.83 -22.44 -14.75
N LYS C 423 -17.81 -23.34 -14.71
CA LYS C 423 -18.71 -23.39 -13.55
C LYS C 423 -17.92 -23.28 -12.23
N GLN C 424 -16.78 -23.97 -12.15
CA GLN C 424 -15.94 -23.98 -10.97
C GLN C 424 -15.41 -22.60 -10.64
N ALA C 425 -14.98 -21.89 -11.68
CA ALA C 425 -14.42 -20.55 -11.53
C ALA C 425 -15.47 -19.48 -11.17
N LEU C 426 -16.69 -19.64 -11.72
CA LEU C 426 -17.84 -18.84 -11.31
C LEU C 426 -18.00 -18.91 -9.79
N THR C 427 -17.90 -20.12 -9.25
CA THR C 427 -18.09 -20.38 -7.84
C THR C 427 -16.90 -19.90 -7.08
N ILE C 428 -15.72 -20.28 -7.56
CA ILE C 428 -14.46 -20.08 -6.83
C ILE C 428 -13.74 -18.78 -7.14
N VAL C 429 -13.29 -18.59 -8.38
CA VAL C 429 -12.64 -17.34 -8.75
C VAL C 429 -13.66 -16.24 -8.60
N GLY C 430 -14.94 -16.58 -8.79
CA GLY C 430 -16.02 -15.67 -8.50
C GLY C 430 -15.85 -14.96 -7.17
N THR C 431 -15.83 -15.74 -6.09
CA THR C 431 -15.94 -15.19 -4.76
C THR C 431 -14.69 -14.49 -4.23
N LEU C 432 -13.53 -14.84 -4.77
CA LEU C 432 -12.28 -14.34 -4.20
C LEU C 432 -12.25 -12.84 -4.04
N PRO C 433 -12.49 -12.08 -5.11
CA PRO C 433 -12.43 -10.62 -4.97
C PRO C 433 -13.56 -10.02 -4.17
N PHE C 434 -14.74 -10.62 -4.26
CA PHE C 434 -15.86 -10.26 -3.44
C PHE C 434 -15.40 -10.26 -2.00
N THR C 435 -14.80 -11.39 -1.64
CA THR C 435 -14.36 -11.65 -0.29
C THR C 435 -13.30 -10.68 0.16
N TYR C 436 -12.23 -10.52 -0.62
CA TYR C 436 -11.17 -9.58 -0.27
C TYR C 436 -11.68 -8.17 0.06
N MET C 437 -12.61 -7.65 -0.73
CA MET C 437 -13.08 -6.30 -0.53
C MET C 437 -13.90 -6.24 0.73
N LEU C 438 -14.82 -7.19 0.90
CA LEU C 438 -15.71 -7.20 2.08
C LEU C 438 -14.93 -6.93 3.35
N GLU C 439 -13.85 -7.69 3.54
CA GLU C 439 -12.95 -7.50 4.69
C GLU C 439 -12.01 -6.31 4.55
N LYS C 440 -11.51 -6.03 3.35
CA LYS C 440 -10.72 -4.82 3.16
C LYS C 440 -11.52 -3.62 3.68
N TRP C 441 -12.85 -3.75 3.66
CA TRP C 441 -13.76 -2.69 4.11
C TRP C 441 -13.87 -2.65 5.61
N ARG C 442 -14.12 -3.81 6.21
CA ARG C 442 -14.29 -3.86 7.63
C ARG C 442 -12.98 -3.52 8.31
N TRP C 443 -11.89 -3.95 7.70
CA TRP C 443 -10.58 -3.67 8.25
C TRP C 443 -10.39 -2.17 8.34
N MET C 444 -10.69 -1.49 7.24
CA MET C 444 -10.64 -0.04 7.21
C MET C 444 -11.60 0.63 8.20
N VAL C 445 -12.79 0.06 8.38
CA VAL C 445 -13.76 0.57 9.33
C VAL C 445 -13.24 0.38 10.73
N PHE C 446 -12.96 -0.86 11.11
CA PHE C 446 -12.51 -1.16 12.46
C PHE C 446 -11.24 -0.40 12.81
N LYS C 447 -10.44 -0.01 11.81
CA LYS C 447 -9.25 0.82 12.11
C LYS C 447 -9.64 2.26 12.43
N GLY C 448 -10.81 2.66 11.94
CA GLY C 448 -11.27 4.04 12.05
C GLY C 448 -10.74 4.89 10.92
N GLU C 449 -10.63 4.31 9.72
CA GLU C 449 -10.20 5.03 8.51
C GLU C 449 -11.38 5.65 7.77
N ILE C 450 -12.44 4.88 7.59
CA ILE C 450 -13.66 5.39 6.98
C ILE C 450 -14.57 5.93 8.07
N PRO C 451 -14.97 7.21 7.95
CA PRO C 451 -15.89 7.79 8.95
C PRO C 451 -17.33 7.36 8.69
N LYS C 452 -18.23 7.70 9.62
CA LYS C 452 -19.65 7.36 9.52
C LYS C 452 -20.33 7.96 8.27
N ASP C 453 -19.88 9.13 7.82
CA ASP C 453 -20.54 9.84 6.72
C ASP C 453 -20.08 9.46 5.31
N GLN C 454 -19.27 8.43 5.20
CA GLN C 454 -18.73 7.96 3.91
C GLN C 454 -18.80 6.44 3.75
N TRP C 455 -19.19 5.75 4.81
CA TRP C 455 -19.24 4.29 4.89
C TRP C 455 -19.73 3.64 3.62
N MET C 456 -20.87 4.11 3.12
CA MET C 456 -21.46 3.52 1.95
C MET C 456 -20.72 3.96 0.68
N LYS C 457 -20.41 5.27 0.57
CA LYS C 457 -19.63 5.83 -0.53
C LYS C 457 -18.29 5.08 -0.70
N LYS C 458 -17.56 4.90 0.41
CA LYS C 458 -16.29 4.15 0.39
C LYS C 458 -16.45 2.64 0.13
N TRP C 459 -17.64 2.11 0.42
CA TRP C 459 -17.93 0.70 0.17
C TRP C 459 -18.03 0.43 -1.33
N TRP C 460 -18.90 1.18 -2.00
CA TRP C 460 -19.15 0.97 -3.40
C TRP C 460 -17.99 1.44 -4.24
N GLU C 461 -17.36 2.56 -3.85
CA GLU C 461 -16.10 2.97 -4.46
C GLU C 461 -15.21 1.74 -4.55
N MET C 462 -15.11 1.01 -3.44
CA MET C 462 -14.34 -0.23 -3.39
C MET C 462 -14.93 -1.42 -4.18
N LYS C 463 -16.27 -1.50 -4.26
CA LYS C 463 -16.93 -2.53 -5.06
C LYS C 463 -16.60 -2.36 -6.53
N ARG C 464 -16.79 -1.15 -7.04
CA ARG C 464 -16.40 -0.81 -8.39
C ARG C 464 -14.89 -0.96 -8.62
N GLU C 465 -14.11 -0.45 -7.67
CA GLU C 465 -12.66 -0.43 -7.78
C GLU C 465 -12.05 -1.82 -7.84
N ILE C 466 -12.31 -2.63 -6.81
CA ILE C 466 -11.66 -3.93 -6.64
C ILE C 466 -12.41 -5.08 -7.31
N VAL C 467 -13.73 -5.07 -7.18
CA VAL C 467 -14.59 -6.17 -7.59
C VAL C 467 -15.24 -5.96 -8.93
N GLY C 468 -15.27 -4.72 -9.42
CA GLY C 468 -15.84 -4.42 -10.74
C GLY C 468 -17.36 -4.51 -10.80
N VAL C 469 -17.99 -4.05 -9.72
CA VAL C 469 -19.41 -4.17 -9.57
C VAL C 469 -19.94 -2.84 -9.13
N VAL C 470 -21.07 -2.44 -9.73
CA VAL C 470 -21.76 -1.19 -9.41
C VAL C 470 -23.10 -1.40 -8.78
N GLU C 471 -23.39 -0.58 -7.80
CA GLU C 471 -24.71 -0.49 -7.25
C GLU C 471 -25.68 -0.16 -8.39
N PRO C 472 -26.87 -0.78 -8.40
CA PRO C 472 -27.88 -0.40 -9.37
C PRO C 472 -28.70 0.85 -8.96
N VAL C 473 -28.53 1.35 -7.75
CA VAL C 473 -29.22 2.56 -7.31
C VAL C 473 -28.23 3.32 -6.42
N PRO C 474 -28.29 4.67 -6.39
CA PRO C 474 -27.43 5.35 -5.42
C PRO C 474 -27.84 5.00 -4.00
N HIS C 475 -26.87 4.73 -3.14
CA HIS C 475 -27.15 4.56 -1.70
C HIS C 475 -26.53 5.66 -0.83
N ASP C 476 -27.36 6.43 -0.11
CA ASP C 476 -26.82 7.40 0.86
C ASP C 476 -26.46 6.67 2.15
N GLU C 477 -26.10 7.41 3.19
CA GLU C 477 -25.52 6.77 4.38
C GLU C 477 -26.56 6.25 5.40
N THR C 478 -27.84 6.28 5.03
CA THR C 478 -28.87 5.69 5.87
C THR C 478 -28.83 4.19 5.70
N TYR C 479 -28.32 3.78 4.54
CA TYR C 479 -28.05 2.39 4.18
C TYR C 479 -26.85 1.82 4.94
N CYS C 480 -26.79 0.50 5.00
CA CYS C 480 -25.62 -0.21 5.49
C CYS C 480 -25.56 -1.55 4.82
N ASP C 481 -25.13 -1.56 3.58
CA ASP C 481 -25.20 -2.77 2.76
C ASP C 481 -24.33 -4.01 3.16
N PRO C 482 -23.04 -3.82 3.53
CA PRO C 482 -22.32 -5.00 3.98
C PRO C 482 -23.10 -5.74 5.06
N ALA C 483 -23.90 -5.00 5.81
CA ALA C 483 -24.65 -5.57 6.93
C ALA C 483 -25.74 -6.53 6.47
N SER C 484 -26.05 -6.51 5.19
CA SER C 484 -27.16 -7.32 4.70
C SER C 484 -26.70 -8.74 4.46
N LEU C 485 -25.39 -8.97 4.55
CA LEU C 485 -24.82 -10.30 4.36
C LEU C 485 -24.78 -10.96 5.72
N PHE C 486 -24.94 -12.30 5.74
CA PHE C 486 -24.93 -13.07 6.98
C PHE C 486 -23.72 -12.74 7.85
N HIS C 487 -22.58 -13.23 7.39
CA HIS C 487 -21.32 -13.17 8.09
C HIS C 487 -20.90 -11.77 8.57
N VAL C 488 -21.69 -10.75 8.23
CA VAL C 488 -21.38 -9.40 8.67
C VAL C 488 -22.21 -9.04 9.89
N SER C 489 -23.49 -9.36 9.82
CA SER C 489 -24.46 -8.99 10.84
C SER C 489 -24.45 -10.03 11.98
N ASN C 490 -23.98 -11.23 11.62
CA ASN C 490 -23.78 -12.31 12.59
C ASN C 490 -22.30 -12.45 13.04
N ASP C 491 -21.53 -11.42 12.71
CA ASP C 491 -20.27 -11.16 13.39
C ASP C 491 -19.27 -12.29 13.19
N TYR C 492 -18.98 -12.63 11.91
CA TYR C 492 -17.90 -13.59 11.53
C TYR C 492 -16.79 -12.93 10.74
N SER C 493 -15.55 -13.32 11.02
CA SER C 493 -14.46 -12.96 10.12
C SER C 493 -14.73 -13.65 8.78
N PHE C 494 -14.58 -12.87 7.72
CA PHE C 494 -14.97 -13.32 6.42
C PHE C 494 -13.73 -13.67 5.60
N ILE C 495 -12.59 -13.08 5.96
CA ILE C 495 -11.37 -13.28 5.19
C ILE C 495 -11.00 -14.76 5.08
N ARG C 496 -11.64 -15.58 5.91
CA ARG C 496 -11.38 -17.01 5.98
C ARG C 496 -11.80 -17.69 4.70
N TYR C 497 -12.84 -17.17 4.09
CA TYR C 497 -13.37 -17.76 2.91
C TYR C 497 -12.34 -17.65 1.78
N TYR C 498 -11.53 -16.59 1.87
CA TYR C 498 -10.44 -16.36 0.93
C TYR C 498 -9.30 -17.34 1.21
N THR C 499 -8.71 -17.29 2.40
CA THR C 499 -7.58 -18.14 2.76
C THR C 499 -7.95 -19.58 2.53
N ARG C 500 -9.15 -19.95 2.96
CA ARG C 500 -9.75 -21.24 2.66
C ARG C 500 -9.40 -21.69 1.26
N THR C 501 -9.84 -20.90 0.28
CA THR C 501 -9.69 -21.22 -1.12
C THR C 501 -8.24 -21.40 -1.56
N LEU C 502 -7.34 -20.55 -1.05
CA LEU C 502 -5.92 -20.68 -1.37
C LEU C 502 -5.28 -22.00 -0.90
N TYR C 503 -5.45 -22.32 0.38
CA TYR C 503 -4.99 -23.56 0.94
C TYR C 503 -5.65 -24.63 0.13
N GLN C 504 -6.99 -24.61 0.14
CA GLN C 504 -7.84 -25.59 -0.52
C GLN C 504 -7.15 -26.25 -1.71
N PHE C 505 -6.45 -25.45 -2.52
CA PHE C 505 -5.76 -25.94 -3.72
C PHE C 505 -4.40 -26.44 -3.36
N GLN C 506 -3.64 -25.67 -2.58
CA GLN C 506 -2.32 -26.14 -2.19
C GLN C 506 -2.42 -27.57 -1.77
N PHE C 507 -3.48 -27.88 -1.02
CA PHE C 507 -3.76 -29.26 -0.60
C PHE C 507 -3.93 -30.16 -1.79
N GLN C 508 -4.97 -29.89 -2.57
CA GLN C 508 -5.33 -30.73 -3.67
C GLN C 508 -4.12 -30.98 -4.58
N GLU C 509 -3.26 -29.97 -4.75
CA GLU C 509 -1.96 -30.10 -5.46
C GLU C 509 -1.06 -31.20 -4.86
N ALA C 510 -0.65 -31.02 -3.61
CA ALA C 510 0.24 -31.94 -2.93
C ALA C 510 -0.40 -33.28 -2.68
N LEU C 511 -1.73 -33.28 -2.61
CA LEU C 511 -2.49 -34.48 -2.30
C LEU C 511 -2.62 -35.36 -3.52
N CYS C 512 -2.69 -34.73 -4.69
CA CYS C 512 -2.78 -35.45 -5.94
C CYS C 512 -1.37 -35.89 -6.28
N GLN C 513 -0.38 -35.08 -5.86
CA GLN C 513 1.03 -35.44 -6.03
C GLN C 513 1.22 -36.79 -5.41
N ALA C 514 0.77 -36.94 -4.16
CA ALA C 514 0.84 -38.22 -3.46
C ALA C 514 0.05 -39.35 -4.15
N ALA C 515 -1.10 -39.03 -4.74
CA ALA C 515 -1.93 -39.99 -5.47
C ALA C 515 -1.34 -40.30 -6.81
N LYS C 516 -0.21 -39.67 -7.14
CA LYS C 516 0.60 -39.91 -8.36
C LYS C 516 -0.12 -39.53 -9.65
N HIS C 517 -0.94 -38.46 -9.55
CA HIS C 517 -1.76 -37.95 -10.66
C HIS C 517 -0.97 -37.40 -11.83
N GLU C 518 -1.58 -37.33 -13.01
CA GLU C 518 -0.82 -37.02 -14.23
C GLU C 518 -1.15 -35.74 -15.06
N GLY C 519 -2.42 -35.55 -15.42
CA GLY C 519 -2.79 -34.42 -16.26
C GLY C 519 -3.06 -33.15 -15.47
N PRO C 520 -3.96 -32.28 -15.98
CA PRO C 520 -4.51 -31.13 -15.31
C PRO C 520 -4.98 -31.44 -13.90
N LEU C 521 -4.74 -30.49 -12.99
CA LEU C 521 -4.98 -30.70 -11.60
C LEU C 521 -6.44 -30.90 -11.28
N HIS C 522 -7.31 -30.50 -12.20
CA HIS C 522 -8.73 -30.56 -11.94
C HIS C 522 -9.33 -31.93 -12.23
N LYS C 523 -8.56 -32.83 -12.84
CA LYS C 523 -9.10 -34.13 -13.23
C LYS C 523 -8.88 -35.11 -12.13
N CYS C 524 -8.15 -34.68 -11.11
CA CYS C 524 -7.71 -35.56 -10.03
C CYS C 524 -8.83 -36.01 -9.07
N ASP C 525 -8.70 -37.22 -8.52
CA ASP C 525 -9.75 -37.86 -7.74
C ASP C 525 -9.15 -38.81 -6.69
N ILE C 526 -8.56 -38.24 -5.65
CA ILE C 526 -7.71 -38.99 -4.70
C ILE C 526 -8.23 -40.32 -4.16
N SER C 527 -9.49 -40.67 -4.44
CA SER C 527 -10.10 -41.93 -3.95
C SER C 527 -9.32 -43.18 -4.36
N ASN C 528 -9.42 -44.27 -3.59
CA ASN C 528 -8.59 -45.44 -3.81
C ASN C 528 -7.15 -45.21 -3.24
N SER C 529 -6.71 -43.95 -3.17
CA SER C 529 -5.30 -43.56 -2.85
C SER C 529 -4.98 -43.31 -1.38
N THR C 530 -4.75 -44.38 -0.62
CA THR C 530 -4.42 -44.28 0.81
C THR C 530 -3.16 -43.43 1.07
N GLU C 531 -2.25 -43.47 0.10
CA GLU C 531 -1.02 -42.69 0.07
C GLU C 531 -1.28 -41.21 0.39
N ALA C 532 -2.33 -40.66 -0.23
CA ALA C 532 -2.74 -39.29 0.04
C ALA C 532 -3.40 -39.15 1.37
N GLY C 533 -4.44 -39.97 1.60
CA GLY C 533 -5.23 -39.90 2.82
C GLY C 533 -4.38 -39.78 4.07
N GLN C 534 -3.24 -40.47 4.08
CA GLN C 534 -2.36 -40.39 5.22
C GLN C 534 -1.62 -39.03 5.27
N LYS C 535 -1.14 -38.57 4.14
CA LYS C 535 -0.54 -37.25 4.11
C LYS C 535 -1.55 -36.34 4.76
N LEU C 536 -2.81 -36.42 4.30
CA LEU C 536 -3.88 -35.56 4.81
C LEU C 536 -4.14 -35.72 6.30
N PHE C 537 -4.33 -36.96 6.74
CA PHE C 537 -4.63 -37.23 8.14
C PHE C 537 -3.53 -36.70 9.03
N ASN C 538 -2.28 -36.89 8.58
CA ASN C 538 -1.12 -36.43 9.35
C ASN C 538 -1.24 -34.98 9.79
N MET C 539 -2.02 -34.21 9.05
CA MET C 539 -2.26 -32.85 9.45
C MET C 539 -3.60 -32.73 10.15
N LEU C 540 -4.61 -33.44 9.66
CA LEU C 540 -5.93 -33.42 10.28
C LEU C 540 -5.87 -33.64 11.81
N ARG C 541 -5.35 -34.80 12.22
CA ARG C 541 -5.29 -35.24 13.63
C ARG C 541 -4.59 -34.22 14.53
N LEU C 542 -3.80 -33.37 13.92
CA LEU C 542 -3.02 -32.38 14.62
C LEU C 542 -3.89 -31.36 15.31
N GLY C 543 -5.06 -31.11 14.72
CA GLY C 543 -5.92 -30.03 15.17
C GLY C 543 -5.10 -28.76 15.20
N LYS C 544 -5.47 -27.88 16.13
CA LYS C 544 -4.84 -26.57 16.30
C LYS C 544 -3.62 -26.70 17.25
N SER C 545 -2.95 -27.84 17.15
CA SER C 545 -1.89 -28.24 18.09
C SER C 545 -0.50 -27.70 17.74
N GLU C 546 -0.07 -27.84 16.49
CA GLU C 546 1.07 -27.08 16.04
C GLU C 546 0.47 -25.87 15.34
N PRO C 547 1.25 -24.76 15.23
CA PRO C 547 0.91 -23.61 14.41
C PRO C 547 0.54 -23.98 13.00
N TRP C 548 -0.44 -23.27 12.44
CA TRP C 548 -0.95 -23.59 11.10
C TRP C 548 0.07 -23.53 9.98
N THR C 549 1.13 -22.75 10.20
CA THR C 549 2.22 -22.58 9.24
C THR C 549 2.97 -23.89 9.04
N LEU C 550 3.20 -24.58 10.15
CA LEU C 550 3.78 -25.93 10.15
C LEU C 550 2.79 -26.95 9.60
N ALA C 551 1.54 -26.88 10.06
CA ALA C 551 0.49 -27.82 9.66
C ALA C 551 0.38 -27.89 8.14
N LEU C 552 0.52 -26.73 7.48
CA LEU C 552 0.57 -26.62 6.02
C LEU C 552 1.75 -27.37 5.48
N GLU C 553 2.95 -27.04 5.97
CA GLU C 553 4.20 -27.67 5.53
C GLU C 553 4.16 -29.19 5.55
N ASN C 554 3.35 -29.75 6.45
CA ASN C 554 3.10 -31.18 6.48
C ASN C 554 2.43 -31.68 5.22
N VAL C 555 1.49 -30.91 4.72
CA VAL C 555 0.75 -31.36 3.58
C VAL C 555 1.32 -30.83 2.30
N VAL C 556 1.99 -29.67 2.34
CA VAL C 556 2.37 -29.00 1.08
C VAL C 556 3.89 -28.82 0.90
N GLY C 557 4.49 -28.05 1.80
CA GLY C 557 5.90 -27.73 1.69
C GLY C 557 6.22 -26.28 2.01
N ALA C 558 5.19 -25.46 2.16
CA ALA C 558 5.39 -24.07 2.52
C ALA C 558 4.84 -23.75 3.87
N LYS C 559 5.55 -22.87 4.56
CA LYS C 559 5.18 -22.39 5.88
C LYS C 559 4.07 -21.36 5.73
N ASN C 560 3.85 -20.89 4.51
CA ASN C 560 2.83 -19.88 4.26
C ASN C 560 1.94 -20.25 3.06
N MET C 561 0.74 -19.67 3.00
CA MET C 561 -0.18 -19.91 1.90
C MET C 561 0.47 -19.58 0.59
N ASN C 562 -0.07 -20.15 -0.48
CA ASN C 562 0.37 -19.79 -1.80
C ASN C 562 -0.73 -19.78 -2.87
N VAL C 563 -0.55 -18.88 -3.82
CA VAL C 563 -1.56 -18.57 -4.80
C VAL C 563 -1.53 -19.49 -6.00
N ARG C 564 -0.33 -19.86 -6.45
CA ARG C 564 -0.13 -20.57 -7.72
C ARG C 564 -0.84 -21.92 -7.87
N PRO C 565 -0.83 -22.76 -6.82
CA PRO C 565 -1.60 -24.00 -6.94
C PRO C 565 -3.00 -23.77 -7.52
N LEU C 566 -3.71 -22.74 -7.00
CA LEU C 566 -5.00 -22.28 -7.54
C LEU C 566 -4.92 -21.84 -9.02
N LEU C 567 -4.02 -20.91 -9.33
CA LEU C 567 -3.90 -20.42 -10.70
C LEU C 567 -3.65 -21.58 -11.68
N ASN C 568 -2.73 -22.48 -11.31
CA ASN C 568 -2.36 -23.62 -12.17
C ASN C 568 -3.52 -24.60 -12.37
N TYR C 569 -4.45 -24.62 -11.42
CA TYR C 569 -5.65 -25.44 -11.55
C TYR C 569 -6.51 -24.86 -12.65
N PHE C 570 -6.49 -23.53 -12.77
CA PHE C 570 -7.33 -22.81 -13.73
C PHE C 570 -6.60 -22.38 -15.01
N GLU C 571 -5.35 -22.84 -15.15
CA GLU C 571 -4.58 -22.51 -16.33
C GLU C 571 -5.30 -22.74 -17.67
N PRO C 572 -5.93 -23.93 -17.87
CA PRO C 572 -6.65 -24.14 -19.13
C PRO C 572 -7.81 -23.14 -19.40
N LEU C 573 -8.50 -22.72 -18.34
CA LEU C 573 -9.53 -21.72 -18.46
C LEU C 573 -8.91 -20.35 -18.72
N PHE C 574 -7.86 -19.99 -17.99
CA PHE C 574 -7.22 -18.68 -18.17
C PHE C 574 -6.73 -18.40 -19.60
N THR C 575 -6.04 -19.36 -20.22
CA THR C 575 -5.53 -19.13 -21.55
C THR C 575 -6.63 -19.23 -22.61
N TRP C 576 -7.81 -19.68 -22.20
CA TRP C 576 -8.96 -19.73 -23.10
C TRP C 576 -9.76 -18.43 -23.07
N LEU C 577 -9.78 -17.77 -21.91
CA LEU C 577 -10.53 -16.53 -21.67
C LEU C 577 -9.86 -15.33 -22.32
N LYS C 578 -8.53 -15.39 -22.44
CA LYS C 578 -7.77 -14.37 -23.16
C LYS C 578 -8.16 -14.46 -24.61
N ASP C 579 -8.37 -15.70 -25.07
CA ASP C 579 -8.75 -16.02 -26.43
C ASP C 579 -10.00 -15.23 -26.81
N GLN C 580 -10.98 -15.24 -25.91
CA GLN C 580 -12.23 -14.53 -26.15
C GLN C 580 -12.08 -13.04 -25.91
N ASN C 581 -11.23 -12.67 -24.95
CA ASN C 581 -11.01 -11.25 -24.61
C ASN C 581 -9.94 -10.57 -25.46
N LYS C 582 -9.62 -11.21 -26.57
CA LYS C 582 -8.79 -10.67 -27.60
C LYS C 582 -9.46 -9.38 -28.08
N ASN C 583 -10.78 -9.39 -28.18
CA ASN C 583 -11.48 -8.23 -28.69
C ASN C 583 -12.38 -7.52 -27.67
N SER C 584 -12.94 -8.26 -26.72
CA SER C 584 -13.72 -7.66 -25.63
C SER C 584 -12.93 -6.63 -24.84
N PHE C 585 -13.62 -5.75 -24.14
CA PHE C 585 -12.92 -4.82 -23.30
C PHE C 585 -12.69 -5.52 -21.96
N VAL C 586 -11.42 -5.68 -21.60
CA VAL C 586 -10.99 -6.44 -20.38
C VAL C 586 -10.58 -5.58 -19.18
N GLY C 587 -11.44 -5.56 -18.16
CA GLY C 587 -11.27 -4.62 -17.07
C GLY C 587 -12.49 -3.75 -17.11
N TRP C 588 -12.47 -2.67 -16.30
CA TRP C 588 -13.65 -1.76 -16.10
C TRP C 588 -13.34 -0.35 -15.62
N SER C 589 -14.32 0.54 -15.78
CA SER C 589 -14.23 1.88 -15.17
C SER C 589 -15.20 2.16 -14.01
N THR C 590 -14.60 2.57 -12.91
CA THR C 590 -15.30 2.99 -11.72
C THR C 590 -16.37 4.02 -12.00
N ASP C 591 -16.23 4.69 -13.13
CA ASP C 591 -16.98 5.88 -13.40
C ASP C 591 -18.38 5.66 -13.98
N TRP C 592 -18.63 4.50 -14.57
CA TRP C 592 -19.94 4.22 -15.16
C TRP C 592 -20.94 3.83 -14.10
N SER C 593 -22.21 4.19 -14.29
CA SER C 593 -23.32 3.77 -13.40
C SER C 593 -24.61 3.59 -14.21
N PRO C 594 -25.41 2.56 -13.89
CA PRO C 594 -26.63 2.35 -14.62
C PRO C 594 -27.64 3.44 -14.40
N TYR C 595 -27.33 4.45 -13.58
CA TYR C 595 -28.27 5.53 -13.31
C TYR C 595 -27.75 6.96 -13.65
N ALA C 596 -27.41 7.17 -14.92
CA ALA C 596 -26.89 8.47 -15.45
C ALA C 596 -25.88 9.16 -14.52
N HIS D 2 -20.95 -78.40 37.91
CA HIS D 2 -19.71 -77.73 37.39
C HIS D 2 -19.69 -76.20 37.62
N THR D 3 -18.62 -75.54 37.17
CA THR D 3 -18.39 -74.13 37.45
C THR D 3 -18.29 -73.22 36.19
N ASP D 4 -19.26 -72.33 35.99
CA ASP D 4 -19.17 -71.39 34.87
C ASP D 4 -18.44 -70.12 35.31
N ILE D 5 -17.94 -69.34 34.34
CA ILE D 5 -17.09 -68.18 34.64
C ILE D 5 -17.31 -66.99 33.70
N ASN D 6 -18.14 -66.03 34.14
CA ASN D 6 -18.17 -64.66 33.57
C ASN D 6 -16.87 -63.89 33.90
N PHE D 7 -16.07 -63.61 32.87
CA PHE D 7 -14.90 -62.75 32.99
C PHE D 7 -15.28 -61.39 32.43
N THR D 8 -15.69 -60.51 33.32
CA THR D 8 -16.29 -59.25 32.94
C THR D 8 -15.32 -58.10 32.94
N ALA D 9 -15.47 -57.24 31.94
CA ALA D 9 -14.74 -55.99 31.83
C ALA D 9 -15.84 -54.98 31.69
N THR D 10 -16.15 -54.28 32.79
CA THR D 10 -17.19 -53.30 32.75
C THR D 10 -16.44 -52.01 32.60
N ALA D 11 -16.87 -51.17 31.65
CA ALA D 11 -16.24 -49.88 31.36
C ALA D 11 -17.17 -48.65 31.42
N SER D 12 -16.61 -47.52 31.91
CA SER D 12 -17.18 -46.16 31.78
C SER D 12 -16.38 -45.25 30.82
N PHE D 13 -16.95 -44.12 30.42
CA PHE D 13 -16.27 -43.24 29.47
C PHE D 13 -16.27 -41.71 29.77
N GLY D 14 -15.07 -41.13 29.64
CA GLY D 14 -14.88 -39.71 29.43
C GLY D 14 -14.19 -38.97 30.55
N GLY D 15 -12.87 -39.03 30.55
CA GLY D 15 -12.08 -38.29 31.57
C GLY D 15 -11.72 -36.92 31.06
N SER D 16 -10.45 -36.58 31.13
CA SER D 16 -10.00 -35.29 30.58
C SER D 16 -10.15 -35.32 29.06
N CYS D 17 -10.13 -36.52 28.51
CA CYS D 17 -10.45 -36.66 27.12
C CYS D 17 -11.17 -37.98 26.92
N TYR D 18 -12.37 -37.89 26.37
CA TYR D 18 -13.18 -39.05 26.02
C TYR D 18 -12.60 -39.57 24.72
N VAL D 19 -12.49 -40.86 24.47
CA VAL D 19 -11.91 -41.29 23.17
C VAL D 19 -10.44 -41.69 23.36
N CYS D 20 -9.68 -40.92 24.14
CA CYS D 20 -8.29 -41.23 24.40
C CYS D 20 -8.12 -42.61 24.98
N LYS D 21 -8.83 -42.82 26.08
CA LYS D 21 -8.89 -44.08 26.85
C LYS D 21 -10.28 -44.15 27.54
N PRO D 22 -10.79 -45.37 27.85
CA PRO D 22 -12.00 -45.29 28.69
C PRO D 22 -11.69 -44.62 30.03
N HIS D 23 -12.72 -44.04 30.66
CA HIS D 23 -12.60 -43.36 31.95
C HIS D 23 -12.07 -44.34 32.99
N GLN D 24 -12.89 -45.32 33.35
CA GLN D 24 -12.52 -46.42 34.25
C GLN D 24 -12.89 -47.80 33.63
N VAL D 25 -12.27 -48.85 34.15
CA VAL D 25 -12.62 -50.21 33.71
C VAL D 25 -12.33 -51.29 34.81
N ASN D 26 -13.41 -51.80 35.45
CA ASN D 26 -13.33 -52.90 36.43
C ASN D 26 -13.19 -54.20 35.65
N ILE D 27 -12.13 -54.96 35.92
CA ILE D 27 -11.94 -56.27 35.33
C ILE D 27 -12.17 -57.30 36.42
N SER D 28 -12.88 -58.37 36.10
CA SER D 28 -13.41 -59.20 37.17
C SER D 28 -13.58 -60.66 36.76
N LEU D 29 -13.24 -61.59 37.65
CA LEU D 29 -13.53 -63.00 37.44
C LEU D 29 -14.66 -63.40 38.39
N ASN D 30 -15.88 -63.47 37.87
CA ASN D 30 -17.08 -63.64 38.70
C ASN D 30 -17.07 -62.76 39.91
N GLY D 31 -17.00 -61.47 39.66
CA GLY D 31 -17.05 -60.48 40.73
C GLY D 31 -15.73 -60.26 41.46
N ASN D 32 -15.03 -61.34 41.80
CA ASN D 32 -13.79 -61.21 42.55
C ASN D 32 -12.58 -61.26 41.57
N THR D 33 -11.33 -61.25 42.05
CA THR D 33 -10.20 -60.95 41.12
C THR D 33 -9.44 -62.11 40.55
N SER D 34 -9.74 -63.33 41.01
CA SER D 34 -9.15 -64.56 40.48
C SER D 34 -10.04 -65.74 40.81
N VAL D 35 -10.02 -66.78 39.97
CA VAL D 35 -10.84 -67.95 40.25
C VAL D 35 -10.12 -69.24 39.89
N CYS D 36 -9.95 -70.13 40.85
CA CYS D 36 -9.35 -71.41 40.57
C CYS D 36 -10.41 -72.48 40.48
N VAL D 37 -10.35 -73.22 39.39
CA VAL D 37 -11.37 -74.20 39.08
C VAL D 37 -11.14 -75.45 39.89
N ARG D 38 -12.22 -75.98 40.47
CA ARG D 38 -12.14 -77.15 41.31
C ARG D 38 -12.96 -78.36 40.83
N THR D 39 -13.70 -78.19 39.74
CA THR D 39 -14.53 -79.29 39.24
C THR D 39 -14.26 -79.54 37.77
N SER D 40 -13.46 -80.56 37.43
CA SER D 40 -13.07 -80.72 36.01
C SER D 40 -14.24 -80.74 35.02
N HIS D 41 -13.97 -80.16 33.85
CA HIS D 41 -14.87 -79.25 33.09
C HIS D 41 -15.60 -78.04 33.75
N PHE D 42 -15.57 -76.94 33.00
CA PHE D 42 -16.09 -75.63 33.39
C PHE D 42 -16.68 -74.95 32.12
N SER D 43 -16.84 -73.62 32.15
CA SER D 43 -17.19 -72.81 30.96
C SER D 43 -16.73 -71.40 31.24
N ILE D 44 -16.02 -70.77 30.30
CA ILE D 44 -15.53 -69.38 30.51
C ILE D 44 -15.95 -68.46 29.39
N ARG D 45 -16.40 -67.26 29.73
CA ARG D 45 -16.86 -66.34 28.70
C ARG D 45 -16.34 -64.94 29.00
N TYR D 46 -16.13 -64.15 27.97
CA TYR D 46 -15.77 -62.78 28.20
C TYR D 46 -16.98 -61.87 27.99
N ILE D 47 -17.51 -61.29 29.07
CA ILE D 47 -18.54 -60.26 28.94
C ILE D 47 -17.92 -58.86 28.95
N TYR D 48 -18.38 -57.99 28.04
CA TYR D 48 -17.98 -56.58 28.00
C TYR D 48 -19.18 -55.67 28.26
N ASN D 49 -19.05 -54.82 29.28
CA ASN D 49 -20.17 -54.01 29.76
C ASN D 49 -19.94 -52.52 29.73
N ARG D 50 -20.63 -51.83 28.84
CA ARG D 50 -20.46 -50.40 28.74
C ARG D 50 -21.47 -49.75 29.64
N VAL D 51 -21.02 -48.86 30.55
CA VAL D 51 -21.97 -48.07 31.35
C VAL D 51 -22.48 -46.86 30.60
N LYS D 52 -23.81 -46.75 30.50
CA LYS D 52 -24.44 -45.66 29.80
C LYS D 52 -23.65 -44.39 30.12
N SER D 53 -23.30 -43.60 29.10
CA SER D 53 -22.61 -42.32 29.32
C SER D 53 -23.46 -41.17 28.86
N GLY D 54 -24.24 -41.40 27.81
CA GLY D 54 -25.21 -40.44 27.36
C GLY D 54 -25.04 -40.16 25.89
N SER D 55 -23.89 -40.50 25.35
CA SER D 55 -23.64 -40.15 23.97
C SER D 55 -23.49 -41.38 23.14
N PRO D 56 -23.89 -41.29 21.87
CA PRO D 56 -23.71 -42.40 20.96
C PRO D 56 -22.23 -42.62 20.67
N GLY D 57 -21.38 -41.99 21.47
CA GLY D 57 -19.93 -42.18 21.44
C GLY D 57 -19.60 -43.56 21.96
N ASP D 58 -20.30 -43.96 23.03
CA ASP D 58 -20.23 -45.33 23.51
C ASP D 58 -20.71 -46.08 22.33
N SER D 59 -20.40 -47.37 22.23
CA SER D 59 -20.88 -48.20 21.09
C SER D 59 -19.94 -48.03 19.93
N SER D 60 -19.12 -46.99 20.01
CA SER D 60 -17.97 -46.83 19.15
C SER D 60 -16.72 -47.11 19.97
N TRP D 61 -16.96 -47.38 21.26
CA TRP D 61 -15.92 -47.76 22.19
C TRP D 61 -15.92 -49.23 22.26
N HIS D 62 -14.83 -49.86 21.88
CA HIS D 62 -14.78 -51.32 21.89
C HIS D 62 -13.63 -51.81 22.75
N ILE D 63 -13.97 -52.70 23.69
CA ILE D 63 -12.99 -53.42 24.47
C ILE D 63 -13.20 -54.89 24.18
N TYR D 64 -12.12 -55.50 23.71
CA TYR D 64 -12.07 -56.89 23.31
C TYR D 64 -10.77 -57.40 23.89
N LEU D 65 -10.53 -58.70 23.77
CA LEU D 65 -9.22 -59.16 24.19
C LEU D 65 -8.51 -59.76 23.02
N LYS D 66 -7.27 -59.33 22.85
CA LYS D 66 -6.40 -59.81 21.79
C LYS D 66 -6.05 -61.26 22.12
N SER D 67 -5.27 -61.93 21.27
CA SER D 67 -4.60 -63.14 21.71
C SER D 67 -3.27 -62.71 22.29
N GLY D 68 -2.49 -63.65 22.81
CA GLY D 68 -1.25 -63.25 23.39
C GLY D 68 -0.49 -64.44 23.89
N THR D 69 -0.01 -64.32 25.11
CA THR D 69 1.11 -65.15 25.59
C THR D 69 1.10 -66.66 25.29
N CYS D 70 -0.07 -67.26 25.17
CA CYS D 70 -0.15 -68.73 25.26
C CYS D 70 -0.96 -69.42 24.17
N PRO D 71 -0.87 -70.77 24.10
CA PRO D 71 -1.42 -71.52 22.96
C PRO D 71 -2.90 -71.27 22.68
N PHE D 72 -3.80 -71.73 23.55
CA PHE D 72 -5.24 -71.67 23.31
C PHE D 72 -5.72 -70.24 23.23
N SER D 73 -6.92 -69.99 22.71
CA SER D 73 -7.40 -68.61 22.74
C SER D 73 -8.84 -68.33 23.17
N PHE D 74 -9.58 -69.31 23.68
CA PHE D 74 -11.04 -69.21 23.89
C PHE D 74 -11.77 -70.07 22.86
N ILE D 86 -5.75 -75.69 36.64
CA ILE D 86 -5.88 -74.40 35.93
C ILE D 86 -6.64 -73.33 36.73
N CYS D 87 -6.06 -72.12 36.76
CA CYS D 87 -6.63 -70.88 37.36
C CYS D 87 -6.71 -69.66 36.40
N PHE D 88 -7.47 -68.64 36.80
CA PHE D 88 -7.61 -67.37 36.05
C PHE D 88 -7.35 -66.20 36.97
N SER D 89 -7.02 -65.05 36.40
CA SER D 89 -6.63 -63.96 37.24
C SER D 89 -6.48 -62.67 36.51
N THR D 90 -7.19 -61.65 36.97
CA THR D 90 -6.80 -60.24 36.92
C THR D 90 -5.47 -60.24 37.64
N VAL D 91 -4.57 -59.30 37.40
CA VAL D 91 -3.24 -59.28 38.09
C VAL D 91 -2.22 -60.41 37.74
N GLU D 92 -0.94 -60.04 37.88
CA GLU D 92 0.19 -60.88 37.48
C GLU D 92 0.47 -62.10 38.36
N VAL D 93 0.63 -63.26 37.72
CA VAL D 93 1.01 -64.52 38.37
C VAL D 93 2.13 -65.19 37.57
N PRO D 94 3.25 -65.56 38.20
CA PRO D 94 4.31 -66.28 37.53
C PRO D 94 3.86 -67.46 36.64
N GLY D 95 4.31 -67.43 35.38
CA GLY D 95 3.96 -68.44 34.39
C GLY D 95 2.54 -68.29 33.89
N SER D 96 2.17 -67.06 33.51
CA SER D 96 0.79 -66.81 33.07
C SER D 96 0.59 -66.90 31.55
N CYS D 97 -0.28 -66.06 30.99
CA CYS D 97 -0.92 -66.39 29.73
C CYS D 97 -1.58 -65.16 29.11
N ASN D 98 -1.20 -63.98 29.58
CA ASN D 98 -1.79 -62.69 29.15
C ASN D 98 -2.64 -62.75 27.90
N PHE D 99 -3.94 -63.00 28.02
CA PHE D 99 -4.79 -62.56 26.94
C PHE D 99 -5.01 -61.10 27.31
N PRO D 100 -4.26 -60.16 26.70
CA PRO D 100 -4.36 -58.79 27.16
C PRO D 100 -5.61 -58.12 26.59
N LEU D 101 -6.21 -57.26 27.41
CA LEU D 101 -7.45 -56.58 27.08
C LEU D 101 -7.13 -55.23 26.45
N GLU D 102 -7.57 -55.02 25.21
CA GLU D 102 -7.32 -53.77 24.44
C GLU D 102 -8.60 -52.98 24.28
N ALA D 103 -8.55 -51.69 24.61
CA ALA D 103 -9.72 -50.84 24.53
C ALA D 103 -9.46 -49.79 23.48
N THR D 104 -10.41 -49.60 22.58
CA THR D 104 -10.24 -48.66 21.46
C THR D 104 -11.50 -47.82 21.20
N TRP D 105 -11.31 -46.52 20.98
CA TRP D 105 -12.39 -45.74 20.38
C TRP D 105 -12.37 -45.69 18.83
N HIS D 106 -13.23 -46.52 18.23
CA HIS D 106 -13.54 -46.48 16.81
C HIS D 106 -12.31 -46.80 15.96
N TYR D 107 -11.40 -47.58 16.53
CA TYR D 107 -10.21 -48.05 15.83
C TYR D 107 -9.28 -46.92 15.40
N THR D 108 -9.36 -45.80 16.12
CA THR D 108 -8.44 -44.68 15.96
C THR D 108 -7.25 -44.90 16.88
N SER D 109 -7.51 -44.78 18.19
CA SER D 109 -6.50 -45.03 19.25
C SER D 109 -6.67 -46.45 19.89
N TYR D 110 -5.55 -47.09 20.24
CA TYR D 110 -5.63 -48.30 21.07
C TYR D 110 -4.96 -48.06 22.42
N THR D 111 -5.49 -48.68 23.47
CA THR D 111 -4.91 -48.59 24.79
C THR D 111 -5.25 -49.90 25.55
N ILE D 112 -4.23 -50.62 26.03
CA ILE D 112 -4.51 -51.91 26.67
C ILE D 112 -4.95 -51.72 28.12
N VAL D 113 -6.18 -52.07 28.47
CA VAL D 113 -6.71 -51.74 29.79
C VAL D 113 -6.55 -52.82 30.83
N GLY D 114 -5.78 -53.85 30.51
CA GLY D 114 -5.50 -54.97 31.44
C GLY D 114 -5.27 -56.31 30.75
N ALA D 115 -5.40 -57.38 31.51
CA ALA D 115 -5.32 -58.72 30.94
C ALA D 115 -6.05 -59.80 31.75
N LEU D 116 -6.23 -60.96 31.12
CA LEU D 116 -6.64 -62.14 31.82
C LEU D 116 -5.42 -63.04 31.85
N TYR D 117 -4.90 -63.28 33.05
CA TYR D 117 -3.72 -64.13 33.23
C TYR D 117 -4.22 -65.51 33.55
N VAL D 118 -3.68 -66.50 32.85
CA VAL D 118 -4.12 -67.87 33.07
C VAL D 118 -2.93 -68.75 33.50
N THR D 119 -3.22 -69.81 34.25
CA THR D 119 -2.19 -70.71 34.76
C THR D 119 -2.63 -72.19 34.77
N TRP D 120 -1.92 -72.97 33.93
CA TRP D 120 -2.17 -74.38 33.64
C TRP D 120 -1.31 -75.26 34.53
N SER D 121 -1.42 -76.56 34.31
CA SER D 121 -0.71 -77.54 35.10
C SER D 121 -0.79 -78.85 34.35
N GLU D 122 -1.78 -78.95 33.47
CA GLU D 122 -1.95 -80.11 32.58
C GLU D 122 -2.56 -81.31 33.31
N SER E 1 -2.88 25.35 -44.93
CA SER E 1 -1.49 25.08 -44.48
C SER E 1 -1.44 24.10 -43.31
N THR E 2 -0.46 23.20 -43.31
CA THR E 2 -0.36 22.18 -42.27
C THR E 2 -0.53 22.92 -40.96
N ILE E 3 -1.55 22.53 -40.19
CA ILE E 3 -1.80 23.16 -38.89
C ILE E 3 -0.57 23.13 -37.99
N GLU E 4 0.29 22.14 -38.21
CA GLU E 4 1.62 22.11 -37.58
C GLU E 4 2.39 23.38 -38.02
N GLU E 5 2.45 23.58 -39.33
CA GLU E 5 3.13 24.71 -39.95
C GLU E 5 2.49 26.06 -39.55
N GLN E 6 1.16 26.04 -39.38
CA GLN E 6 0.37 27.20 -38.92
C GLN E 6 0.55 27.48 -37.43
N ALA E 7 0.84 26.42 -36.69
CA ALA E 7 1.16 26.53 -35.29
C ALA E 7 2.63 26.87 -35.14
N LYS E 8 3.44 26.48 -36.12
CA LYS E 8 4.85 26.80 -36.07
C LYS E 8 5.03 28.30 -36.02
N THR E 9 4.41 29.02 -36.94
CA THR E 9 4.53 30.47 -36.92
C THR E 9 3.64 31.15 -35.87
N PHE E 10 2.63 30.47 -35.36
CA PHE E 10 1.89 31.03 -34.22
C PHE E 10 2.80 31.07 -32.99
N LEU E 11 3.55 29.99 -32.79
CA LEU E 11 4.47 29.88 -31.66
C LEU E 11 5.65 30.82 -31.82
N ASP E 12 6.07 31.05 -33.06
CA ASP E 12 7.17 31.96 -33.29
C ASP E 12 6.79 33.30 -32.77
N LYS E 13 5.67 33.83 -33.22
CA LYS E 13 5.19 35.13 -32.78
C LYS E 13 4.80 35.14 -31.28
N PHE E 14 4.45 33.98 -30.72
CA PHE E 14 4.22 33.89 -29.27
C PHE E 14 5.49 34.06 -28.47
N ASN E 15 6.48 33.26 -28.79
CA ASN E 15 7.75 33.35 -28.15
C ASN E 15 8.32 34.78 -28.11
N HIS E 16 8.20 35.47 -29.24
CA HIS E 16 8.66 36.82 -29.32
C HIS E 16 7.99 37.64 -28.26
N GLU E 17 6.66 37.70 -28.29
CA GLU E 17 5.89 38.57 -27.37
C GLU E 17 6.10 38.15 -25.95
N ALA E 18 6.14 36.84 -25.72
CA ALA E 18 6.32 36.33 -24.39
C ALA E 18 7.69 36.66 -23.83
N GLU E 19 8.73 36.58 -24.63
CA GLU E 19 10.04 36.92 -24.09
C GLU E 19 10.12 38.38 -23.67
N ASP E 20 9.41 39.26 -24.38
CA ASP E 20 9.36 40.69 -24.08
C ASP E 20 8.68 40.95 -22.77
N LEU E 21 7.50 40.37 -22.60
CA LEU E 21 6.69 40.57 -21.42
C LEU E 21 7.28 39.88 -20.18
N PHE E 22 7.86 38.72 -20.38
CA PHE E 22 8.43 38.01 -19.26
C PHE E 22 9.71 38.68 -18.80
N TYR E 23 10.40 39.39 -19.70
CA TYR E 23 11.52 40.21 -19.28
C TYR E 23 10.94 41.35 -18.46
N GLN E 24 9.76 41.84 -18.80
CA GLN E 24 9.13 42.90 -18.01
C GLN E 24 8.69 42.53 -16.60
N SER E 25 8.05 41.36 -16.45
CA SER E 25 7.68 40.91 -15.13
C SER E 25 8.94 40.64 -14.30
N SER E 26 9.94 40.00 -14.89
CA SER E 26 11.18 39.66 -14.18
C SER E 26 12.03 40.88 -13.80
N LEU E 27 12.13 41.84 -14.70
CA LEU E 27 12.89 43.02 -14.39
C LEU E 27 12.21 43.80 -13.26
N ALA E 28 10.88 43.75 -13.17
CA ALA E 28 10.20 44.49 -12.14
C ALA E 28 10.32 43.80 -10.80
N SER E 29 10.37 42.48 -10.80
CA SER E 29 10.58 41.75 -9.56
C SER E 29 12.00 41.96 -9.03
N TRP E 30 12.99 41.87 -9.92
CA TRP E 30 14.36 42.17 -9.52
C TRP E 30 14.35 43.51 -8.82
N ASN E 31 13.78 44.49 -9.50
CA ASN E 31 13.74 45.86 -9.02
C ASN E 31 13.02 46.02 -7.68
N TYR E 32 12.15 45.07 -7.35
CA TYR E 32 11.49 45.05 -6.05
C TYR E 32 12.54 44.92 -4.90
N ASN E 33 13.38 43.90 -5.03
CA ASN E 33 14.49 43.69 -4.12
C ASN E 33 15.65 44.69 -4.42
N THR E 34 16.16 44.71 -5.65
CA THR E 34 17.38 45.51 -6.05
C THR E 34 17.53 47.00 -5.72
N ASN E 35 16.53 47.83 -6.07
CA ASN E 35 16.60 49.32 -5.86
C ASN E 35 15.29 49.96 -5.25
N THR E 37 15.59 52.40 -4.03
CA THR E 37 15.65 53.86 -4.03
C THR E 37 14.35 54.42 -3.46
N GLU E 38 13.31 54.25 -4.28
CA GLU E 38 12.01 54.90 -4.11
C GLU E 38 10.98 54.14 -4.99
N GLU E 39 10.93 54.54 -6.28
CA GLU E 39 9.84 54.21 -7.23
C GLU E 39 9.90 52.81 -7.86
N ASN E 40 10.09 51.76 -7.02
CA ASN E 40 10.25 50.34 -7.43
C ASN E 40 9.40 49.33 -6.63
N VAL E 41 8.80 49.81 -5.55
CA VAL E 41 8.16 48.96 -4.49
C VAL E 41 6.92 48.10 -5.02
N GLN E 42 6.25 48.62 -6.06
CA GLN E 42 4.85 48.25 -6.36
C GLN E 42 4.53 48.16 -7.83
N ASN E 43 5.52 48.35 -8.68
CA ASN E 43 5.36 48.11 -10.11
C ASN E 43 5.43 46.61 -10.42
N MET E 44 6.15 45.86 -9.59
CA MET E 44 6.27 44.43 -9.77
C MET E 44 4.88 43.77 -9.88
N ASN E 45 4.01 44.13 -8.95
CA ASN E 45 2.71 43.52 -8.85
C ASN E 45 1.82 43.82 -10.06
N ASN E 46 1.95 45.00 -10.68
CA ASN E 46 1.21 45.33 -11.92
C ASN E 46 1.65 44.52 -13.14
N ALA E 47 2.91 44.67 -13.51
CA ALA E 47 3.51 44.03 -14.66
C ALA E 47 3.47 42.50 -14.59
N GLY E 48 3.21 41.98 -13.39
CA GLY E 48 2.98 40.55 -13.19
C GLY E 48 1.56 40.17 -13.58
N ASP E 49 0.59 41.02 -13.28
CA ASP E 49 -0.78 40.78 -13.69
C ASP E 49 -0.98 40.94 -15.19
N LYS E 50 -0.18 41.83 -15.81
CA LYS E 50 -0.16 41.97 -17.26
C LYS E 50 0.40 40.68 -17.88
N TRP E 51 1.46 40.16 -17.30
CA TRP E 51 1.98 38.88 -17.76
C TRP E 51 0.88 37.84 -17.68
N SER E 52 0.21 37.83 -16.54
CA SER E 52 -0.91 36.95 -16.27
C SER E 52 -2.02 37.14 -17.34
N ALA E 53 -2.38 38.39 -17.63
CA ALA E 53 -3.40 38.65 -18.67
C ALA E 53 -2.99 38.06 -20.00
N PHE E 54 -1.72 38.23 -20.35
CA PHE E 54 -1.16 37.81 -21.65
C PHE E 54 -1.28 36.29 -21.74
N LEU E 55 -0.77 35.61 -20.72
CA LEU E 55 -0.67 34.18 -20.76
C LEU E 55 -2.07 33.59 -20.92
N LYS E 56 -3.05 34.27 -20.33
CA LYS E 56 -4.42 33.80 -20.34
C LYS E 56 -4.99 33.84 -21.73
N GLU E 57 -4.76 34.94 -22.44
CA GLU E 57 -5.21 35.11 -23.83
C GLU E 57 -4.66 34.02 -24.74
N GLN E 58 -3.37 33.73 -24.59
CA GLN E 58 -2.67 32.82 -25.49
C GLN E 58 -3.08 31.37 -25.33
N SER E 59 -3.45 30.99 -24.11
CA SER E 59 -4.11 29.70 -23.91
C SER E 59 -5.47 29.67 -24.64
N THR E 60 -6.34 30.66 -24.40
CA THR E 60 -7.66 30.75 -25.10
C THR E 60 -7.53 30.73 -26.61
N LEU E 61 -6.30 30.85 -27.10
CA LEU E 61 -6.05 30.91 -28.53
C LEU E 61 -5.15 29.75 -29.00
N ALA E 62 -4.56 28.99 -28.10
CA ALA E 62 -3.87 27.78 -28.54
C ALA E 62 -4.83 26.59 -28.53
N GLN E 63 -5.99 26.74 -27.88
CA GLN E 63 -7.10 25.77 -27.95
C GLN E 63 -7.52 25.53 -29.39
N MET E 64 -7.17 26.46 -30.27
CA MET E 64 -7.55 26.36 -31.66
C MET E 64 -6.56 25.54 -32.46
N TYR E 65 -5.52 25.02 -31.82
CA TYR E 65 -4.53 24.18 -32.50
C TYR E 65 -4.54 22.70 -32.09
N PRO E 66 -5.43 21.88 -32.74
CA PRO E 66 -5.61 20.48 -32.34
C PRO E 66 -4.30 19.70 -32.31
N LEU E 67 -3.90 19.29 -31.12
CA LEU E 67 -2.65 18.57 -30.88
C LEU E 67 -2.49 17.34 -31.78
N GLN E 68 -3.58 16.60 -31.97
CA GLN E 68 -3.57 15.36 -32.76
C GLN E 68 -2.85 15.48 -34.11
N GLU E 69 -3.01 16.63 -34.76
CA GLU E 69 -2.41 16.84 -36.06
C GLU E 69 -0.98 17.43 -35.97
N ILE E 70 -0.38 17.38 -34.80
CA ILE E 70 0.96 17.95 -34.59
C ILE E 70 2.08 16.90 -34.69
N GLN E 71 2.78 16.90 -35.82
CA GLN E 71 3.88 15.96 -36.01
C GLN E 71 5.14 16.34 -35.20
N ASN E 72 5.61 17.58 -35.36
CA ASN E 72 6.83 18.04 -34.68
C ASN E 72 6.71 17.95 -33.15
N LEU E 73 7.47 17.02 -32.59
CA LEU E 73 7.45 16.69 -31.16
C LEU E 73 7.70 17.92 -30.28
N THR E 74 8.49 18.86 -30.81
CA THR E 74 8.83 20.09 -30.10
C THR E 74 7.62 21.03 -30.01
N VAL E 75 6.95 21.26 -31.15
CA VAL E 75 5.83 22.19 -31.18
C VAL E 75 4.67 21.59 -30.40
N LYS E 76 4.53 20.27 -30.49
CA LYS E 76 3.49 19.58 -29.71
C LYS E 76 3.58 20.00 -28.26
N LEU E 77 4.79 19.89 -27.72
CA LEU E 77 5.04 20.12 -26.29
C LEU E 77 4.68 21.52 -25.84
N GLN E 78 5.10 22.49 -26.64
CA GLN E 78 4.86 23.90 -26.34
C GLN E 78 3.36 24.10 -26.36
N LEU E 79 2.76 23.70 -27.48
CA LEU E 79 1.32 23.80 -27.66
C LEU E 79 0.57 23.18 -26.45
N GLN E 80 0.88 21.93 -26.16
CA GLN E 80 0.37 21.26 -24.97
C GLN E 80 0.54 22.12 -23.73
N ALA E 81 1.78 22.55 -23.47
CA ALA E 81 2.07 23.37 -22.31
C ALA E 81 1.22 24.63 -22.25
N LEU E 82 1.19 25.38 -23.34
CA LEU E 82 0.47 26.65 -23.42
C LEU E 82 -1.04 26.48 -23.21
N GLN E 83 -1.61 25.53 -23.95
CA GLN E 83 -3.05 25.31 -23.92
C GLN E 83 -3.49 24.54 -22.69
N GLN E 84 -3.30 25.10 -21.50
CA GLN E 84 -3.91 24.52 -20.31
C GLN E 84 -4.84 25.55 -19.69
N ASN E 85 -6.15 25.28 -19.79
CA ASN E 85 -7.21 26.09 -19.13
C ASN E 85 -6.79 26.58 -17.69
N GLY E 86 -6.02 25.76 -16.96
CA GLY E 86 -5.33 26.14 -15.70
C GLY E 86 -6.25 26.55 -14.57
N SER E 87 -6.03 27.72 -13.98
CA SER E 87 -6.98 28.29 -12.99
C SER E 87 -8.22 29.02 -13.56
N SER E 88 -8.08 29.61 -14.74
CA SER E 88 -9.16 30.37 -15.35
C SER E 88 -10.46 29.56 -15.39
N VAL E 89 -10.32 28.23 -15.42
CA VAL E 89 -11.45 27.30 -15.49
C VAL E 89 -12.12 27.21 -14.12
N LEU E 90 -12.70 28.34 -13.73
CA LEU E 90 -13.34 28.51 -12.43
C LEU E 90 -14.34 29.65 -12.48
N SER E 91 -15.48 29.44 -11.84
CA SER E 91 -16.46 30.49 -11.59
C SER E 91 -15.68 31.76 -11.22
N GLU E 92 -15.88 32.83 -11.98
CA GLU E 92 -15.18 34.11 -11.80
C GLU E 92 -14.84 34.40 -10.33
N ASP E 93 -15.88 34.41 -9.48
CA ASP E 93 -15.77 34.64 -8.03
C ASP E 93 -14.86 33.62 -7.34
N LYS E 94 -15.00 32.35 -7.72
CA LYS E 94 -14.19 31.27 -7.17
C LYS E 94 -12.73 31.45 -7.58
N SER E 95 -12.50 32.02 -8.76
CA SER E 95 -11.13 32.27 -9.24
C SER E 95 -10.50 33.38 -8.41
N LYS E 96 -11.28 34.43 -8.13
CA LYS E 96 -10.87 35.53 -7.25
C LYS E 96 -10.68 35.04 -5.81
N ARG E 97 -11.67 34.30 -5.30
CA ARG E 97 -11.65 33.83 -3.91
C ARG E 97 -10.42 32.96 -3.62
N LEU E 98 -10.03 32.12 -4.57
CA LEU E 98 -8.82 31.33 -4.44
C LEU E 98 -7.61 32.26 -4.43
N ASN E 99 -7.63 33.29 -5.27
CA ASN E 99 -6.57 34.29 -5.27
C ASN E 99 -6.52 34.94 -3.91
N THR E 100 -7.61 35.63 -3.55
CA THR E 100 -7.77 36.17 -2.20
C THR E 100 -7.13 35.27 -1.12
N ILE E 101 -7.43 33.96 -1.16
CA ILE E 101 -6.91 33.01 -0.19
C ILE E 101 -5.39 32.91 -0.27
N LEU E 102 -4.85 32.66 -1.47
CA LEU E 102 -3.41 32.45 -1.62
C LEU E 102 -2.58 33.64 -1.11
N ASN E 103 -2.98 34.85 -1.45
CA ASN E 103 -2.34 36.04 -0.91
C ASN E 103 -2.41 36.09 0.61
N THR E 104 -3.61 35.92 1.18
CA THR E 104 -3.77 35.90 2.64
C THR E 104 -2.79 34.88 3.29
N MET E 105 -2.70 33.68 2.72
CA MET E 105 -1.90 32.65 3.35
C MET E 105 -0.45 33.01 3.20
N SER E 106 -0.08 33.48 2.02
CA SER E 106 1.29 33.89 1.76
C SER E 106 1.72 34.99 2.71
N THR E 107 0.82 35.95 2.95
CA THR E 107 1.11 37.11 3.81
C THR E 107 1.18 36.80 5.32
N ILE E 108 0.19 36.04 5.84
CA ILE E 108 0.19 35.61 7.24
C ILE E 108 1.51 34.94 7.63
N TYR E 109 2.00 34.07 6.75
CA TYR E 109 3.30 33.39 6.93
C TYR E 109 4.47 34.35 6.78
N SER E 110 4.40 35.17 5.73
CA SER E 110 5.35 36.23 5.46
C SER E 110 5.40 37.23 6.60
N THR E 111 4.24 37.60 7.12
CA THR E 111 4.17 38.58 8.18
C THR E 111 3.46 38.05 9.45
N GLY E 112 3.97 36.95 9.98
CA GLY E 112 3.47 36.40 11.23
C GLY E 112 4.52 36.51 12.30
N LYS E 113 4.10 36.94 13.47
CA LYS E 113 5.03 37.17 14.56
C LYS E 113 4.47 36.74 15.90
N VAL E 114 5.32 36.13 16.72
CA VAL E 114 4.94 35.67 18.05
C VAL E 114 5.46 36.67 19.06
N CYS E 115 4.63 37.07 20.01
CA CYS E 115 4.98 38.11 20.97
C CYS E 115 4.99 37.60 22.43
N ASN E 116 5.33 38.46 23.38
CA ASN E 116 5.49 38.05 24.80
C ASN E 116 4.38 38.45 25.78
N ASP E 118 3.47 39.39 28.46
CA ASP E 118 3.19 40.78 28.86
C ASP E 118 4.08 41.79 28.13
N ASN E 119 4.73 41.32 27.08
CA ASN E 119 5.45 42.18 26.16
C ASN E 119 4.76 42.06 24.79
N PRO E 120 3.60 42.72 24.61
CA PRO E 120 2.87 42.57 23.34
C PRO E 120 3.49 43.41 22.22
N GLN E 121 4.29 44.41 22.60
CA GLN E 121 5.10 45.15 21.63
C GLN E 121 6.26 44.28 21.10
N GLU E 122 7.03 43.65 22.01
CA GLU E 122 8.15 42.76 21.60
C GLU E 122 7.68 41.48 20.90
N CYS E 123 8.13 41.34 19.68
CA CYS E 123 7.85 40.15 18.94
C CYS E 123 9.10 39.79 18.19
N LEU E 124 9.27 38.50 17.94
CA LEU E 124 10.28 38.04 17.03
C LEU E 124 9.45 37.59 15.83
N LEU E 125 10.09 37.53 14.64
CA LEU E 125 9.46 36.93 13.45
C LEU E 125 10.04 35.56 13.13
N LEU E 126 9.61 34.97 12.02
CA LEU E 126 10.31 33.79 11.61
C LEU E 126 11.72 34.16 11.22
N GLU E 127 11.91 35.22 10.42
CA GLU E 127 13.29 35.63 10.17
C GLU E 127 13.88 36.56 11.23
N PRO E 128 15.24 36.64 11.33
CA PRO E 128 16.00 36.10 12.48
C PRO E 128 15.15 35.47 13.59
N GLY E 129 14.59 36.32 14.44
CA GLY E 129 13.74 35.90 15.55
C GLY E 129 13.91 34.44 15.92
N LEU E 130 12.94 33.64 15.48
CA LEU E 130 12.81 32.24 15.89
C LEU E 130 13.83 31.30 15.26
N ASN E 131 14.00 31.36 13.94
CA ASN E 131 14.96 30.47 13.29
C ASN E 131 16.36 30.48 13.93
N GLU E 132 16.76 31.66 14.38
CA GLU E 132 18.03 31.87 15.08
C GLU E 132 18.04 31.18 16.46
N ILE E 133 16.85 31.03 17.07
CA ILE E 133 16.64 30.29 18.33
C ILE E 133 16.67 28.78 18.08
N MET E 134 15.85 28.32 17.14
CA MET E 134 15.77 26.91 16.82
C MET E 134 17.11 26.39 16.31
N ALA E 135 17.97 27.31 15.89
CA ALA E 135 19.32 26.99 15.43
C ALA E 135 20.40 26.85 16.54
N ASN E 136 20.28 27.64 17.59
CA ASN E 136 21.30 27.71 18.64
C ASN E 136 20.83 27.20 20.00
N SER E 137 19.68 27.72 20.44
CA SER E 137 19.14 27.51 21.80
C SER E 137 19.13 26.06 22.21
N LEU E 138 19.45 25.86 23.48
CA LEU E 138 19.54 24.53 24.09
C LEU E 138 18.63 24.44 25.33
N ASP E 139 17.63 25.32 25.41
CA ASP E 139 16.67 25.25 26.50
C ASP E 139 15.38 24.64 25.97
N TYR E 140 15.17 23.37 26.25
CA TYR E 140 13.96 22.65 25.88
C TYR E 140 12.71 23.53 25.95
N ASN E 141 12.44 24.14 27.12
CA ASN E 141 11.25 24.98 27.32
C ASN E 141 11.19 26.20 26.40
N GLU E 142 12.36 26.77 26.11
CA GLU E 142 12.46 27.94 25.27
C GLU E 142 12.16 27.54 23.83
N ARG E 143 12.78 26.46 23.38
CA ARG E 143 12.59 25.94 22.02
C ARG E 143 11.16 25.46 21.84
N LEU E 144 10.63 24.80 22.86
CA LEU E 144 9.24 24.40 22.82
C LEU E 144 8.36 25.65 22.67
N TRP E 145 8.61 26.69 23.49
CA TRP E 145 7.88 27.97 23.35
C TRP E 145 7.97 28.57 21.93
N ALA E 146 9.15 28.55 21.32
CA ALA E 146 9.32 29.02 19.95
C ALA E 146 8.48 28.16 18.99
N TRP E 147 8.69 26.85 19.05
CA TRP E 147 7.96 25.87 18.27
C TRP E 147 6.44 26.06 18.39
N GLU E 148 5.94 26.03 19.61
CA GLU E 148 4.51 26.06 19.85
C GLU E 148 3.90 27.40 19.50
N SER E 149 4.57 28.50 19.85
CA SER E 149 4.04 29.85 19.62
C SER E 149 3.81 30.14 18.14
N TRP E 150 4.73 29.64 17.32
CA TRP E 150 4.66 29.81 15.86
C TRP E 150 3.54 28.97 15.28
N ARG E 151 3.45 27.73 15.74
CA ARG E 151 2.49 26.81 15.19
C ARG E 151 1.08 27.11 15.67
N SER E 152 1.01 28.00 16.66
CA SER E 152 -0.24 28.50 17.21
C SER E 152 -0.69 29.82 16.62
N GLU E 153 0.20 30.84 16.62
CA GLU E 153 -0.16 32.18 16.11
C GLU E 153 -0.33 32.29 14.58
N VAL E 154 0.57 31.66 13.84
CA VAL E 154 0.48 31.72 12.41
C VAL E 154 -0.04 30.40 11.87
N GLY E 155 -0.44 29.51 12.77
CA GLY E 155 -0.91 28.19 12.38
C GLY E 155 -2.44 28.15 12.36
N LYS E 156 -3.03 28.51 13.49
CA LYS E 156 -4.46 28.44 13.63
C LYS E 156 -5.11 29.46 12.69
N GLN E 157 -4.34 30.47 12.29
CA GLN E 157 -4.82 31.47 11.33
C GLN E 157 -5.04 30.81 9.99
N LEU E 158 -4.11 29.94 9.64
CA LEU E 158 -4.04 29.35 8.33
C LEU E 158 -5.11 28.28 8.13
N ARG E 159 -5.60 27.70 9.23
CA ARG E 159 -6.51 26.54 9.16
C ARG E 159 -7.76 26.79 8.30
N PRO E 160 -8.65 27.74 8.69
CA PRO E 160 -9.90 27.80 7.91
C PRO E 160 -9.62 28.11 6.46
N LEU E 161 -8.60 28.92 6.20
CA LEU E 161 -8.20 29.28 4.84
C LEU E 161 -7.72 28.08 4.08
N TYR E 162 -6.95 27.24 4.76
CA TYR E 162 -6.38 26.08 4.10
C TYR E 162 -7.45 25.06 3.74
N GLU E 163 -8.53 24.99 4.52
CA GLU E 163 -9.62 24.07 4.24
C GLU E 163 -10.32 24.48 2.99
N GLU E 164 -10.57 25.78 2.88
CA GLU E 164 -11.22 26.36 1.71
C GLU E 164 -10.32 26.20 0.50
N TYR E 165 -9.02 26.38 0.72
CA TYR E 165 -7.98 26.28 -0.30
C TYR E 165 -7.96 24.93 -0.98
N VAL E 166 -8.11 23.84 -0.21
CA VAL E 166 -8.21 22.50 -0.85
C VAL E 166 -9.50 22.32 -1.67
N VAL E 167 -10.59 22.97 -1.26
CA VAL E 167 -11.85 22.87 -1.99
C VAL E 167 -11.59 23.37 -3.41
N LEU E 168 -11.41 24.68 -3.56
CA LEU E 168 -11.34 25.25 -4.91
C LEU E 168 -10.16 24.67 -5.67
N LYS E 169 -9.07 24.44 -4.94
CA LYS E 169 -7.85 23.89 -5.50
C LYS E 169 -8.09 22.52 -6.10
N ASN E 170 -8.98 21.74 -5.49
CA ASN E 170 -9.42 20.48 -6.07
C ASN E 170 -10.34 20.72 -7.23
N GLU E 171 -11.36 21.55 -7.00
CA GLU E 171 -12.35 21.87 -8.03
C GLU E 171 -11.69 22.29 -9.34
N MET E 172 -10.53 22.97 -9.22
CA MET E 172 -9.73 23.34 -10.35
C MET E 172 -9.10 22.13 -11.02
N ALA E 173 -8.66 21.16 -10.23
CA ALA E 173 -8.06 19.94 -10.79
C ALA E 173 -9.11 18.99 -11.36
N ARG E 174 -10.20 18.82 -10.59
CA ARG E 174 -11.32 17.97 -10.98
C ARG E 174 -11.92 18.43 -12.30
N ALA E 175 -11.91 19.75 -12.51
CA ALA E 175 -12.33 20.34 -13.78
C ALA E 175 -11.31 20.15 -14.87
N ASN E 176 -10.03 20.11 -14.50
CA ASN E 176 -8.96 19.89 -15.48
C ASN E 176 -8.69 18.41 -15.75
N HIS E 177 -9.68 17.60 -15.37
CA HIS E 177 -9.68 16.13 -15.53
C HIS E 177 -8.44 15.47 -14.91
N TYR E 178 -8.09 15.99 -13.74
CA TYR E 178 -7.16 15.36 -12.85
C TYR E 178 -7.99 14.82 -11.70
N GLU E 179 -7.47 13.80 -11.01
CA GLU E 179 -8.19 13.16 -9.91
C GLU E 179 -8.43 14.13 -8.75
N ASP E 180 -7.36 14.76 -8.30
CA ASP E 180 -7.43 15.74 -7.24
C ASP E 180 -6.26 16.65 -7.40
N TYR E 181 -6.20 17.71 -6.59
CA TYR E 181 -5.14 18.68 -6.73
C TYR E 181 -3.79 18.02 -6.52
N GLY E 182 -3.79 16.96 -5.72
CA GLY E 182 -2.63 16.10 -5.56
C GLY E 182 -2.26 15.46 -6.88
N ASP E 183 -3.20 14.78 -7.51
CA ASP E 183 -2.95 14.18 -8.81
C ASP E 183 -2.40 15.21 -9.76
N TYR E 184 -2.82 16.45 -9.57
CA TYR E 184 -2.44 17.58 -10.40
C TYR E 184 -0.93 17.87 -10.32
N TRP E 185 -0.40 17.88 -9.10
CA TRP E 185 0.99 18.25 -8.93
C TRP E 185 1.90 17.18 -9.46
N ARG E 186 1.46 15.93 -9.32
CA ARG E 186 2.23 14.78 -9.80
C ARG E 186 2.35 14.86 -11.33
N GLY E 187 1.33 15.46 -11.97
CA GLY E 187 1.33 15.69 -13.40
C GLY E 187 2.67 16.18 -13.91
N ASP E 188 3.39 16.93 -13.09
CA ASP E 188 4.71 17.45 -13.48
C ASP E 188 5.67 16.35 -13.95
N TYR E 189 5.57 15.16 -13.37
CA TYR E 189 6.49 14.07 -13.71
C TYR E 189 5.91 13.17 -14.79
N GLU E 190 4.80 13.58 -15.38
CA GLU E 190 4.13 12.77 -16.35
C GLU E 190 4.82 12.94 -17.70
N VAL E 191 4.63 11.94 -18.56
CA VAL E 191 4.95 12.01 -19.98
C VAL E 191 4.08 11.01 -20.74
N ASN E 192 3.44 11.46 -21.82
CA ASN E 192 2.64 10.59 -22.68
C ASN E 192 3.20 10.50 -24.09
N GLY E 193 2.87 9.40 -24.78
CA GLY E 193 3.10 9.26 -26.23
C GLY E 193 4.52 9.37 -26.75
N VAL E 194 5.48 9.07 -25.88
CA VAL E 194 6.90 8.96 -26.28
C VAL E 194 7.35 7.52 -26.08
N ASP E 195 7.76 6.87 -27.18
CA ASP E 195 8.18 5.46 -27.22
C ASP E 195 8.95 4.95 -25.99
N GLY E 196 8.34 4.02 -25.25
CA GLY E 196 8.97 3.42 -24.06
C GLY E 196 9.74 4.39 -23.17
N TYR E 197 9.18 5.58 -22.99
CA TYR E 197 9.78 6.64 -22.17
C TYR E 197 8.75 7.27 -21.26
N ASP E 198 7.59 6.62 -21.21
CA ASP E 198 6.43 7.19 -20.56
C ASP E 198 6.56 7.05 -19.06
N TYR E 199 5.77 7.85 -18.36
CA TYR E 199 5.67 7.84 -16.90
C TYR E 199 4.24 8.16 -16.53
N SER E 200 3.64 7.30 -15.72
CA SER E 200 2.27 7.49 -15.27
C SER E 200 2.20 8.48 -14.11
N ARG E 201 1.13 9.29 -14.06
CA ARG E 201 0.91 10.29 -12.98
C ARG E 201 0.95 9.67 -11.59
N GLY E 202 0.60 8.39 -11.48
CA GLY E 202 0.55 7.71 -10.19
C GLY E 202 1.67 6.70 -10.01
N GLN E 203 2.45 6.50 -11.07
CA GLN E 203 3.66 5.70 -10.98
C GLN E 203 4.75 6.45 -10.18
N LEU E 204 4.54 7.75 -9.95
CA LEU E 204 5.39 8.53 -9.08
C LEU E 204 5.23 8.09 -7.64
N ILE E 205 3.99 8.04 -7.14
CA ILE E 205 3.71 7.55 -5.79
C ILE E 205 4.40 6.23 -5.55
N GLU E 206 4.15 5.23 -6.39
CA GLU E 206 4.82 3.96 -6.23
C GLU E 206 6.34 4.11 -6.26
N ASP E 207 6.90 4.73 -7.28
CA ASP E 207 8.35 4.88 -7.30
C ASP E 207 8.92 5.74 -6.19
N VAL E 208 8.07 6.41 -5.43
CA VAL E 208 8.50 7.12 -4.21
C VAL E 208 8.42 6.14 -3.06
N GLU E 209 7.24 5.53 -2.90
CA GLU E 209 6.99 4.59 -1.83
C GLU E 209 7.98 3.44 -1.92
N HIS E 210 8.20 2.93 -3.13
CA HIS E 210 9.07 1.77 -3.35
C HIS E 210 10.55 2.15 -3.39
N THR E 211 10.79 3.46 -3.50
CA THR E 211 12.14 3.98 -3.34
C THR E 211 12.37 4.37 -1.89
N PHE E 212 11.28 4.42 -1.14
CA PHE E 212 11.35 4.74 0.29
C PHE E 212 11.66 3.53 1.17
N GLU E 213 10.97 2.41 0.93
CA GLU E 213 11.23 1.16 1.71
C GLU E 213 12.72 0.84 1.68
N GLU E 214 13.35 1.14 0.55
CA GLU E 214 14.78 0.94 0.36
C GLU E 214 15.61 1.93 1.18
N ILE E 215 15.13 3.16 1.33
CA ILE E 215 15.87 4.16 2.07
C ILE E 215 15.57 4.13 3.58
N LYS E 216 14.60 3.32 3.98
CA LYS E 216 14.15 3.26 5.38
C LYS E 216 15.21 2.76 6.40
N PRO E 217 15.92 1.64 6.09
CA PRO E 217 16.98 1.14 7.02
C PRO E 217 18.05 2.17 7.39
N LEU E 218 18.62 2.84 6.40
CA LEU E 218 19.64 3.85 6.64
C LEU E 218 19.12 4.94 7.54
N TYR E 219 17.85 5.29 7.37
CA TYR E 219 17.28 6.39 8.12
C TYR E 219 17.19 6.06 9.58
N GLU E 220 16.73 4.85 9.87
CA GLU E 220 16.44 4.47 11.24
C GLU E 220 17.71 4.46 12.07
N HIS E 221 18.81 3.97 11.49
CA HIS E 221 20.11 3.94 12.18
C HIS E 221 20.67 5.33 12.42
N LEU E 222 20.36 6.25 11.51
CA LEU E 222 20.74 7.63 11.71
C LEU E 222 19.87 8.21 12.82
N HIS E 223 18.59 7.85 12.81
CA HIS E 223 17.63 8.35 13.76
C HIS E 223 17.88 7.88 15.15
N ALA E 224 18.14 6.58 15.28
CA ALA E 224 18.43 5.94 16.57
C ALA E 224 19.80 6.35 17.12
N TYR E 225 20.69 6.76 16.22
CA TYR E 225 21.95 7.33 16.62
C TYR E 225 21.77 8.72 17.21
N VAL E 226 21.03 9.59 16.54
CA VAL E 226 20.87 10.95 17.02
C VAL E 226 20.18 10.97 18.37
N ARG E 227 19.12 10.18 18.54
CA ARG E 227 18.33 10.21 19.79
C ARG E 227 19.22 9.95 20.98
N ALA E 228 20.17 9.04 20.80
CA ALA E 228 21.17 8.72 21.82
C ALA E 228 22.07 9.91 22.18
N LYS E 229 22.53 10.66 21.18
CA LYS E 229 23.38 11.84 21.40
C LYS E 229 22.56 13.04 21.88
N LEU E 230 21.28 13.04 21.52
CA LEU E 230 20.35 14.07 21.94
C LEU E 230 20.05 13.96 23.42
N MET E 231 19.73 12.74 23.87
CA MET E 231 19.51 12.46 25.29
C MET E 231 20.62 13.08 26.13
N ASN E 232 21.85 12.96 25.63
CA ASN E 232 23.01 13.51 26.29
C ASN E 232 23.06 15.04 26.35
N ALA E 233 22.40 15.70 25.39
CA ALA E 233 22.29 17.16 25.41
C ALA E 233 21.05 17.62 26.16
N TYR E 234 19.94 16.90 25.97
CA TYR E 234 18.73 17.15 26.75
C TYR E 234 18.42 15.93 27.62
N PRO E 235 19.05 15.85 28.81
CA PRO E 235 18.75 14.70 29.67
C PRO E 235 17.36 14.86 30.24
N SER E 236 16.72 13.74 30.63
CA SER E 236 15.32 13.71 31.11
C SER E 236 14.28 13.62 30.00
N TYR E 237 14.54 14.28 28.87
CA TYR E 237 13.51 14.64 27.89
C TYR E 237 13.27 13.63 26.79
N ILE E 238 14.30 12.87 26.46
CA ILE E 238 14.23 11.97 25.32
C ILE E 238 14.22 10.51 25.73
N SER E 239 13.13 9.83 25.37
CA SER E 239 12.99 8.40 25.62
C SER E 239 13.53 7.61 24.45
N PRO E 240 14.24 6.50 24.73
CA PRO E 240 14.86 5.67 23.69
C PRO E 240 14.01 4.51 23.19
N ILE E 241 12.71 4.51 23.46
CA ILE E 241 11.75 3.70 22.72
C ILE E 241 10.94 4.52 21.70
N GLY E 242 10.92 5.84 21.88
CA GLY E 242 9.95 6.70 21.23
C GLY E 242 10.56 7.79 20.39
N CYS E 243 9.68 8.49 19.69
CA CYS E 243 10.05 9.45 18.64
C CYS E 243 10.77 10.68 19.21
N LEU E 244 11.41 11.46 18.34
CA LEU E 244 12.07 12.69 18.78
C LEU E 244 11.05 13.86 18.87
N PRO E 245 11.18 14.71 19.90
CA PRO E 245 10.31 15.88 20.08
C PRO E 245 10.64 17.00 19.11
N ALA E 246 9.76 17.22 18.13
CA ALA E 246 9.99 18.13 17.00
C ALA E 246 10.91 19.33 17.21
N HIS E 247 10.65 20.10 18.26
CA HIS E 247 11.39 21.34 18.54
C HIS E 247 12.84 21.14 18.99
N LEU E 248 13.35 19.92 18.81
CA LEU E 248 14.73 19.61 19.13
C LEU E 248 15.54 19.26 17.86
N LEU E 249 14.91 19.43 16.71
CA LEU E 249 15.52 18.92 15.51
C LEU E 249 16.32 19.97 14.76
N GLY E 250 16.63 21.08 15.44
CA GLY E 250 17.47 22.12 14.84
C GLY E 250 16.83 23.18 13.93
N ASP E 251 15.54 23.09 13.64
CA ASP E 251 14.82 24.19 12.95
C ASP E 251 13.33 24.12 13.21
N MET E 252 12.58 25.15 12.85
CA MET E 252 11.17 25.23 13.26
C MET E 252 10.33 23.97 12.99
N TRP E 253 10.71 23.20 11.98
CA TRP E 253 9.86 22.10 11.55
C TRP E 253 10.61 20.80 11.70
N GLY E 254 11.93 20.91 11.64
CA GLY E 254 12.80 19.75 11.61
C GLY E 254 12.93 19.26 10.19
N ARG E 255 13.03 20.19 9.24
CA ARG E 255 13.12 19.86 7.83
C ARG E 255 14.50 19.33 7.53
N PHE E 256 15.52 19.98 8.08
CA PHE E 256 16.90 19.44 8.08
C PHE E 256 17.44 19.30 9.50
N TRP E 257 18.38 18.40 9.69
CA TRP E 257 19.02 18.30 10.99
C TRP E 257 20.43 18.88 10.91
N THR E 258 20.80 19.33 9.71
CA THR E 258 22.13 19.93 9.47
C THR E 258 22.54 20.70 10.68
N ASN E 259 21.61 21.57 11.06
CA ASN E 259 21.81 22.57 12.04
C ASN E 259 22.29 22.04 13.40
N LEU E 260 21.40 21.42 14.19
CA LEU E 260 21.87 20.96 15.47
C LEU E 260 22.61 19.64 15.27
N TYR E 261 23.94 19.80 15.16
CA TYR E 261 24.96 18.82 14.72
C TYR E 261 26.13 18.79 15.72
N SER E 262 26.52 19.98 16.18
CA SER E 262 27.55 20.13 17.20
C SER E 262 27.29 19.22 18.38
N LEU E 263 26.04 18.77 18.50
CA LEU E 263 25.61 17.85 19.53
C LEU E 263 25.74 16.40 19.09
N THR E 264 25.44 16.17 17.82
CA THR E 264 25.43 14.82 17.26
C THR E 264 26.74 14.51 16.52
N VAL E 265 27.70 15.44 16.56
CA VAL E 265 29.05 15.22 16.02
C VAL E 265 29.64 13.91 16.56
N PRO E 266 30.27 13.11 15.70
CA PRO E 266 30.89 11.87 16.15
C PRO E 266 32.31 12.05 16.74
N PHE E 267 33.27 12.48 15.93
CA PHE E 267 34.62 12.70 16.42
C PHE E 267 34.91 14.19 16.48
N GLY E 268 34.40 14.81 17.53
CA GLY E 268 34.62 16.22 17.82
C GLY E 268 36.07 16.53 18.17
N GLN E 269 36.86 15.50 18.49
CA GLN E 269 38.30 15.66 18.69
C GLN E 269 39.04 16.26 17.48
N LYS E 270 38.54 15.98 16.28
CA LYS E 270 39.25 16.32 15.04
C LYS E 270 39.29 17.81 14.74
N PRO E 271 40.35 18.28 14.05
CA PRO E 271 40.36 19.60 13.45
C PRO E 271 39.11 19.81 12.60
N ASN E 272 38.42 20.92 12.83
CA ASN E 272 37.15 21.18 12.17
C ASN E 272 37.27 21.55 10.70
N ILE E 273 36.51 20.84 9.86
CA ILE E 273 36.48 21.07 8.40
C ILE E 273 35.56 22.24 7.96
N ASP E 274 35.45 23.27 8.81
CA ASP E 274 34.81 24.53 8.45
C ASP E 274 35.92 25.50 8.10
N VAL E 275 35.98 25.86 6.82
CA VAL E 275 37.03 26.76 6.34
C VAL E 275 36.61 28.23 6.45
N THR E 276 35.37 28.39 6.90
CA THR E 276 34.74 29.66 7.29
C THR E 276 35.71 30.77 7.80
N ASP E 277 36.66 30.41 8.64
CA ASP E 277 37.58 31.40 9.19
C ASP E 277 38.91 31.43 8.43
N ALA E 278 39.20 30.32 7.74
CA ALA E 278 40.35 30.25 6.85
C ALA E 278 40.22 31.35 5.80
N MET E 279 39.00 31.55 5.32
CA MET E 279 38.66 32.57 4.34
C MET E 279 38.93 33.98 4.82
N VAL E 280 38.41 34.28 6.01
CA VAL E 280 38.55 35.59 6.63
C VAL E 280 40.02 35.99 6.70
N ASP E 281 40.85 35.00 7.04
CA ASP E 281 42.29 35.17 7.17
C ASP E 281 42.99 35.48 5.85
N GLN E 282 42.29 35.27 4.74
CA GLN E 282 42.82 35.59 3.43
C GLN E 282 42.06 36.76 2.82
N ALA E 283 41.32 37.49 3.65
CA ALA E 283 40.61 38.71 3.22
C ALA E 283 39.66 38.53 2.04
N TRP E 284 38.99 37.39 1.99
CA TRP E 284 38.10 37.07 0.88
C TRP E 284 36.80 37.88 0.97
N ASP E 285 36.49 38.61 -0.11
CA ASP E 285 35.21 39.33 -0.23
C ASP E 285 34.19 38.51 -1.00
N ALA E 286 32.92 38.90 -0.88
CA ALA E 286 31.80 38.24 -1.59
C ALA E 286 32.10 38.00 -3.06
N GLN E 287 32.94 38.87 -3.63
CA GLN E 287 33.32 38.81 -5.02
C GLN E 287 34.32 37.70 -5.28
N ARG E 288 35.21 37.46 -4.33
CA ARG E 288 36.21 36.42 -4.49
C ARG E 288 35.58 35.05 -4.40
N ILE E 289 34.40 34.97 -3.82
CA ILE E 289 33.70 33.68 -3.75
C ILE E 289 33.17 33.34 -5.15
N PHE E 290 32.22 34.12 -5.63
CA PHE E 290 31.60 33.89 -6.91
C PHE E 290 32.59 33.74 -8.06
N LYS E 291 33.69 34.48 -7.98
CA LYS E 291 34.68 34.47 -9.04
C LYS E 291 35.37 33.11 -9.03
N GLU E 292 35.58 32.57 -7.82
CA GLU E 292 36.21 31.26 -7.62
C GLU E 292 35.22 30.16 -7.92
N ALA E 293 33.96 30.54 -8.09
CA ALA E 293 32.89 29.62 -8.42
C ALA E 293 32.65 29.60 -9.93
N GLU E 294 32.61 30.79 -10.52
CA GLU E 294 32.67 30.89 -11.97
C GLU E 294 33.83 30.02 -12.44
N LYS E 295 35.01 30.24 -11.83
CA LYS E 295 36.26 29.54 -12.12
C LYS E 295 36.12 28.03 -12.03
N PHE E 296 35.40 27.57 -11.01
CA PHE E 296 35.02 26.16 -10.92
C PHE E 296 34.45 25.66 -12.24
N PHE E 297 33.33 26.26 -12.65
CA PHE E 297 32.62 25.88 -13.87
C PHE E 297 33.47 25.90 -15.12
N VAL E 298 34.23 26.99 -15.32
CA VAL E 298 35.09 27.14 -16.49
C VAL E 298 35.89 25.87 -16.72
N SER E 299 36.37 25.27 -15.63
CA SER E 299 37.25 24.10 -15.68
C SER E 299 36.56 22.84 -16.18
N VAL E 300 35.23 22.81 -16.06
CA VAL E 300 34.46 21.64 -16.44
C VAL E 300 33.86 21.75 -17.83
N GLY E 301 34.26 22.77 -18.58
CA GLY E 301 33.88 22.89 -19.99
C GLY E 301 32.73 23.82 -20.28
N LEU E 302 32.36 24.62 -19.26
CA LEU E 302 31.21 25.56 -19.31
C LEU E 302 31.67 27.02 -19.33
N PRO E 303 30.77 27.96 -19.63
CA PRO E 303 31.13 29.34 -19.87
C PRO E 303 31.33 30.17 -18.62
N ASN E 304 32.17 31.21 -18.75
CA ASN E 304 32.37 32.18 -17.67
C ASN E 304 31.15 33.04 -17.72
N MET E 305 30.70 33.57 -16.58
CA MET E 305 29.46 34.38 -16.48
C MET E 305 29.48 35.50 -17.48
N THR E 306 28.29 35.79 -18.02
CA THR E 306 28.05 36.97 -18.85
C THR E 306 28.48 38.22 -18.06
N GLN E 307 29.29 39.09 -18.67
CA GLN E 307 29.56 40.39 -18.08
C GLN E 307 28.23 41.11 -18.11
N GLY E 308 27.79 41.69 -17.01
CA GLY E 308 26.41 42.15 -16.97
C GLY E 308 25.62 41.34 -15.98
N PHE E 309 25.81 40.01 -15.99
CA PHE E 309 25.54 39.24 -14.78
C PHE E 309 26.35 39.90 -13.66
N TRP E 310 27.62 40.20 -13.94
CA TRP E 310 28.50 40.86 -12.96
C TRP E 310 27.95 42.23 -12.68
N GLU E 311 27.57 42.96 -13.73
CA GLU E 311 27.35 44.39 -13.60
C GLU E 311 26.04 44.87 -12.96
N ASN E 312 25.02 44.01 -12.92
CA ASN E 312 23.84 44.31 -12.12
C ASN E 312 23.29 43.13 -11.36
N SER E 313 24.15 42.23 -10.95
CA SER E 313 23.75 41.15 -10.06
C SER E 313 24.07 41.60 -8.64
N MET E 314 23.16 41.38 -7.69
CA MET E 314 23.40 41.81 -6.31
C MET E 314 23.82 40.67 -5.39
N LEU E 315 25.08 40.66 -5.01
CA LEU E 315 25.60 39.54 -4.25
C LEU E 315 26.21 39.91 -2.88
N THR E 316 26.04 41.16 -2.44
CA THR E 316 26.67 41.55 -1.20
C THR E 316 25.71 41.91 -0.08
N ASP E 317 24.53 42.45 -0.41
CA ASP E 317 23.64 43.11 0.59
C ASP E 317 24.00 44.60 0.83
N PRO E 318 23.06 45.50 0.45
CA PRO E 318 23.23 46.95 0.66
C PRO E 318 23.05 47.40 2.12
N GLY E 319 22.04 46.84 2.80
CA GLY E 319 21.72 47.13 4.20
C GLY E 319 21.71 48.61 4.59
N ASN E 320 21.45 49.47 3.60
CA ASN E 320 21.55 50.92 3.79
C ASN E 320 20.51 51.69 2.97
N GLN E 322 18.07 51.11 1.31
CA GLN E 322 17.83 49.82 0.67
C GLN E 322 17.76 48.65 1.66
N LYS E 323 16.73 47.84 1.46
CA LYS E 323 16.57 46.53 2.14
C LYS E 323 15.89 45.52 1.19
N ALA E 324 16.45 44.31 1.05
CA ALA E 324 15.92 43.32 0.09
C ALA E 324 15.85 41.90 0.66
N VAL E 325 15.23 41.00 -0.09
CA VAL E 325 15.03 39.65 0.43
C VAL E 325 16.28 38.75 0.22
N CYS E 326 16.94 38.35 1.31
CA CYS E 326 18.26 37.73 1.19
C CYS E 326 18.32 36.23 0.87
N HIS E 327 17.15 35.58 0.81
CA HIS E 327 17.01 34.16 0.41
C HIS E 327 17.65 33.99 -0.95
N PRO E 328 18.81 33.25 -1.02
CA PRO E 328 19.70 33.11 -2.17
C PRO E 328 18.97 32.57 -3.35
N THR E 329 18.99 33.37 -4.41
CA THR E 329 18.23 33.07 -5.61
C THR E 329 19.03 33.27 -6.91
N ALA E 330 18.73 32.47 -7.93
CA ALA E 330 19.30 32.68 -9.25
C ALA E 330 18.20 33.06 -10.28
N TRP E 331 18.41 34.16 -10.99
CA TRP E 331 17.36 34.76 -11.81
C TRP E 331 17.64 34.69 -13.29
N ASP E 332 16.78 33.93 -13.99
CA ASP E 332 16.76 33.88 -15.47
C ASP E 332 15.57 34.73 -15.94
N LEU E 333 15.80 36.04 -15.98
CA LEU E 333 14.90 36.96 -16.69
C LEU E 333 15.11 36.70 -18.16
N GLY E 334 14.31 37.31 -19.02
CA GLY E 334 14.50 37.07 -20.45
C GLY E 334 15.84 37.52 -21.02
N LYS E 335 15.87 37.68 -22.33
CA LYS E 335 16.83 38.54 -22.97
C LYS E 335 18.28 38.36 -22.51
N GLY E 336 18.80 37.15 -22.67
CA GLY E 336 20.18 36.85 -22.27
C GLY E 336 20.61 37.47 -20.93
N ASP E 337 19.64 37.63 -20.02
CA ASP E 337 19.90 38.30 -18.73
C ASP E 337 19.83 37.39 -17.50
N PHE E 338 20.99 37.20 -16.89
CA PHE E 338 21.09 36.31 -15.76
C PHE E 338 21.77 37.07 -14.67
N ARG E 339 21.37 36.79 -13.44
CA ARG E 339 21.98 37.42 -12.26
C ARG E 339 21.61 36.62 -11.02
N ILE E 340 22.36 36.83 -9.93
CA ILE E 340 22.09 36.21 -8.64
C ILE E 340 21.85 37.30 -7.62
N LEU E 341 20.84 37.07 -6.79
CA LEU E 341 20.54 37.88 -5.60
C LEU E 341 20.90 37.11 -4.32
N MET E 342 21.98 37.52 -3.63
CA MET E 342 22.43 36.80 -2.44
C MET E 342 23.22 37.66 -1.47
N CYS E 343 22.81 37.68 -0.20
CA CYS E 343 23.42 38.60 0.77
C CYS E 343 24.68 38.04 1.40
N THR E 344 25.67 37.79 0.55
CA THR E 344 26.84 36.98 0.90
C THR E 344 27.66 37.41 2.14
N LYS E 345 28.00 36.42 2.98
CA LYS E 345 28.97 36.58 4.05
C LYS E 345 30.17 35.70 3.78
N VAL E 346 31.31 36.10 4.31
CA VAL E 346 32.51 35.31 4.13
C VAL E 346 32.37 34.02 4.95
N THR E 347 31.93 32.95 4.30
CA THR E 347 31.61 31.68 4.98
C THR E 347 31.97 30.49 4.12
N MET E 348 32.18 29.32 4.74
CA MET E 348 32.18 28.06 4.00
C MET E 348 30.76 27.71 3.52
N ASP E 349 29.74 28.09 4.30
CA ASP E 349 28.34 27.85 3.94
C ASP E 349 27.91 28.68 2.74
N ASP E 350 28.11 30.00 2.84
CA ASP E 350 27.78 30.91 1.75
C ASP E 350 28.65 30.69 0.51
N PHE E 351 29.80 30.07 0.72
CA PHE E 351 30.69 29.63 -0.36
C PHE E 351 30.04 28.52 -1.16
N LEU E 352 29.52 27.51 -0.46
CA LEU E 352 28.89 26.39 -1.12
C LEU E 352 27.57 26.79 -1.74
N THR E 353 26.86 27.70 -1.08
CA THR E 353 25.63 28.24 -1.63
C THR E 353 25.90 28.93 -2.98
N ALA E 354 26.98 29.70 -3.05
CA ALA E 354 27.42 30.30 -4.33
C ALA E 354 27.47 29.25 -5.44
N HIS E 355 28.16 28.14 -5.21
CA HIS E 355 28.19 27.08 -6.17
C HIS E 355 26.81 26.52 -6.51
N HIS E 356 25.97 26.40 -5.49
CA HIS E 356 24.62 25.90 -5.67
C HIS E 356 23.74 26.83 -6.52
N GLU E 357 23.80 28.15 -6.26
CA GLU E 357 23.04 29.13 -7.03
C GLU E 357 23.54 29.30 -8.47
N MET E 358 24.87 29.32 -8.65
CA MET E 358 25.51 29.50 -9.96
C MET E 358 25.30 28.29 -10.83
N GLY E 359 25.21 27.13 -10.20
CA GLY E 359 24.70 25.93 -10.86
C GLY E 359 23.36 26.14 -11.55
N HIS E 360 22.44 26.78 -10.84
CA HIS E 360 21.17 27.23 -11.38
C HIS E 360 21.38 28.11 -12.64
N ILE E 361 22.23 29.13 -12.51
CA ILE E 361 22.51 30.02 -13.62
C ILE E 361 23.08 29.24 -14.81
N GLN E 362 23.91 28.26 -14.53
CA GLN E 362 24.49 27.50 -15.62
C GLN E 362 23.46 26.66 -16.36
N TYR E 363 22.54 26.05 -15.61
CA TYR E 363 21.41 25.33 -16.20
C TYR E 363 20.63 26.34 -17.06
N ASP E 364 20.37 27.53 -16.52
CA ASP E 364 19.61 28.57 -17.23
C ASP E 364 20.27 28.98 -18.55
N MET E 365 21.57 29.20 -18.53
CA MET E 365 22.26 29.63 -19.70
C MET E 365 22.31 28.50 -20.72
N ALA E 366 22.36 27.27 -20.23
CA ALA E 366 22.51 26.11 -21.06
C ALA E 366 21.34 25.96 -21.99
N TYR E 367 20.13 26.04 -21.45
CA TYR E 367 18.92 25.82 -22.25
C TYR E 367 18.24 27.09 -22.84
N ALA E 368 18.81 28.28 -22.62
CA ALA E 368 18.18 29.55 -23.06
C ALA E 368 17.97 29.68 -24.57
N ALA E 369 18.49 28.69 -25.32
CA ALA E 369 18.27 28.57 -26.76
C ALA E 369 16.98 27.80 -27.10
N GLN E 370 16.52 26.98 -26.16
CA GLN E 370 15.26 26.22 -26.33
C GLN E 370 14.16 27.21 -26.42
N PRO E 371 13.13 26.91 -27.20
CA PRO E 371 12.03 27.85 -27.31
C PRO E 371 11.59 28.25 -25.91
N PHE E 372 11.30 29.53 -25.72
CA PHE E 372 10.86 30.08 -24.41
C PHE E 372 10.07 29.12 -23.51
N LEU E 373 8.99 28.55 -24.01
CA LEU E 373 8.13 27.70 -23.17
C LEU E 373 8.79 26.48 -22.50
N LEU E 374 9.89 25.99 -23.06
CA LEU E 374 10.55 24.78 -22.59
C LEU E 374 11.85 25.08 -21.83
N ARG E 375 12.19 26.36 -21.67
CA ARG E 375 13.30 26.81 -20.83
C ARG E 375 13.06 26.55 -19.33
N ASN E 376 13.44 25.36 -18.89
CA ASN E 376 13.16 24.88 -17.54
C ASN E 376 13.81 23.54 -17.25
N GLY E 377 13.97 23.22 -15.95
CA GLY E 377 14.33 21.88 -15.48
C GLY E 377 13.43 20.82 -16.09
N ALA E 378 14.02 19.68 -16.44
CA ALA E 378 13.32 18.58 -17.13
C ALA E 378 12.05 18.23 -16.40
N ASN E 379 12.17 18.17 -15.07
CA ASN E 379 11.01 18.26 -14.14
C ASN E 379 11.33 19.04 -12.86
N GLU E 380 10.31 19.28 -12.02
CA GLU E 380 10.55 19.99 -10.79
C GLU E 380 11.65 19.22 -10.12
N GLY E 381 12.57 19.95 -9.50
CA GLY E 381 13.67 19.28 -8.80
C GLY E 381 14.74 18.63 -9.67
N PHE E 382 14.66 18.76 -10.98
CA PHE E 382 15.88 18.61 -11.75
C PHE E 382 16.78 19.77 -11.39
N HIS E 383 16.24 20.98 -11.51
CA HIS E 383 17.00 22.21 -11.27
C HIS E 383 17.66 22.24 -9.89
N GLU E 384 16.89 21.82 -8.90
CA GLU E 384 17.36 21.86 -7.56
C GLU E 384 18.52 20.91 -7.42
N ALA E 385 18.46 19.80 -8.13
CA ALA E 385 19.52 18.78 -8.06
C ALA E 385 20.83 19.24 -8.70
N VAL E 386 20.70 19.81 -9.89
CA VAL E 386 21.83 20.34 -10.64
C VAL E 386 22.56 21.46 -9.86
N GLY E 387 21.97 21.99 -8.79
CA GLY E 387 22.65 23.01 -8.02
C GLY E 387 23.35 22.31 -6.90
N GLU E 388 22.67 21.34 -6.31
CA GLU E 388 23.19 20.60 -5.16
C GLU E 388 24.36 19.66 -5.49
N ILE E 389 24.39 19.15 -6.71
CA ILE E 389 25.47 18.29 -7.23
C ILE E 389 26.81 19.06 -7.26
N MET E 390 26.72 20.39 -7.20
CA MET E 390 27.88 21.26 -7.29
C MET E 390 28.45 21.40 -5.92
N SER E 391 27.59 21.59 -4.93
CA SER E 391 28.05 21.66 -3.55
C SER E 391 28.98 20.48 -3.24
N LEU E 392 28.49 19.27 -3.49
CA LEU E 392 29.25 18.03 -3.27
C LEU E 392 30.70 18.06 -3.82
N SER E 393 30.86 18.26 -5.10
CA SER E 393 32.17 18.43 -5.64
C SER E 393 32.92 19.60 -4.98
N ALA E 394 32.23 20.62 -4.51
CA ALA E 394 32.93 21.80 -4.07
C ALA E 394 33.14 21.85 -2.58
N ALA E 395 32.60 20.85 -1.88
CA ALA E 395 32.69 20.76 -0.42
C ALA E 395 33.54 19.59 0.02
N THR E 396 34.31 19.04 -0.91
CA THR E 396 35.17 17.93 -0.60
C THR E 396 36.56 18.47 -0.23
N PRO E 397 37.27 17.76 0.67
CA PRO E 397 38.67 17.99 0.94
C PRO E 397 39.50 18.14 -0.33
N LYS E 398 39.35 17.21 -1.28
CA LYS E 398 40.12 17.28 -2.53
C LYS E 398 39.99 18.67 -3.14
N HIS E 399 38.78 19.23 -3.05
CA HIS E 399 38.51 20.58 -3.60
C HIS E 399 39.14 21.65 -2.72
N LEU E 400 38.65 21.74 -1.49
CA LEU E 400 39.20 22.66 -0.51
C LEU E 400 40.73 22.63 -0.53
N LYS E 401 41.32 21.44 -0.55
CA LYS E 401 42.79 21.28 -0.56
C LYS E 401 43.43 22.03 -1.72
N SER E 402 42.95 21.74 -2.93
CA SER E 402 43.53 22.29 -4.18
C SER E 402 43.28 23.80 -4.35
N ILE E 403 42.04 24.21 -4.09
CA ILE E 403 41.61 25.60 -4.10
C ILE E 403 42.41 26.48 -3.11
N GLY E 404 43.23 25.84 -2.28
CA GLY E 404 44.11 26.53 -1.34
C GLY E 404 43.40 27.17 -0.16
N LEU E 405 42.24 26.64 0.23
CA LEU E 405 41.50 27.13 1.39
C LEU E 405 41.69 26.22 2.62
N LEU E 406 42.51 25.18 2.42
CA LEU E 406 42.81 24.15 3.41
C LEU E 406 44.16 23.48 3.03
N SER E 407 45.18 23.57 3.89
CA SER E 407 46.54 23.12 3.49
C SER E 407 46.63 21.59 3.35
N PRO E 408 47.36 21.11 2.31
CA PRO E 408 47.49 19.67 1.99
C PRO E 408 48.06 18.89 3.15
N ASP E 409 48.53 19.63 4.14
CA ASP E 409 48.92 19.13 5.44
C ASP E 409 47.79 18.32 6.10
N PHE E 410 46.55 18.53 5.65
CA PHE E 410 45.37 17.97 6.29
C PHE E 410 45.28 16.45 6.24
N GLN E 411 45.39 15.85 7.43
CA GLN E 411 45.24 14.42 7.66
C GLN E 411 43.80 13.97 7.37
N GLU E 412 43.65 13.06 6.40
CA GLU E 412 42.34 12.67 5.88
C GLU E 412 41.88 11.25 6.27
N ASP E 413 42.15 10.84 7.51
CA ASP E 413 41.82 9.49 8.00
C ASP E 413 40.31 9.16 7.99
N ASN E 414 39.98 7.89 8.30
CA ASN E 414 38.58 7.43 8.38
C ASN E 414 37.76 8.14 9.44
N GLU E 415 38.43 8.95 10.27
CA GLU E 415 37.77 9.70 11.34
C GLU E 415 37.03 10.91 10.79
N THR E 416 37.76 11.80 10.10
CA THR E 416 37.18 12.96 9.43
C THR E 416 36.13 12.53 8.41
N GLU E 417 36.30 11.31 7.92
CA GLU E 417 35.36 10.64 7.02
C GLU E 417 33.92 10.77 7.52
N ILE E 418 33.65 10.18 8.68
CA ILE E 418 32.34 10.16 9.29
C ILE E 418 31.96 11.57 9.76
N ASN E 419 32.88 12.22 10.46
CA ASN E 419 32.84 13.64 10.78
C ASN E 419 32.10 14.51 9.75
N PHE E 420 32.53 14.37 8.50
CA PHE E 420 31.92 15.05 7.36
C PHE E 420 30.68 14.29 6.83
N LEU E 421 30.84 13.01 6.52
CA LEU E 421 29.74 12.19 6.00
C LEU E 421 28.49 12.18 6.89
N LEU E 422 28.68 12.38 8.19
CA LEU E 422 27.56 12.56 9.08
C LEU E 422 26.85 13.89 8.80
N LYS E 423 27.57 15.00 8.91
CA LYS E 423 26.96 16.32 8.66
C LYS E 423 26.09 16.29 7.39
N GLN E 424 26.60 15.65 6.34
CA GLN E 424 25.89 15.54 5.07
C GLN E 424 24.56 14.80 5.21
N ALA E 425 24.59 13.72 5.98
CA ALA E 425 23.40 12.89 6.19
C ALA E 425 22.33 13.57 7.06
N LEU E 426 22.79 14.34 8.06
CA LEU E 426 21.92 15.21 8.84
C LEU E 426 21.10 16.10 7.91
N THR E 427 21.78 16.70 6.93
CA THR E 427 21.16 17.63 5.99
C THR E 427 20.34 16.86 5.00
N ILE E 428 20.91 15.78 4.47
CA ILE E 428 20.34 15.05 3.33
C ILE E 428 19.42 13.89 3.74
N VAL E 429 19.97 12.85 4.36
CA VAL E 429 19.17 11.73 4.82
C VAL E 429 18.21 12.29 5.84
N GLY E 430 18.62 13.34 6.52
CA GLY E 430 17.71 14.06 7.40
C GLY E 430 16.35 14.37 6.80
N THR E 431 16.37 15.11 5.70
CA THR E 431 15.16 15.64 5.12
C THR E 431 14.28 14.64 4.37
N LEU E 432 14.86 13.56 3.87
CA LEU E 432 14.10 12.67 3.01
C LEU E 432 12.76 12.23 3.61
N PRO E 433 12.77 11.66 4.82
CA PRO E 433 11.50 11.17 5.35
C PRO E 433 10.58 12.29 5.77
N PHE E 434 11.14 13.40 6.24
CA PHE E 434 10.36 14.58 6.53
C PHE E 434 9.55 14.89 5.31
N THR E 435 10.26 14.98 4.20
CA THR E 435 9.68 15.36 2.94
C THR E 435 8.61 14.39 2.47
N TYR E 436 8.92 13.10 2.45
CA TYR E 436 7.94 12.09 2.02
C TYR E 436 6.61 12.18 2.75
N MET E 437 6.65 12.39 4.06
CA MET E 437 5.42 12.43 4.82
C MET E 437 4.65 13.68 4.51
N LEU E 438 5.33 14.84 4.53
CA LEU E 438 4.68 16.12 4.26
C LEU E 438 3.72 16.03 3.07
N GLU E 439 4.22 15.48 1.96
CA GLU E 439 3.41 15.23 0.76
C GLU E 439 2.52 14.00 0.85
N LYS E 440 2.97 12.93 1.51
CA LYS E 440 2.08 11.79 1.72
C LYS E 440 0.81 12.29 2.41
N TRP E 441 0.94 13.39 3.15
CA TRP E 441 -0.17 14.02 3.86
C TRP E 441 -1.07 14.82 2.94
N ARG E 442 -0.46 15.69 2.16
CA ARG E 442 -1.23 16.54 1.30
C ARG E 442 -1.89 15.70 0.26
N TRP E 443 -1.21 14.65 -0.18
CA TRP E 443 -1.78 13.77 -1.17
C TRP E 443 -3.08 13.16 -0.65
N MET E 444 -3.00 12.64 0.57
CA MET E 444 -4.18 12.11 1.24
C MET E 444 -5.28 13.15 1.48
N VAL E 445 -4.90 14.40 1.78
CA VAL E 445 -5.86 15.46 1.95
C VAL E 445 -6.50 15.77 0.61
N PHE E 446 -5.69 16.10 -0.39
CA PHE E 446 -6.24 16.53 -1.66
C PHE E 446 -7.07 15.43 -2.28
N LYS E 447 -6.83 14.16 -1.90
CA LYS E 447 -7.69 13.07 -2.39
C LYS E 447 -9.06 13.04 -1.70
N GLY E 448 -9.10 13.61 -0.50
CA GLY E 448 -10.30 13.60 0.31
C GLY E 448 -10.35 12.36 1.16
N GLU E 449 -9.17 11.89 1.60
CA GLU E 449 -9.07 10.72 2.50
C GLU E 449 -9.13 11.11 3.99
N ILE E 450 -8.39 12.13 4.37
CA ILE E 450 -8.46 12.65 5.72
C ILE E 450 -9.53 13.74 5.78
N PRO E 451 -10.49 13.59 6.71
CA PRO E 451 -11.53 14.62 6.88
C PRO E 451 -11.00 15.81 7.68
N LYS E 452 -11.79 16.88 7.72
CA LYS E 452 -11.43 18.10 8.46
C LYS E 452 -11.22 17.84 9.98
N ASP E 453 -11.93 16.88 10.56
CA ASP E 453 -11.87 16.65 12.01
C ASP E 453 -10.76 15.73 12.50
N GLN E 454 -9.85 15.34 11.60
CA GLN E 454 -8.74 14.44 11.92
C GLN E 454 -7.41 14.93 11.36
N TRP E 455 -7.46 15.98 10.56
CA TRP E 455 -6.30 16.54 9.85
C TRP E 455 -5.03 16.55 10.66
N MET E 456 -5.12 17.04 11.89
CA MET E 456 -3.94 17.15 12.73
C MET E 456 -3.59 15.79 13.35
N LYS E 457 -4.60 15.06 13.84
CA LYS E 457 -4.43 13.70 14.38
C LYS E 457 -3.75 12.78 13.36
N LYS E 458 -4.21 12.79 12.12
CA LYS E 458 -3.61 11.97 11.05
C LYS E 458 -2.23 12.49 10.60
N TRP E 459 -1.96 13.77 10.85
CA TRP E 459 -0.67 14.36 10.52
C TRP E 459 0.43 13.83 11.44
N TRP E 460 0.19 13.94 12.74
CA TRP E 460 1.17 13.54 13.71
C TRP E 460 1.28 12.03 13.81
N GLU E 461 0.14 11.33 13.69
CA GLU E 461 0.13 9.89 13.54
C GLU E 461 1.17 9.53 12.52
N MET E 462 1.13 10.23 11.38
CA MET E 462 2.11 10.03 10.31
C MET E 462 3.52 10.53 10.62
N LYS E 463 3.64 11.59 11.42
CA LYS E 463 4.97 12.10 11.83
C LYS E 463 5.69 11.09 12.70
N ARG E 464 4.99 10.56 13.70
CA ARG E 464 5.49 9.49 14.54
C ARG E 464 5.71 8.21 13.76
N GLU E 465 4.76 7.86 12.91
CA GLU E 465 4.80 6.62 12.13
C GLU E 465 5.97 6.55 11.16
N ILE E 466 6.06 7.52 10.27
CA ILE E 466 6.99 7.51 9.15
C ILE E 466 8.32 8.17 9.50
N VAL E 467 8.23 9.30 10.20
CA VAL E 467 9.37 10.17 10.44
C VAL E 467 10.01 9.98 11.79
N GLY E 468 9.31 9.35 12.72
CA GLY E 468 9.83 9.08 14.08
C GLY E 468 9.95 10.32 14.96
N VAL E 469 8.95 11.19 14.87
CA VAL E 469 8.94 12.47 15.53
C VAL E 469 7.59 12.66 16.18
N VAL E 470 7.61 13.15 17.42
CA VAL E 470 6.39 13.48 18.20
C VAL E 470 6.24 14.93 18.45
N GLU E 471 4.99 15.36 18.39
CA GLU E 471 4.62 16.66 18.83
C GLU E 471 5.02 16.80 20.31
N PRO E 472 5.56 17.95 20.71
CA PRO E 472 5.82 18.18 22.12
C PRO E 472 4.58 18.63 22.92
N VAL E 473 3.47 18.93 22.25
CA VAL E 473 2.21 19.30 22.93
C VAL E 473 1.07 18.67 22.11
N PRO E 474 -0.04 18.28 22.76
CA PRO E 474 -1.17 17.83 21.95
C PRO E 474 -1.71 18.96 21.08
N HIS E 475 -1.97 18.69 19.81
CA HIS E 475 -2.66 19.65 18.96
C HIS E 475 -4.08 19.21 18.55
N ASP E 476 -5.11 19.99 18.90
CA ASP E 476 -6.46 19.70 18.39
C ASP E 476 -6.62 20.29 16.99
N GLU E 477 -7.82 20.24 16.44
CA GLU E 477 -7.99 20.55 15.02
C GLU E 477 -8.13 22.06 14.71
N THR E 478 -7.91 22.90 15.71
CA THR E 478 -7.92 24.34 15.51
C THR E 478 -6.61 24.73 14.90
N TYR E 479 -5.59 23.91 15.18
CA TYR E 479 -4.25 23.98 14.58
C TYR E 479 -4.23 23.57 13.11
N CYS E 480 -3.18 23.98 12.41
CA CYS E 480 -2.90 23.48 11.08
C CYS E 480 -1.42 23.57 10.87
N ASP E 481 -0.71 22.62 11.43
CA ASP E 481 0.77 22.68 11.43
C ASP E 481 1.51 22.57 10.07
N PRO E 482 1.15 21.63 9.17
CA PRO E 482 1.84 21.67 7.89
C PRO E 482 1.85 23.06 7.27
N ALA E 483 0.81 23.83 7.57
CA ALA E 483 0.66 25.16 7.01
C ALA E 483 1.70 26.15 7.52
N SER E 484 2.43 25.77 8.56
CA SER E 484 3.38 26.69 9.13
C SER E 484 4.68 26.65 8.37
N LEU E 485 4.80 25.71 7.43
CA LEU E 485 5.98 25.61 6.59
C LEU E 485 5.75 26.44 5.34
N PHE E 486 6.84 27.02 4.80
CA PHE E 486 6.76 27.88 3.61
C PHE E 486 5.98 27.22 2.50
N HIS E 487 6.63 26.22 1.92
CA HIS E 487 6.14 25.54 0.73
C HIS E 487 4.74 24.97 0.83
N VAL E 488 4.10 25.10 2.00
CA VAL E 488 2.76 24.60 2.17
C VAL E 488 1.77 25.74 2.01
N SER E 489 2.08 26.88 2.64
CA SER E 489 1.20 28.03 2.72
C SER E 489 1.38 28.92 1.48
N ASN E 490 2.56 28.78 0.86
CA ASN E 490 2.89 29.44 -0.40
C ASN E 490 2.74 28.49 -1.61
N ASP E 491 2.06 27.37 -1.37
CA ASP E 491 1.47 26.58 -2.42
C ASP E 491 2.51 26.05 -3.41
N TYR E 492 3.52 25.31 -2.90
CA TYR E 492 4.52 24.60 -3.74
C TYR E 492 4.42 23.10 -3.56
N SER E 493 4.60 22.34 -4.65
CA SER E 493 4.80 20.91 -4.51
C SER E 493 6.10 20.72 -3.79
N PHE E 494 6.07 19.80 -2.84
CA PHE E 494 7.18 19.62 -1.95
C PHE E 494 7.92 18.34 -2.27
N ILE E 495 7.23 17.39 -2.88
CA ILE E 495 7.83 16.10 -3.20
C ILE E 495 9.08 16.24 -4.05
N ARG E 496 9.30 17.43 -4.60
CA ARG E 496 10.43 17.72 -5.48
C ARG E 496 11.75 17.68 -4.74
N TYR E 497 11.70 18.05 -3.47
CA TYR E 497 12.86 18.11 -2.66
C TYR E 497 13.37 16.68 -2.45
N TYR E 498 12.44 15.74 -2.44
CA TYR E 498 12.77 14.31 -2.41
C TYR E 498 13.41 13.84 -3.73
N THR E 499 12.67 13.92 -4.83
CA THR E 499 13.15 13.47 -6.13
C THR E 499 14.45 14.16 -6.43
N ARG E 500 14.51 15.46 -6.17
CA ARG E 500 15.77 16.22 -6.23
C ARG E 500 16.95 15.41 -5.73
N THR E 501 16.89 15.04 -4.45
CA THR E 501 17.96 14.34 -3.77
C THR E 501 18.32 13.00 -4.43
N LEU E 502 17.34 12.24 -4.90
CA LEU E 502 17.60 10.97 -5.57
C LEU E 502 18.40 11.13 -6.87
N TYR E 503 17.92 11.98 -7.76
CA TYR E 503 18.63 12.30 -8.99
C TYR E 503 20.00 12.77 -8.60
N GLN E 504 20.01 13.86 -7.81
CA GLN E 504 21.20 14.56 -7.33
C GLN E 504 22.39 13.63 -7.24
N PHE E 505 22.17 12.42 -6.72
CA PHE E 505 23.25 11.43 -6.57
C PHE E 505 23.45 10.66 -7.84
N GLN E 506 22.37 10.19 -8.45
CA GLN E 506 22.50 9.45 -9.71
C GLN E 506 23.46 10.21 -10.60
N PHE E 507 23.29 11.54 -10.63
CA PHE E 507 24.17 12.43 -11.38
C PHE E 507 25.58 12.31 -10.92
N GLN E 508 25.81 12.69 -9.67
CA GLN E 508 27.15 12.71 -9.12
C GLN E 508 27.86 11.36 -9.35
N GLU E 509 27.11 10.25 -9.28
CA GLU E 509 27.62 8.89 -9.62
C GLU E 509 28.17 8.81 -11.05
N ALA E 510 27.29 9.04 -12.04
CA ALA E 510 27.64 8.95 -13.45
C ALA E 510 28.60 10.05 -13.87
N LEU E 511 28.56 11.16 -13.15
CA LEU E 511 29.40 12.32 -13.45
C LEU E 511 30.82 12.13 -12.97
N CYS E 512 30.98 11.41 -11.86
CA CYS E 512 32.29 11.11 -11.34
C CYS E 512 32.81 9.94 -12.13
N GLN E 513 31.90 9.08 -12.62
CA GLN E 513 32.30 7.97 -13.50
C GLN E 513 33.04 8.54 -14.67
N ALA E 514 32.46 9.58 -15.29
CA ALA E 514 33.09 10.30 -16.39
C ALA E 514 34.41 10.97 -15.99
N ALA E 515 34.49 11.53 -14.78
CA ALA E 515 35.72 12.13 -14.27
C ALA E 515 36.75 11.09 -13.89
N LYS E 516 36.39 9.81 -14.04
CA LYS E 516 37.28 8.65 -13.82
C LYS E 516 37.71 8.48 -12.36
N HIS E 517 36.80 8.85 -11.45
CA HIS E 517 37.04 8.83 -9.99
C HIS E 517 37.30 7.41 -9.44
N GLU E 518 37.87 7.32 -8.26
CA GLU E 518 38.30 6.01 -7.75
C GLU E 518 37.71 5.48 -6.41
N GLY E 519 37.79 6.27 -5.35
CA GLY E 519 37.39 5.78 -4.03
C GLY E 519 35.90 5.92 -3.80
N PRO E 520 35.49 6.13 -2.53
CA PRO E 520 34.14 6.52 -2.11
C PRO E 520 33.60 7.68 -2.91
N LEU E 521 32.32 7.59 -3.23
CA LEU E 521 31.69 8.56 -4.10
C LEU E 521 31.71 9.96 -3.54
N HIS E 522 31.89 10.09 -2.24
CA HIS E 522 31.81 11.40 -1.59
C HIS E 522 33.09 12.21 -1.68
N LYS E 523 34.17 11.61 -2.19
CA LYS E 523 35.45 12.26 -2.22
C LYS E 523 35.63 12.95 -3.53
N CYS E 524 34.69 12.69 -4.43
CA CYS E 524 34.78 13.15 -5.81
C CYS E 524 34.62 14.67 -5.98
N ASP E 525 35.29 15.22 -7.00
CA ASP E 525 35.36 16.66 -7.20
C ASP E 525 35.52 17.00 -8.69
N ILE E 526 34.43 16.86 -9.46
CA ILE E 526 34.51 16.87 -10.94
C ILE E 526 35.26 18.02 -11.62
N SER E 527 35.70 19.04 -10.88
CA SER E 527 36.48 20.16 -11.43
C SER E 527 37.73 19.71 -12.20
N ASN E 528 38.19 20.52 -13.16
CA ASN E 528 39.29 20.14 -14.05
C ASN E 528 38.74 19.19 -15.15
N SER E 529 37.66 18.46 -14.87
CA SER E 529 37.13 17.34 -15.70
C SER E 529 36.09 17.69 -16.75
N THR E 530 36.54 18.23 -17.88
CA THR E 530 35.65 18.62 -19.00
C THR E 530 34.78 17.45 -19.48
N GLU E 531 35.36 16.24 -19.44
CA GLU E 531 34.71 14.98 -19.76
C GLU E 531 33.31 14.89 -19.09
N ALA E 532 33.26 15.23 -17.81
CA ALA E 532 32.01 15.23 -17.09
C ALA E 532 31.12 16.37 -17.52
N GLY E 533 31.66 17.58 -17.46
CA GLY E 533 30.88 18.79 -17.77
C GLY E 533 30.06 18.67 -19.05
N GLN E 534 30.62 17.98 -20.04
CA GLN E 534 29.90 17.78 -21.28
C GLN E 534 28.76 16.77 -21.11
N LYS E 535 29.04 15.66 -20.45
CA LYS E 535 27.96 14.73 -20.14
C LYS E 535 26.85 15.55 -19.53
N LEU E 536 27.18 16.37 -18.53
CA LEU E 536 26.19 17.20 -17.84
C LEU E 536 25.46 18.20 -18.76
N PHE E 537 26.24 18.97 -19.52
CA PHE E 537 25.66 19.99 -20.38
C PHE E 537 24.72 19.34 -21.35
N ASN E 538 25.13 18.19 -21.89
CA ASN E 538 24.31 17.47 -22.85
C ASN E 538 22.87 17.28 -22.39
N MET E 539 22.66 17.32 -21.08
CA MET E 539 21.31 17.26 -20.58
C MET E 539 20.83 18.65 -20.21
N LEU E 540 21.71 19.46 -19.62
CA LEU E 540 21.32 20.83 -19.23
C LEU E 540 20.62 21.58 -20.38
N ARG E 541 21.33 21.73 -21.50
CA ARG E 541 20.90 22.51 -22.68
C ARG E 541 19.54 22.07 -23.22
N LEU E 542 19.16 20.85 -22.86
CA LEU E 542 17.95 20.22 -23.34
C LEU E 542 16.72 20.90 -22.79
N GLY E 543 16.85 21.46 -21.60
CA GLY E 543 15.73 22.07 -20.92
C GLY E 543 14.69 21.00 -20.77
N LYS E 544 13.43 21.44 -20.78
CA LYS E 544 12.25 20.56 -20.64
C LYS E 544 11.79 20.07 -22.03
N SER E 545 12.77 19.88 -22.90
CA SER E 545 12.55 19.61 -24.32
C SER E 545 12.31 18.14 -24.64
N GLU E 546 13.13 17.24 -24.14
CA GLU E 546 12.76 15.84 -24.16
C GLU E 546 12.17 15.58 -22.79
N PRO E 547 11.33 14.55 -22.63
CA PRO E 547 10.85 14.05 -21.35
C PRO E 547 11.97 13.78 -20.37
N TRP E 548 11.73 14.05 -19.10
CA TRP E 548 12.77 13.94 -18.07
C TRP E 548 13.35 12.54 -17.91
N THR E 549 12.57 11.52 -18.29
CA THR E 549 12.99 10.14 -18.22
C THR E 549 14.17 9.87 -19.15
N LEU E 550 14.09 10.43 -20.35
CA LEU E 550 15.18 10.40 -21.32
C LEU E 550 16.34 11.27 -20.86
N ALA E 551 16.04 12.48 -20.37
CA ALA E 551 17.04 13.46 -19.93
C ALA E 551 17.99 12.85 -18.89
N LEU E 552 17.42 12.04 -18.00
CA LEU E 552 18.18 11.25 -17.03
C LEU E 552 19.10 10.27 -17.72
N GLU E 553 18.54 9.44 -18.60
CA GLU E 553 19.27 8.41 -19.34
C GLU E 553 20.51 8.96 -20.06
N ASN E 554 20.47 10.23 -20.44
CA ASN E 554 21.64 10.92 -20.99
C ASN E 554 22.75 11.00 -20.00
N VAL E 555 22.42 11.26 -18.76
CA VAL E 555 23.45 11.47 -17.76
C VAL E 555 23.75 10.21 -17.01
N VAL E 556 22.77 9.33 -16.86
CA VAL E 556 22.92 8.18 -15.95
C VAL E 556 22.88 6.80 -16.64
N GLY E 557 21.73 6.48 -17.23
CA GLY E 557 21.53 5.18 -17.82
C GLY E 557 20.15 4.62 -17.54
N ALA E 558 19.40 5.26 -16.65
CA ALA E 558 18.05 4.81 -16.37
C ALA E 558 17.01 5.82 -16.77
N LYS E 559 15.89 5.28 -17.27
CA LYS E 559 14.73 6.05 -17.67
C LYS E 559 13.99 6.56 -16.44
N ASN E 560 14.32 5.99 -15.29
CA ASN E 560 13.65 6.34 -14.05
C ASN E 560 14.65 6.59 -12.90
N MET E 561 14.21 7.32 -11.88
CA MET E 561 15.05 7.63 -10.74
C MET E 561 15.55 6.35 -10.13
N ASN E 562 16.63 6.46 -9.37
CA ASN E 562 17.07 5.35 -8.58
C ASN E 562 17.64 5.72 -7.22
N VAL E 563 17.50 4.81 -6.27
CA VAL E 563 17.81 5.07 -4.87
C VAL E 563 19.27 4.77 -4.51
N ARG E 564 19.81 3.73 -5.12
CA ARG E 564 21.11 3.18 -4.70
C ARG E 564 22.29 4.14 -4.83
N PRO E 565 22.36 4.93 -5.92
CA PRO E 565 23.48 5.86 -5.99
C PRO E 565 23.64 6.62 -4.68
N LEU E 566 22.52 7.14 -4.13
CA LEU E 566 22.44 7.77 -2.81
C LEU E 566 22.94 6.85 -1.69
N LEU E 567 22.38 5.65 -1.59
CA LEU E 567 22.74 4.72 -0.51
C LEU E 567 24.25 4.44 -0.54
N ASN E 568 24.77 4.17 -1.73
CA ASN E 568 26.19 3.83 -1.91
C ASN E 568 27.13 5.01 -1.57
N TYR E 569 26.58 6.22 -1.65
CA TYR E 569 27.34 7.39 -1.23
C TYR E 569 27.48 7.35 0.28
N PHE E 570 26.44 6.85 0.95
CA PHE E 570 26.43 6.82 2.41
C PHE E 570 26.84 5.48 3.02
N GLU E 571 27.27 4.55 2.18
CA GLU E 571 27.70 3.24 2.65
C GLU E 571 28.66 3.25 3.85
N PRO E 572 29.76 4.06 3.81
CA PRO E 572 30.67 4.11 4.96
C PRO E 572 30.02 4.59 6.28
N LEU E 573 29.04 5.50 6.16
CA LEU E 573 28.31 5.96 7.32
C LEU E 573 27.35 4.87 7.76
N PHE E 574 26.66 4.23 6.83
CA PHE E 574 25.67 3.20 7.19
C PHE E 574 26.27 2.04 8.00
N THR E 575 27.41 1.52 7.56
CA THR E 575 27.97 0.36 8.25
C THR E 575 28.70 0.76 9.53
N TRP E 576 28.81 2.07 9.76
CA TRP E 576 29.36 2.60 11.00
C TRP E 576 28.27 2.86 12.07
N LEU E 577 27.06 3.22 11.62
CA LEU E 577 25.92 3.52 12.51
C LEU E 577 25.32 2.25 13.10
N LYS E 578 25.46 1.14 12.37
CA LYS E 578 25.00 -0.16 12.86
C LYS E 578 25.90 -0.52 14.00
N ASP E 579 27.18 -0.17 13.86
CA ASP E 579 28.22 -0.41 14.84
C ASP E 579 27.82 0.17 16.18
N GLN E 580 27.31 1.39 16.17
CA GLN E 580 26.87 2.06 17.39
C GLN E 580 25.51 1.56 17.84
N ASN E 581 24.66 1.21 16.89
CA ASN E 581 23.29 0.74 17.21
C ASN E 581 23.20 -0.77 17.46
N LYS E 582 24.36 -1.35 17.72
CA LYS E 582 24.51 -2.71 18.14
C LYS E 582 23.75 -2.84 19.44
N ASN E 583 23.84 -1.82 20.29
CA ASN E 583 23.19 -1.88 21.58
C ASN E 583 22.03 -0.88 21.76
N SER E 584 22.09 0.27 21.11
CA SER E 584 21.00 1.24 21.14
C SER E 584 19.68 0.65 20.63
N PHE E 585 18.56 1.27 21.00
CA PHE E 585 17.30 0.81 20.46
C PHE E 585 17.11 1.48 19.10
N VAL E 586 17.01 0.67 18.04
CA VAL E 586 16.93 1.15 16.64
C VAL E 586 15.53 1.11 16.02
N GLY E 587 14.93 2.29 15.86
CA GLY E 587 13.53 2.38 15.49
C GLY E 587 12.85 3.10 16.62
N TRP E 588 11.50 3.08 16.61
CA TRP E 588 10.66 3.85 17.57
C TRP E 588 9.22 3.36 17.73
N SER E 589 8.58 3.78 18.82
CA SER E 589 7.14 3.56 19.00
C SER E 589 6.27 4.82 18.94
N THR E 590 5.28 4.74 18.07
CA THR E 590 4.26 5.74 17.88
C THR E 590 3.61 6.14 19.18
N ASP E 591 3.72 5.25 20.16
CA ASP E 591 2.90 5.32 21.34
C ASP E 591 3.41 6.25 22.44
N TRP E 592 4.70 6.56 22.44
CA TRP E 592 5.27 7.43 23.46
C TRP E 592 5.00 8.88 23.15
N SER E 593 4.83 9.70 24.19
CA SER E 593 4.68 11.16 24.05
C SER E 593 5.28 11.86 25.26
N PRO E 594 5.97 13.01 25.04
CA PRO E 594 6.57 13.72 26.15
C PRO E 594 5.55 14.30 27.10
N TYR E 595 4.27 14.11 26.85
CA TYR E 595 3.22 14.63 27.72
C TYR E 595 2.24 13.59 28.32
N ALA E 596 2.78 12.63 29.09
CA ALA E 596 2.02 11.52 29.74
C ALA E 596 0.94 10.89 28.85
N HIS F 2 41.69 61.29 -50.50
CA HIS F 2 41.46 59.81 -50.54
C HIS F 2 40.07 59.35 -49.96
N THR F 3 39.82 58.05 -49.95
CA THR F 3 38.51 57.53 -49.59
C THR F 3 38.53 56.56 -48.38
N ASP F 4 37.94 56.97 -47.25
CA ASP F 4 37.82 56.06 -46.11
C ASP F 4 36.55 55.20 -46.20
N ILE F 5 36.51 54.08 -45.48
CA ILE F 5 35.40 53.12 -45.57
C ILE F 5 35.01 52.48 -44.23
N ASN F 6 33.99 53.05 -43.56
CA ASN F 6 33.23 52.33 -42.51
C ASN F 6 32.44 51.15 -43.11
N PHE F 7 32.81 49.93 -42.75
CA PHE F 7 32.04 48.75 -43.08
C PHE F 7 31.24 48.32 -41.86
N THR F 8 29.99 48.74 -41.80
CA THR F 8 29.21 48.67 -40.58
C THR F 8 28.26 47.48 -40.56
N ALA F 9 28.15 46.86 -39.39
CA ALA F 9 27.20 45.80 -39.13
C ALA F 9 26.51 46.32 -37.92
N THR F 10 25.31 46.84 -38.12
CA THR F 10 24.52 47.33 -37.01
C THR F 10 23.55 46.22 -36.72
N ALA F 11 23.44 45.84 -35.44
CA ALA F 11 22.57 44.76 -34.99
C ALA F 11 21.51 45.11 -33.92
N SER F 12 20.34 44.47 -34.02
CA SER F 12 19.30 44.41 -32.96
C SER F 12 19.12 42.99 -32.38
N PHE F 13 18.42 42.86 -31.24
CA PHE F 13 18.34 41.56 -30.59
C PHE F 13 16.94 41.21 -30.06
N GLY F 14 16.54 39.97 -30.32
CA GLY F 14 15.50 39.30 -29.56
C GLY F 14 14.24 38.99 -30.32
N GLY F 15 14.30 37.95 -31.16
CA GLY F 15 13.09 37.48 -31.91
C GLY F 15 12.24 36.51 -31.12
N SER F 16 11.92 35.37 -31.72
CA SER F 16 11.25 34.31 -30.97
C SER F 16 12.18 33.74 -29.89
N CYS F 17 13.48 33.88 -30.13
CA CYS F 17 14.45 33.57 -29.12
C CYS F 17 15.60 34.54 -29.22
N TYR F 18 15.86 35.21 -28.11
CA TYR F 18 17.00 36.09 -27.97
C TYR F 18 18.17 35.14 -27.73
N VAL F 19 19.37 35.37 -28.27
CA VAL F 19 20.48 34.45 -27.91
C VAL F 19 20.70 33.51 -29.07
N CYS F 20 19.60 33.00 -29.65
CA CYS F 20 19.69 32.08 -30.80
C CYS F 20 20.50 32.70 -31.94
N LYS F 21 20.03 33.87 -32.36
CA LYS F 21 20.58 34.69 -33.44
C LYS F 21 20.17 36.16 -33.17
N PRO F 22 20.97 37.14 -33.65
CA PRO F 22 20.44 38.49 -33.46
C PRO F 22 19.15 38.60 -34.20
N HIS F 23 18.33 39.56 -33.77
CA HIS F 23 17.00 39.80 -34.35
C HIS F 23 17.16 40.14 -35.82
N GLN F 24 17.79 41.29 -36.07
CA GLN F 24 18.10 41.84 -37.39
C GLN F 24 19.53 42.37 -37.44
N VAL F 25 20.08 42.49 -38.63
CA VAL F 25 21.43 43.02 -38.79
C VAL F 25 21.63 43.63 -40.19
N ASN F 26 21.71 44.97 -40.25
CA ASN F 26 22.01 45.72 -41.48
C ASN F 26 23.53 45.69 -41.66
N ILE F 27 23.97 45.21 -42.82
CA ILE F 27 25.38 45.19 -43.19
C ILE F 27 25.56 46.22 -44.28
N SER F 28 26.59 47.04 -44.16
CA SER F 28 26.65 48.25 -44.97
C SER F 28 28.08 48.72 -45.29
N LEU F 29 28.33 49.13 -46.54
CA LEU F 29 29.59 49.77 -46.93
C LEU F 29 29.38 51.27 -47.12
N ASN F 30 29.71 52.06 -46.10
CA ASN F 30 29.33 53.47 -46.06
C ASN F 30 27.91 53.72 -46.44
N GLY F 31 27.00 53.09 -45.70
CA GLY F 31 25.57 53.26 -45.91
C GLY F 31 24.97 52.45 -47.05
N ASN F 32 25.66 52.40 -48.18
CA ASN F 32 25.12 51.70 -49.33
C ASN F 32 25.75 50.26 -49.40
N THR F 33 25.47 49.45 -50.42
CA THR F 33 25.73 47.99 -50.30
C THR F 33 27.02 47.51 -50.92
N SER F 34 27.73 48.39 -51.62
CA SER F 34 29.03 48.06 -52.21
C SER F 34 29.80 49.36 -52.50
N VAL F 35 31.13 49.31 -52.45
CA VAL F 35 31.90 50.50 -52.74
C VAL F 35 33.18 50.21 -53.52
N CYS F 36 33.32 50.79 -54.71
CA CYS F 36 34.52 50.59 -55.48
C CYS F 36 35.42 51.79 -55.32
N VAL F 37 36.66 51.49 -55.01
CA VAL F 37 37.64 52.53 -54.72
C VAL F 37 38.16 53.14 -55.99
N ARG F 38 38.24 54.46 -56.02
CA ARG F 38 38.68 55.18 -57.21
C ARG F 38 39.90 56.05 -56.99
N THR F 39 40.41 56.10 -55.75
CA THR F 39 41.60 56.91 -55.46
C THR F 39 42.68 56.11 -54.77
N SER F 40 43.70 55.61 -55.50
CA SER F 40 44.66 54.69 -54.87
C SER F 40 45.24 55.23 -53.55
N HIS F 41 45.50 54.28 -52.65
CA HIS F 41 45.23 54.36 -51.19
C HIS F 41 43.87 54.87 -50.62
N PHE F 42 43.42 54.12 -49.61
CA PHE F 42 42.14 54.27 -48.92
C PHE F 42 42.35 53.93 -47.44
N SER F 43 41.27 53.62 -46.72
CA SER F 43 41.31 53.10 -45.34
C SER F 43 39.99 52.37 -45.10
N ILE F 44 40.05 51.15 -44.57
CA ILE F 44 38.81 50.38 -44.31
C ILE F 44 38.76 49.90 -42.87
N ARG F 45 37.59 50.00 -42.25
CA ARG F 45 37.45 49.59 -40.87
C ARG F 45 36.15 48.84 -40.69
N TYR F 46 36.12 47.93 -39.74
CA TYR F 46 34.86 47.28 -39.43
C TYR F 46 34.23 47.86 -38.16
N ILE F 47 33.13 48.60 -38.30
CA ILE F 47 32.38 49.02 -37.12
C ILE F 47 31.24 48.06 -36.80
N TYR F 48 31.10 47.71 -35.52
CA TYR F 48 29.98 46.88 -35.04
C TYR F 48 29.08 47.66 -34.09
N ASN F 49 27.79 47.74 -34.43
CA ASN F 49 26.86 48.62 -33.71
C ASN F 49 25.68 47.90 -33.10
N ARG F 50 25.64 47.83 -31.78
CA ARG F 50 24.52 47.15 -31.13
C ARG F 50 23.45 48.17 -30.83
N VAL F 51 22.21 47.91 -31.24
CA VAL F 51 21.10 48.79 -30.86
C VAL F 51 20.59 48.45 -29.47
N LYS F 52 20.58 49.45 -28.59
CA LYS F 52 20.09 49.29 -27.24
C LYS F 52 18.85 48.39 -27.25
N SER F 53 18.83 47.37 -26.40
CA SER F 53 17.65 46.46 -26.35
C SER F 53 17.00 46.57 -25.00
N GLY F 54 17.82 46.83 -23.99
CA GLY F 54 17.34 47.08 -22.66
C GLY F 54 17.96 46.17 -21.64
N SER F 55 18.56 45.08 -22.10
CA SER F 55 19.08 44.11 -21.16
C SER F 55 20.57 44.03 -21.30
N PRO F 56 21.26 43.68 -20.20
CA PRO F 56 22.69 43.54 -20.27
C PRO F 56 23.03 42.25 -21.00
N GLY F 57 22.04 41.70 -21.71
CA GLY F 57 22.21 40.55 -22.61
C GLY F 57 23.01 41.00 -23.80
N ASP F 58 22.68 42.19 -24.34
CA ASP F 58 23.52 42.82 -25.34
C ASP F 58 24.83 42.94 -24.63
N SER F 59 25.93 43.07 -25.36
CA SER F 59 27.28 43.23 -24.75
C SER F 59 27.83 41.86 -24.45
N SER F 60 26.95 40.88 -24.44
CA SER F 60 27.34 39.48 -24.44
C SER F 60 27.07 38.95 -25.84
N TRP F 61 26.52 39.82 -26.68
CA TRP F 61 26.29 39.54 -28.08
C TRP F 61 27.44 40.08 -28.85
N HIS F 62 28.15 39.20 -29.53
CA HIS F 62 29.33 39.65 -30.29
C HIS F 62 29.17 39.29 -31.75
N ILE F 63 29.37 40.29 -32.61
CA ILE F 63 29.51 40.09 -34.04
C ILE F 63 30.87 40.63 -34.44
N TYR F 64 31.63 39.73 -35.03
CA TYR F 64 32.99 39.98 -35.48
C TYR F 64 33.10 39.33 -36.84
N LEU F 65 34.20 39.54 -37.55
CA LEU F 65 34.32 38.82 -38.79
C LEU F 65 35.47 37.89 -38.70
N LYS F 66 35.22 36.65 -39.09
CA LYS F 66 36.25 35.62 -39.12
C LYS F 66 37.21 35.98 -40.24
N SER F 67 38.24 35.17 -40.45
CA SER F 67 38.98 35.25 -41.71
C SER F 67 38.29 34.26 -42.64
N GLY F 68 38.74 34.17 -43.87
CA GLY F 68 38.08 33.28 -44.78
C GLY F 68 38.74 33.30 -46.11
N THR F 69 37.93 33.42 -47.15
CA THR F 69 38.33 33.01 -48.51
C THR F 69 39.72 33.40 -49.03
N CYS F 70 40.28 34.51 -48.56
CA CYS F 70 41.38 35.13 -49.28
C CYS F 70 42.60 35.54 -48.43
N PRO F 71 43.73 35.86 -49.09
CA PRO F 71 45.03 36.04 -48.41
C PRO F 71 45.02 37.04 -47.27
N PHE F 72 44.85 38.33 -47.55
CA PHE F 72 44.92 39.40 -46.55
C PHE F 72 43.80 39.26 -45.52
N SER F 73 43.91 39.93 -44.37
CA SER F 73 42.80 39.86 -43.44
C SER F 73 42.30 41.15 -42.76
N PHE F 74 42.82 42.32 -43.14
CA PHE F 74 42.60 43.58 -42.40
C PHE F 74 43.91 44.02 -41.73
N ILE F 86 40.29 47.27 -57.04
CA ILE F 86 39.66 46.64 -55.87
C ILE F 86 38.32 47.28 -55.43
N CYS F 87 37.32 46.40 -55.18
CA CYS F 87 35.96 46.73 -54.67
C CYS F 87 35.56 45.94 -53.39
N PHE F 88 34.51 46.40 -52.71
CA PHE F 88 33.93 45.72 -51.52
C PHE F 88 32.43 45.51 -51.73
N SER F 89 31.84 44.59 -50.99
CA SER F 89 30.46 44.30 -51.23
C SER F 89 29.87 43.40 -50.20
N THR F 90 28.78 43.88 -49.59
CA THR F 90 27.67 43.06 -49.13
C THR F 90 27.23 42.30 -50.38
N VAL F 91 26.62 41.12 -50.26
CA VAL F 91 26.19 40.35 -51.47
C VAL F 91 27.30 39.73 -52.35
N GLU F 92 26.94 38.63 -52.99
CA GLU F 92 27.85 37.80 -53.77
C GLU F 92 28.31 38.40 -55.12
N VAL F 93 29.62 38.37 -55.34
CA VAL F 93 30.27 38.76 -56.61
C VAL F 93 31.29 37.70 -57.05
N PRO F 94 31.20 37.22 -58.29
CA PRO F 94 32.20 36.28 -58.81
C PRO F 94 33.67 36.62 -58.55
N GLY F 95 34.39 35.67 -57.96
CA GLY F 95 35.78 35.82 -57.57
C GLY F 95 35.94 36.71 -56.36
N SER F 96 35.18 36.42 -55.29
CA SER F 96 35.23 37.27 -54.11
C SER F 96 36.22 36.77 -53.02
N CYS F 97 35.87 36.94 -51.75
CA CYS F 97 36.86 37.00 -50.70
C CYS F 97 36.24 36.85 -49.30
N ASN F 98 34.99 36.37 -49.27
CA ASN F 98 34.21 36.19 -48.02
C ASN F 98 34.98 36.34 -46.73
N PHE F 99 35.11 37.54 -46.19
CA PHE F 99 35.41 37.61 -44.77
C PHE F 99 34.01 37.48 -44.18
N PRO F 100 33.61 36.26 -43.76
CA PRO F 100 32.24 36.10 -43.34
C PRO F 100 32.05 36.63 -41.94
N LEU F 101 30.86 37.22 -41.71
CA LEU F 101 30.52 37.85 -40.45
C LEU F 101 29.81 36.84 -39.58
N GLU F 102 30.35 36.56 -38.39
CA GLU F 102 29.81 35.58 -37.45
C GLU F 102 29.25 36.26 -36.20
N ALA F 103 28.02 35.89 -35.84
CA ALA F 103 27.34 36.51 -34.69
C ALA F 103 27.10 35.47 -33.60
N THR F 104 27.46 35.80 -32.36
CA THR F 104 27.42 34.82 -31.27
C THR F 104 26.91 35.45 -29.99
N TRP F 105 26.06 34.71 -29.28
CA TRP F 105 25.76 35.10 -27.91
C TRP F 105 26.63 34.36 -26.90
N HIS F 106 27.64 35.07 -26.40
CA HIS F 106 28.44 34.65 -25.25
C HIS F 106 29.19 33.35 -25.53
N TYR F 107 29.50 33.14 -26.82
CA TYR F 107 30.29 32.02 -27.32
C TYR F 107 29.65 30.69 -27.00
N THR F 108 28.33 30.71 -26.90
CA THR F 108 27.50 29.50 -26.78
C THR F 108 27.11 29.01 -28.17
N SER F 109 26.22 29.76 -28.82
CA SER F 109 25.82 29.51 -30.23
C SER F 109 26.54 30.46 -31.24
N TYR F 110 26.90 29.91 -32.40
CA TYR F 110 27.39 30.76 -33.49
C TYR F 110 26.43 30.71 -34.67
N THR F 111 26.30 31.85 -35.36
CA THR F 111 25.43 31.97 -36.53
C THR F 111 26.02 33.05 -37.48
N ILE F 112 26.29 32.68 -38.73
CA ILE F 112 26.98 33.63 -39.60
C ILE F 112 25.97 34.58 -40.23
N VAL F 113 26.03 35.87 -39.90
CA VAL F 113 25.00 36.81 -40.33
C VAL F 113 25.26 37.52 -41.65
N GLY F 114 26.26 37.07 -42.39
CA GLY F 114 26.63 37.68 -43.66
C GLY F 114 28.13 37.66 -43.96
N ALA F 115 28.54 38.50 -44.90
CA ALA F 115 29.97 38.61 -45.25
C ALA F 115 30.35 39.92 -45.91
N LEU F 116 31.66 40.17 -45.94
CA LEU F 116 32.18 41.22 -46.74
C LEU F 116 32.90 40.54 -47.90
N TYR F 117 32.38 40.72 -49.10
CA TYR F 117 32.97 40.13 -50.32
C TYR F 117 33.90 41.15 -50.91
N VAL F 118 35.12 40.73 -51.22
CA VAL F 118 36.10 41.64 -51.79
C VAL F 118 36.56 41.16 -53.20
N THR F 119 36.96 42.11 -54.04
CA THR F 119 37.38 41.81 -55.40
C THR F 119 38.57 42.67 -55.87
N TRP F 120 39.69 41.99 -56.07
CA TRP F 120 41.00 42.53 -56.45
C TRP F 120 41.19 42.53 -57.96
N SER F 121 42.36 42.97 -58.38
CA SER F 121 42.69 43.09 -59.77
C SER F 121 44.17 43.25 -59.87
N GLU F 122 44.78 43.69 -58.77
CA GLU F 122 46.24 43.81 -58.65
C GLU F 122 46.79 45.06 -59.35
N SER G 1 -14.80 47.63 -83.07
CA SER G 1 -16.07 47.17 -82.43
C SER G 1 -15.82 46.74 -80.98
N THR G 2 -16.78 47.01 -80.08
CA THR G 2 -16.65 46.62 -78.67
C THR G 2 -16.20 45.17 -78.65
N ILE G 3 -15.02 44.93 -78.05
CA ILE G 3 -14.48 43.57 -77.96
C ILE G 3 -15.46 42.65 -77.30
N GLU G 4 -16.36 43.23 -76.48
CA GLU G 4 -17.52 42.49 -75.97
C GLU G 4 -18.41 42.00 -77.13
N GLU G 5 -18.74 42.96 -78.01
CA GLU G 5 -19.57 42.73 -79.20
C GLU G 5 -18.87 41.80 -80.22
N GLN G 6 -17.54 41.91 -80.29
CA GLN G 6 -16.66 41.07 -81.12
C GLN G 6 -16.50 39.66 -80.57
N ALA G 7 -16.57 39.53 -79.25
CA ALA G 7 -16.56 38.25 -78.58
C ALA G 7 -17.97 37.68 -78.63
N LYS G 8 -18.97 38.57 -78.66
CA LYS G 8 -20.36 38.10 -78.72
C LYS G 8 -20.53 37.23 -79.93
N THR G 9 -20.11 37.72 -81.09
CA THR G 9 -20.28 36.93 -82.30
C THR G 9 -19.22 35.85 -82.43
N PHE G 10 -18.14 35.97 -81.68
CA PHE G 10 -17.16 34.89 -81.67
C PHE G 10 -17.77 33.70 -80.96
N LEU G 11 -18.48 33.98 -79.87
CA LEU G 11 -19.11 32.93 -79.08
C LEU G 11 -20.30 32.29 -79.80
N ASP G 12 -21.00 33.10 -80.60
CA ASP G 12 -22.15 32.61 -81.35
C ASP G 12 -21.63 31.53 -82.25
N LYS G 13 -20.62 31.85 -83.06
CA LYS G 13 -20.06 30.89 -84.02
C LYS G 13 -19.38 29.71 -83.31
N PHE G 14 -18.91 29.92 -82.09
CA PHE G 14 -18.33 28.83 -81.35
C PHE G 14 -19.37 27.83 -80.92
N ASN G 15 -20.44 28.35 -80.32
CA ASN G 15 -21.54 27.52 -79.83
C ASN G 15 -22.16 26.67 -80.94
N HIS G 16 -22.36 27.27 -82.11
CA HIS G 16 -22.79 26.50 -83.27
C HIS G 16 -21.87 25.29 -83.54
N GLU G 17 -20.59 25.53 -83.83
CA GLU G 17 -19.63 24.46 -84.15
C GLU G 17 -19.50 23.47 -83.00
N ALA G 18 -19.52 23.97 -81.76
CA ALA G 18 -19.38 23.10 -80.60
C ALA G 18 -20.60 22.20 -80.42
N GLU G 19 -21.81 22.70 -80.65
CA GLU G 19 -22.94 21.85 -80.49
C GLU G 19 -22.92 20.74 -81.52
N ASP G 20 -22.40 21.02 -82.72
CA ASP G 20 -22.29 19.99 -83.78
C ASP G 20 -21.36 18.89 -83.38
N LEU G 21 -20.17 19.27 -82.94
CA LEU G 21 -19.12 18.32 -82.66
C LEU G 21 -19.38 17.54 -81.37
N PHE G 22 -20.06 18.19 -80.43
CA PHE G 22 -20.32 17.58 -79.14
C PHE G 22 -21.46 16.60 -79.26
N TYR G 23 -22.34 16.82 -80.25
CA TYR G 23 -23.32 15.83 -80.58
C TYR G 23 -22.59 14.64 -81.19
N GLN G 24 -21.59 14.89 -82.00
CA GLN G 24 -20.80 13.79 -82.56
C GLN G 24 -20.06 12.95 -81.51
N SER G 25 -19.44 13.58 -80.52
CA SER G 25 -18.71 12.78 -79.53
C SER G 25 -19.72 12.01 -78.65
N SER G 26 -20.87 12.63 -78.40
CA SER G 26 -21.89 12.02 -77.52
C SER G 26 -22.65 10.93 -78.23
N LEU G 27 -22.96 11.13 -79.51
CA LEU G 27 -23.64 10.09 -80.29
C LEU G 27 -22.76 8.86 -80.45
N ALA G 28 -21.45 9.05 -80.55
CA ALA G 28 -20.55 7.93 -80.72
C ALA G 28 -20.33 7.19 -79.41
N SER G 29 -20.40 7.89 -78.28
CA SER G 29 -20.31 7.16 -77.02
C SER G 29 -21.56 6.37 -76.72
N TRP G 30 -22.72 6.94 -77.04
CA TRP G 30 -23.97 6.23 -76.88
C TRP G 30 -23.85 4.95 -77.64
N ASN G 31 -23.44 5.09 -78.90
CA ASN G 31 -23.32 3.96 -79.81
C ASN G 31 -22.33 2.89 -79.32
N TYR G 32 -21.41 3.28 -78.42
CA TYR G 32 -20.45 2.35 -77.89
C TYR G 32 -21.17 1.32 -77.02
N ASN G 33 -21.96 1.81 -76.08
CA ASN G 33 -22.91 0.97 -75.33
C ASN G 33 -24.15 0.48 -76.19
N THR G 34 -24.95 1.41 -76.72
CA THR G 34 -26.19 1.09 -77.52
C THR G 34 -26.29 -0.04 -78.61
N ASN G 35 -25.41 -0.03 -79.63
CA ASN G 35 -25.47 -0.99 -80.76
C ASN G 35 -24.10 -1.55 -81.18
N THR G 37 -24.09 -4.01 -82.53
CA THR G 37 -24.13 -4.76 -83.80
C THR G 37 -22.74 -5.28 -84.16
N GLU G 38 -21.89 -4.33 -84.57
CA GLU G 38 -20.61 -4.58 -85.22
C GLU G 38 -19.80 -3.25 -85.17
N GLU G 39 -20.08 -2.36 -86.13
CA GLU G 39 -19.21 -1.22 -86.50
C GLU G 39 -19.38 0.04 -85.63
N ASN G 40 -19.34 -0.13 -84.28
CA ASN G 40 -19.57 0.95 -83.25
C ASN G 40 -18.60 0.95 -82.06
N VAL G 41 -17.74 -0.08 -82.01
CA VAL G 41 -16.89 -0.40 -80.83
C VAL G 41 -15.77 0.72 -80.55
N GLN G 42 -15.34 1.39 -81.61
CA GLN G 42 -14.06 2.12 -81.61
C GLN G 42 -14.09 3.49 -82.29
N ASN G 43 -15.28 3.90 -82.74
CA ASN G 43 -15.42 5.22 -83.34
C ASN G 43 -15.56 6.26 -82.26
N MET G 44 -15.97 5.82 -81.08
CA MET G 44 -16.16 6.74 -79.93
C MET G 44 -14.84 7.46 -79.60
N ASN G 45 -13.78 6.66 -79.50
CA ASN G 45 -12.43 7.13 -79.19
C ASN G 45 -11.88 8.15 -80.24
N ASN G 46 -12.13 7.95 -81.53
CA ASN G 46 -11.70 8.94 -82.53
C ASN G 46 -12.39 10.28 -82.35
N ALA G 47 -13.72 10.26 -82.46
CA ALA G 47 -14.61 11.44 -82.44
C ALA G 47 -14.50 12.25 -81.15
N GLY G 48 -14.02 11.60 -80.11
CA GLY G 48 -13.71 12.28 -78.85
C GLY G 48 -12.42 13.07 -78.95
N ASP G 49 -11.41 12.52 -79.63
CA ASP G 49 -10.13 13.21 -79.81
C ASP G 49 -10.28 14.40 -80.75
N LYS G 50 -11.18 14.28 -81.72
CA LYS G 50 -11.51 15.40 -82.57
C LYS G 50 -12.25 16.47 -81.74
N TRP G 51 -13.12 16.04 -80.82
CA TRP G 51 -13.69 17.00 -79.91
C TRP G 51 -12.59 17.66 -79.10
N SER G 52 -11.67 16.86 -78.60
CA SER G 52 -10.51 17.39 -77.88
C SER G 52 -9.67 18.38 -78.72
N ALA G 53 -9.44 18.02 -79.98
CA ALA G 53 -8.70 18.88 -80.91
C ALA G 53 -9.41 20.22 -81.03
N PHE G 54 -10.73 20.18 -81.15
CA PHE G 54 -11.49 21.39 -81.39
C PHE G 54 -11.39 22.31 -80.19
N LEU G 55 -11.61 21.75 -79.01
CA LEU G 55 -11.70 22.51 -77.78
C LEU G 55 -10.37 23.18 -77.48
N LYS G 56 -9.28 22.52 -77.87
CA LYS G 56 -7.96 23.07 -77.66
C LYS G 56 -7.76 24.31 -78.55
N GLU G 57 -8.11 24.23 -79.84
CA GLU G 57 -7.97 25.36 -80.75
C GLU G 57 -8.68 26.58 -80.22
N GLN G 58 -9.89 26.39 -79.72
CA GLN G 58 -10.77 27.50 -79.33
C GLN G 58 -10.33 28.21 -78.07
N SER G 59 -9.61 27.50 -77.20
CA SER G 59 -8.95 28.15 -76.07
C SER G 59 -7.78 29.05 -76.58
N THR G 60 -6.86 28.48 -77.36
CA THR G 60 -5.76 29.24 -77.98
C THR G 60 -6.26 30.46 -78.76
N LEU G 61 -7.57 30.57 -78.93
CA LEU G 61 -8.17 31.65 -79.71
C LEU G 61 -9.12 32.50 -78.85
N ALA G 62 -9.45 32.03 -77.64
CA ALA G 62 -10.21 32.89 -76.76
C ALA G 62 -9.27 33.70 -75.91
N GLN G 63 -7.99 33.31 -75.87
CA GLN G 63 -6.89 34.10 -75.24
C GLN G 63 -6.78 35.49 -75.84
N MET G 64 -7.35 35.66 -77.02
CA MET G 64 -7.30 36.93 -77.69
C MET G 64 -8.42 37.87 -77.26
N TYR G 65 -9.30 37.42 -76.37
CA TYR G 65 -10.42 38.26 -75.89
C TYR G 65 -10.26 38.70 -74.43
N PRO G 66 -9.54 39.82 -74.19
CA PRO G 66 -9.27 40.23 -72.82
C PRO G 66 -10.55 40.36 -72.01
N LEU G 67 -10.62 39.57 -70.94
CA LEU G 67 -11.78 39.53 -70.04
C LEU G 67 -12.15 40.89 -69.41
N GLN G 68 -11.12 41.66 -69.01
CA GLN G 68 -11.30 42.96 -68.35
C GLN G 68 -12.26 43.92 -69.05
N GLU G 69 -12.30 43.86 -70.38
CA GLU G 69 -13.19 44.69 -71.21
C GLU G 69 -14.56 44.02 -71.52
N ILE G 70 -14.88 42.96 -70.80
CA ILE G 70 -16.15 42.27 -70.99
C ILE G 70 -17.23 42.69 -70.01
N GLN G 71 -18.15 43.54 -70.45
CA GLN G 71 -19.26 44.00 -69.62
C GLN G 71 -20.34 42.92 -69.36
N ASN G 72 -20.87 42.30 -70.42
CA ASN G 72 -21.93 41.27 -70.32
C ASN G 72 -21.44 40.07 -69.48
N LEU G 73 -22.02 39.95 -68.29
CA LEU G 73 -21.65 38.95 -67.29
C LEU G 73 -21.69 37.52 -67.86
N THR G 74 -22.60 37.29 -68.82
CA THR G 74 -22.80 35.98 -69.44
C THR G 74 -21.65 35.61 -70.38
N VAL G 75 -21.28 36.56 -71.25
CA VAL G 75 -20.17 36.32 -72.18
C VAL G 75 -18.81 36.26 -71.46
N LYS G 76 -18.67 37.04 -70.38
CA LYS G 76 -17.50 36.96 -69.53
C LYS G 76 -17.30 35.52 -69.12
N LEU G 77 -18.36 34.92 -68.59
CA LEU G 77 -18.28 33.57 -68.01
C LEU G 77 -17.81 32.51 -69.00
N GLN G 78 -18.47 32.51 -70.17
CA GLN G 78 -18.20 31.56 -71.23
C GLN G 78 -16.73 31.72 -71.62
N LEU G 79 -16.36 32.97 -71.92
CA LEU G 79 -15.01 33.32 -72.31
C LEU G 79 -14.04 32.80 -71.25
N GLN G 80 -14.31 33.14 -69.99
CA GLN G 80 -13.52 32.63 -68.90
C GLN G 80 -13.38 31.10 -68.98
N ALA G 81 -14.52 30.43 -69.05
CA ALA G 81 -14.55 28.98 -69.09
C ALA G 81 -13.69 28.43 -70.24
N LEU G 82 -13.89 28.97 -71.43
CA LEU G 82 -13.28 28.45 -72.62
C LEU G 82 -11.79 28.64 -72.55
N GLN G 83 -11.38 29.85 -72.16
CA GLN G 83 -9.97 30.24 -72.21
C GLN G 83 -9.24 29.74 -71.00
N GLN G 84 -9.16 28.42 -70.87
CA GLN G 84 -8.29 27.83 -69.85
C GLN G 84 -7.23 26.95 -70.53
N ASN G 85 -5.98 27.42 -70.45
CA ASN G 85 -4.81 26.68 -70.93
C ASN G 85 -4.91 25.17 -70.56
N GLY G 86 -5.39 24.86 -69.35
CA GLY G 86 -5.80 23.48 -68.97
C GLY G 86 -4.63 22.50 -68.91
N SER G 87 -4.78 21.33 -69.55
CA SER G 87 -3.67 20.35 -69.64
C SER G 87 -2.60 20.66 -70.70
N SER G 88 -3.01 21.24 -71.82
CA SER G 88 -2.10 21.61 -72.92
C SER G 88 -0.86 22.31 -72.39
N VAL G 89 -1.01 23.03 -71.28
CA VAL G 89 0.10 23.78 -70.67
C VAL G 89 1.15 22.86 -70.01
N LEU G 90 1.79 22.04 -70.83
CA LEU G 90 2.68 21.00 -70.34
C LEU G 90 3.58 20.62 -71.49
N SER G 91 4.83 20.37 -71.14
CA SER G 91 5.82 19.82 -72.07
C SER G 91 5.20 18.66 -72.83
N GLU G 92 5.20 18.76 -74.16
CA GLU G 92 4.51 17.80 -75.03
C GLU G 92 4.51 16.36 -74.48
N ASP G 93 5.70 15.86 -74.18
CA ASP G 93 5.89 14.52 -73.61
C ASP G 93 5.16 14.31 -72.28
N LYS G 94 5.24 15.32 -71.41
CA LYS G 94 4.57 15.29 -70.12
C LYS G 94 3.06 15.30 -70.29
N SER G 95 2.58 15.91 -71.36
CA SER G 95 1.15 15.91 -71.64
C SER G 95 0.70 14.50 -72.05
N LYS G 96 1.53 13.86 -72.88
CA LYS G 96 1.29 12.48 -73.33
C LYS G 96 1.42 11.51 -72.16
N ARG G 97 2.51 11.65 -71.42
CA ARG G 97 2.79 10.75 -70.30
C ARG G 97 1.65 10.76 -69.27
N LEU G 98 1.10 11.94 -68.97
CA LEU G 98 -0.07 12.03 -68.09
C LEU G 98 -1.28 11.30 -68.71
N ASN G 99 -1.48 11.47 -70.02
CA ASN G 99 -2.49 10.71 -70.71
C ASN G 99 -2.19 9.24 -70.52
N THR G 100 -1.05 8.79 -71.03
CA THR G 100 -0.62 7.41 -70.87
C THR G 100 -0.94 6.88 -69.47
N ILE G 101 -0.67 7.69 -68.45
CA ILE G 101 -0.98 7.30 -67.06
C ILE G 101 -2.47 7.14 -66.84
N LEU G 102 -3.27 8.18 -67.09
CA LEU G 102 -4.70 8.10 -66.84
C LEU G 102 -5.36 6.88 -67.46
N ASN G 103 -5.06 6.59 -68.71
CA ASN G 103 -5.57 5.41 -69.40
C ASN G 103 -5.19 4.14 -68.70
N THR G 104 -3.92 4.03 -68.35
CA THR G 104 -3.46 2.84 -67.65
C THR G 104 -4.28 2.67 -66.34
N MET G 105 -4.50 3.76 -65.62
CA MET G 105 -5.14 3.65 -64.32
C MET G 105 -6.59 3.30 -64.50
N SER G 106 -7.24 3.97 -65.43
CA SER G 106 -8.63 3.70 -65.72
C SER G 106 -8.82 2.23 -66.06
N THR G 107 -7.93 1.70 -66.91
CA THR G 107 -8.01 0.34 -67.43
C THR G 107 -7.71 -0.74 -66.36
N ILE G 108 -6.63 -0.58 -65.59
CA ILE G 108 -6.30 -1.56 -64.53
C ILE G 108 -7.47 -1.75 -63.59
N TYR G 109 -8.14 -0.65 -63.25
CA TYR G 109 -9.32 -0.71 -62.40
C TYR G 109 -10.46 -1.32 -63.17
N SER G 110 -10.66 -0.86 -64.39
CA SER G 110 -11.69 -1.39 -65.30
C SER G 110 -11.52 -2.87 -65.55
N THR G 111 -10.28 -3.28 -65.71
CA THR G 111 -9.95 -4.65 -66.02
C THR G 111 -8.99 -5.28 -65.02
N GLY G 112 -9.40 -5.25 -63.76
CA GLY G 112 -8.62 -5.85 -62.69
C GLY G 112 -9.42 -6.96 -62.08
N LYS G 113 -8.78 -8.11 -61.89
CA LYS G 113 -9.46 -9.30 -61.42
C LYS G 113 -8.61 -10.08 -60.42
N VAL G 114 -9.24 -10.63 -59.40
CA VAL G 114 -8.52 -11.41 -58.40
C VAL G 114 -8.81 -12.86 -58.69
N CYS G 115 -7.79 -13.71 -58.62
CA CYS G 115 -7.95 -15.13 -58.97
C CYS G 115 -7.63 -16.05 -57.80
N ASN G 116 -7.71 -17.38 -58.00
CA ASN G 116 -7.56 -18.37 -56.90
C ASN G 116 -6.28 -19.17 -56.89
N ASP G 118 -4.75 -21.74 -56.44
CA ASP G 118 -4.45 -22.79 -57.44
C ASP G 118 -5.52 -22.89 -58.54
N ASN G 119 -6.39 -21.88 -58.59
CA ASN G 119 -7.33 -21.67 -59.71
C ASN G 119 -6.97 -20.35 -60.43
N PRO G 120 -5.87 -20.34 -61.23
CA PRO G 120 -5.41 -19.07 -61.83
C PRO G 120 -6.27 -18.63 -63.02
N GLN G 121 -6.97 -19.60 -63.60
CA GLN G 121 -7.99 -19.36 -64.62
C GLN G 121 -9.22 -18.71 -63.95
N GLU G 122 -9.74 -19.30 -62.86
CA GLU G 122 -10.91 -18.72 -62.19
C GLU G 122 -10.59 -17.36 -61.57
N CYS G 123 -11.35 -16.36 -61.95
CA CYS G 123 -11.21 -15.07 -61.35
C CYS G 123 -12.59 -14.51 -61.24
N LEU G 124 -12.78 -13.62 -60.29
CA LEU G 124 -13.97 -12.81 -60.25
C LEU G 124 -13.45 -11.43 -60.55
N LEU G 125 -14.30 -10.54 -61.05
CA LEU G 125 -13.95 -9.12 -61.23
C LEU G 125 -14.55 -8.23 -60.14
N LEU G 126 -14.44 -6.92 -60.30
CA LEU G 126 -15.18 -6.10 -59.38
C LEU G 126 -16.66 -6.27 -59.70
N GLU G 127 -17.05 -6.15 -60.99
CA GLU G 127 -18.45 -6.41 -61.33
C GLU G 127 -18.79 -7.89 -61.55
N PRO G 128 -20.07 -8.27 -61.39
CA PRO G 128 -20.52 -9.09 -60.25
C PRO G 128 -19.43 -9.48 -59.28
N GLY G 129 -18.74 -10.57 -59.60
CA GLY G 129 -17.69 -11.10 -58.75
C GLY G 129 -17.75 -10.65 -57.30
N LEU G 130 -16.91 -9.66 -56.98
CA LEU G 130 -16.64 -9.25 -55.62
C LEU G 130 -17.75 -8.42 -55.00
N ASN G 131 -18.20 -7.37 -55.69
CA ASN G 131 -19.28 -6.53 -55.20
C ASN G 131 -20.50 -7.31 -54.65
N GLU G 132 -20.83 -8.39 -55.36
CA GLU G 132 -21.90 -9.29 -54.97
C GLU G 132 -21.54 -10.06 -53.68
N ILE G 133 -20.25 -10.30 -53.43
CA ILE G 133 -19.81 -10.94 -52.19
C ILE G 133 -19.88 -9.97 -51.04
N MET G 134 -19.21 -8.82 -51.19
CA MET G 134 -19.24 -7.76 -50.17
C MET G 134 -20.64 -7.32 -49.81
N ALA G 135 -21.58 -7.64 -50.68
CA ALA G 135 -22.98 -7.31 -50.51
C ALA G 135 -23.78 -8.35 -49.72
N ASN G 136 -23.43 -9.61 -49.87
CA ASN G 136 -24.22 -10.66 -49.26
C ASN G 136 -23.47 -11.42 -48.15
N SER G 137 -22.25 -11.86 -48.47
CA SER G 137 -21.46 -12.81 -47.67
C SER G 137 -21.29 -12.39 -46.24
N LEU G 138 -21.34 -13.39 -45.37
CA LEU G 138 -21.26 -13.22 -43.93
C LEU G 138 -20.10 -14.05 -43.34
N ASP G 139 -19.13 -14.36 -44.18
CA ASP G 139 -17.91 -15.04 -43.71
C ASP G 139 -16.74 -14.05 -43.64
N TYR G 140 -16.46 -13.58 -42.42
CA TYR G 140 -15.37 -12.67 -42.17
C TYR G 140 -14.17 -12.97 -43.06
N ASN G 141 -13.68 -14.21 -43.00
CA ASN G 141 -12.49 -14.60 -43.75
C ASN G 141 -12.62 -14.46 -45.26
N GLU G 142 -13.83 -14.75 -45.75
CA GLU G 142 -14.13 -14.65 -47.17
C GLU G 142 -14.13 -13.19 -47.58
N ARG G 143 -14.83 -12.38 -46.80
CA ARG G 143 -14.96 -10.95 -47.06
C ARG G 143 -13.61 -10.26 -46.96
N LEU G 144 -12.83 -10.68 -45.97
CA LEU G 144 -11.49 -10.20 -45.84
C LEU G 144 -10.71 -10.57 -47.08
N TRP G 145 -10.80 -11.84 -47.52
CA TRP G 145 -10.13 -12.27 -48.75
C TRP G 145 -10.51 -11.41 -49.98
N ALA G 146 -11.80 -11.14 -50.14
CA ALA G 146 -12.25 -10.29 -51.23
C ALA G 146 -11.62 -8.91 -51.08
N TRP G 147 -11.83 -8.31 -49.90
CA TRP G 147 -11.26 -7.01 -49.57
C TRP G 147 -9.75 -6.93 -49.86
N GLU G 148 -9.00 -7.87 -49.31
CA GLU G 148 -7.54 -7.79 -49.40
C GLU G 148 -7.02 -8.10 -50.77
N SER G 149 -7.66 -9.06 -51.45
CA SER G 149 -7.19 -9.48 -52.77
C SER G 149 -7.31 -8.36 -53.79
N TRP G 150 -8.39 -7.56 -53.68
CA TRP G 150 -8.65 -6.46 -54.59
C TRP G 150 -7.68 -5.34 -54.33
N ARG G 151 -7.49 -5.02 -53.05
CA ARG G 151 -6.65 -3.92 -52.65
C ARG G 151 -5.19 -4.21 -52.87
N SER G 152 -4.90 -5.50 -53.10
CA SER G 152 -3.56 -5.95 -53.43
C SER G 152 -3.29 -6.05 -54.92
N GLU G 153 -4.15 -6.75 -55.67
CA GLU G 153 -3.91 -7.03 -57.10
C GLU G 153 -4.11 -5.83 -57.98
N VAL G 154 -5.13 -5.02 -57.69
CA VAL G 154 -5.39 -3.86 -58.51
C VAL G 154 -4.98 -2.61 -57.77
N GLY G 155 -4.36 -2.81 -56.62
CA GLY G 155 -3.98 -1.69 -55.74
C GLY G 155 -2.50 -1.34 -55.88
N LYS G 156 -1.66 -2.38 -55.76
CA LYS G 156 -0.23 -2.21 -55.80
C LYS G 156 0.21 -1.84 -57.20
N GLN G 157 -0.61 -2.22 -58.18
CA GLN G 157 -0.36 -1.88 -59.58
C GLN G 157 -0.48 -0.38 -59.74
N LEU G 158 -1.46 0.19 -59.05
CA LEU G 158 -1.85 1.60 -59.16
C LEU G 158 -0.88 2.54 -58.44
N ARG G 159 -0.15 2.03 -57.45
CA ARG G 159 0.79 2.88 -56.70
C ARG G 159 1.79 3.68 -57.55
N PRO G 160 2.75 3.02 -58.23
CA PRO G 160 3.79 3.87 -58.85
C PRO G 160 3.20 4.87 -59.84
N LEU G 161 2.09 4.49 -60.49
CA LEU G 161 1.45 5.32 -61.50
C LEU G 161 0.79 6.47 -60.84
N TYR G 162 0.27 6.25 -59.64
CA TYR G 162 -0.45 7.31 -58.93
C TYR G 162 0.52 8.31 -58.34
N GLU G 163 1.73 7.88 -58.03
CA GLU G 163 2.73 8.82 -57.56
C GLU G 163 3.06 9.77 -58.68
N GLU G 164 3.39 9.19 -59.83
CA GLU G 164 3.72 9.97 -61.00
C GLU G 164 2.57 10.88 -61.42
N TYR G 165 1.35 10.38 -61.24
CA TYR G 165 0.14 11.13 -61.56
C TYR G 165 0.00 12.41 -60.73
N VAL G 166 0.36 12.36 -59.45
CA VAL G 166 0.30 13.59 -58.66
C VAL G 166 1.36 14.58 -59.09
N VAL G 167 2.52 14.11 -59.53
CA VAL G 167 3.57 15.01 -60.00
C VAL G 167 3.02 15.88 -61.14
N LEU G 168 2.77 15.28 -62.31
CA LEU G 168 2.40 16.06 -63.49
C LEU G 168 1.09 16.77 -63.23
N LYS G 169 0.21 16.09 -62.50
CA LYS G 169 -1.11 16.64 -62.17
C LYS G 169 -0.98 17.93 -61.35
N ASN G 170 0.02 17.99 -60.49
CA ASN G 170 0.30 19.23 -59.79
C ASN G 170 0.96 20.23 -60.72
N GLU G 171 2.02 19.81 -61.40
CA GLU G 171 2.73 20.67 -62.34
C GLU G 171 1.77 21.41 -63.28
N MET G 172 0.68 20.75 -63.68
CA MET G 172 -0.38 21.35 -64.48
C MET G 172 -1.14 22.43 -63.71
N ALA G 173 -1.38 22.21 -62.42
CA ALA G 173 -2.08 23.20 -61.58
C ALA G 173 -1.16 24.35 -61.21
N ARG G 174 0.06 23.99 -60.79
CA ARG G 174 1.11 24.94 -60.41
C ARG G 174 1.40 25.89 -61.55
N ALA G 175 1.33 25.37 -62.78
CA ALA G 175 1.46 26.20 -63.97
C ALA G 175 0.21 27.03 -64.26
N ASN G 176 -0.97 26.53 -63.90
CA ASN G 176 -2.22 27.27 -64.12
C ASN G 176 -2.55 28.20 -62.97
N HIS G 177 -1.52 28.46 -62.18
CA HIS G 177 -1.51 29.40 -61.04
C HIS G 177 -2.52 29.02 -59.96
N TYR G 178 -2.62 27.71 -59.75
CA TYR G 178 -3.32 27.13 -58.62
C TYR G 178 -2.26 26.60 -57.69
N GLU G 179 -2.58 26.54 -56.40
CA GLU G 179 -1.61 26.09 -55.40
C GLU G 179 -1.13 24.65 -55.65
N ASP G 180 -2.09 23.76 -55.86
CA ASP G 180 -1.82 22.37 -56.14
C ASP G 180 -3.02 21.83 -56.88
N TYR G 181 -2.90 20.60 -57.39
CA TYR G 181 -4.00 19.94 -58.08
C TYR G 181 -5.25 19.86 -57.21
N GLY G 182 -5.05 19.77 -55.89
CA GLY G 182 -6.10 19.87 -54.93
C GLY G 182 -6.75 21.23 -55.02
N ASP G 183 -5.91 22.27 -55.01
CA ASP G 183 -6.45 23.63 -55.11
C ASP G 183 -7.24 23.79 -56.42
N TYR G 184 -6.80 23.06 -57.44
CA TYR G 184 -7.42 23.12 -58.74
C TYR G 184 -8.91 22.65 -58.73
N TRP G 185 -9.16 21.53 -58.07
CA TRP G 185 -10.48 20.92 -58.06
C TRP G 185 -11.44 21.76 -57.30
N ARG G 186 -10.93 22.40 -56.25
CA ARG G 186 -11.76 23.22 -55.40
C ARG G 186 -12.22 24.39 -56.24
N GLY G 187 -11.39 24.77 -57.20
CA GLY G 187 -11.71 25.84 -58.12
C GLY G 187 -13.13 25.77 -58.65
N ASP G 188 -13.70 24.57 -58.72
CA ASP G 188 -15.07 24.36 -59.21
C ASP G 188 -16.13 25.17 -58.42
N TYR G 189 -15.90 25.36 -57.12
CA TYR G 189 -16.86 26.04 -56.28
C TYR G 189 -16.50 27.52 -56.12
N GLU G 190 -15.54 27.98 -56.91
CA GLU G 190 -15.09 29.37 -56.82
C GLU G 190 -16.03 30.29 -57.60
N VAL G 191 -16.05 31.56 -57.18
CA VAL G 191 -16.69 32.66 -57.92
C VAL G 191 -16.03 33.98 -57.54
N ASN G 192 -15.62 34.72 -58.56
CA ASN G 192 -15.00 36.03 -58.40
C ASN G 192 -15.83 37.15 -59.02
N GLY G 193 -15.66 38.36 -58.48
CA GLY G 193 -16.21 39.59 -59.05
C GLY G 193 -17.72 39.67 -59.23
N VAL G 194 -18.48 38.94 -58.41
CA VAL G 194 -19.94 39.10 -58.34
C VAL G 194 -20.33 39.59 -56.95
N ASP G 195 -21.00 40.74 -56.91
CA ASP G 195 -21.38 41.48 -55.68
C ASP G 195 -21.87 40.61 -54.51
N GLY G 196 -21.08 40.57 -53.43
CA GLY G 196 -21.40 39.80 -52.22
C GLY G 196 -21.97 38.41 -52.49
N TYR G 197 -21.42 37.75 -53.51
CA TYR G 197 -21.80 36.41 -53.94
C TYR G 197 -20.60 35.55 -54.18
N ASP G 198 -19.45 36.02 -53.74
CA ASP G 198 -18.21 35.36 -54.04
C ASP G 198 -18.03 34.17 -53.14
N TYR G 199 -17.09 33.30 -53.52
CA TYR G 199 -16.69 32.15 -52.74
C TYR G 199 -15.20 31.94 -52.99
N SER G 200 -14.40 31.83 -51.92
CA SER G 200 -12.96 31.63 -52.05
C SER G 200 -12.63 30.15 -52.25
N ARG G 201 -11.62 29.86 -53.08
CA ARG G 201 -11.20 28.46 -53.39
C ARG G 201 -10.86 27.61 -52.14
N GLY G 202 -10.52 28.28 -51.04
CA GLY G 202 -10.16 27.60 -49.80
C GLY G 202 -11.25 27.74 -48.75
N GLN G 203 -12.25 28.55 -49.07
CA GLN G 203 -13.37 28.72 -48.19
C GLN G 203 -14.22 27.47 -48.23
N LEU G 204 -13.99 26.67 -49.25
CA LEU G 204 -14.61 25.36 -49.32
C LEU G 204 -14.16 24.41 -48.18
N ILE G 205 -12.85 24.17 -48.07
CA ILE G 205 -12.28 23.37 -46.99
C ILE G 205 -12.89 23.78 -45.66
N GLU G 206 -12.83 25.07 -45.34
CA GLU G 206 -13.40 25.52 -44.07
C GLU G 206 -14.90 25.17 -44.01
N ASP G 207 -15.68 25.58 -45.01
CA ASP G 207 -17.11 25.26 -45.00
C ASP G 207 -17.42 23.77 -45.09
N VAL G 208 -16.42 22.94 -45.32
CA VAL G 208 -16.58 21.50 -45.23
C VAL G 208 -16.21 21.09 -43.82
N GLU G 209 -15.03 21.53 -43.36
CA GLU G 209 -14.54 21.15 -42.06
C GLU G 209 -15.50 21.64 -40.98
N HIS G 210 -16.00 22.86 -41.16
CA HIS G 210 -16.87 23.54 -40.18
C HIS G 210 -18.31 23.11 -40.34
N THR G 211 -18.62 22.47 -41.47
CA THR G 211 -19.90 21.82 -41.64
C THR G 211 -19.78 20.37 -41.20
N PHE G 212 -18.55 19.91 -40.98
CA PHE G 212 -18.33 18.55 -40.53
C PHE G 212 -18.42 18.41 -39.02
N GLU G 213 -17.80 19.34 -38.26
CA GLU G 213 -17.82 19.28 -36.78
C GLU G 213 -19.27 19.21 -36.34
N GLU G 214 -20.14 19.79 -37.18
CA GLU G 214 -21.57 19.82 -36.92
C GLU G 214 -22.24 18.50 -37.21
N ILE G 215 -21.71 17.78 -38.18
CA ILE G 215 -22.30 16.52 -38.53
C ILE G 215 -21.68 15.33 -37.75
N LYS G 216 -20.61 15.60 -37.00
CA LYS G 216 -19.86 14.56 -36.23
C LYS G 216 -20.65 13.80 -35.13
N PRO G 217 -21.39 14.52 -34.23
CA PRO G 217 -22.25 13.86 -33.23
C PRO G 217 -23.24 12.84 -33.81
N LEU G 218 -24.03 13.24 -34.82
CA LEU G 218 -24.96 12.29 -35.45
C LEU G 218 -24.25 11.04 -35.98
N TYR G 219 -23.06 11.22 -36.49
CA TYR G 219 -22.38 10.10 -37.10
C TYR G 219 -21.97 9.06 -36.09
N GLU G 220 -21.45 9.55 -34.95
CA GLU G 220 -20.86 8.66 -33.94
C GLU G 220 -21.91 7.75 -33.32
N HIS G 221 -23.10 8.29 -33.11
CA HIS G 221 -24.20 7.53 -32.56
C HIS G 221 -24.72 6.52 -33.56
N LEU G 222 -24.59 6.82 -34.84
CA LEU G 222 -24.93 5.84 -35.84
C LEU G 222 -23.85 4.77 -35.87
N HIS G 223 -22.61 5.20 -35.74
CA HIS G 223 -21.45 4.32 -35.78
C HIS G 223 -21.37 3.35 -34.62
N ALA G 224 -21.60 3.87 -33.42
CA ALA G 224 -21.57 3.07 -32.20
C ALA G 224 -22.79 2.15 -32.11
N TYR G 225 -23.86 2.54 -32.78
CA TYR G 225 -25.02 1.68 -32.91
C TYR G 225 -24.75 0.50 -33.81
N VAL G 226 -24.21 0.74 -35.01
CA VAL G 226 -23.94 -0.38 -35.94
C VAL G 226 -22.95 -1.40 -35.36
N ARG G 227 -21.84 -0.91 -34.80
CA ARG G 227 -20.83 -1.81 -34.20
C ARG G 227 -21.46 -2.83 -33.26
N ALA G 228 -22.44 -2.38 -32.49
CA ALA G 228 -23.12 -3.22 -31.55
C ALA G 228 -23.91 -4.30 -32.28
N LYS G 229 -24.58 -3.94 -33.36
CA LYS G 229 -25.40 -4.91 -34.08
C LYS G 229 -24.53 -5.79 -34.92
N LEU G 230 -23.35 -5.28 -35.27
CA LEU G 230 -22.37 -6.01 -36.07
C LEU G 230 -21.74 -7.11 -35.27
N MET G 231 -21.27 -6.79 -34.07
CA MET G 231 -20.73 -7.79 -33.13
C MET G 231 -21.65 -9.01 -33.11
N ASN G 232 -22.97 -8.76 -33.07
CA ASN G 232 -23.98 -9.81 -33.03
C ASN G 232 -24.04 -10.66 -34.30
N ALA G 233 -23.59 -10.10 -35.40
CA ALA G 233 -23.52 -10.85 -36.64
C ALA G 233 -22.15 -11.50 -36.86
N TYR G 234 -21.10 -10.78 -36.46
CA TYR G 234 -19.76 -11.33 -36.45
C TYR G 234 -19.25 -11.35 -35.00
N PRO G 235 -19.59 -12.39 -34.23
CA PRO G 235 -19.12 -12.41 -32.85
C PRO G 235 -17.64 -12.69 -32.88
N SER G 236 -16.92 -12.28 -31.83
CA SER G 236 -15.46 -12.45 -31.74
C SER G 236 -14.68 -11.32 -32.36
N TYR G 237 -15.18 -10.82 -33.49
CA TYR G 237 -14.39 -9.99 -34.40
C TYR G 237 -14.42 -8.49 -34.12
N ILE G 238 -15.51 -8.01 -33.55
CA ILE G 238 -15.66 -6.58 -33.37
C ILE G 238 -15.54 -6.12 -31.92
N SER G 239 -14.53 -5.29 -31.66
CA SER G 239 -14.31 -4.70 -30.34
C SER G 239 -15.13 -3.42 -30.22
N PRO G 240 -15.76 -3.19 -29.05
CA PRO G 240 -16.59 -2.02 -28.84
C PRO G 240 -15.88 -0.78 -28.26
N ILE G 241 -14.54 -0.81 -28.22
CA ILE G 241 -13.69 0.42 -28.07
C ILE G 241 -13.17 1.00 -29.40
N GLY G 242 -13.10 0.15 -30.41
CA GLY G 242 -12.33 0.43 -31.60
C GLY G 242 -13.12 0.41 -32.88
N CYS G 243 -12.43 0.80 -33.94
CA CYS G 243 -13.03 1.10 -35.24
C CYS G 243 -13.64 -0.14 -35.91
N LEU G 244 -14.43 0.04 -36.98
CA LEU G 244 -15.00 -1.13 -37.66
C LEU G 244 -14.03 -1.63 -38.71
N PRO G 245 -13.95 -2.96 -38.89
CA PRO G 245 -13.05 -3.57 -39.90
C PRO G 245 -13.61 -3.42 -41.32
N ALA G 246 -13.01 -2.52 -42.10
CA ALA G 246 -13.49 -2.14 -43.45
C ALA G 246 -14.35 -3.15 -44.24
N HIS G 247 -13.85 -4.37 -44.38
CA HIS G 247 -14.51 -5.38 -45.19
C HIS G 247 -15.81 -5.90 -44.60
N LEU G 248 -16.33 -5.20 -43.60
CA LEU G 248 -17.58 -5.60 -42.99
C LEU G 248 -18.63 -4.54 -43.29
N LEU G 249 -18.28 -3.56 -44.10
CA LEU G 249 -19.14 -2.39 -44.20
C LEU G 249 -20.11 -2.47 -45.36
N GLY G 250 -20.29 -3.68 -45.89
CA GLY G 250 -21.25 -3.91 -46.97
C GLY G 250 -20.84 -3.64 -48.43
N ASP G 251 -19.64 -3.12 -48.65
CA ASP G 251 -19.11 -2.98 -50.02
C ASP G 251 -17.61 -2.81 -49.97
N MET G 252 -16.96 -3.04 -51.10
CA MET G 252 -15.50 -3.12 -51.17
C MET G 252 -14.76 -2.04 -50.37
N TRP G 253 -15.36 -0.89 -50.15
CA TRP G 253 -14.61 0.19 -49.57
C TRP G 253 -15.28 0.62 -48.31
N GLY G 254 -16.58 0.41 -48.28
CA GLY G 254 -17.41 0.89 -47.19
C GLY G 254 -17.78 2.30 -47.49
N ARG G 255 -18.12 2.57 -48.76
CA ARG G 255 -18.56 3.89 -49.21
C ARG G 255 -19.97 4.19 -48.74
N PHE G 256 -20.85 3.20 -48.82
CA PHE G 256 -22.17 3.26 -48.20
C PHE G 256 -22.40 2.06 -47.31
N TRP G 257 -23.21 2.22 -46.28
CA TRP G 257 -23.60 1.08 -45.49
C TRP G 257 -25.01 0.58 -45.81
N THR G 258 -25.66 1.28 -46.73
CA THR G 258 -26.98 0.91 -47.21
C THR G 258 -27.09 -0.59 -47.17
N ASN G 259 -26.10 -1.20 -47.79
CA ASN G 259 -26.15 -2.58 -48.16
C ASN G 259 -26.34 -3.49 -46.98
N LEU G 260 -25.31 -3.66 -46.17
CA LEU G 260 -25.44 -4.55 -45.02
C LEU G 260 -26.18 -3.81 -43.88
N TYR G 261 -27.49 -4.06 -43.91
CA TYR G 261 -28.56 -3.37 -43.18
C TYR G 261 -29.48 -4.38 -42.54
N SER G 262 -29.77 -5.45 -43.28
CA SER G 262 -30.55 -6.57 -42.76
C SER G 262 -30.04 -7.00 -41.38
N LEU G 263 -28.78 -6.68 -41.11
CA LEU G 263 -28.11 -6.97 -39.85
C LEU G 263 -28.34 -5.85 -38.83
N THR G 264 -28.32 -4.62 -39.31
CA THR G 264 -28.41 -3.46 -38.44
C THR G 264 -29.82 -2.93 -38.39
N VAL G 265 -30.76 -3.66 -39.01
CA VAL G 265 -32.18 -3.30 -38.96
C VAL G 265 -32.66 -3.18 -37.49
N PRO G 266 -33.47 -2.14 -37.20
CA PRO G 266 -33.94 -1.96 -35.84
C PRO G 266 -35.18 -2.78 -35.50
N PHE G 267 -36.30 -2.53 -36.18
CA PHE G 267 -37.51 -3.30 -35.91
C PHE G 267 -37.78 -4.22 -37.10
N GLY G 268 -37.06 -5.33 -37.11
CA GLY G 268 -37.22 -6.39 -38.11
C GLY G 268 -38.57 -7.07 -38.04
N GLN G 269 -39.28 -6.92 -36.91
CA GLN G 269 -40.64 -7.43 -36.76
C GLN G 269 -41.62 -6.88 -37.81
N LYS G 270 -41.40 -5.65 -38.25
CA LYS G 270 -42.38 -4.93 -39.10
C LYS G 270 -42.50 -5.43 -40.53
N PRO G 271 -43.70 -5.30 -41.13
CA PRO G 271 -43.86 -5.51 -42.55
C PRO G 271 -42.82 -4.71 -43.31
N ASN G 272 -42.13 -5.35 -44.23
CA ASN G 272 -41.03 -4.72 -44.94
C ASN G 272 -41.49 -3.71 -45.99
N ILE G 273 -40.89 -2.53 -45.94
CA ILE G 273 -41.20 -1.43 -46.89
C ILE G 273 -40.41 -1.53 -48.23
N ASP G 274 -40.16 -2.76 -48.67
CA ASP G 274 -39.63 -2.99 -50.01
C ASP G 274 -40.83 -3.37 -50.87
N VAL G 275 -41.17 -2.54 -51.86
CA VAL G 275 -42.34 -2.81 -52.71
C VAL G 275 -41.93 -3.65 -53.93
N THR G 276 -40.62 -3.87 -53.99
CA THR G 276 -39.93 -4.74 -54.96
C THR G 276 -40.79 -5.93 -55.53
N ASP G 277 -41.54 -6.60 -54.67
CA ASP G 277 -42.30 -7.75 -55.11
C ASP G 277 -43.75 -7.36 -55.36
N ALA G 278 -44.15 -6.25 -54.76
CA ALA G 278 -45.49 -5.73 -54.99
C ALA G 278 -45.64 -5.42 -56.47
N MET G 279 -44.57 -4.88 -57.05
CA MET G 279 -44.48 -4.56 -58.47
C MET G 279 -44.65 -5.76 -59.37
N VAL G 280 -43.88 -6.81 -59.07
CA VAL G 280 -43.83 -8.01 -59.87
C VAL G 280 -45.24 -8.53 -59.99
N ASP G 281 -45.97 -8.46 -58.87
CA ASP G 281 -47.36 -8.93 -58.74
C ASP G 281 -48.37 -8.13 -59.60
N GLN G 282 -47.94 -6.95 -60.07
CA GLN G 282 -48.74 -6.12 -60.97
C GLN G 282 -48.13 -6.06 -62.38
N ALA G 283 -47.24 -7.01 -62.67
CA ALA G 283 -46.66 -7.19 -64.01
C ALA G 283 -46.02 -5.94 -64.60
N TRP G 284 -45.35 -5.18 -63.74
CA TRP G 284 -44.70 -3.94 -64.13
C TRP G 284 -43.42 -4.19 -64.92
N ASP G 285 -43.36 -3.66 -66.15
CA ASP G 285 -42.15 -3.75 -66.97
C ASP G 285 -41.33 -2.49 -66.80
N ALA G 286 -40.07 -2.55 -67.25
CA ALA G 286 -39.14 -1.41 -67.23
C ALA G 286 -39.77 -0.12 -67.77
N GLN G 287 -40.77 -0.27 -68.64
CA GLN G 287 -41.42 0.85 -69.25
C GLN G 287 -42.43 1.48 -68.30
N ARG G 288 -43.07 0.66 -67.51
CA ARG G 288 -44.07 1.19 -66.60
C ARG G 288 -43.42 1.97 -65.49
N ILE G 289 -42.14 1.72 -65.25
CA ILE G 289 -41.42 2.46 -64.22
C ILE G 289 -41.20 3.89 -64.70
N PHE G 290 -40.38 4.06 -65.74
CA PHE G 290 -40.07 5.38 -66.28
C PHE G 290 -41.26 6.24 -66.65
N LYS G 291 -42.35 5.57 -67.08
CA LYS G 291 -43.59 6.25 -67.47
C LYS G 291 -44.27 6.82 -66.23
N GLU G 292 -44.28 6.04 -65.16
CA GLU G 292 -44.77 6.49 -63.85
C GLU G 292 -43.85 7.54 -63.20
N ALA G 293 -42.64 7.71 -63.75
CA ALA G 293 -41.65 8.65 -63.24
C ALA G 293 -41.73 9.93 -64.03
N GLU G 294 -41.84 9.79 -65.34
CA GLU G 294 -42.23 10.92 -66.17
C GLU G 294 -43.47 11.55 -65.53
N LYS G 295 -44.46 10.70 -65.22
CA LYS G 295 -45.74 11.12 -64.67
C LYS G 295 -45.56 11.88 -63.37
N PHE G 296 -44.62 11.43 -62.55
CA PHE G 296 -44.20 12.15 -61.34
C PHE G 296 -43.92 13.61 -61.68
N PHE G 297 -42.91 13.84 -62.51
CA PHE G 297 -42.52 15.19 -62.91
C PHE G 297 -43.66 16.06 -63.46
N VAL G 298 -44.42 15.52 -64.41
CA VAL G 298 -45.52 16.26 -65.04
C VAL G 298 -46.32 17.00 -63.97
N SER G 299 -46.55 16.31 -62.84
CA SER G 299 -47.41 16.81 -61.78
C SER G 299 -46.82 18.00 -61.05
N VAL G 300 -45.52 18.18 -61.19
CA VAL G 300 -44.84 19.23 -60.45
C VAL G 300 -44.60 20.45 -61.30
N GLY G 301 -45.17 20.47 -62.50
CA GLY G 301 -45.13 21.62 -63.39
C GLY G 301 -44.05 21.54 -64.45
N LEU G 302 -43.51 20.35 -64.66
CA LEU G 302 -42.40 20.11 -65.60
C LEU G 302 -42.87 19.30 -66.84
N PRO G 303 -42.04 19.24 -67.92
CA PRO G 303 -42.45 18.63 -69.18
C PRO G 303 -42.44 17.10 -69.19
N ASN G 304 -43.29 16.49 -70.01
CA ASN G 304 -43.21 15.04 -70.24
C ASN G 304 -42.04 14.83 -71.19
N MET G 305 -41.38 13.66 -71.13
CA MET G 305 -40.15 13.40 -71.91
C MET G 305 -40.37 13.68 -73.39
N THR G 306 -39.34 14.18 -74.06
CA THR G 306 -39.31 14.30 -75.52
C THR G 306 -39.52 12.92 -76.13
N GLN G 307 -40.53 12.77 -76.99
CA GLN G 307 -40.67 11.56 -77.79
C GLN G 307 -39.36 11.45 -78.57
N GLY G 308 -38.71 10.29 -78.59
CA GLY G 308 -37.35 10.25 -79.13
C GLY G 308 -36.32 10.05 -78.05
N PHE G 309 -36.52 10.69 -76.90
CA PHE G 309 -35.99 10.11 -75.64
C PHE G 309 -36.56 8.70 -75.50
N TRP G 310 -37.86 8.55 -75.76
CA TRP G 310 -38.47 7.26 -75.71
C TRP G 310 -37.88 6.43 -76.82
N GLU G 311 -37.80 6.99 -78.01
CA GLU G 311 -37.56 6.13 -79.17
C GLU G 311 -36.15 5.57 -79.38
N ASN G 312 -35.14 6.21 -78.80
CA ASN G 312 -33.80 5.62 -78.77
C ASN G 312 -33.09 5.76 -77.43
N SER G 313 -33.86 5.66 -76.35
CA SER G 313 -33.28 5.52 -75.04
C SER G 313 -33.30 4.05 -74.68
N MET G 314 -32.20 3.52 -74.14
CA MET G 314 -32.13 2.10 -73.73
C MET G 314 -32.30 1.93 -72.25
N LEU G 315 -33.45 1.38 -71.89
CA LEU G 315 -33.78 1.24 -70.50
C LEU G 315 -34.08 -0.18 -70.02
N THR G 316 -33.80 -1.18 -70.85
CA THR G 316 -34.15 -2.57 -70.49
C THR G 316 -32.98 -3.55 -70.34
N ASP G 317 -31.90 -3.35 -71.12
CA ASP G 317 -30.79 -4.34 -71.27
C ASP G 317 -31.08 -5.38 -72.39
N PRO G 318 -30.22 -5.35 -73.44
CA PRO G 318 -30.39 -6.32 -74.54
C PRO G 318 -29.90 -7.72 -74.18
N GLY G 319 -28.77 -7.83 -73.46
CA GLY G 319 -28.14 -9.11 -73.05
C GLY G 319 -28.07 -10.22 -74.12
N ASN G 320 -28.02 -9.82 -75.39
CA ASN G 320 -28.12 -10.76 -76.50
C ASN G 320 -27.28 -10.33 -77.70
N GLN G 322 -25.29 -8.17 -78.35
CA GLN G 322 -25.19 -6.91 -77.64
C GLN G 322 -24.91 -7.03 -76.13
N LYS G 323 -23.92 -6.26 -75.69
CA LYS G 323 -23.61 -6.11 -74.27
C LYS G 323 -23.16 -4.66 -74.02
N ALA G 324 -23.73 -3.99 -73.00
CA ALA G 324 -23.39 -2.57 -72.71
C ALA G 324 -23.19 -2.28 -71.24
N VAL G 325 -22.73 -1.07 -70.94
CA VAL G 325 -22.40 -0.77 -69.55
C VAL G 325 -23.67 -0.38 -68.74
N CYS G 326 -24.02 -1.18 -67.73
CA CYS G 326 -25.32 -0.99 -67.09
C CYS G 326 -25.44 0.06 -65.98
N HIS G 327 -24.29 0.60 -65.54
CA HIS G 327 -24.25 1.73 -64.59
C HIS G 327 -25.20 2.79 -65.16
N PRO G 328 -26.30 3.06 -64.42
CA PRO G 328 -27.39 3.97 -64.73
C PRO G 328 -26.97 5.40 -65.00
N THR G 329 -27.19 5.84 -66.22
CA THR G 329 -26.74 7.14 -66.67
C THR G 329 -27.79 7.91 -67.44
N ALA G 330 -27.73 9.25 -67.33
CA ALA G 330 -28.58 10.13 -68.09
C ALA G 330 -27.73 10.98 -69.02
N TRP G 331 -28.09 10.94 -70.32
CA TRP G 331 -27.31 11.54 -71.40
C TRP G 331 -27.94 12.79 -72.04
N ASP G 332 -27.30 13.95 -71.87
CA ASP G 332 -27.61 15.17 -72.64
C ASP G 332 -26.54 15.30 -73.74
N LEU G 333 -26.75 14.59 -74.85
CA LEU G 333 -25.99 14.83 -76.06
C LEU G 333 -26.49 16.17 -76.55
N GLY G 334 -25.86 16.75 -77.56
CA GLY G 334 -26.42 17.98 -78.14
C GLY G 334 -27.88 17.95 -78.64
N LYS G 335 -28.24 18.97 -79.40
CA LYS G 335 -29.33 18.87 -80.36
C LYS G 335 -30.64 18.32 -79.81
N GLY G 336 -31.19 18.99 -78.80
CA GLY G 336 -32.46 18.56 -78.18
C GLY G 336 -32.58 17.05 -77.87
N ASP G 337 -31.44 16.40 -77.67
CA ASP G 337 -31.42 14.93 -77.60
C ASP G 337 -31.05 14.42 -76.22
N PHE G 338 -32.04 13.82 -75.59
CA PHE G 338 -31.90 13.31 -74.23
C PHE G 338 -32.30 11.83 -74.25
N ARG G 339 -31.57 11.04 -73.48
CA ARG G 339 -31.92 9.63 -73.31
C ARG G 339 -31.26 9.07 -72.03
N ILE G 340 -31.82 8.00 -71.49
CA ILE G 340 -31.25 7.29 -70.35
C ILE G 340 -30.78 5.89 -70.74
N LEU G 341 -29.60 5.52 -70.26
CA LEU G 341 -29.09 4.17 -70.46
C LEU G 341 -29.16 3.46 -69.13
N MET G 342 -30.08 2.49 -68.97
CA MET G 342 -30.25 1.80 -67.66
C MET G 342 -30.81 0.37 -67.75
N CYS G 343 -30.13 -0.62 -67.16
CA CYS G 343 -30.48 -2.03 -67.41
C CYS G 343 -31.55 -2.50 -66.45
N THR G 344 -32.75 -1.93 -66.62
CA THR G 344 -33.81 -1.94 -65.58
C THR G 344 -34.38 -3.31 -65.17
N LYS G 345 -34.45 -3.51 -63.86
CA LYS G 345 -35.11 -4.66 -63.26
C LYS G 345 -36.30 -4.15 -62.48
N VAL G 346 -37.32 -5.00 -62.37
CA VAL G 346 -38.53 -4.69 -61.62
C VAL G 346 -38.22 -4.69 -60.12
N THR G 347 -37.93 -3.51 -59.59
CA THR G 347 -37.44 -3.36 -58.23
C THR G 347 -37.91 -2.03 -57.64
N MET G 348 -38.02 -1.95 -56.32
CA MET G 348 -38.17 -0.66 -55.70
C MET G 348 -36.88 0.16 -55.84
N ASP G 349 -35.73 -0.51 -55.81
CA ASP G 349 -34.44 0.17 -56.00
C ASP G 349 -34.29 0.78 -57.39
N ASP G 350 -34.52 -0.05 -58.42
CA ASP G 350 -34.42 0.40 -59.80
C ASP G 350 -35.54 1.37 -60.14
N PHE G 351 -36.61 1.33 -59.36
CA PHE G 351 -37.68 2.32 -59.41
C PHE G 351 -37.22 3.72 -59.01
N LEU G 352 -36.57 3.80 -57.85
CA LEU G 352 -36.07 5.07 -57.33
C LEU G 352 -34.93 5.63 -58.18
N THR G 353 -34.08 4.74 -58.67
CA THR G 353 -33.00 5.10 -59.58
C THR G 353 -33.58 5.78 -60.83
N ALA G 354 -34.71 5.27 -61.33
CA ALA G 354 -35.38 5.91 -62.47
C ALA G 354 -35.63 7.36 -62.13
N HIS G 355 -36.30 7.63 -61.02
CA HIS G 355 -36.51 8.99 -60.61
C HIS G 355 -35.25 9.79 -60.49
N HIS G 356 -34.20 9.20 -59.92
CA HIS G 356 -32.89 9.87 -59.79
C HIS G 356 -32.20 10.19 -61.10
N GLU G 357 -32.32 9.30 -62.10
CA GLU G 357 -31.72 9.53 -63.44
C GLU G 357 -32.51 10.56 -64.26
N MET G 358 -33.85 10.44 -64.22
CA MET G 358 -34.74 11.32 -64.96
C MET G 358 -34.66 12.73 -64.42
N GLY G 359 -34.43 12.83 -63.12
CA GLY G 359 -34.11 14.10 -62.50
C GLY G 359 -32.95 14.74 -63.22
N HIS G 360 -31.93 13.95 -63.51
CA HIS G 360 -30.80 14.44 -64.28
C HIS G 360 -31.27 15.02 -65.64
N ILE G 361 -32.08 14.23 -66.36
CA ILE G 361 -32.66 14.64 -67.66
C ILE G 361 -33.49 15.89 -67.56
N GLN G 362 -34.23 16.04 -66.47
CA GLN G 362 -35.03 17.24 -66.28
C GLN G 362 -34.20 18.50 -66.10
N TYR G 363 -33.13 18.39 -65.31
CA TYR G 363 -32.13 19.43 -65.13
C TYR G 363 -31.55 19.74 -66.53
N ASP G 364 -31.21 18.70 -67.30
CA ASP G 364 -30.63 18.89 -68.64
C ASP G 364 -31.55 19.65 -69.58
N MET G 365 -32.83 19.30 -69.55
CA MET G 365 -33.81 19.88 -70.43
C MET G 365 -34.09 21.32 -70.04
N ALA G 366 -34.03 21.55 -68.73
CA ALA G 366 -34.28 22.86 -68.16
C ALA G 366 -33.31 23.90 -68.66
N TYR G 367 -32.02 23.60 -68.60
CA TYR G 367 -31.04 24.61 -68.98
C TYR G 367 -30.57 24.60 -70.45
N ALA G 368 -31.11 23.68 -71.27
CA ALA G 368 -30.59 23.47 -72.64
C ALA G 368 -30.74 24.69 -73.55
N ALA G 369 -31.35 25.74 -73.02
CA ALA G 369 -31.41 27.03 -73.71
C ALA G 369 -30.21 27.92 -73.40
N GLN G 370 -29.55 27.66 -72.29
CA GLN G 370 -28.39 28.46 -71.90
C GLN G 370 -27.36 28.21 -72.95
N PRO G 371 -26.49 29.19 -73.19
CA PRO G 371 -25.44 28.97 -74.14
C PRO G 371 -24.69 27.70 -73.81
N PHE G 372 -24.37 26.90 -74.83
CA PHE G 372 -23.70 25.60 -74.70
C PHE G 372 -22.74 25.49 -73.52
N LEU G 373 -21.80 26.42 -73.42
CA LEU G 373 -20.73 26.36 -72.42
C LEU G 373 -21.19 26.38 -70.96
N LEU G 374 -22.42 26.83 -70.73
CA LEU G 374 -22.97 26.98 -69.39
C LEU G 374 -24.04 25.90 -69.06
N ARG G 375 -24.29 25.02 -70.01
CA ARG G 375 -25.23 23.93 -69.81
C ARG G 375 -24.65 22.90 -68.86
N ASN G 376 -24.86 23.15 -67.57
CA ASN G 376 -24.31 22.30 -66.52
C ASN G 376 -24.86 22.60 -65.13
N GLY G 377 -24.70 21.66 -64.21
CA GLY G 377 -24.94 21.94 -62.80
C GLY G 377 -24.15 23.16 -62.28
N ALA G 378 -24.83 23.98 -61.47
CA ALA G 378 -24.28 25.23 -60.96
C ALA G 378 -22.88 25.00 -60.44
N ASN G 379 -22.70 23.93 -59.68
CA ASN G 379 -21.37 23.34 -59.45
C ASN G 379 -21.42 21.82 -59.44
N GLU G 380 -20.25 21.21 -59.30
CA GLU G 380 -20.23 19.76 -59.20
C GLU G 380 -21.18 19.42 -58.08
N GLY G 381 -21.99 18.40 -58.26
CA GLY G 381 -22.82 17.98 -57.16
C GLY G 381 -24.06 18.79 -56.92
N PHE G 382 -24.30 19.81 -57.73
CA PHE G 382 -25.67 20.28 -57.83
C PHE G 382 -26.50 19.22 -58.54
N HIS G 383 -25.97 18.75 -59.67
CA HIS G 383 -26.65 17.79 -60.54
C HIS G 383 -26.98 16.53 -59.80
N GLU G 384 -25.98 16.05 -59.05
CA GLU G 384 -26.14 14.84 -58.28
C GLU G 384 -27.22 15.00 -57.23
N ALA G 385 -27.30 16.19 -56.64
CA ALA G 385 -28.34 16.52 -55.64
C ALA G 385 -29.75 16.55 -56.23
N VAL G 386 -29.89 17.26 -57.34
CA VAL G 386 -31.17 17.39 -58.02
C VAL G 386 -31.79 16.04 -58.42
N GLY G 387 -31.01 14.98 -58.38
CA GLY G 387 -31.53 13.67 -58.71
C GLY G 387 -31.92 12.99 -57.45
N GLU G 388 -31.07 13.12 -56.46
CA GLU G 388 -31.30 12.47 -55.20
C GLU G 388 -32.48 13.02 -54.39
N ILE G 389 -32.81 14.30 -54.63
CA ILE G 389 -33.97 14.98 -54.03
C ILE G 389 -35.31 14.37 -54.53
N MET G 390 -35.24 13.67 -55.66
CA MET G 390 -36.40 13.06 -56.26
C MET G 390 -36.65 11.74 -55.61
N SER G 391 -35.60 10.95 -55.44
CA SER G 391 -35.75 9.69 -54.72
C SER G 391 -36.52 9.89 -53.42
N LEU G 392 -36.10 10.88 -52.61
CA LEU G 392 -36.72 11.15 -51.32
C LEU G 392 -38.25 11.29 -51.40
N SER G 393 -38.73 12.24 -52.20
CA SER G 393 -40.16 12.38 -52.42
C SER G 393 -40.79 11.08 -52.97
N ALA G 394 -40.03 10.29 -53.70
CA ALA G 394 -40.64 9.14 -54.37
C ALA G 394 -40.51 7.84 -53.59
N ALA G 395 -39.76 7.89 -52.49
CA ALA G 395 -39.48 6.72 -51.66
C ALA G 395 -40.19 6.84 -50.31
N THR G 396 -41.15 7.76 -50.23
CA THR G 396 -41.95 7.95 -49.03
C THR G 396 -43.24 7.15 -49.13
N PRO G 397 -43.71 6.61 -47.98
CA PRO G 397 -45.04 6.00 -47.82
C PRO G 397 -46.15 6.80 -48.45
N LYS G 398 -46.21 8.10 -48.17
CA LYS G 398 -47.15 9.00 -48.83
C LYS G 398 -47.14 8.79 -50.35
N HIS G 399 -45.96 8.65 -50.96
CA HIS G 399 -45.88 8.43 -52.40
C HIS G 399 -46.28 7.03 -52.78
N LEU G 400 -45.55 6.05 -52.27
CA LEU G 400 -45.89 4.66 -52.49
C LEU G 400 -47.40 4.41 -52.30
N LYS G 401 -47.96 4.92 -51.20
CA LYS G 401 -49.39 4.76 -50.90
C LYS G 401 -50.26 5.21 -52.06
N SER G 402 -50.11 6.46 -52.47
CA SER G 402 -50.98 7.07 -53.47
C SER G 402 -50.80 6.46 -54.86
N ILE G 403 -49.53 6.23 -55.21
CA ILE G 403 -49.10 5.60 -56.47
C ILE G 403 -49.69 4.17 -56.63
N GLY G 404 -50.29 3.67 -55.55
CA GLY G 404 -50.93 2.35 -55.53
C GLY G 404 -49.99 1.14 -55.54
N LEU G 405 -48.77 1.33 -55.03
CA LEU G 405 -47.80 0.25 -54.99
C LEU G 405 -47.69 -0.31 -53.57
N LEU G 406 -48.52 0.22 -52.69
CA LEU G 406 -48.55 -0.10 -51.26
C LEU G 406 -49.94 0.32 -50.73
N SER G 407 -50.74 -0.62 -50.20
CA SER G 407 -52.14 -0.27 -49.87
C SER G 407 -52.23 0.64 -48.62
N PRO G 408 -53.12 1.65 -48.66
CA PRO G 408 -53.31 2.64 -47.59
C PRO G 408 -53.59 1.99 -46.24
N ASP G 409 -53.86 0.69 -46.30
CA ASP G 409 -53.98 -0.19 -45.16
C ASP G 409 -52.73 -0.11 -44.28
N PHE G 410 -51.64 0.40 -44.84
CA PHE G 410 -50.33 0.36 -44.19
C PHE G 410 -50.25 1.21 -42.92
N GLN G 411 -50.09 0.52 -41.80
CA GLN G 411 -49.86 1.12 -40.48
C GLN G 411 -48.51 1.86 -40.45
N GLU G 412 -48.57 3.17 -40.19
CA GLU G 412 -47.41 4.07 -40.30
C GLU G 412 -46.88 4.60 -38.94
N ASP G 413 -46.82 3.73 -37.94
CA ASP G 413 -46.37 4.08 -36.59
C ASP G 413 -44.90 4.53 -36.50
N ASN G 414 -44.49 5.00 -35.32
CA ASN G 414 -43.11 5.44 -35.08
C ASN G 414 -42.05 4.33 -35.27
N GLU G 415 -42.53 3.11 -35.48
CA GLU G 415 -41.66 1.95 -35.61
C GLU G 415 -41.08 1.89 -37.03
N THR G 416 -41.96 1.84 -38.02
CA THR G 416 -41.55 1.88 -39.43
C THR G 416 -40.74 3.14 -39.72
N GLU G 417 -40.98 4.16 -38.90
CA GLU G 417 -40.28 5.44 -38.89
C GLU G 417 -38.77 5.22 -38.98
N ILE G 418 -38.24 4.61 -37.92
CA ILE G 418 -36.81 4.38 -37.78
C ILE G 418 -36.36 3.29 -38.76
N ASN G 419 -37.13 2.21 -38.82
CA ASN G 419 -37.03 1.19 -39.85
C ASN G 419 -36.54 1.74 -41.20
N PHE G 420 -37.20 2.78 -41.69
CA PHE G 420 -36.87 3.45 -42.96
C PHE G 420 -35.78 4.49 -42.77
N LEU G 421 -35.99 5.41 -41.81
CA LEU G 421 -35.07 6.50 -41.54
C LEU G 421 -33.65 5.99 -41.23
N LEU G 422 -33.57 4.78 -40.70
CA LEU G 422 -32.27 4.16 -40.53
C LEU G 422 -31.64 3.81 -41.88
N LYS G 423 -32.38 3.04 -42.70
CA LYS G 423 -31.85 2.63 -43.98
C LYS G 423 -31.26 3.86 -44.69
N GLN G 424 -31.99 4.97 -44.60
CA GLN G 424 -31.60 6.20 -45.30
C GLN G 424 -30.29 6.71 -44.80
N ALA G 425 -30.11 6.63 -43.48
CA ALA G 425 -28.88 7.11 -42.79
C ALA G 425 -27.66 6.22 -43.03
N LEU G 426 -27.91 4.92 -43.14
CA LEU G 426 -26.92 3.96 -43.59
C LEU G 426 -26.34 4.42 -44.90
N THR G 427 -27.23 4.79 -45.81
CA THR G 427 -26.86 5.18 -47.16
C THR G 427 -26.23 6.56 -47.17
N ILE G 428 -26.88 7.47 -46.43
CA ILE G 428 -26.55 8.89 -46.49
C ILE G 428 -25.58 9.32 -45.41
N VAL G 429 -25.97 9.19 -44.16
CA VAL G 429 -25.08 9.59 -43.09
C VAL G 429 -23.86 8.71 -43.21
N GLY G 430 -24.10 7.48 -43.65
CA GLY G 430 -23.05 6.52 -43.92
C GLY G 430 -21.89 7.09 -44.70
N THR G 431 -22.17 7.60 -45.89
CA THR G 431 -21.10 8.02 -46.77
C THR G 431 -20.39 9.33 -46.43
N LEU G 432 -21.06 10.23 -45.69
CA LEU G 432 -20.51 11.57 -45.46
C LEU G 432 -19.06 11.57 -44.96
N PRO G 433 -18.78 10.86 -43.86
CA PRO G 433 -17.43 10.93 -43.33
C PRO G 433 -16.47 10.19 -44.21
N PHE G 434 -16.93 9.08 -44.80
CA PHE G 434 -16.12 8.31 -45.75
C PHE G 434 -15.56 9.28 -46.76
N THR G 435 -16.47 10.03 -47.35
CA THR G 435 -16.19 10.98 -48.40
C THR G 435 -15.22 12.07 -47.91
N TYR G 436 -15.53 12.72 -46.79
CA TYR G 436 -14.69 13.82 -46.30
C TYR G 436 -13.23 13.43 -46.20
N MET G 437 -12.98 12.23 -45.67
CA MET G 437 -11.62 11.76 -45.44
C MET G 437 -10.92 11.51 -46.76
N LEU G 438 -11.63 10.84 -47.67
CA LEU G 438 -11.08 10.45 -48.97
C LEU G 438 -10.44 11.65 -49.67
N GLU G 439 -11.15 12.78 -49.67
CA GLU G 439 -10.61 14.04 -50.20
C GLU G 439 -9.71 14.78 -49.23
N LYS G 440 -9.99 14.71 -47.92
CA LYS G 440 -9.07 15.29 -46.95
C LYS G 440 -7.67 14.71 -47.20
N TRP G 441 -7.63 13.47 -47.74
CA TRP G 441 -6.39 12.73 -48.03
C TRP G 441 -5.69 13.20 -49.30
N ARG G 442 -6.47 13.32 -50.38
CA ARG G 442 -5.92 13.75 -51.66
C ARG G 442 -5.50 15.20 -51.59
N TRP G 443 -6.28 15.97 -50.84
CA TRP G 443 -5.95 17.36 -50.61
C TRP G 443 -4.57 17.41 -50.00
N MET G 444 -4.39 16.66 -48.91
CA MET G 444 -3.11 16.63 -48.25
C MET G 444 -2.00 16.12 -49.15
N VAL G 445 -2.35 15.17 -50.04
CA VAL G 445 -1.36 14.61 -50.96
C VAL G 445 -1.01 15.66 -51.98
N PHE G 446 -2.02 16.18 -52.67
CA PHE G 446 -1.80 17.15 -53.75
C PHE G 446 -1.13 18.40 -53.25
N LYS G 447 -1.21 18.67 -51.96
CA LYS G 447 -0.49 19.81 -51.39
C LYS G 447 0.99 19.48 -51.21
N GLY G 448 1.30 18.19 -51.07
CA GLY G 448 2.66 17.74 -50.78
C GLY G 448 2.95 17.74 -49.28
N GLU G 449 1.91 17.40 -48.53
CA GLU G 449 1.99 17.24 -47.07
C GLU G 449 2.40 15.81 -46.70
N ILE G 450 1.75 14.81 -47.28
CA ILE G 450 2.12 13.44 -46.99
C ILE G 450 3.17 13.03 -48.00
N PRO G 451 4.32 12.51 -47.52
CA PRO G 451 5.35 12.01 -48.44
C PRO G 451 4.99 10.62 -48.98
N LYS G 452 5.77 10.14 -49.95
CA LYS G 452 5.55 8.83 -50.56
C LYS G 452 5.69 7.67 -49.55
N ASP G 453 6.50 7.86 -48.50
CA ASP G 453 6.78 6.76 -47.56
C ASP G 453 5.84 6.66 -46.38
N GLN G 454 4.72 7.40 -46.40
CA GLN G 454 3.71 7.39 -45.34
C GLN G 454 2.27 7.40 -45.87
N TRP G 455 2.14 7.53 -47.18
CA TRP G 455 0.85 7.58 -47.86
C TRP G 455 -0.22 6.65 -47.30
N MET G 456 0.14 5.39 -47.10
CA MET G 456 -0.82 4.44 -46.61
C MET G 456 -1.00 4.57 -45.09
N LYS G 457 0.11 4.74 -44.38
CA LYS G 457 0.09 4.98 -42.92
C LYS G 457 -0.79 6.19 -42.59
N LYS G 458 -0.60 7.31 -43.29
CA LYS G 458 -1.43 8.50 -43.06
C LYS G 458 -2.86 8.34 -43.52
N TRP G 459 -3.11 7.39 -44.42
CA TRP G 459 -4.44 7.14 -44.95
C TRP G 459 -5.27 6.47 -43.88
N TRP G 460 -4.72 5.39 -43.34
CA TRP G 460 -5.46 4.60 -42.38
C TRP G 460 -5.56 5.30 -41.03
N GLU G 461 -4.49 5.99 -40.63
CA GLU G 461 -4.52 6.88 -39.46
C GLU G 461 -5.77 7.71 -39.56
N MET G 462 -5.96 8.34 -40.71
CA MET G 462 -7.18 9.13 -41.00
C MET G 462 -8.50 8.33 -41.09
N LYS G 463 -8.45 7.11 -41.63
CA LYS G 463 -9.63 6.23 -41.66
C LYS G 463 -10.10 5.98 -40.24
N ARG G 464 -9.17 5.54 -39.39
CA ARG G 464 -9.46 5.30 -37.98
C ARG G 464 -9.91 6.56 -37.28
N GLU G 465 -9.15 7.64 -37.51
CA GLU G 465 -9.36 8.90 -36.80
C GLU G 465 -10.70 9.52 -37.07
N ILE G 466 -10.95 9.81 -38.34
CA ILE G 466 -12.12 10.54 -38.78
C ILE G 466 -13.34 9.63 -39.01
N VAL G 467 -13.13 8.48 -39.68
CA VAL G 467 -14.21 7.56 -40.11
C VAL G 467 -14.52 6.42 -39.14
N GLY G 468 -13.58 6.10 -38.26
CA GLY G 468 -13.78 5.06 -37.24
C GLY G 468 -13.72 3.67 -37.82
N VAL G 469 -12.78 3.47 -38.73
CA VAL G 469 -12.67 2.26 -39.51
C VAL G 469 -11.20 1.84 -39.52
N VAL G 470 -10.99 0.54 -39.29
CA VAL G 470 -9.65 -0.03 -39.35
C VAL G 470 -9.47 -0.97 -40.50
N GLU G 471 -8.25 -0.95 -41.03
CA GLU G 471 -7.78 -1.94 -41.96
C GLU G 471 -7.78 -3.31 -41.29
N PRO G 472 -8.22 -4.37 -41.99
CA PRO G 472 -8.21 -5.68 -41.38
C PRO G 472 -6.86 -6.33 -41.45
N VAL G 473 -5.93 -5.75 -42.19
CA VAL G 473 -4.57 -6.28 -42.31
C VAL G 473 -3.63 -5.08 -42.35
N PRO G 474 -2.39 -5.23 -41.89
CA PRO G 474 -1.50 -4.10 -42.07
C PRO G 474 -1.11 -3.88 -43.54
N HIS G 475 -1.14 -2.63 -43.99
CA HIS G 475 -0.71 -2.33 -45.35
C HIS G 475 0.59 -1.51 -45.36
N ASP G 476 1.66 -2.02 -45.96
CA ASP G 476 2.85 -1.18 -46.18
C ASP G 476 2.69 -0.28 -47.39
N GLU G 477 3.75 0.43 -47.78
CA GLU G 477 3.61 1.45 -48.82
C GLU G 477 3.70 0.93 -50.27
N THR G 478 3.68 -0.38 -50.45
CA THR G 478 3.62 -0.98 -51.79
C THR G 478 2.18 -0.91 -52.26
N TYR G 479 1.28 -0.87 -51.28
CA TYR G 479 -0.18 -0.66 -51.46
C TYR G 479 -0.57 0.76 -51.83
N CYS G 480 -1.75 0.90 -52.42
CA CYS G 480 -2.28 2.25 -52.65
C CYS G 480 -3.80 2.20 -52.60
N ASP G 481 -4.34 2.12 -51.39
CA ASP G 481 -5.74 1.74 -51.24
C ASP G 481 -6.77 2.74 -51.77
N PRO G 482 -6.58 4.05 -51.56
CA PRO G 482 -7.55 4.98 -52.14
C PRO G 482 -7.71 4.75 -53.64
N ALA G 483 -6.67 4.25 -54.28
CA ALA G 483 -6.69 4.06 -55.71
C ALA G 483 -7.56 2.91 -56.16
N SER G 484 -7.99 2.08 -55.23
CA SER G 484 -8.85 0.96 -55.60
C SER G 484 -10.30 1.38 -55.79
N LEU G 485 -10.61 2.63 -55.47
CA LEU G 485 -11.95 3.18 -55.65
C LEU G 485 -12.04 3.78 -57.07
N PHE G 486 -13.22 3.73 -57.68
CA PHE G 486 -13.40 4.26 -59.03
C PHE G 486 -12.87 5.69 -59.13
N HIS G 487 -13.60 6.60 -58.49
CA HIS G 487 -13.36 8.02 -58.58
C HIS G 487 -11.94 8.51 -58.26
N VAL G 488 -11.11 7.61 -57.75
CA VAL G 488 -9.74 7.98 -57.47
C VAL G 488 -8.86 7.69 -58.64
N SER G 489 -9.06 6.54 -59.27
CA SER G 489 -8.19 6.02 -60.35
C SER G 489 -8.63 6.58 -61.68
N ASN G 490 -9.92 6.88 -61.76
CA ASN G 490 -10.50 7.54 -62.93
C ASN G 490 -10.61 9.08 -62.72
N ASP G 491 -9.91 9.58 -61.71
CA ASP G 491 -9.55 10.98 -61.67
C ASP G 491 -10.77 11.91 -61.58
N TYR G 492 -11.58 11.72 -60.55
CA TYR G 492 -12.72 12.61 -60.27
C TYR G 492 -12.60 13.26 -58.92
N SER G 493 -13.03 14.51 -58.82
CA SER G 493 -13.23 15.11 -57.50
C SER G 493 -14.38 14.39 -56.84
N PHE G 494 -14.15 14.08 -55.57
CA PHE G 494 -15.00 13.22 -54.80
C PHE G 494 -15.76 14.03 -53.75
N ILE G 495 -15.18 15.12 -53.30
CA ILE G 495 -15.84 15.98 -52.33
C ILE G 495 -17.26 16.34 -52.74
N ARG G 496 -17.56 16.19 -54.03
CA ARG G 496 -18.86 16.58 -54.61
C ARG G 496 -19.98 15.74 -54.04
N TYR G 497 -19.65 14.51 -53.67
CA TYR G 497 -20.63 13.61 -53.17
C TYR G 497 -21.06 14.09 -51.79
N TYR G 498 -20.14 14.77 -51.11
CA TYR G 498 -20.43 15.41 -49.84
C TYR G 498 -21.36 16.61 -50.08
N THR G 499 -20.86 17.60 -50.79
CA THR G 499 -21.63 18.83 -51.01
C THR G 499 -23.02 18.51 -51.57
N ARG G 500 -23.03 17.65 -52.58
CA ARG G 500 -24.26 17.06 -53.06
C ARG G 500 -25.25 16.85 -51.93
N THR G 501 -24.86 16.04 -50.94
CA THR G 501 -25.79 15.61 -49.90
C THR G 501 -26.28 16.77 -49.08
N LEU G 502 -25.40 17.73 -48.81
CA LEU G 502 -25.75 18.91 -48.02
C LEU G 502 -26.84 19.73 -48.68
N TYR G 503 -26.60 20.07 -49.95
CA TYR G 503 -27.55 20.79 -50.78
C TYR G 503 -28.81 19.99 -50.84
N GLN G 504 -28.66 18.77 -51.32
CA GLN G 504 -29.73 17.80 -51.48
C GLN G 504 -30.86 17.98 -50.45
N PHE G 505 -30.50 18.23 -49.19
CA PHE G 505 -31.49 18.48 -48.13
C PHE G 505 -32.00 19.91 -48.02
N GLN G 506 -31.09 20.88 -48.06
CA GLN G 506 -31.49 22.28 -48.14
C GLN G 506 -32.62 22.43 -49.16
N PHE G 507 -32.47 21.80 -50.33
CA PHE G 507 -33.54 21.81 -51.35
C PHE G 507 -34.83 21.24 -50.82
N GLN G 508 -34.78 19.95 -50.48
CA GLN G 508 -35.95 19.22 -50.01
C GLN G 508 -36.67 20.02 -48.91
N GLU G 509 -35.88 20.65 -48.01
CA GLU G 509 -36.42 21.57 -46.99
C GLU G 509 -37.30 22.66 -47.63
N ALA G 510 -36.67 23.50 -48.45
CA ALA G 510 -37.31 24.67 -49.04
C ALA G 510 -38.36 24.28 -50.05
N LEU G 511 -38.16 23.09 -50.61
CA LEU G 511 -39.04 22.57 -51.66
C LEU G 511 -40.33 22.02 -51.04
N CYS G 512 -40.18 21.41 -49.85
CA CYS G 512 -41.31 20.93 -49.09
C CYS G 512 -42.04 22.12 -48.45
N GLN G 513 -41.28 23.15 -48.11
CA GLN G 513 -41.83 24.40 -47.60
C GLN G 513 -42.81 24.92 -48.62
N ALA G 514 -42.38 24.90 -49.88
CA ALA G 514 -43.22 25.34 -50.98
C ALA G 514 -44.45 24.43 -51.16
N ALA G 515 -44.26 23.14 -50.94
CA ALA G 515 -45.37 22.18 -51.05
C ALA G 515 -46.31 22.26 -49.86
N LYS G 516 -45.99 23.15 -48.92
CA LYS G 516 -46.79 23.42 -47.72
C LYS G 516 -46.85 22.20 -46.77
N HIS G 517 -45.76 21.44 -46.72
CA HIS G 517 -45.67 20.22 -45.91
C HIS G 517 -45.79 20.48 -44.42
N GLU G 518 -46.10 19.44 -43.65
CA GLU G 518 -46.42 19.63 -42.24
C GLU G 518 -45.53 18.93 -41.21
N GLY G 519 -45.31 17.62 -41.38
CA GLY G 519 -44.64 16.82 -40.32
C GLY G 519 -43.15 16.82 -40.43
N PRO G 520 -42.51 15.74 -39.95
CA PRO G 520 -41.12 15.43 -40.29
C PRO G 520 -40.80 15.60 -41.77
N LEU G 521 -39.59 16.09 -42.03
CA LEU G 521 -39.13 16.41 -43.37
C LEU G 521 -39.02 15.19 -44.27
N HIS G 522 -38.90 14.00 -43.68
CA HIS G 522 -38.74 12.78 -44.46
C HIS G 522 -40.05 12.16 -44.99
N LYS G 523 -41.20 12.70 -44.58
CA LYS G 523 -42.50 12.19 -45.04
C LYS G 523 -42.98 12.92 -46.30
N CYS G 524 -42.23 13.95 -46.69
CA CYS G 524 -42.63 14.88 -47.73
C CYS G 524 -42.52 14.26 -49.12
N ASP G 525 -43.41 14.68 -50.02
CA ASP G 525 -43.59 14.07 -51.35
C ASP G 525 -44.06 15.09 -52.37
N ILE G 526 -43.15 15.97 -52.80
CA ILE G 526 -43.54 17.17 -53.53
C ILE G 526 -44.47 16.98 -54.76
N SER G 527 -44.81 15.74 -55.12
CA SER G 527 -45.66 15.47 -56.30
C SER G 527 -47.03 16.13 -56.17
N ASN G 528 -47.69 16.43 -57.30
CA ASN G 528 -48.96 17.16 -57.28
C ASN G 528 -48.70 18.69 -57.10
N SER G 529 -47.57 19.06 -56.48
CA SER G 529 -47.24 20.45 -56.05
C SER G 529 -46.41 21.30 -57.00
N THR G 530 -47.06 21.85 -58.02
CA THR G 530 -46.46 22.76 -59.03
C THR G 530 -45.74 23.97 -58.42
N GLU G 531 -46.26 24.41 -57.27
CA GLU G 531 -45.69 25.46 -56.42
C GLU G 531 -44.20 25.23 -56.17
N ALA G 532 -43.84 23.99 -55.85
CA ALA G 532 -42.45 23.59 -55.64
C ALA G 532 -41.69 23.50 -56.94
N GLY G 533 -42.24 22.75 -57.88
CA GLY G 533 -41.57 22.49 -59.14
C GLY G 533 -41.09 23.75 -59.82
N GLN G 534 -41.84 24.84 -59.65
CA GLN G 534 -41.40 26.11 -60.22
C GLN G 534 -40.23 26.72 -59.44
N LYS G 535 -40.28 26.69 -58.10
CA LYS G 535 -39.14 27.13 -57.31
C LYS G 535 -37.94 26.40 -57.85
N LEU G 536 -38.04 25.07 -57.96
CA LEU G 536 -36.95 24.21 -58.48
C LEU G 536 -36.50 24.60 -59.87
N PHE G 537 -37.44 24.66 -60.80
CA PHE G 537 -37.13 24.98 -62.18
C PHE G 537 -36.41 26.32 -62.27
N ASN G 538 -36.89 27.30 -61.52
CA ASN G 538 -36.27 28.61 -61.52
C ASN G 538 -34.77 28.56 -61.30
N MET G 539 -34.31 27.52 -60.63
CA MET G 539 -32.89 27.37 -60.51
C MET G 539 -32.36 26.40 -61.57
N LEU G 540 -33.09 25.33 -61.87
CA LEU G 540 -32.65 24.36 -62.88
C LEU G 540 -32.25 25.04 -64.18
N ARG G 541 -33.18 25.78 -64.77
CA ARG G 541 -33.00 26.39 -66.09
C ARG G 541 -31.78 27.32 -66.18
N LEU G 542 -31.29 27.73 -65.02
CA LEU G 542 -30.23 28.70 -64.90
C LEU G 542 -28.91 28.11 -65.33
N GLY G 543 -28.80 26.79 -65.20
CA GLY G 543 -27.55 26.08 -65.43
C GLY G 543 -26.45 26.72 -64.62
N LYS G 544 -25.24 26.65 -65.15
CA LYS G 544 -24.06 27.25 -64.52
C LYS G 544 -23.95 28.76 -64.96
N SER G 545 -25.09 29.44 -65.03
CA SER G 545 -25.18 30.79 -65.62
C SER G 545 -24.99 31.95 -64.61
N GLU G 546 -25.65 31.85 -63.46
CA GLU G 546 -25.27 32.68 -62.34
C GLU G 546 -24.41 31.75 -61.48
N PRO G 547 -23.55 32.33 -60.60
CA PRO G 547 -22.79 31.61 -59.57
C PRO G 547 -23.67 30.75 -58.67
N TRP G 548 -23.14 29.60 -58.30
CA TRP G 548 -23.91 28.61 -57.55
C TRP G 548 -24.47 29.11 -56.23
N THR G 549 -23.78 30.11 -55.68
CA THR G 549 -24.11 30.72 -54.39
C THR G 549 -25.46 31.43 -54.48
N LEU G 550 -25.65 32.16 -55.59
CA LEU G 550 -26.95 32.73 -55.98
C LEU G 550 -28.00 31.66 -56.34
N ALA G 551 -27.59 30.70 -57.17
CA ALA G 551 -28.46 29.61 -57.60
C ALA G 551 -29.14 28.91 -56.40
N LEU G 552 -28.37 28.69 -55.33
CA LEU G 552 -28.89 28.17 -54.07
C LEU G 552 -29.93 29.10 -53.47
N GLU G 553 -29.54 30.37 -53.32
CA GLU G 553 -30.42 31.39 -52.72
C GLU G 553 -31.80 31.44 -53.38
N ASN G 554 -31.87 31.01 -54.65
CA ASN G 554 -33.13 30.92 -55.39
C ASN G 554 -34.03 29.86 -54.82
N VAL G 555 -33.42 28.78 -54.37
CA VAL G 555 -34.20 27.67 -53.90
C VAL G 555 -34.32 27.70 -52.40
N VAL G 556 -33.32 28.23 -51.73
CA VAL G 556 -33.24 28.05 -50.29
C VAL G 556 -33.37 29.35 -49.50
N GLY G 557 -32.41 30.24 -49.70
CA GLY G 557 -32.29 31.48 -48.95
C GLY G 557 -30.88 31.81 -48.50
N ALA G 558 -29.96 30.86 -48.66
CA ALA G 558 -28.57 31.11 -48.28
C ALA G 558 -27.68 31.11 -49.51
N LYS G 559 -26.68 31.99 -49.46
CA LYS G 559 -25.62 32.10 -50.46
C LYS G 559 -24.63 30.92 -50.35
N ASN G 560 -24.66 30.23 -49.20
CA ASN G 560 -23.74 29.12 -48.92
C ASN G 560 -24.47 27.85 -48.44
N MET G 561 -23.82 26.70 -48.59
CA MET G 561 -24.39 25.44 -48.13
C MET G 561 -24.71 25.47 -46.67
N ASN G 562 -25.60 24.59 -46.25
CA ASN G 562 -25.86 24.45 -44.86
C ASN G 562 -26.10 23.01 -44.46
N VAL G 563 -25.75 22.72 -43.20
CA VAL G 563 -25.74 21.38 -42.62
C VAL G 563 -27.09 21.02 -41.98
N ARG G 564 -27.72 22.00 -41.33
CA ARG G 564 -28.90 21.74 -40.50
C ARG G 564 -30.08 21.09 -41.24
N PRO G 565 -30.43 21.58 -42.42
CA PRO G 565 -31.52 20.92 -43.09
C PRO G 565 -31.40 19.41 -43.01
N LEU G 566 -30.18 18.89 -43.26
CA LEU G 566 -29.86 17.46 -43.17
C LEU G 566 -30.09 16.91 -41.77
N LEU G 567 -29.48 17.56 -40.78
CA LEU G 567 -29.59 17.13 -39.40
C LEU G 567 -31.06 17.06 -38.96
N ASN G 568 -31.85 18.08 -39.29
CA ASN G 568 -33.26 18.14 -38.92
C ASN G 568 -34.09 17.05 -39.61
N TYR G 569 -33.59 16.57 -40.74
CA TYR G 569 -34.23 15.48 -41.45
C TYR G 569 -34.06 14.21 -40.62
N PHE G 570 -32.88 14.08 -40.03
CA PHE G 570 -32.58 12.91 -39.21
C PHE G 570 -32.80 13.09 -37.69
N GLU G 571 -33.40 14.20 -37.30
CA GLU G 571 -33.68 14.41 -35.89
C GLU G 571 -34.33 13.21 -35.20
N PRO G 572 -35.42 12.63 -35.75
CA PRO G 572 -36.06 11.49 -35.05
C PRO G 572 -35.15 10.27 -34.88
N LEU G 573 -34.26 10.03 -35.83
CA LEU G 573 -33.31 8.94 -35.68
C LEU G 573 -32.27 9.31 -34.62
N PHE G 574 -31.76 10.54 -34.67
CA PHE G 574 -30.68 10.97 -33.80
C PHE G 574 -31.06 10.82 -32.32
N THR G 575 -32.24 11.28 -31.95
CA THR G 575 -32.67 11.20 -30.54
C THR G 575 -33.07 9.78 -30.11
N TRP G 576 -33.18 8.89 -31.10
CA TRP G 576 -33.44 7.49 -30.84
C TRP G 576 -32.15 6.68 -30.66
N LEU G 577 -31.10 7.08 -31.38
CA LEU G 577 -29.79 6.42 -31.31
C LEU G 577 -29.06 6.69 -30.01
N LYS G 578 -29.29 7.88 -29.43
CA LYS G 578 -28.76 8.23 -28.13
C LYS G 578 -29.40 7.34 -27.07
N ASP G 579 -30.68 7.03 -27.30
CA ASP G 579 -31.47 6.15 -26.45
C ASP G 579 -30.78 4.81 -26.28
N GLN G 580 -30.28 4.26 -27.38
CA GLN G 580 -29.61 2.96 -27.38
C GLN G 580 -28.19 3.06 -26.88
N ASN G 581 -27.53 4.18 -27.18
CA ASN G 581 -26.13 4.41 -26.80
C ASN G 581 -25.98 5.07 -25.43
N LYS G 582 -27.06 4.95 -24.67
CA LYS G 582 -27.08 5.28 -23.26
C LYS G 582 -26.04 4.42 -22.58
N ASN G 583 -25.92 3.17 -23.04
CA ASN G 583 -25.00 2.25 -22.40
C ASN G 583 -23.83 1.78 -23.28
N SER G 584 -24.04 1.68 -24.59
CA SER G 584 -22.96 1.32 -25.51
C SER G 584 -21.81 2.33 -25.43
N PHE G 585 -20.66 1.94 -25.96
CA PHE G 585 -19.54 2.85 -26.03
C PHE G 585 -19.66 3.64 -27.32
N VAL G 586 -19.83 4.96 -27.19
CA VAL G 586 -20.07 5.84 -28.34
C VAL G 586 -18.81 6.57 -28.79
N GLY G 587 -18.30 6.23 -29.96
CA GLY G 587 -17.03 6.76 -30.42
C GLY G 587 -16.09 5.60 -30.59
N TRP G 588 -14.78 5.86 -30.71
CA TRP G 588 -13.78 4.81 -30.96
C TRP G 588 -12.33 5.19 -30.70
N SER G 589 -11.47 4.18 -30.58
CA SER G 589 -10.06 4.45 -30.46
C SER G 589 -9.21 3.95 -31.62
N THR G 590 -8.51 4.91 -32.20
CA THR G 590 -7.51 4.71 -33.25
C THR G 590 -6.57 3.53 -32.98
N ASP G 591 -6.45 3.15 -31.72
CA ASP G 591 -5.37 2.31 -31.29
C ASP G 591 -5.64 0.82 -31.44
N TRP G 592 -6.92 0.45 -31.51
CA TRP G 592 -7.27 -0.97 -31.65
C TRP G 592 -7.11 -1.42 -33.10
N SER G 593 -6.67 -2.66 -33.30
CA SER G 593 -6.61 -3.29 -34.63
C SER G 593 -6.95 -4.78 -34.50
N PRO G 594 -7.64 -5.34 -35.51
CA PRO G 594 -8.00 -6.75 -35.44
C PRO G 594 -6.80 -7.68 -35.54
N TYR G 595 -5.60 -7.14 -35.71
CA TYR G 595 -4.40 -7.98 -35.80
C TYR G 595 -3.33 -7.73 -34.72
N ALA G 596 -3.69 -7.93 -33.46
CA ALA G 596 -2.77 -7.73 -32.32
C ALA G 596 -1.92 -6.45 -32.47
N HIS H 2 -59.42 24.34 -111.61
CA HIS H 2 -59.18 25.22 -110.40
C HIS H 2 -57.73 25.23 -109.87
N THR H 3 -57.49 26.00 -108.81
CA THR H 3 -56.13 26.22 -108.32
C THR H 3 -55.85 25.74 -106.88
N ASP H 4 -55.02 24.73 -106.68
CA ASP H 4 -54.66 24.35 -105.32
C ASP H 4 -53.44 25.12 -104.82
N ILE H 5 -53.20 25.12 -103.51
CA ILE H 5 -52.15 25.94 -102.90
C ILE H 5 -51.46 25.31 -101.65
N ASN H 6 -50.36 24.61 -101.85
CA ASN H 6 -49.44 24.29 -100.76
C ASN H 6 -48.82 25.61 -100.27
N PHE H 7 -49.13 26.02 -99.02
CA PHE H 7 -48.37 27.05 -98.29
C PHE H 7 -47.35 26.44 -97.35
N THR H 8 -46.08 26.47 -97.75
CA THR H 8 -45.08 25.57 -97.16
C THR H 8 -44.12 26.31 -96.28
N ALA H 9 -43.80 25.70 -95.16
CA ALA H 9 -42.83 26.26 -94.21
C ALA H 9 -41.85 25.14 -93.98
N THR H 10 -40.71 25.25 -94.66
CA THR H 10 -39.70 24.21 -94.60
C THR H 10 -38.67 24.76 -93.68
N ALA H 11 -38.34 24.01 -92.63
CA ALA H 11 -37.40 24.43 -91.60
C ALA H 11 -36.20 23.49 -91.39
N SER H 12 -35.05 24.10 -91.10
CA SER H 12 -33.83 23.45 -90.56
C SER H 12 -33.54 23.79 -89.07
N PHE H 13 -32.66 23.04 -88.41
CA PHE H 13 -32.42 23.26 -86.98
C PHE H 13 -30.96 23.26 -86.50
N GLY H 14 -30.66 24.24 -85.64
CA GLY H 14 -29.46 24.19 -84.83
C GLY H 14 -28.41 25.22 -85.16
N GLY H 15 -28.63 26.47 -84.73
CA GLY H 15 -27.64 27.55 -84.95
C GLY H 15 -26.66 27.60 -83.80
N SER H 16 -26.42 28.79 -83.26
CA SER H 16 -25.56 28.92 -82.08
C SER H 16 -26.23 28.19 -80.89
N CYS H 17 -27.55 28.09 -80.98
CA CYS H 17 -28.28 27.32 -80.02
C CYS H 17 -29.42 26.65 -80.75
N TYR H 18 -29.49 25.32 -80.63
CA TYR H 18 -30.60 24.49 -81.15
C TYR H 18 -31.69 24.63 -80.13
N VAL H 19 -32.95 24.71 -80.49
CA VAL H 19 -33.97 24.79 -79.42
C VAL H 19 -34.41 26.21 -79.16
N CYS H 20 -33.47 27.15 -79.20
CA CYS H 20 -33.80 28.56 -79.12
C CYS H 20 -34.80 29.02 -80.22
N LYS H 21 -34.42 28.78 -81.49
CA LYS H 21 -35.19 29.13 -82.70
C LYS H 21 -34.75 28.13 -83.76
N PRO H 22 -35.62 27.84 -84.74
CA PRO H 22 -35.06 27.01 -85.77
C PRO H 22 -33.94 27.77 -86.46
N HIS H 23 -33.02 27.03 -87.08
CA HIS H 23 -31.85 27.60 -87.79
C HIS H 23 -32.34 28.55 -88.88
N GLN H 24 -33.06 28.00 -89.85
CA GLN H 24 -33.57 28.71 -91.02
C GLN H 24 -35.00 28.21 -91.27
N VAL H 25 -35.76 29.01 -91.98
CA VAL H 25 -37.09 28.62 -92.40
C VAL H 25 -37.59 29.38 -93.67
N ASN H 26 -37.54 28.71 -94.84
CA ASN H 26 -38.19 29.19 -96.05
C ASN H 26 -39.72 29.10 -95.90
N ILE H 27 -40.40 30.22 -96.11
CA ILE H 27 -41.87 30.31 -96.20
C ILE H 27 -42.25 30.56 -97.68
N SER H 28 -43.28 29.88 -98.16
CA SER H 28 -43.48 29.75 -99.58
C SER H 28 -44.96 29.50 -99.94
N LEU H 29 -45.44 30.22 -100.95
CA LEU H 29 -46.76 29.96 -101.54
C LEU H 29 -46.54 29.31 -102.91
N ASN H 30 -46.65 27.98 -102.96
CA ASN H 30 -46.31 27.18 -104.11
C ASN H 30 -44.98 27.56 -104.68
N GLY H 31 -43.93 27.46 -103.87
CA GLY H 31 -42.58 27.77 -104.35
C GLY H 31 -42.18 29.24 -104.44
N ASN H 32 -43.07 30.10 -104.92
CA ASN H 32 -42.78 31.54 -105.01
C ASN H 32 -43.42 32.30 -103.83
N THR H 33 -43.35 33.63 -103.80
CA THR H 33 -43.65 34.33 -102.53
C THR H 33 -45.04 34.90 -102.28
N SER H 34 -45.90 34.86 -103.28
CA SER H 34 -47.29 35.23 -103.13
C SER H 34 -48.08 34.58 -104.23
N VAL H 35 -49.37 34.38 -104.04
CA VAL H 35 -50.17 33.81 -105.10
C VAL H 35 -51.56 34.41 -105.14
N CYS H 36 -51.93 35.00 -106.28
CA CYS H 36 -53.28 35.57 -106.44
C CYS H 36 -54.17 34.62 -107.22
N VAL H 37 -55.33 34.33 -106.64
CA VAL H 37 -56.23 33.33 -107.21
C VAL H 37 -57.03 33.88 -108.36
N ARG H 38 -57.08 33.15 -109.46
CA ARG H 38 -57.75 33.63 -110.66
C ARG H 38 -58.92 32.79 -111.09
N THR H 39 -59.21 31.71 -110.37
CA THR H 39 -60.26 30.81 -110.80
C THR H 39 -61.19 30.49 -109.64
N SER H 40 -62.35 31.16 -109.56
CA SER H 40 -63.18 31.01 -108.32
C SER H 40 -63.48 29.54 -108.00
N HIS H 41 -63.48 29.28 -106.68
CA HIS H 41 -62.88 28.12 -105.98
C HIS H 41 -61.43 27.64 -106.20
N PHE H 42 -60.82 27.35 -105.06
CA PHE H 42 -59.44 26.91 -104.90
C PHE H 42 -59.33 25.91 -103.73
N SER H 43 -58.12 25.67 -103.22
CA SER H 43 -57.90 24.83 -102.03
C SER H 43 -56.56 25.23 -101.43
N ILE H 44 -56.52 25.50 -100.14
CA ILE H 44 -55.25 25.96 -99.55
C ILE H 44 -54.89 25.05 -98.39
N ARG H 45 -53.60 24.76 -98.24
CA ARG H 45 -53.16 23.88 -97.18
C ARG H 45 -51.84 24.36 -96.61
N TYR H 46 -51.62 24.12 -95.32
CA TYR H 46 -50.34 24.46 -94.74
C TYR H 46 -49.49 23.23 -94.58
N ILE H 47 -48.41 23.17 -95.31
CA ILE H 47 -47.45 22.05 -95.15
C ILE H 47 -46.25 22.52 -94.32
N TYR H 48 -45.86 21.67 -93.35
CA TYR H 48 -44.67 21.92 -92.53
C TYR H 48 -43.61 20.85 -92.78
N ASN H 49 -42.42 21.32 -93.17
CA ASN H 49 -41.36 20.41 -93.59
C ASN H 49 -40.06 20.50 -92.84
N ARG H 50 -39.78 19.50 -92.03
CA ARG H 50 -38.57 19.52 -91.22
C ARG H 50 -37.45 18.91 -92.02
N VAL H 51 -36.32 19.58 -92.16
CA VAL H 51 -35.17 18.92 -92.82
C VAL H 51 -34.38 18.10 -91.85
N LYS H 52 -34.14 16.84 -92.19
CA LYS H 52 -33.41 15.91 -91.35
C LYS H 52 -32.19 16.62 -90.73
N SER H 53 -32.04 16.53 -89.42
CA SER H 53 -30.91 17.20 -88.76
C SER H 53 -29.98 16.15 -88.15
N GLY H 54 -30.57 15.06 -87.67
CA GLY H 54 -29.77 13.95 -87.21
C GLY H 54 -30.13 13.55 -85.80
N SER H 55 -30.82 14.44 -85.08
CA SER H 55 -31.21 14.12 -83.71
C SER H 55 -32.71 14.03 -83.58
N PRO H 56 -33.18 13.21 -82.63
CA PRO H 56 -34.60 13.12 -82.34
C PRO H 56 -35.07 14.41 -81.69
N GLY H 57 -34.21 15.41 -81.73
CA GLY H 57 -34.54 16.75 -81.32
C GLY H 57 -35.57 17.32 -82.28
N ASP H 58 -35.37 17.13 -83.58
CA ASP H 58 -36.41 17.47 -84.52
C ASP H 58 -37.56 16.65 -84.01
N SER H 59 -38.77 17.00 -84.39
CA SER H 59 -39.95 16.16 -84.03
C SER H 59 -40.49 16.57 -82.68
N SER H 60 -39.63 17.29 -81.95
CA SER H 60 -40.04 18.00 -80.78
C SER H 60 -40.03 19.44 -81.19
N TRP H 61 -39.67 19.69 -82.46
CA TRP H 61 -39.70 21.03 -83.02
C TRP H 61 -41.00 21.15 -83.76
N HIS H 62 -41.84 22.08 -83.35
CA HIS H 62 -43.13 22.27 -84.01
C HIS H 62 -43.30 23.68 -84.53
N ILE H 63 -43.63 23.78 -85.83
CA ILE H 63 -44.01 25.04 -86.43
C ILE H 63 -45.42 24.87 -86.95
N TYR H 64 -46.28 25.73 -86.43
CA TYR H 64 -47.69 25.72 -86.73
C TYR H 64 -48.06 27.14 -86.94
N LEU H 65 -49.27 27.41 -87.40
CA LEU H 65 -49.69 28.79 -87.47
C LEU H 65 -50.82 29.10 -86.53
N LYS H 66 -50.67 30.15 -85.72
CA LYS H 66 -51.66 30.57 -84.77
C LYS H 66 -52.77 31.15 -85.57
N SER H 67 -53.84 31.61 -84.91
CA SER H 67 -54.82 32.42 -85.60
C SER H 67 -54.30 33.84 -85.49
N GLY H 68 -55.04 34.80 -86.01
CA GLY H 68 -54.61 36.18 -85.83
C GLY H 68 -55.52 37.16 -86.51
N THR H 69 -54.95 38.04 -87.30
CA THR H 69 -55.58 39.30 -87.69
C THR H 69 -57.03 39.27 -88.15
N CYS H 70 -57.51 38.17 -88.72
CA CYS H 70 -58.76 38.25 -89.47
C CYS H 70 -59.75 37.13 -89.26
N PRO H 71 -60.99 37.30 -89.79
CA PRO H 71 -62.10 36.43 -89.37
C PRO H 71 -61.87 34.92 -89.53
N PHE H 72 -61.74 34.44 -90.76
CA PHE H 72 -61.68 33.01 -91.03
C PHE H 72 -60.43 32.42 -90.45
N SER H 73 -60.33 31.10 -90.29
CA SER H 73 -59.02 30.56 -89.89
C SER H 73 -58.32 29.38 -90.69
N PHE H 74 -58.91 28.89 -91.78
CA PHE H 74 -58.53 27.59 -92.40
C PHE H 74 -59.64 26.54 -92.20
N ILE H 86 -59.30 37.70 -103.88
CA ILE H 86 -58.44 37.22 -102.79
C ILE H 86 -57.02 36.75 -103.20
N CYS H 87 -56.00 37.23 -102.47
CA CYS H 87 -54.56 36.85 -102.62
C CYS H 87 -53.90 36.38 -101.31
N PHE H 88 -52.75 35.70 -101.43
CA PHE H 88 -51.93 35.23 -100.28
C PHE H 88 -50.54 35.78 -100.41
N SER H 89 -49.80 35.82 -99.30
CA SER H 89 -48.46 36.35 -99.38
C SER H 89 -47.61 36.13 -98.17
N THR H 90 -46.46 35.54 -98.38
CA THR H 90 -45.31 35.78 -97.55
C THR H 90 -45.13 37.29 -97.68
N VAL H 91 -44.46 37.98 -96.75
CA VAL H 91 -44.31 39.48 -96.83
C VAL H 91 -45.57 40.40 -96.65
N GLU H 92 -45.33 41.57 -96.07
CA GLU H 92 -46.39 42.52 -95.72
C GLU H 92 -47.09 43.19 -96.92
N VAL H 93 -48.43 43.18 -96.88
CA VAL H 93 -49.31 43.90 -97.84
C VAL H 93 -50.42 44.69 -97.08
N PRO H 94 -50.60 45.99 -97.39
CA PRO H 94 -51.69 46.78 -96.82
C PRO H 94 -53.07 46.14 -96.78
N GLY H 95 -53.60 45.97 -95.57
CA GLY H 95 -54.93 45.38 -95.34
C GLY H 95 -54.84 43.87 -95.35
N SER H 96 -53.89 43.32 -94.60
CA SER H 96 -53.70 41.87 -94.64
C SER H 96 -54.47 41.09 -93.54
N CYS H 97 -53.84 40.06 -93.00
CA CYS H 97 -54.60 39.05 -92.33
C CYS H 97 -53.65 38.10 -91.55
N ASN H 98 -52.39 38.51 -91.38
CA ASN H 98 -51.42 37.76 -90.56
C ASN H 98 -51.94 36.49 -89.85
N PHE H 99 -51.96 35.34 -90.52
CA PHE H 99 -51.95 34.12 -89.75
C PHE H 99 -50.46 33.98 -89.43
N PRO H 100 -50.02 34.39 -88.23
CA PRO H 100 -48.58 34.37 -88.01
C PRO H 100 -48.08 32.98 -87.73
N LEU H 101 -46.89 32.67 -88.20
CA LEU H 101 -46.35 31.35 -88.02
C LEU H 101 -45.50 31.35 -86.78
N GLU H 102 -45.74 30.41 -85.87
CA GLU H 102 -45.03 30.30 -84.57
C GLU H 102 -44.26 29.01 -84.48
N ALA H 103 -43.00 29.11 -84.11
CA ALA H 103 -42.12 27.95 -84.09
C ALA H 103 -41.71 27.71 -82.66
N THR H 104 -41.79 26.47 -82.20
CA THR H 104 -41.49 26.20 -80.79
C THR H 104 -40.72 24.89 -80.60
N TRP H 105 -39.73 24.89 -79.70
CA TRP H 105 -39.13 23.60 -79.30
C TRP H 105 -39.78 23.03 -78.02
N HIS H 106 -40.65 22.05 -78.21
CA HIS H 106 -41.18 21.27 -77.12
C HIS H 106 -41.95 22.13 -76.13
N TYR H 107 -42.52 23.20 -76.65
CA TYR H 107 -43.44 24.06 -75.93
C TYR H 107 -42.75 24.74 -74.77
N THR H 108 -41.44 24.86 -74.90
CA THR H 108 -40.62 25.59 -73.93
C THR H 108 -40.55 27.06 -74.34
N SER H 109 -39.81 27.34 -75.41
CA SER H 109 -39.70 28.67 -75.97
C SER H 109 -40.58 28.81 -77.25
N TYR H 110 -41.20 29.99 -77.41
CA TYR H 110 -41.91 30.35 -78.67
C TYR H 110 -41.19 31.48 -79.41
N THR H 111 -41.25 31.42 -80.73
CA THR H 111 -40.61 32.42 -81.56
C THR H 111 -41.39 32.44 -82.87
N ILE H 112 -41.91 33.60 -83.26
CA ILE H 112 -42.72 33.64 -84.51
C ILE H 112 -41.83 33.77 -85.75
N VAL H 113 -41.79 32.75 -86.59
CA VAL H 113 -40.90 32.75 -87.73
C VAL H 113 -41.43 33.33 -89.04
N GLY H 114 -42.59 33.98 -89.02
CA GLY H 114 -43.15 34.57 -90.24
C GLY H 114 -44.66 34.63 -90.19
N ALA H 115 -45.27 34.89 -91.33
CA ALA H 115 -46.73 34.87 -91.40
C ALA H 115 -47.27 34.59 -92.78
N LEU H 116 -48.54 34.25 -92.87
CA LEU H 116 -49.19 34.17 -94.14
C LEU H 116 -50.12 35.37 -94.20
N TYR H 117 -49.85 36.32 -95.09
CA TYR H 117 -50.67 37.52 -95.23
C TYR H 117 -51.74 37.27 -96.28
N VAL H 118 -53.01 37.59 -95.96
CA VAL H 118 -54.10 37.37 -96.89
C VAL H 118 -54.78 38.67 -97.22
N THR H 119 -55.33 38.77 -98.41
CA THR H 119 -56.02 39.98 -98.83
C THR H 119 -57.31 39.71 -99.66
N TRP H 120 -58.45 40.04 -99.06
CA TRP H 120 -59.78 39.81 -99.58
C TRP H 120 -60.28 40.99 -100.39
N SER H 121 -61.55 40.92 -100.79
CA SER H 121 -62.16 41.90 -101.64
C SER H 121 -63.65 41.65 -101.61
N GLU H 122 -64.03 40.41 -101.30
CA GLU H 122 -65.43 40.00 -101.17
C GLU H 122 -66.05 39.74 -102.52
#